data_8JX3
#
_entry.id   8JX3
#
_cell.length_a   1.00
_cell.length_b   1.00
_cell.length_c   1.00
_cell.angle_alpha   90.00
_cell.angle_beta   90.00
_cell.angle_gamma   90.00
#
_symmetry.space_group_name_H-M   'P 1'
#
loop_
_entity.id
_entity.type
_entity.pdbx_description
1 polymer 'alpha hemolysin fused with spy-catcher'
2 polymer 'alpha hemolysin fused with spy-tag'
#
loop_
_entity_poly.entity_id
_entity_poly.type
_entity_poly.pdbx_seq_one_letter_code
_entity_poly.pdbx_strand_id
1 'polypeptide(L)'
;MADSDINIKTGTTDIGSNTTVKTGDLVTYDKENGMHKKVFYSFIDDKNHNKKLLVIRTKGTIAGQYRVYSEEGANKSGLA
WPSAFKVQLQLPDNEVAQISDYYPRNSIDTKEYMSTLTYGFNSNVTGDDTGKIGGLIGANVSIGHTLRYVQPDFKTILES
PTDKKVGWKVIFNNMVNQNWGPYDRDSWNPVYGNQLFMKTRNGSMKAADNFLDPNKASSLLSSGFSPDFATVITMDRCAS
KQQTNIDVIYERVRDDYQLHWTSTNWKGTNTKDKWTDRSSERYKIDWEKEEMTNGSSGSVTTLSGLSGEQGPSGDMTTEE
DSATHIKFSKRDEDGRELAGATMELRDSSGKTISTWISDGHVKDFYLYPGKYTFVETAAPDGYEVATPIEFTVNEDGQVT
VDGEATEGDAHTGGSHHHHHH
;
A,B,C,D,E,F,G
2 'polypeptide(L)'
;MADSDINIKTGTTDIGSNTTVKTGDLVTYDKENGMHKKVFYSFIDDKNHNKKLLVIRTKGTIAGQYRVYSEEGANKSGLA
WPSAFKVQLQLPDNEVAQISDYYPRNSIDTKEYMSTLTYGFNSNVTGDDTGKIGGLIGANVSIGHTLRYVQPDFKTILES
PTDKKVGWKVIFNNMVNQNWGPYDRDSWNPVYGNQLFMKTRNGSMKAADNFLDPNKASSLLSSGFSPDFATVITMDRCAS
KQQTNIDVIYERVRDDYQLHWTSTNWKGTNTKDKWTDRSSERYKIDWEKEEMTNGSSGSRGVPHIVMVDAYKRYKGGSHH
HHHH
;
H,I,J,K,L,M,N
#
# COMPACT_ATOMS: atom_id res chain seq x y z
N ALA A 2 4.11 -17.86 -23.27
CA ALA A 2 3.69 -17.04 -22.14
C ALA A 2 3.63 -15.56 -22.55
N ASP A 3 3.12 -14.73 -21.64
CA ASP A 3 3.04 -13.30 -21.90
C ASP A 3 4.42 -12.70 -22.11
N SER A 4 5.40 -13.13 -21.31
CA SER A 4 6.73 -12.55 -21.40
C SER A 4 7.40 -12.86 -22.73
N ASP A 5 7.03 -13.97 -23.37
CA ASP A 5 7.60 -14.30 -24.66
C ASP A 5 7.17 -13.33 -25.75
N ILE A 6 6.04 -12.64 -25.58
CA ILE A 6 5.56 -11.69 -26.57
C ILE A 6 5.54 -10.29 -25.98
N ASN A 7 6.46 -10.02 -25.05
CA ASN A 7 6.69 -8.70 -24.49
C ASN A 7 5.49 -8.16 -23.72
N ILE A 8 4.73 -9.03 -23.08
CA ILE A 8 3.57 -8.64 -22.29
C ILE A 8 3.88 -8.91 -20.82
N LYS A 9 3.40 -8.04 -19.95
CA LYS A 9 3.56 -8.27 -18.52
C LYS A 9 2.84 -9.54 -18.11
N THR A 10 3.42 -10.26 -17.15
CA THR A 10 2.86 -11.53 -16.72
C THR A 10 1.49 -11.33 -16.10
N GLY A 11 0.55 -12.20 -16.49
CA GLY A 11 -0.80 -12.14 -15.96
C GLY A 11 -1.66 -11.03 -16.52
N THR A 12 -1.19 -10.33 -17.54
CA THR A 12 -1.95 -9.22 -18.10
C THR A 12 -3.24 -9.69 -18.74
N THR A 13 -3.18 -10.82 -19.47
CA THR A 13 -4.32 -11.30 -20.24
C THR A 13 -5.10 -12.41 -19.53
N ASP A 14 -5.04 -12.45 -18.20
CA ASP A 14 -5.73 -13.48 -17.43
C ASP A 14 -7.02 -12.95 -16.86
N ILE A 15 -7.99 -13.84 -16.67
CA ILE A 15 -9.32 -13.49 -16.20
C ILE A 15 -9.36 -13.55 -14.69
N GLY A 16 -10.10 -12.63 -14.07
CA GLY A 16 -10.36 -12.73 -12.66
C GLY A 16 -9.66 -11.71 -11.78
N SER A 17 -9.44 -10.52 -12.31
CA SER A 17 -8.84 -9.43 -11.54
C SER A 17 -9.92 -8.51 -11.00
N ASN A 18 -9.84 -8.20 -9.71
CA ASN A 18 -10.81 -7.33 -9.03
C ASN A 18 -12.23 -7.88 -9.19
N THR A 19 -12.36 -9.19 -8.98
CA THR A 19 -13.62 -9.89 -9.17
C THR A 19 -13.96 -10.66 -7.89
N THR A 20 -15.23 -10.64 -7.51
CA THR A 20 -15.71 -11.48 -6.42
C THR A 20 -16.08 -12.83 -6.98
N VAL A 21 -15.33 -13.85 -6.58
CA VAL A 21 -15.53 -15.23 -7.04
C VAL A 21 -16.42 -15.94 -6.04
N LYS A 22 -17.45 -16.61 -6.53
CA LYS A 22 -18.37 -17.34 -5.65
C LYS A 22 -18.04 -18.83 -5.75
N THR A 23 -17.44 -19.39 -4.71
CA THR A 23 -17.04 -20.78 -4.72
C THR A 23 -18.04 -21.62 -3.94
N GLY A 24 -17.99 -22.91 -4.19
CA GLY A 24 -18.93 -23.80 -3.56
C GLY A 24 -18.50 -25.24 -3.65
N ASP A 25 -19.11 -26.05 -2.81
CA ASP A 25 -18.73 -27.45 -2.62
C ASP A 25 -19.95 -28.34 -2.56
N LEU A 26 -19.92 -29.43 -3.32
CA LEU A 26 -21.02 -30.41 -3.33
C LEU A 26 -20.43 -31.81 -3.20
N VAL A 27 -20.83 -32.52 -2.16
CA VAL A 27 -20.24 -33.81 -1.81
C VAL A 27 -21.33 -34.87 -1.81
N THR A 28 -21.08 -35.98 -2.50
CA THR A 28 -21.99 -37.11 -2.52
C THR A 28 -21.17 -38.38 -2.30
N TYR A 29 -21.79 -39.38 -1.68
CA TYR A 29 -21.18 -40.70 -1.60
C TYR A 29 -22.14 -41.73 -2.15
N ASP A 30 -21.74 -42.37 -3.24
CA ASP A 30 -22.47 -43.49 -3.81
C ASP A 30 -21.95 -44.77 -3.17
N LYS A 31 -22.74 -45.33 -2.26
CA LYS A 31 -22.32 -46.49 -1.50
C LYS A 31 -22.31 -47.77 -2.33
N GLU A 32 -23.29 -47.94 -3.21
CA GLU A 32 -23.34 -49.15 -4.02
C GLU A 32 -22.17 -49.23 -4.99
N ASN A 33 -21.76 -48.11 -5.56
CA ASN A 33 -20.63 -48.06 -6.48
C ASN A 33 -19.32 -47.70 -5.80
N GLY A 34 -19.35 -47.38 -4.52
CA GLY A 34 -18.13 -47.03 -3.81
C GLY A 34 -17.42 -45.81 -4.35
N MET A 35 -18.15 -44.73 -4.58
CA MET A 35 -17.60 -43.54 -5.21
C MET A 35 -17.87 -42.32 -4.34
N HIS A 36 -16.81 -41.63 -3.94
CA HIS A 36 -16.92 -40.38 -3.21
C HIS A 36 -16.76 -39.26 -4.22
N LYS A 37 -17.88 -38.64 -4.60
CA LYS A 37 -17.88 -37.63 -5.65
C LYS A 37 -17.87 -36.25 -5.03
N LYS A 38 -17.02 -35.37 -5.54
CA LYS A 38 -16.87 -34.04 -5.00
C LYS A 38 -16.80 -33.06 -6.15
N VAL A 39 -17.62 -32.02 -6.11
CA VAL A 39 -17.63 -30.97 -7.11
C VAL A 39 -17.26 -29.68 -6.41
N PHE A 40 -16.17 -29.05 -6.85
CA PHE A 40 -15.78 -27.75 -6.36
C PHE A 40 -15.99 -26.75 -7.48
N TYR A 41 -16.95 -25.85 -7.31
CA TYR A 41 -17.27 -24.92 -8.38
C TYR A 41 -16.87 -23.50 -8.00
N SER A 42 -16.65 -22.70 -9.03
CA SER A 42 -16.27 -21.29 -8.87
C SER A 42 -16.95 -20.49 -9.96
N PHE A 43 -17.81 -19.57 -9.57
CA PHE A 43 -18.42 -18.61 -10.48
C PHE A 43 -17.53 -17.38 -10.57
N ILE A 44 -17.14 -17.03 -11.79
CA ILE A 44 -16.33 -15.86 -12.07
C ILE A 44 -17.12 -14.98 -13.04
N ASP A 45 -17.43 -13.77 -12.60
CA ASP A 45 -18.11 -12.78 -13.45
C ASP A 45 -17.18 -11.58 -13.56
N ASP A 46 -16.28 -11.63 -14.53
CA ASP A 46 -15.35 -10.55 -14.79
C ASP A 46 -16.02 -9.57 -15.75
N LYS A 47 -16.10 -8.29 -15.35
CA LYS A 47 -16.75 -7.30 -16.20
C LYS A 47 -15.99 -7.10 -17.49
N ASN A 48 -14.69 -7.33 -17.49
CA ASN A 48 -13.86 -7.16 -18.67
C ASN A 48 -13.87 -8.39 -19.58
N HIS A 49 -14.54 -9.46 -19.18
CA HIS A 49 -14.68 -10.65 -20.00
C HIS A 49 -16.05 -10.66 -20.65
N ASN A 50 -16.13 -11.22 -21.85
CA ASN A 50 -17.35 -11.16 -22.63
C ASN A 50 -18.39 -12.20 -22.20
N LYS A 51 -18.11 -13.02 -21.20
CA LYS A 51 -19.04 -14.05 -20.78
C LYS A 51 -18.88 -14.30 -19.28
N LYS A 52 -19.89 -14.95 -18.72
CA LYS A 52 -19.79 -15.48 -17.36
C LYS A 52 -19.09 -16.84 -17.41
N LEU A 53 -18.28 -17.12 -16.38
CA LEU A 53 -17.50 -18.35 -16.34
C LEU A 53 -17.88 -19.16 -15.12
N LEU A 54 -17.99 -20.48 -15.31
CA LEU A 54 -18.09 -21.42 -14.22
C LEU A 54 -16.95 -22.42 -14.36
N VAL A 55 -16.10 -22.50 -13.34
CA VAL A 55 -15.06 -23.50 -13.28
C VAL A 55 -15.54 -24.62 -12.38
N ILE A 56 -15.66 -25.82 -12.94
CA ILE A 56 -16.08 -27.01 -12.21
C ILE A 56 -14.86 -27.91 -12.08
N ARG A 57 -14.51 -28.25 -10.86
CA ARG A 57 -13.44 -29.20 -10.59
C ARG A 57 -14.06 -30.47 -10.04
N THR A 58 -13.88 -31.56 -10.78
CA THR A 58 -14.32 -32.88 -10.34
C THR A 58 -13.19 -33.52 -9.55
N LYS A 59 -13.51 -33.88 -8.31
CA LYS A 59 -12.56 -34.47 -7.36
C LYS A 59 -13.29 -35.59 -6.65
N GLY A 60 -12.64 -36.14 -5.64
CA GLY A 60 -13.17 -37.27 -4.92
C GLY A 60 -12.28 -38.49 -5.08
N THR A 61 -12.89 -39.65 -4.98
CA THR A 61 -12.16 -40.90 -5.12
C THR A 61 -13.10 -41.99 -5.62
N ILE A 62 -12.68 -42.67 -6.67
CA ILE A 62 -13.31 -43.88 -7.14
C ILE A 62 -12.51 -45.04 -6.57
N ALA A 63 -13.13 -45.85 -5.71
CA ALA A 63 -12.43 -46.97 -5.11
C ALA A 63 -12.07 -48.01 -6.17
N GLY A 64 -10.88 -48.60 -6.02
CA GLY A 64 -10.43 -49.58 -6.98
C GLY A 64 -11.21 -50.86 -6.95
N GLN A 65 -11.44 -51.41 -5.75
CA GLN A 65 -12.21 -52.65 -5.56
C GLN A 65 -11.53 -53.84 -6.25
N TYR A 66 -10.24 -54.01 -5.97
CA TYR A 66 -9.48 -55.17 -6.40
C TYR A 66 -9.78 -56.32 -5.44
N ARG A 67 -10.50 -57.33 -5.91
CA ARG A 67 -10.92 -58.35 -4.95
C ARG A 67 -11.17 -59.69 -5.63
N VAL A 68 -10.87 -60.76 -4.91
CA VAL A 68 -11.21 -62.11 -5.33
C VAL A 68 -12.72 -62.28 -5.17
N TYR A 69 -13.40 -62.59 -6.27
CA TYR A 69 -14.86 -62.66 -6.23
C TYR A 69 -15.41 -64.07 -6.37
N SER A 70 -14.68 -64.99 -6.96
CA SER A 70 -15.16 -66.34 -7.16
C SER A 70 -14.09 -67.34 -6.77
N GLU A 71 -14.51 -68.44 -6.15
CA GLU A 71 -13.60 -69.51 -5.74
C GLU A 71 -14.29 -70.83 -6.05
N GLU A 72 -14.00 -71.40 -7.22
CA GLU A 72 -14.55 -72.68 -7.63
C GLU A 72 -13.55 -73.76 -7.20
N GLY A 73 -13.83 -74.39 -6.07
CA GLY A 73 -12.93 -75.40 -5.53
C GLY A 73 -11.61 -74.81 -5.10
N ALA A 74 -10.53 -75.56 -5.29
CA ALA A 74 -9.20 -75.08 -4.95
C ALA A 74 -8.30 -74.92 -6.17
N ASN A 75 -8.80 -75.18 -7.37
CA ASN A 75 -7.98 -75.10 -8.58
C ASN A 75 -8.35 -73.95 -9.49
N LYS A 76 -9.48 -73.29 -9.27
CA LYS A 76 -9.91 -72.17 -10.09
C LYS A 76 -10.29 -71.00 -9.21
N SER A 77 -9.95 -69.79 -9.64
CA SER A 77 -10.35 -68.60 -8.90
C SER A 77 -10.39 -67.41 -9.84
N GLY A 78 -11.13 -66.39 -9.42
CA GLY A 78 -11.28 -65.19 -10.21
C GLY A 78 -11.17 -63.91 -9.40
N LEU A 79 -10.54 -62.91 -9.99
CA LEU A 79 -10.28 -61.63 -9.36
C LEU A 79 -10.82 -60.52 -10.25
N ALA A 80 -11.60 -59.63 -9.65
CA ALA A 80 -12.10 -58.45 -10.35
C ALA A 80 -11.18 -57.28 -10.03
N TRP A 81 -10.73 -56.59 -11.07
CA TRP A 81 -9.79 -55.50 -10.84
C TRP A 81 -10.09 -54.33 -11.77
N PRO A 82 -9.77 -53.09 -11.34
CA PRO A 82 -10.12 -51.91 -12.14
C PRO A 82 -9.12 -51.66 -13.25
N SER A 83 -9.60 -51.70 -14.49
CA SER A 83 -8.74 -51.40 -15.62
C SER A 83 -8.91 -49.97 -16.14
N ALA A 84 -9.98 -49.28 -15.75
CA ALA A 84 -10.18 -47.90 -16.19
C ALA A 84 -11.06 -47.16 -15.20
N PHE A 85 -10.73 -45.89 -14.98
CA PHE A 85 -11.58 -44.95 -14.28
C PHE A 85 -11.96 -43.84 -15.24
N LYS A 86 -13.19 -43.37 -15.19
CA LYS A 86 -13.65 -42.37 -16.13
C LYS A 86 -14.40 -41.26 -15.42
N VAL A 87 -14.28 -40.05 -15.94
CA VAL A 87 -15.06 -38.90 -15.47
C VAL A 87 -15.56 -38.14 -16.68
N GLN A 88 -16.88 -37.96 -16.78
CA GLN A 88 -17.48 -37.26 -17.91
C GLN A 88 -18.43 -36.18 -17.42
N LEU A 89 -18.40 -35.03 -18.09
CA LEU A 89 -19.35 -33.95 -17.88
C LEU A 89 -20.10 -33.71 -19.16
N GLN A 90 -21.43 -33.60 -19.07
CA GLN A 90 -22.26 -33.45 -20.25
C GLN A 90 -23.31 -32.38 -20.01
N LEU A 91 -23.49 -31.51 -20.99
CA LEU A 91 -24.57 -30.53 -21.06
C LEU A 91 -25.67 -31.03 -22.00
N PRO A 92 -26.94 -30.81 -21.64
CA PRO A 92 -28.03 -31.16 -22.55
C PRO A 92 -27.98 -30.37 -23.84
N ASP A 93 -28.53 -30.98 -24.90
CA ASP A 93 -28.40 -30.42 -26.24
C ASP A 93 -29.06 -29.05 -26.38
N ASN A 94 -30.09 -28.78 -25.59
CA ASN A 94 -30.85 -27.54 -25.71
C ASN A 94 -30.24 -26.39 -24.91
N GLU A 95 -29.17 -26.63 -24.16
CA GLU A 95 -28.61 -25.58 -23.33
C GLU A 95 -27.85 -24.56 -24.18
N VAL A 96 -27.77 -23.33 -23.66
CA VAL A 96 -27.03 -22.27 -24.33
C VAL A 96 -25.57 -22.21 -23.87
N ALA A 97 -25.29 -22.63 -22.64
CA ALA A 97 -23.92 -22.66 -22.15
C ALA A 97 -23.07 -23.65 -22.93
N GLN A 98 -21.78 -23.36 -23.02
CA GLN A 98 -20.84 -24.18 -23.78
C GLN A 98 -19.66 -24.55 -22.91
N ILE A 99 -19.12 -25.74 -23.16
CA ILE A 99 -17.84 -26.11 -22.58
C ILE A 99 -16.75 -25.36 -23.33
N SER A 100 -16.00 -24.54 -22.61
CA SER A 100 -14.98 -23.72 -23.24
C SER A 100 -13.56 -24.16 -22.94
N ASP A 101 -13.29 -24.69 -21.75
CA ASP A 101 -11.92 -25.10 -21.47
C ASP A 101 -11.91 -26.36 -20.61
N TYR A 102 -10.75 -27.00 -20.55
CA TYR A 102 -10.60 -28.23 -19.79
C TYR A 102 -9.13 -28.45 -19.48
N TYR A 103 -8.87 -29.16 -18.39
CA TYR A 103 -7.52 -29.46 -17.96
C TYR A 103 -7.56 -30.70 -17.09
N PRO A 104 -6.60 -31.64 -17.25
CA PRO A 104 -5.46 -31.66 -18.16
C PRO A 104 -5.80 -32.06 -19.58
N ARG A 105 -4.85 -31.90 -20.48
CA ARG A 105 -4.98 -32.27 -21.88
C ARG A 105 -3.95 -33.34 -22.21
N ASN A 106 -4.00 -33.84 -23.44
CA ASN A 106 -3.04 -34.82 -23.90
C ASN A 106 -1.73 -34.12 -24.25
N SER A 107 -0.63 -34.64 -23.72
CA SER A 107 0.69 -34.10 -24.03
C SER A 107 1.45 -35.06 -24.92
N ILE A 108 2.52 -34.56 -25.51
CA ILE A 108 3.35 -35.33 -26.43
C ILE A 108 4.43 -36.05 -25.64
N ASP A 109 4.51 -37.37 -25.83
CA ASP A 109 5.53 -38.16 -25.16
C ASP A 109 6.85 -38.10 -25.91
N THR A 110 7.94 -38.29 -25.17
CA THR A 110 9.29 -38.25 -25.73
C THR A 110 10.06 -39.49 -25.34
N LYS A 111 11.09 -39.78 -26.12
CA LYS A 111 12.03 -40.85 -25.81
C LYS A 111 13.44 -40.37 -26.10
N GLU A 112 14.40 -41.00 -25.44
CA GLU A 112 15.80 -40.70 -25.64
C GLU A 112 16.45 -41.80 -26.48
N TYR A 113 17.16 -41.40 -27.52
CA TYR A 113 17.81 -42.32 -28.45
C TYR A 113 19.32 -42.20 -28.30
N MET A 114 20.00 -43.33 -28.27
CA MET A 114 21.46 -43.37 -28.18
C MET A 114 22.02 -44.25 -29.29
N SER A 115 23.05 -43.76 -29.97
CA SER A 115 23.77 -44.53 -30.96
C SER A 115 25.23 -44.66 -30.53
N THR A 116 25.79 -45.85 -30.72
CA THR A 116 27.15 -46.13 -30.31
C THR A 116 27.89 -46.83 -31.43
N LEU A 117 29.12 -46.40 -31.69
CA LEU A 117 30.00 -47.07 -32.63
C LEU A 117 31.37 -47.19 -32.00
N THR A 118 31.85 -48.41 -31.82
CA THR A 118 33.16 -48.65 -31.28
C THR A 118 33.95 -49.56 -32.21
N TYR A 119 35.26 -49.37 -32.24
CA TYR A 119 36.14 -50.27 -32.97
C TYR A 119 37.45 -50.41 -32.21
N GLY A 120 38.05 -51.58 -32.31
CA GLY A 120 39.23 -51.86 -31.53
C GLY A 120 40.16 -52.82 -32.24
N PHE A 121 41.43 -52.71 -31.91
CA PHE A 121 42.45 -53.66 -32.35
C PHE A 121 43.11 -54.27 -31.12
N ASN A 122 43.54 -55.52 -31.25
CA ASN A 122 44.19 -56.21 -30.16
C ASN A 122 45.24 -57.16 -30.73
N SER A 123 46.19 -57.52 -29.88
CA SER A 123 47.26 -58.41 -30.31
C SER A 123 47.80 -59.14 -29.08
N ASN A 124 48.32 -60.33 -29.31
CA ASN A 124 48.92 -61.08 -28.22
C ASN A 124 50.04 -61.97 -28.75
N VAL A 125 51.10 -62.10 -27.96
CA VAL A 125 52.25 -62.94 -28.27
C VAL A 125 52.29 -64.07 -27.26
N THR A 126 52.31 -65.31 -27.75
CA THR A 126 52.24 -66.49 -26.91
C THR A 126 53.58 -67.20 -26.90
N GLY A 127 54.04 -67.55 -25.70
CA GLY A 127 55.24 -68.33 -25.52
C GLY A 127 54.92 -69.73 -25.02
N ASP A 128 55.94 -70.59 -25.08
CA ASP A 128 55.77 -71.97 -24.65
C ASP A 128 57.11 -72.49 -24.14
N ASP A 129 57.04 -73.55 -23.34
CA ASP A 129 58.27 -74.17 -22.83
C ASP A 129 59.09 -74.77 -23.95
N THR A 130 58.44 -75.43 -24.91
CA THR A 130 59.17 -76.07 -26.00
C THR A 130 59.49 -75.08 -27.11
N GLY A 131 60.06 -73.93 -26.75
CA GLY A 131 60.55 -72.95 -27.70
C GLY A 131 59.55 -72.49 -28.74
N LYS A 132 58.25 -72.59 -28.44
CA LYS A 132 57.23 -72.23 -29.40
C LYS A 132 56.75 -70.81 -29.15
N ILE A 133 56.73 -70.01 -30.23
CA ILE A 133 56.32 -68.62 -30.17
C ILE A 133 55.26 -68.39 -31.23
N GLY A 134 54.09 -67.88 -30.81
CA GLY A 134 53.01 -67.58 -31.72
C GLY A 134 52.53 -66.14 -31.53
N GLY A 135 51.71 -65.70 -32.47
CA GLY A 135 51.19 -64.35 -32.43
C GLY A 135 49.79 -64.29 -32.97
N LEU A 136 49.03 -63.28 -32.52
CA LEU A 136 47.67 -63.09 -32.97
C LEU A 136 47.37 -61.60 -33.04
N ILE A 137 46.90 -61.15 -34.21
CA ILE A 137 46.40 -59.79 -34.42
C ILE A 137 44.91 -59.90 -34.72
N GLY A 138 44.13 -59.00 -34.13
CA GLY A 138 42.69 -59.01 -34.35
C GLY A 138 42.09 -57.63 -34.30
N ALA A 139 40.91 -57.51 -34.89
CA ALA A 139 40.18 -56.25 -34.92
C ALA A 139 38.69 -56.53 -34.80
N ASN A 140 37.95 -55.55 -34.29
CA ASN A 140 36.51 -55.69 -34.14
C ASN A 140 35.84 -54.33 -34.28
N VAL A 141 34.57 -54.38 -34.68
CA VAL A 141 33.72 -53.20 -34.79
C VAL A 141 32.34 -53.57 -34.24
N SER A 142 31.72 -52.62 -33.53
CA SER A 142 30.43 -52.85 -32.91
C SER A 142 29.56 -51.61 -33.05
N ILE A 143 28.29 -51.82 -33.39
CA ILE A 143 27.29 -50.76 -33.50
C ILE A 143 26.15 -51.10 -32.57
N GLY A 144 25.67 -50.10 -31.83
CA GLY A 144 24.60 -50.30 -30.87
C GLY A 144 23.61 -49.16 -30.91
N HIS A 145 22.36 -49.48 -30.56
CA HIS A 145 21.30 -48.51 -30.42
C HIS A 145 20.57 -48.75 -29.12
N THR A 146 20.17 -47.67 -28.45
CA THR A 146 19.47 -47.73 -27.18
C THR A 146 18.29 -46.78 -27.21
N LEU A 147 17.17 -47.22 -26.65
CA LEU A 147 15.95 -46.43 -26.56
C LEU A 147 15.50 -46.39 -25.11
N ARG A 148 15.24 -45.20 -24.58
CA ARG A 148 14.87 -45.04 -23.19
C ARG A 148 13.61 -44.19 -23.08
N TYR A 149 12.64 -44.64 -22.29
CA TYR A 149 11.43 -43.85 -22.08
C TYR A 149 10.77 -44.28 -20.78
N VAL A 150 9.83 -43.46 -20.33
CA VAL A 150 9.14 -43.65 -19.06
C VAL A 150 7.77 -44.26 -19.32
N GLN A 151 7.42 -45.28 -18.55
CA GLN A 151 6.12 -45.94 -18.65
C GLN A 151 5.36 -45.80 -17.33
N PRO A 152 4.32 -44.99 -17.27
CA PRO A 152 3.50 -44.94 -16.05
C PRO A 152 2.63 -46.18 -15.92
N ASP A 153 2.19 -46.44 -14.69
CA ASP A 153 1.28 -47.55 -14.43
C ASP A 153 -0.09 -47.29 -15.03
N PHE A 154 -0.56 -46.04 -14.96
CA PHE A 154 -1.85 -45.65 -15.50
C PHE A 154 -1.66 -44.40 -16.36
N LYS A 155 -2.38 -44.34 -17.47
CA LYS A 155 -2.35 -43.20 -18.37
C LYS A 155 -3.60 -42.36 -18.21
N THR A 156 -3.42 -41.04 -18.12
CA THR A 156 -4.53 -40.10 -18.09
C THR A 156 -4.73 -39.51 -19.48
N ILE A 157 -5.93 -39.65 -20.02
CA ILE A 157 -6.23 -39.29 -21.40
C ILE A 157 -7.45 -38.40 -21.41
N LEU A 158 -7.34 -37.24 -22.04
CA LEU A 158 -8.49 -36.40 -22.32
C LEU A 158 -9.18 -36.90 -23.58
N GLU A 159 -10.39 -37.41 -23.44
CA GLU A 159 -11.14 -37.85 -24.60
C GLU A 159 -11.63 -36.65 -25.41
N SER A 160 -11.83 -36.87 -26.71
CA SER A 160 -12.13 -35.81 -27.66
C SER A 160 -13.36 -35.01 -27.24
N PRO A 161 -13.17 -33.77 -26.81
CA PRO A 161 -14.30 -32.99 -26.29
C PRO A 161 -15.02 -32.21 -27.39
N THR A 162 -16.28 -31.93 -27.10
CA THR A 162 -17.11 -31.04 -27.89
C THR A 162 -17.48 -29.84 -27.01
N ASP A 163 -18.36 -28.99 -27.51
CA ASP A 163 -18.81 -27.89 -26.68
C ASP A 163 -19.91 -28.29 -25.70
N LYS A 164 -20.39 -29.53 -25.77
CA LYS A 164 -21.42 -30.02 -24.86
C LYS A 164 -20.95 -31.10 -23.91
N LYS A 165 -19.88 -31.82 -24.22
CA LYS A 165 -19.41 -32.88 -23.35
C LYS A 165 -17.90 -32.96 -23.36
N VAL A 166 -17.34 -33.30 -22.20
CA VAL A 166 -15.91 -33.50 -22.03
C VAL A 166 -15.71 -34.70 -21.12
N GLY A 167 -14.59 -35.38 -21.28
CA GLY A 167 -14.34 -36.58 -20.51
C GLY A 167 -12.87 -36.89 -20.39
N TRP A 168 -12.51 -37.55 -19.31
CA TRP A 168 -11.18 -38.07 -19.08
C TRP A 168 -11.29 -39.54 -18.72
N LYS A 169 -10.26 -40.29 -19.09
CA LYS A 169 -10.13 -41.68 -18.66
C LYS A 169 -8.72 -41.94 -18.19
N VAL A 170 -8.61 -42.66 -17.08
CA VAL A 170 -7.34 -43.14 -16.55
C VAL A 170 -7.35 -44.65 -16.76
N ILE A 171 -6.47 -45.13 -17.62
CA ILE A 171 -6.49 -46.52 -18.07
C ILE A 171 -5.22 -47.22 -17.62
N PHE A 172 -5.35 -48.51 -17.35
CA PHE A 172 -4.21 -49.33 -16.93
C PHE A 172 -3.24 -49.50 -18.09
N ASN A 173 -1.97 -49.18 -17.86
CA ASN A 173 -0.97 -49.32 -18.90
C ASN A 173 -0.21 -50.63 -18.80
N ASN A 174 0.55 -50.82 -17.73
CA ASN A 174 1.25 -52.07 -17.44
C ASN A 174 1.81 -51.98 -16.03
N MET A 175 2.15 -53.14 -15.49
CA MET A 175 2.56 -53.21 -14.09
C MET A 175 3.72 -54.19 -13.94
N VAL A 176 4.56 -53.93 -12.95
CA VAL A 176 5.64 -54.83 -12.58
C VAL A 176 5.12 -55.78 -11.51
N ASN A 177 5.35 -57.07 -11.71
CA ASN A 177 4.90 -58.11 -10.79
C ASN A 177 6.13 -58.74 -10.13
N GLN A 178 6.44 -58.29 -8.91
CA GLN A 178 7.53 -58.83 -8.11
C GLN A 178 8.86 -58.78 -8.88
N ASN A 179 9.16 -57.61 -9.43
CA ASN A 179 10.36 -57.30 -10.20
C ASN A 179 10.37 -57.95 -11.58
N TRP A 180 9.31 -58.63 -11.97
CA TRP A 180 9.18 -59.20 -13.31
C TRP A 180 8.33 -58.28 -14.18
N GLY A 181 8.38 -58.51 -15.48
CA GLY A 181 7.53 -57.80 -16.41
C GLY A 181 8.23 -56.69 -17.15
N PRO A 182 7.52 -55.58 -17.40
CA PRO A 182 6.12 -55.35 -16.99
C PRO A 182 5.09 -56.09 -17.81
N TYR A 183 3.96 -56.41 -17.19
CA TYR A 183 2.87 -57.13 -17.83
C TYR A 183 1.69 -56.19 -18.06
N ASP A 184 0.94 -56.46 -19.12
CA ASP A 184 -0.29 -55.71 -19.35
C ASP A 184 -1.45 -56.64 -19.63
N ARG A 185 -2.59 -56.10 -20.03
CA ARG A 185 -3.80 -56.88 -20.23
C ARG A 185 -3.69 -57.87 -21.38
N ASP A 186 -2.73 -57.69 -22.28
CA ASP A 186 -2.57 -58.56 -23.43
C ASP A 186 -1.36 -59.46 -23.34
N SER A 187 -0.63 -59.44 -22.22
CA SER A 187 0.55 -60.29 -22.07
C SER A 187 0.15 -61.76 -22.15
N TRP A 188 0.88 -62.53 -22.93
CA TRP A 188 0.58 -63.95 -23.07
C TRP A 188 1.87 -64.75 -23.07
N ASN A 189 1.81 -65.92 -22.44
CA ASN A 189 2.90 -66.85 -22.37
C ASN A 189 2.26 -68.21 -22.61
N PRO A 190 2.84 -69.05 -23.49
CA PRO A 190 2.19 -70.32 -23.80
C PRO A 190 2.03 -71.24 -22.60
N VAL A 191 2.91 -71.13 -21.61
CA VAL A 191 2.86 -72.01 -20.45
C VAL A 191 2.03 -71.39 -19.32
N TYR A 192 2.25 -70.12 -19.02
CA TYR A 192 1.62 -69.49 -17.86
C TYR A 192 0.47 -68.56 -18.23
N GLY A 193 0.26 -68.27 -19.51
CA GLY A 193 -0.76 -67.32 -19.90
C GLY A 193 -0.40 -65.90 -19.50
N ASN A 194 -1.35 -65.19 -18.93
CA ASN A 194 -1.12 -63.83 -18.43
C ASN A 194 -0.72 -63.91 -16.97
N GLN A 195 0.46 -63.40 -16.64
CA GLN A 195 0.98 -63.45 -15.28
C GLN A 195 0.86 -62.10 -14.57
N LEU A 196 -0.18 -61.33 -14.89
CA LEU A 196 -0.28 -59.97 -14.37
C LEU A 196 -0.39 -59.96 -12.85
N PHE A 197 -1.29 -60.78 -12.30
CA PHE A 197 -1.52 -60.81 -10.86
C PHE A 197 -1.25 -62.18 -10.26
N MET A 198 -0.41 -62.99 -10.90
CA MET A 198 -0.08 -64.31 -10.38
C MET A 198 1.03 -64.19 -9.35
N LYS A 199 0.79 -64.77 -8.17
CA LYS A 199 1.79 -64.67 -7.10
C LYS A 199 2.91 -65.68 -7.28
N THR A 200 2.57 -66.95 -7.45
CA THR A 200 3.55 -68.01 -7.66
C THR A 200 3.19 -68.80 -8.91
N ARG A 201 4.22 -69.28 -9.61
CA ARG A 201 3.99 -70.02 -10.84
C ARG A 201 3.52 -71.44 -10.58
N ASN A 202 4.04 -72.10 -9.55
CA ASN A 202 3.63 -73.47 -9.25
C ASN A 202 3.47 -73.71 -7.75
N GLY A 203 3.08 -72.69 -6.99
CA GLY A 203 2.82 -72.90 -5.58
C GLY A 203 1.66 -73.85 -5.36
N SER A 204 1.76 -74.67 -4.33
CA SER A 204 0.76 -75.68 -4.02
C SER A 204 -0.26 -75.19 -3.00
N MET A 205 -0.94 -74.10 -3.34
CA MET A 205 -1.96 -73.51 -2.48
C MET A 205 -3.29 -73.47 -3.22
N LYS A 206 -4.32 -72.95 -2.54
CA LYS A 206 -5.60 -72.73 -3.19
C LYS A 206 -5.48 -71.58 -4.18
N ALA A 207 -6.26 -71.66 -5.27
CA ALA A 207 -6.18 -70.65 -6.30
C ALA A 207 -6.55 -69.26 -5.78
N ALA A 208 -7.43 -69.20 -4.77
CA ALA A 208 -7.80 -67.92 -4.20
C ALA A 208 -6.67 -67.25 -3.44
N ASP A 209 -5.62 -67.99 -3.10
CA ASP A 209 -4.47 -67.45 -2.39
C ASP A 209 -3.27 -67.25 -3.28
N ASN A 210 -3.42 -67.38 -4.60
CA ASN A 210 -2.31 -67.23 -5.53
C ASN A 210 -2.32 -65.90 -6.26
N PHE A 211 -3.10 -64.95 -5.80
CA PHE A 211 -3.15 -63.63 -6.41
C PHE A 211 -2.19 -62.69 -5.70
N LEU A 212 -1.65 -61.75 -6.47
CA LEU A 212 -0.71 -60.78 -5.92
C LEU A 212 -1.35 -59.99 -4.80
N ASP A 213 -0.60 -59.77 -3.74
CA ASP A 213 -1.11 -59.02 -2.60
C ASP A 213 -1.36 -57.57 -3.01
N PRO A 214 -2.47 -56.97 -2.58
CA PRO A 214 -2.77 -55.59 -3.01
C PRO A 214 -1.69 -54.60 -2.63
N ASN A 215 -1.01 -54.79 -1.51
CA ASN A 215 0.04 -53.88 -1.10
C ASN A 215 1.24 -53.90 -2.04
N LYS A 216 1.43 -54.99 -2.77
CA LYS A 216 2.54 -55.12 -3.70
C LYS A 216 2.21 -54.66 -5.11
N ALA A 217 0.98 -54.26 -5.36
CA ALA A 217 0.58 -53.72 -6.64
C ALA A 217 0.41 -52.21 -6.54
N SER A 218 -0.03 -51.60 -7.64
CA SER A 218 -0.34 -50.17 -7.61
C SER A 218 -1.46 -49.90 -6.62
N SER A 219 -1.35 -48.78 -5.90
CA SER A 219 -2.37 -48.45 -4.92
C SER A 219 -3.68 -48.01 -5.57
N LEU A 220 -3.66 -47.66 -6.85
CA LEU A 220 -4.90 -47.38 -7.55
C LEU A 220 -5.78 -48.61 -7.71
N LEU A 221 -5.19 -49.80 -7.72
CA LEU A 221 -5.96 -51.01 -7.94
C LEU A 221 -6.88 -51.32 -6.77
N SER A 222 -6.44 -51.08 -5.55
CA SER A 222 -7.23 -51.37 -4.37
C SER A 222 -7.83 -50.14 -3.73
N SER A 223 -7.01 -49.16 -3.36
CA SER A 223 -7.52 -48.00 -2.66
C SER A 223 -8.24 -47.03 -3.57
N GLY A 224 -7.81 -46.91 -4.81
CA GLY A 224 -8.58 -46.19 -5.81
C GLY A 224 -7.87 -44.94 -6.31
N PHE A 225 -8.56 -44.27 -7.23
CA PHE A 225 -8.03 -43.12 -7.95
C PHE A 225 -8.77 -41.87 -7.54
N SER A 226 -8.03 -40.79 -7.34
CA SER A 226 -8.62 -39.51 -6.97
C SER A 226 -8.57 -38.55 -8.15
N PRO A 227 -9.68 -38.30 -8.82
CA PRO A 227 -9.66 -37.37 -9.96
C PRO A 227 -9.38 -35.95 -9.51
N ASP A 228 -8.73 -35.19 -10.40
CA ASP A 228 -8.63 -33.74 -10.23
C ASP A 228 -8.72 -33.14 -11.63
N PHE A 229 -9.93 -32.86 -12.08
CA PHE A 229 -10.13 -32.37 -13.44
C PHE A 229 -10.88 -31.06 -13.42
N ALA A 230 -10.55 -30.17 -14.35
CA ALA A 230 -11.14 -28.84 -14.41
C ALA A 230 -11.83 -28.65 -15.75
N THR A 231 -13.05 -28.11 -15.71
CA THR A 231 -13.82 -27.74 -16.88
C THR A 231 -14.28 -26.30 -16.71
N VAL A 232 -14.23 -25.53 -17.80
CA VAL A 232 -14.71 -24.16 -17.80
C VAL A 232 -15.90 -24.08 -18.75
N ILE A 233 -17.03 -23.64 -18.21
CA ILE A 233 -18.30 -23.45 -18.91
C ILE A 233 -18.53 -21.95 -19.08
N THR A 234 -18.87 -21.54 -20.30
CA THR A 234 -19.14 -20.14 -20.61
C THR A 234 -20.64 -19.91 -20.75
N MET A 235 -21.07 -18.70 -20.40
CA MET A 235 -22.47 -18.33 -20.51
C MET A 235 -22.60 -16.88 -20.97
N ASP A 236 -23.57 -16.61 -21.84
CA ASP A 236 -23.84 -15.25 -22.27
C ASP A 236 -24.53 -14.45 -21.16
N ARG A 237 -24.19 -13.17 -21.07
CA ARG A 237 -24.66 -12.36 -19.95
C ARG A 237 -26.12 -11.98 -20.06
N CYS A 238 -26.59 -11.64 -21.26
CA CYS A 238 -27.97 -11.19 -21.45
C CYS A 238 -28.83 -12.29 -22.07
N ALA A 239 -28.56 -13.54 -21.70
CA ALA A 239 -29.39 -14.64 -22.14
C ALA A 239 -30.70 -14.66 -21.35
N SER A 240 -31.77 -15.13 -22.01
CA SER A 240 -33.07 -15.13 -21.37
C SER A 240 -33.13 -16.10 -20.20
N LYS A 241 -32.67 -17.32 -20.41
CA LYS A 241 -32.71 -18.35 -19.38
C LYS A 241 -31.34 -18.44 -18.70
N GLN A 242 -31.30 -18.18 -17.41
CA GLN A 242 -30.07 -18.19 -16.63
C GLN A 242 -29.98 -19.42 -15.73
N GLN A 243 -30.49 -20.55 -16.22
CA GLN A 243 -30.42 -21.81 -15.50
C GLN A 243 -29.88 -22.88 -16.45
N THR A 244 -28.94 -23.67 -15.96
CA THR A 244 -28.33 -24.74 -16.75
C THR A 244 -28.43 -26.05 -15.99
N ASN A 245 -28.46 -27.15 -16.72
CA ASN A 245 -28.34 -28.48 -16.14
C ASN A 245 -27.04 -29.10 -16.62
N ILE A 246 -26.36 -29.83 -15.74
CA ILE A 246 -25.14 -30.53 -16.14
C ILE A 246 -25.11 -31.90 -15.50
N ASP A 247 -24.71 -32.90 -16.26
CA ASP A 247 -24.57 -34.26 -15.76
C ASP A 247 -23.10 -34.59 -15.54
N VAL A 248 -22.79 -35.13 -14.36
CA VAL A 248 -21.45 -35.60 -14.04
C VAL A 248 -21.51 -37.10 -13.80
N ILE A 249 -20.70 -37.85 -14.53
CA ILE A 249 -20.68 -39.29 -14.46
C ILE A 249 -19.31 -39.76 -14.02
N TYR A 250 -19.26 -40.59 -12.98
CA TYR A 250 -18.06 -41.29 -12.58
C TYR A 250 -18.21 -42.75 -12.99
N GLU A 251 -17.14 -43.33 -13.53
CA GLU A 251 -17.24 -44.67 -14.07
C GLU A 251 -16.03 -45.49 -13.68
N ARG A 252 -16.25 -46.79 -13.50
CA ARG A 252 -15.18 -47.74 -13.23
C ARG A 252 -15.39 -48.98 -14.07
N VAL A 253 -14.40 -49.34 -14.87
CA VAL A 253 -14.44 -50.55 -15.68
C VAL A 253 -13.59 -51.60 -14.99
N ARG A 254 -14.13 -52.80 -14.85
CA ARG A 254 -13.47 -53.89 -14.15
C ARG A 254 -13.25 -55.07 -15.09
N ASP A 255 -12.00 -55.54 -15.12
CA ASP A 255 -11.58 -56.74 -15.82
C ASP A 255 -11.63 -57.94 -14.89
N ASP A 256 -11.60 -59.12 -15.50
CA ASP A 256 -11.75 -60.39 -14.80
C ASP A 256 -10.49 -61.23 -15.05
N TYR A 257 -9.71 -61.46 -14.00
CA TYR A 257 -8.47 -62.23 -14.08
C TYR A 257 -8.69 -63.58 -13.42
N GLN A 258 -8.60 -64.65 -14.21
CA GLN A 258 -8.84 -66.00 -13.72
C GLN A 258 -7.54 -66.78 -13.64
N LEU A 259 -7.37 -67.49 -12.54
CA LEU A 259 -6.27 -68.42 -12.34
C LEU A 259 -6.81 -69.84 -12.31
N HIS A 260 -6.16 -70.74 -13.04
CA HIS A 260 -6.54 -72.15 -12.93
C HIS A 260 -5.29 -73.03 -12.95
N TRP A 261 -5.39 -74.17 -12.27
CA TRP A 261 -4.29 -75.10 -12.16
C TRP A 261 -4.32 -76.07 -13.33
N THR A 262 -3.18 -76.24 -13.99
CA THR A 262 -3.07 -77.09 -15.18
C THR A 262 -2.28 -78.37 -14.88
N SER A 263 -2.36 -78.85 -13.65
CA SER A 263 -1.79 -80.11 -13.21
C SER A 263 -0.26 -80.05 -13.11
N THR A 264 0.33 -78.98 -13.58
CA THR A 264 1.76 -78.76 -13.44
C THR A 264 2.10 -77.36 -12.95
N ASN A 265 1.34 -76.35 -13.36
CA ASN A 265 1.60 -74.97 -12.97
C ASN A 265 0.30 -74.19 -13.03
N TRP A 266 0.37 -72.92 -12.66
CA TRP A 266 -0.77 -72.03 -12.71
C TRP A 266 -0.83 -71.33 -14.06
N LYS A 267 -2.04 -71.11 -14.56
CA LYS A 267 -2.26 -70.39 -15.80
C LYS A 267 -3.25 -69.27 -15.54
N GLY A 268 -2.92 -68.07 -16.04
CA GLY A 268 -3.74 -66.89 -15.84
C GLY A 268 -4.33 -66.41 -17.16
N THR A 269 -5.55 -65.88 -17.07
CA THR A 269 -6.27 -65.38 -18.24
C THR A 269 -7.00 -64.11 -17.86
N ASN A 270 -6.94 -63.10 -18.72
CA ASN A 270 -7.60 -61.83 -18.45
C ASN A 270 -8.70 -61.57 -19.47
N THR A 271 -9.89 -61.26 -18.99
CA THR A 271 -11.02 -60.85 -19.81
C THR A 271 -11.27 -59.36 -19.58
N LYS A 272 -11.39 -58.61 -20.67
CA LYS A 272 -11.44 -57.15 -20.61
C LYS A 272 -12.87 -56.65 -20.50
N ASP A 273 -13.05 -55.61 -19.69
CA ASP A 273 -14.30 -54.86 -19.60
C ASP A 273 -15.48 -55.75 -19.29
N LYS A 274 -15.29 -56.63 -18.29
CA LYS A 274 -16.36 -57.52 -17.90
C LYS A 274 -17.46 -56.79 -17.14
N TRP A 275 -17.11 -55.79 -16.33
CA TRP A 275 -18.12 -55.05 -15.58
C TRP A 275 -17.89 -53.56 -15.74
N THR A 276 -18.97 -52.80 -15.64
CA THR A 276 -18.91 -51.34 -15.65
C THR A 276 -19.82 -50.80 -14.58
N ASP A 277 -19.29 -49.91 -13.74
CA ASP A 277 -20.05 -49.27 -12.68
C ASP A 277 -20.16 -47.79 -13.02
N ARG A 278 -21.38 -47.30 -13.18
CA ARG A 278 -21.64 -45.91 -13.50
C ARG A 278 -22.37 -45.23 -12.34
N SER A 279 -21.97 -44.00 -12.05
CA SER A 279 -22.61 -43.20 -11.01
C SER A 279 -22.85 -41.82 -11.60
N SER A 280 -24.11 -41.50 -11.86
CA SER A 280 -24.49 -40.28 -12.53
C SER A 280 -25.18 -39.32 -11.57
N GLU A 281 -24.87 -38.04 -11.71
CA GLU A 281 -25.48 -37.00 -10.88
C GLU A 281 -25.86 -35.83 -11.77
N ARG A 282 -27.02 -35.25 -11.51
CA ARG A 282 -27.48 -34.07 -12.22
C ARG A 282 -27.40 -32.86 -11.31
N TYR A 283 -26.78 -31.80 -11.79
CA TYR A 283 -26.62 -30.57 -11.04
C TYR A 283 -27.31 -29.43 -11.78
N LYS A 284 -27.79 -28.47 -11.00
CA LYS A 284 -28.46 -27.30 -11.50
C LYS A 284 -27.57 -26.08 -11.25
N ILE A 285 -27.24 -25.39 -12.33
CA ILE A 285 -26.49 -24.13 -12.28
C ILE A 285 -27.50 -22.99 -12.29
N ASP A 286 -27.40 -22.12 -11.31
CA ASP A 286 -28.14 -20.86 -11.29
C ASP A 286 -27.11 -19.75 -11.44
N TRP A 287 -27.05 -19.17 -12.64
CA TRP A 287 -26.06 -18.15 -12.94
C TRP A 287 -26.38 -16.83 -12.25
N GLU A 288 -27.66 -16.54 -12.04
CA GLU A 288 -28.04 -15.29 -11.38
C GLU A 288 -27.65 -15.30 -9.91
N LYS A 289 -27.98 -16.37 -9.19
CA LYS A 289 -27.57 -16.49 -7.80
C LYS A 289 -26.12 -16.93 -7.66
N GLU A 290 -25.48 -17.33 -8.76
CA GLU A 290 -24.14 -17.89 -8.75
C GLU A 290 -24.05 -19.04 -7.76
N GLU A 291 -24.90 -20.05 -7.99
CA GLU A 291 -24.91 -21.19 -7.10
C GLU A 291 -25.15 -22.46 -7.89
N MET A 292 -24.70 -23.57 -7.33
CA MET A 292 -24.84 -24.88 -7.93
C MET A 292 -25.49 -25.79 -6.91
N THR A 293 -26.48 -26.56 -7.33
CA THR A 293 -27.22 -27.40 -6.40
C THR A 293 -27.45 -28.77 -7.01
N ASN A 294 -27.85 -29.72 -6.17
CA ASN A 294 -28.19 -31.06 -6.60
C ASN A 294 -29.64 -31.13 -7.07
N ALA B 2 17.54 -10.95 -21.27
CA ALA B 2 16.51 -10.37 -20.42
C ALA B 2 16.86 -8.95 -20.01
N ASP B 3 15.93 -8.29 -19.32
CA ASP B 3 16.18 -6.92 -18.87
C ASP B 3 17.36 -6.86 -17.90
N SER B 4 17.46 -7.85 -17.00
CA SER B 4 18.51 -7.83 -16.00
C SER B 4 19.90 -7.99 -16.62
N ASP B 5 19.98 -8.63 -17.78
CA ASP B 5 21.27 -8.79 -18.45
C ASP B 5 21.82 -7.48 -18.97
N ILE B 6 20.97 -6.47 -19.16
CA ILE B 6 21.43 -5.18 -19.67
C ILE B 6 21.13 -4.10 -18.64
N ASN B 7 21.14 -4.47 -17.35
CA ASN B 7 21.02 -3.55 -16.23
C ASN B 7 19.68 -2.82 -16.19
N ILE B 8 18.63 -3.44 -16.71
CA ILE B 8 17.28 -2.89 -16.66
C ILE B 8 16.46 -3.69 -15.68
N LYS B 9 15.61 -3.02 -14.91
CA LYS B 9 14.74 -3.74 -14.00
C LYS B 9 13.77 -4.62 -14.77
N THR B 10 13.40 -5.74 -14.15
CA THR B 10 12.56 -6.73 -14.80
C THR B 10 11.18 -6.17 -15.09
N GLY B 11 10.69 -6.44 -16.30
CA GLY B 11 9.38 -5.97 -16.71
C GLY B 11 9.30 -4.51 -17.04
N THR B 12 10.43 -3.81 -17.09
CA THR B 12 10.41 -2.37 -17.39
C THR B 12 9.92 -2.10 -18.79
N THR B 13 10.31 -2.94 -19.76
CA THR B 13 10.00 -2.73 -21.16
C THR B 13 8.84 -3.57 -21.65
N ASP B 14 7.99 -4.07 -20.76
CA ASP B 14 6.87 -4.90 -21.13
C ASP B 14 5.60 -4.06 -21.29
N ILE B 15 4.75 -4.49 -22.21
CA ILE B 15 3.50 -3.79 -22.51
C ILE B 15 2.42 -4.24 -21.54
N GLY B 16 1.56 -3.31 -21.13
CA GLY B 16 0.38 -3.68 -20.38
C GLY B 16 0.40 -3.29 -18.92
N SER B 17 1.08 -2.20 -18.59
CA SER B 17 1.12 -1.73 -17.22
C SER B 17 -0.05 -0.80 -16.96
N ASN B 18 -0.78 -1.05 -15.88
CA ASN B 18 -1.98 -0.31 -15.48
C ASN B 18 -2.85 0.02 -16.69
N THR B 19 -3.25 -1.04 -17.40
CA THR B 19 -4.10 -0.95 -18.57
C THR B 19 -5.31 -1.85 -18.38
N THR B 20 -6.47 -1.37 -18.80
CA THR B 20 -7.66 -2.22 -18.79
C THR B 20 -7.65 -3.10 -20.03
N VAL B 21 -7.60 -4.42 -19.82
CA VAL B 21 -7.53 -5.39 -20.90
C VAL B 21 -8.91 -5.98 -21.09
N LYS B 22 -9.36 -6.05 -22.35
CA LYS B 22 -10.70 -6.57 -22.64
C LYS B 22 -10.55 -7.97 -23.22
N THR B 23 -10.95 -8.98 -22.46
CA THR B 23 -10.79 -10.36 -22.87
C THR B 23 -12.12 -10.93 -23.33
N GLY B 24 -12.03 -12.04 -24.06
CA GLY B 24 -13.22 -12.68 -24.56
C GLY B 24 -12.95 -14.09 -25.03
N ASP B 25 -14.02 -14.86 -25.12
CA ASP B 25 -13.96 -16.26 -25.49
C ASP B 25 -14.96 -16.53 -26.59
N LEU B 26 -14.53 -17.25 -27.64
CA LEU B 26 -15.42 -17.64 -28.73
C LEU B 26 -15.24 -19.13 -28.97
N VAL B 27 -16.31 -19.89 -28.79
CA VAL B 27 -16.28 -21.35 -28.82
C VAL B 27 -17.20 -21.82 -29.93
N THR B 28 -16.68 -22.71 -30.78
CA THR B 28 -17.51 -23.36 -31.79
C THR B 28 -17.10 -24.82 -31.87
N TYR B 29 -18.03 -25.67 -32.29
CA TYR B 29 -17.75 -27.09 -32.47
C TYR B 29 -18.16 -27.49 -33.88
N ASP B 30 -17.18 -27.94 -34.66
CA ASP B 30 -17.41 -28.48 -36.00
C ASP B 30 -17.61 -29.97 -35.87
N LYS B 31 -18.85 -30.41 -36.01
CA LYS B 31 -19.20 -31.81 -35.79
C LYS B 31 -18.72 -32.70 -36.94
N GLU B 32 -18.82 -32.22 -38.17
CA GLU B 32 -18.39 -33.02 -39.31
C GLU B 32 -16.90 -33.28 -39.30
N ASN B 33 -16.10 -32.30 -38.93
CA ASN B 33 -14.65 -32.45 -38.85
C ASN B 33 -14.17 -32.82 -37.46
N GLY B 34 -15.04 -32.88 -36.47
CA GLY B 34 -14.65 -33.25 -35.13
C GLY B 34 -13.66 -32.31 -34.50
N MET B 35 -13.91 -31.00 -34.59
CA MET B 35 -12.95 -30.01 -34.12
C MET B 35 -13.62 -29.06 -33.15
N HIS B 36 -13.09 -28.97 -31.94
CA HIS B 36 -13.57 -28.03 -30.94
C HIS B 36 -12.67 -26.81 -31.02
N LYS B 37 -13.15 -25.75 -31.65
CA LYS B 37 -12.37 -24.55 -31.89
C LYS B 37 -12.66 -23.52 -30.80
N LYS B 38 -11.61 -22.93 -30.25
CA LYS B 38 -11.73 -21.99 -29.16
C LYS B 38 -10.74 -20.85 -29.40
N VAL B 39 -11.25 -19.63 -29.39
CA VAL B 39 -10.43 -18.44 -29.53
C VAL B 39 -10.54 -17.64 -28.25
N PHE B 40 -9.41 -17.37 -27.62
CA PHE B 40 -9.36 -16.53 -26.44
C PHE B 40 -8.63 -15.24 -26.84
N TYR B 41 -9.33 -14.13 -26.85
CA TYR B 41 -8.74 -12.88 -27.31
C TYR B 41 -8.59 -11.90 -26.17
N SER B 42 -7.61 -11.02 -26.32
CA SER B 42 -7.32 -9.95 -25.37
C SER B 42 -6.99 -8.69 -26.14
N PHE B 43 -7.77 -7.64 -25.91
CA PHE B 43 -7.48 -6.32 -26.44
C PHE B 43 -6.67 -5.55 -25.41
N ILE B 44 -5.51 -5.05 -25.83
CA ILE B 44 -4.61 -4.27 -25.00
C ILE B 44 -4.40 -2.93 -25.69
N ASP B 45 -4.85 -1.85 -25.05
CA ASP B 45 -4.63 -0.50 -25.54
C ASP B 45 -3.78 0.23 -24.51
N ASP B 46 -2.46 0.09 -24.63
CA ASP B 46 -1.53 0.75 -23.75
C ASP B 46 -1.22 2.13 -24.31
N LYS B 47 -1.44 3.17 -23.48
CA LYS B 47 -1.20 4.54 -23.95
C LYS B 47 0.28 4.77 -24.25
N ASN B 48 1.16 4.06 -23.59
CA ASN B 48 2.60 4.18 -23.80
C ASN B 48 3.10 3.37 -24.98
N HIS B 49 2.23 2.60 -25.63
CA HIS B 49 2.58 1.82 -26.81
C HIS B 49 2.06 2.53 -28.05
N ASN B 50 2.80 2.38 -29.15
CA ASN B 50 2.49 3.13 -30.36
C ASN B 50 1.36 2.52 -31.17
N LYS B 51 0.78 1.40 -30.73
CA LYS B 51 -0.28 0.74 -31.49
C LYS B 51 -1.23 0.04 -30.53
N LYS B 52 -2.41 -0.31 -31.05
CA LYS B 52 -3.33 -1.18 -30.35
C LYS B 52 -2.94 -2.63 -30.60
N LEU B 53 -3.07 -3.47 -29.57
CA LEU B 53 -2.69 -4.87 -29.66
C LEU B 53 -3.90 -5.77 -29.46
N LEU B 54 -3.99 -6.82 -30.27
CA LEU B 54 -4.91 -7.91 -30.05
C LEU B 54 -4.11 -9.21 -29.94
N VAL B 55 -4.20 -9.87 -28.80
CA VAL B 55 -3.60 -11.19 -28.60
C VAL B 55 -4.69 -12.22 -28.83
N ILE B 56 -4.51 -13.06 -29.84
CA ILE B 56 -5.42 -14.14 -30.16
C ILE B 56 -4.75 -15.45 -29.79
N ARG B 57 -5.37 -16.21 -28.89
CA ARG B 57 -4.88 -17.53 -28.53
C ARG B 57 -5.82 -18.57 -29.13
N THR B 58 -5.28 -19.39 -30.02
CA THR B 58 -6.02 -20.50 -30.59
C THR B 58 -5.82 -21.72 -29.69
N LYS B 59 -6.92 -22.20 -29.13
CA LYS B 59 -6.94 -23.33 -28.23
C LYS B 59 -7.98 -24.30 -28.79
N GLY B 60 -8.39 -25.26 -27.99
CA GLY B 60 -9.37 -26.23 -28.40
C GLY B 60 -8.79 -27.62 -28.51
N THR B 61 -9.40 -28.42 -29.37
CA THR B 61 -8.94 -29.78 -29.58
C THR B 61 -9.36 -30.27 -30.96
N ILE B 62 -8.38 -30.75 -31.72
CA ILE B 62 -8.63 -31.46 -32.96
C ILE B 62 -8.57 -32.95 -32.65
N ALA B 63 -9.68 -33.64 -32.85
CA ALA B 63 -9.73 -35.08 -32.59
C ALA B 63 -8.80 -35.83 -33.53
N GLY B 64 -8.17 -36.88 -33.00
CA GLY B 64 -7.25 -37.66 -33.82
C GLY B 64 -7.96 -38.48 -34.89
N GLN B 65 -9.01 -39.20 -34.49
CA GLN B 65 -9.82 -40.02 -35.40
C GLN B 65 -8.99 -41.16 -36.03
N TYR B 66 -8.22 -41.83 -35.19
CA TYR B 66 -7.50 -43.05 -35.56
C TYR B 66 -8.51 -44.20 -35.63
N ARG B 67 -8.77 -44.71 -36.83
CA ARG B 67 -9.84 -45.70 -36.91
C ARG B 67 -9.68 -46.60 -38.11
N VAL B 68 -10.07 -47.86 -37.95
CA VAL B 68 -10.15 -48.79 -39.07
C VAL B 68 -11.34 -48.40 -39.93
N TYR B 69 -11.09 -48.13 -41.20
CA TYR B 69 -12.14 -47.64 -42.08
C TYR B 69 -12.57 -48.62 -43.16
N SER B 70 -11.72 -49.56 -43.54
CA SER B 70 -12.06 -50.50 -44.60
C SER B 70 -11.67 -51.90 -44.17
N GLU B 71 -12.50 -52.87 -44.54
CA GLU B 71 -12.25 -54.28 -44.24
C GLU B 71 -12.64 -55.08 -45.48
N GLU B 72 -11.65 -55.42 -46.31
CA GLU B 72 -11.87 -56.22 -47.52
C GLU B 72 -11.66 -57.68 -47.15
N GLY B 73 -12.74 -58.35 -46.76
CA GLY B 73 -12.64 -59.74 -46.36
C GLY B 73 -11.93 -59.86 -45.04
N ALA B 74 -11.02 -60.82 -44.95
CA ALA B 74 -10.24 -61.04 -43.73
C ALA B 74 -8.75 -60.93 -43.93
N ASN B 75 -8.28 -60.72 -45.17
CA ASN B 75 -6.86 -60.63 -45.46
C ASN B 75 -6.39 -59.21 -45.71
N LYS B 76 -7.29 -58.24 -45.80
CA LYS B 76 -6.93 -56.86 -46.08
C LYS B 76 -7.67 -55.93 -45.13
N SER B 77 -7.00 -54.88 -44.70
CA SER B 77 -7.68 -53.86 -43.90
C SER B 77 -6.94 -52.54 -44.00
N GLY B 78 -7.66 -51.46 -43.70
CA GLY B 78 -7.10 -50.13 -43.75
C GLY B 78 -7.44 -49.29 -42.55
N LEU B 79 -6.48 -48.47 -42.14
CA LEU B 79 -6.59 -47.63 -40.96
C LEU B 79 -6.29 -46.19 -41.36
N ALA B 80 -7.15 -45.26 -40.97
CA ALA B 80 -6.90 -43.85 -41.16
C ALA B 80 -6.34 -43.27 -39.87
N TRP B 81 -5.22 -42.56 -39.98
CA TRP B 81 -4.61 -42.02 -38.77
C TRP B 81 -4.07 -40.62 -39.02
N PRO B 82 -4.05 -39.77 -37.99
CA PRO B 82 -3.64 -38.37 -38.17
C PRO B 82 -2.11 -38.24 -38.20
N SER B 83 -1.59 -37.76 -39.31
CA SER B 83 -0.16 -37.52 -39.43
C SER B 83 0.22 -36.05 -39.21
N ALA B 84 -0.74 -35.13 -39.27
CA ALA B 84 -0.44 -33.73 -39.04
C ALA B 84 -1.69 -33.00 -38.57
N PHE B 85 -1.51 -32.11 -37.61
CA PHE B 85 -2.51 -31.13 -37.19
C PHE B 85 -1.98 -29.75 -37.55
N LYS B 86 -2.86 -28.87 -38.04
CA LYS B 86 -2.42 -27.56 -38.47
C LYS B 86 -3.36 -26.48 -37.95
N VAL B 87 -2.77 -25.32 -37.63
CA VAL B 87 -3.55 -24.14 -37.25
C VAL B 87 -3.00 -22.94 -38.00
N GLN B 88 -3.86 -22.24 -38.72
CA GLN B 88 -3.45 -21.08 -39.51
C GLN B 88 -4.35 -19.90 -39.23
N LEU B 89 -3.73 -18.73 -39.12
CA LEU B 89 -4.43 -17.45 -39.03
C LEU B 89 -3.99 -16.58 -40.19
N GLN B 90 -4.95 -15.92 -40.85
CA GLN B 90 -4.57 -15.00 -41.89
C GLN B 90 -5.58 -13.87 -42.01
N LEU B 91 -5.07 -12.68 -42.28
CA LEU B 91 -5.68 -11.39 -42.56
C LEU B 91 -5.80 -11.20 -44.07
N PRO B 92 -6.92 -10.66 -44.54
CA PRO B 92 -7.04 -10.32 -45.95
C PRO B 92 -6.00 -9.27 -46.35
N ASP B 93 -5.57 -9.33 -47.61
CA ASP B 93 -4.45 -8.52 -48.07
C ASP B 93 -4.76 -7.03 -48.05
N ASN B 94 -6.03 -6.65 -47.99
CA ASN B 94 -6.41 -5.24 -47.97
C ASN B 94 -6.46 -4.65 -46.56
N GLU B 95 -6.23 -5.45 -45.52
CA GLU B 95 -6.32 -4.95 -44.16
C GLU B 95 -5.10 -4.09 -43.83
N VAL B 96 -5.25 -3.29 -42.77
CA VAL B 96 -4.20 -2.40 -42.31
C VAL B 96 -3.50 -3.04 -41.13
N ALA B 97 -4.21 -3.87 -40.38
CA ALA B 97 -3.63 -4.59 -39.25
C ALA B 97 -2.58 -5.57 -39.73
N GLN B 98 -1.55 -5.76 -38.91
CA GLN B 98 -0.44 -6.64 -39.24
C GLN B 98 -0.24 -7.66 -38.14
N ILE B 99 0.20 -8.85 -38.53
CA ILE B 99 0.67 -9.84 -37.57
C ILE B 99 2.04 -9.39 -37.08
N SER B 100 2.16 -9.16 -35.79
CA SER B 100 3.40 -8.66 -35.24
C SER B 100 4.15 -9.67 -34.39
N ASP B 101 3.46 -10.57 -33.71
CA ASP B 101 4.20 -11.55 -32.91
C ASP B 101 3.48 -12.89 -32.91
N TYR B 102 4.21 -13.92 -32.50
CA TYR B 102 3.67 -15.27 -32.49
C TYR B 102 4.47 -16.11 -31.50
N TYR B 103 3.81 -17.14 -30.98
CA TYR B 103 4.44 -18.06 -30.04
C TYR B 103 3.67 -19.37 -30.07
N PRO B 104 4.35 -20.53 -30.02
CA PRO B 104 5.80 -20.75 -29.95
C PRO B 104 6.51 -20.60 -31.29
N ARG B 105 7.82 -20.55 -31.25
CA ARG B 105 8.66 -20.46 -32.44
C ARG B 105 9.52 -21.71 -32.54
N ASN B 106 10.37 -21.75 -33.56
CA ASN B 106 11.27 -22.88 -33.75
C ASN B 106 12.52 -22.70 -32.90
N SER B 107 12.85 -23.72 -32.12
CA SER B 107 14.03 -23.70 -31.28
C SER B 107 15.11 -24.59 -31.90
N ILE B 108 16.34 -24.37 -31.45
CA ILE B 108 17.49 -25.12 -31.94
C ILE B 108 17.64 -26.38 -31.12
N ASP B 109 17.68 -27.52 -31.81
CA ASP B 109 17.86 -28.81 -31.15
C ASP B 109 19.33 -29.06 -30.84
N THR B 110 19.58 -29.76 -29.75
CA THR B 110 20.93 -30.10 -29.32
C THR B 110 21.08 -31.61 -29.23
N LYS B 111 22.33 -32.05 -29.19
CA LYS B 111 22.65 -33.45 -28.99
C LYS B 111 23.91 -33.55 -28.16
N GLU B 112 24.06 -34.67 -27.48
CA GLU B 112 25.20 -34.92 -26.61
C GLU B 112 26.16 -35.90 -27.30
N TYR B 113 27.43 -35.55 -27.32
CA TYR B 113 28.46 -36.34 -27.97
C TYR B 113 29.43 -36.88 -26.92
N MET B 114 29.79 -38.15 -27.06
CA MET B 114 30.77 -38.78 -26.19
C MET B 114 31.81 -39.49 -27.03
N SER B 115 33.08 -39.32 -26.65
CA SER B 115 34.16 -40.06 -27.27
C SER B 115 34.98 -40.72 -26.17
N THR B 116 35.35 -41.98 -26.40
CA THR B 116 36.07 -42.74 -25.39
C THR B 116 37.24 -43.47 -26.03
N LEU B 117 38.38 -43.44 -25.35
CA LEU B 117 39.58 -44.17 -25.76
C LEU B 117 40.05 -45.02 -24.61
N THR B 118 40.20 -46.31 -24.85
CA THR B 118 40.65 -47.26 -23.84
C THR B 118 41.84 -48.03 -24.39
N TYR B 119 42.80 -48.34 -23.52
CA TYR B 119 43.87 -49.25 -23.88
C TYR B 119 44.22 -50.09 -22.67
N GLY B 120 44.66 -51.32 -22.93
CA GLY B 120 44.93 -52.24 -21.84
C GLY B 120 45.96 -53.27 -22.21
N PHE B 121 46.61 -53.81 -21.18
CA PHE B 121 47.53 -54.92 -21.32
C PHE B 121 47.10 -56.04 -20.39
N ASN B 122 47.34 -57.28 -20.84
CA ASN B 122 46.97 -58.43 -20.05
C ASN B 122 48.02 -59.51 -20.25
N SER B 123 48.09 -60.44 -19.31
CA SER B 123 49.06 -61.51 -19.36
C SER B 123 48.53 -62.70 -18.57
N ASN B 124 48.96 -63.89 -18.96
CA ASN B 124 48.58 -65.09 -18.22
C ASN B 124 49.67 -66.14 -18.33
N VAL B 125 49.73 -67.00 -17.32
CA VAL B 125 50.68 -68.10 -17.24
C VAL B 125 49.89 -69.40 -17.11
N THR B 126 50.22 -70.37 -17.95
CA THR B 126 49.45 -71.61 -18.06
C THR B 126 50.35 -72.80 -17.72
N GLY B 127 49.80 -73.75 -16.95
CA GLY B 127 50.50 -74.96 -16.64
C GLY B 127 49.54 -76.14 -16.57
N ASP B 128 50.11 -77.33 -16.45
CA ASP B 128 49.34 -78.55 -16.31
C ASP B 128 50.18 -79.58 -15.56
N ASP B 129 49.63 -80.80 -15.43
CA ASP B 129 50.35 -81.87 -14.75
C ASP B 129 51.55 -82.32 -15.56
N THR B 130 51.46 -82.26 -16.89
CA THR B 130 52.56 -82.69 -17.74
C THR B 130 53.84 -81.89 -17.47
N GLY B 131 53.70 -80.65 -17.02
CA GLY B 131 54.84 -79.79 -16.79
C GLY B 131 55.09 -78.77 -17.87
N LYS B 132 54.21 -78.68 -18.86
CA LYS B 132 54.35 -77.70 -19.93
C LYS B 132 53.89 -76.34 -19.41
N ILE B 133 54.81 -75.40 -19.30
CA ILE B 133 54.52 -74.05 -18.80
C ILE B 133 54.57 -73.09 -19.98
N GLY B 134 53.45 -72.42 -20.25
CA GLY B 134 53.36 -71.44 -21.31
C GLY B 134 52.96 -70.08 -20.76
N GLY B 135 53.08 -69.08 -21.62
CA GLY B 135 52.74 -67.72 -21.23
C GLY B 135 52.13 -66.95 -22.39
N LEU B 136 51.37 -65.92 -22.03
CA LEU B 136 50.73 -65.09 -23.03
C LEU B 136 50.76 -63.64 -22.56
N ILE B 137 51.11 -62.74 -23.47
CA ILE B 137 51.09 -61.31 -23.24
C ILE B 137 50.32 -60.66 -24.37
N GLY B 138 49.42 -59.74 -24.04
CA GLY B 138 48.60 -59.10 -25.04
C GLY B 138 48.28 -57.67 -24.70
N ALA B 139 47.90 -56.92 -25.73
CA ALA B 139 47.52 -55.52 -25.59
C ALA B 139 46.34 -55.22 -26.51
N ASN B 140 45.55 -54.23 -26.13
CA ASN B 140 44.39 -53.86 -26.93
C ASN B 140 44.15 -52.36 -26.81
N VAL B 141 43.52 -51.81 -27.85
CA VAL B 141 43.10 -50.42 -27.89
C VAL B 141 41.72 -50.35 -28.51
N SER B 142 40.88 -49.45 -27.97
CA SER B 142 39.49 -49.33 -28.40
C SER B 142 39.11 -47.86 -28.46
N ILE B 143 38.40 -47.48 -29.52
CA ILE B 143 37.88 -46.13 -29.70
C ILE B 143 36.38 -46.23 -29.90
N GLY B 144 35.64 -45.37 -29.21
CA GLY B 144 34.19 -45.39 -29.30
C GLY B 144 33.62 -43.99 -29.36
N HIS B 145 32.47 -43.87 -30.03
CA HIS B 145 31.72 -42.63 -30.11
C HIS B 145 30.26 -42.92 -29.82
N THR B 146 29.60 -41.98 -29.14
CA THR B 146 28.22 -42.13 -28.72
C THR B 146 27.49 -40.83 -28.96
N LEU B 147 26.25 -40.93 -29.45
CA LEU B 147 25.41 -39.78 -29.73
C LEU B 147 24.08 -39.95 -29.03
N ARG B 148 23.65 -38.93 -28.28
CA ARG B 148 22.42 -38.99 -27.49
C ARG B 148 21.54 -37.79 -27.81
N TYR B 149 20.26 -38.04 -28.05
CA TYR B 149 19.31 -36.95 -28.26
C TYR B 149 17.90 -37.45 -28.00
N VAL B 150 16.99 -36.50 -27.85
CA VAL B 150 15.59 -36.76 -27.51
C VAL B 150 14.74 -36.68 -28.76
N GLN B 151 13.86 -37.66 -28.93
CA GLN B 151 12.95 -37.70 -30.08
C GLN B 151 11.50 -37.64 -29.60
N PRO B 152 10.80 -36.53 -29.78
CA PRO B 152 9.37 -36.50 -29.46
C PRO B 152 8.56 -37.31 -30.46
N ASP B 153 7.37 -37.71 -30.04
CA ASP B 153 6.44 -38.38 -30.95
C ASP B 153 5.95 -37.43 -32.03
N PHE B 154 5.66 -36.19 -31.67
CA PHE B 154 5.17 -35.18 -32.59
C PHE B 154 6.04 -33.93 -32.47
N LYS B 155 6.28 -33.28 -33.60
CA LYS B 155 7.06 -32.05 -33.65
C LYS B 155 6.15 -30.85 -33.90
N THR B 156 6.36 -29.78 -33.16
CA THR B 156 5.64 -28.52 -33.35
C THR B 156 6.52 -27.55 -34.11
N ILE B 157 6.05 -27.12 -35.28
CA ILE B 157 6.81 -26.28 -36.19
C ILE B 157 6.03 -25.01 -36.43
N LEU B 158 6.71 -23.87 -36.26
CA LEU B 158 6.16 -22.60 -36.70
C LEU B 158 6.51 -22.40 -38.17
N GLU B 159 5.50 -22.41 -39.02
CA GLU B 159 5.74 -22.18 -40.44
C GLU B 159 6.05 -20.71 -40.69
N SER B 160 6.84 -20.45 -41.73
CA SER B 160 7.38 -19.13 -42.03
C SER B 160 6.29 -18.07 -42.10
N PRO B 161 6.24 -17.16 -41.13
CA PRO B 161 5.15 -16.17 -41.10
C PRO B 161 5.45 -14.97 -41.98
N THR B 162 4.37 -14.31 -42.38
CA THR B 162 4.40 -12.99 -42.99
C THR B 162 3.68 -12.03 -42.07
N ASP B 163 3.47 -10.81 -42.54
CA ASP B 163 2.70 -9.86 -41.75
C ASP B 163 1.20 -10.06 -41.89
N LYS B 164 0.76 -10.95 -42.78
CA LYS B 164 -0.66 -11.23 -42.97
C LYS B 164 -1.04 -12.67 -42.67
N LYS B 165 -0.08 -13.54 -42.36
CA LYS B 165 -0.38 -14.97 -42.27
C LYS B 165 0.61 -15.65 -41.35
N VAL B 166 0.11 -16.44 -40.40
CA VAL B 166 0.94 -17.21 -39.50
C VAL B 166 0.33 -18.60 -39.37
N GLY B 167 1.19 -19.59 -39.11
CA GLY B 167 0.71 -20.96 -39.02
C GLY B 167 1.64 -21.83 -38.21
N TRP B 168 1.06 -22.89 -37.65
CA TRP B 168 1.78 -23.92 -36.92
C TRP B 168 1.33 -25.27 -37.44
N LYS B 169 2.25 -26.23 -37.44
CA LYS B 169 1.91 -27.61 -37.73
C LYS B 169 2.55 -28.53 -36.69
N VAL B 170 1.78 -29.50 -36.24
CA VAL B 170 2.26 -30.56 -35.36
C VAL B 170 2.25 -31.84 -36.18
N ILE B 171 3.42 -32.37 -36.45
CA ILE B 171 3.58 -33.46 -37.41
C ILE B 171 4.11 -34.70 -36.70
N PHE B 172 3.71 -35.86 -37.21
CA PHE B 172 4.16 -37.13 -36.65
C PHE B 172 5.64 -37.33 -36.93
N ASN B 173 6.41 -37.61 -35.88
CA ASN B 173 7.84 -37.82 -36.05
C ASN B 173 8.18 -39.31 -36.14
N ASN B 174 7.93 -40.06 -35.07
CA ASN B 174 8.09 -41.50 -35.04
C ASN B 174 7.56 -41.99 -33.71
N MET B 175 7.25 -43.29 -33.65
CA MET B 175 6.73 -43.86 -32.42
C MET B 175 7.27 -45.25 -32.19
N VAL B 176 7.17 -45.69 -30.94
CA VAL B 176 7.56 -47.03 -30.53
C VAL B 176 6.35 -47.94 -30.60
N ASN B 177 6.52 -49.11 -31.19
CA ASN B 177 5.45 -50.09 -31.35
C ASN B 177 5.78 -51.30 -30.48
N GLN B 178 5.24 -51.33 -29.27
CA GLN B 178 5.43 -52.44 -28.34
C GLN B 178 6.92 -52.70 -28.07
N ASN B 179 7.61 -51.65 -27.64
CA ASN B 179 9.03 -51.65 -27.31
C ASN B 179 9.92 -51.85 -28.53
N TRP B 180 9.37 -51.88 -29.73
CA TRP B 180 10.14 -51.98 -30.96
C TRP B 180 10.21 -50.63 -31.64
N GLY B 181 11.19 -50.47 -32.53
CA GLY B 181 11.30 -49.28 -33.33
C GLY B 181 12.40 -48.36 -32.89
N PRO B 182 12.15 -47.04 -32.97
CA PRO B 182 10.90 -46.42 -33.39
C PRO B 182 10.67 -46.45 -34.90
N TYR B 183 9.41 -46.47 -35.30
CA TYR B 183 9.01 -46.49 -36.70
C TYR B 183 8.45 -45.14 -37.11
N ASP B 184 8.65 -44.78 -38.37
CA ASP B 184 8.04 -43.58 -38.90
C ASP B 184 7.31 -43.87 -40.21
N ARG B 185 6.85 -42.82 -40.89
CA ARG B 185 6.03 -43.00 -42.08
C ARG B 185 6.81 -43.58 -43.24
N ASP B 186 8.14 -43.55 -43.20
CA ASP B 186 8.96 -44.06 -44.29
C ASP B 186 9.69 -45.35 -43.92
N SER B 187 9.42 -45.91 -42.75
CA SER B 187 10.06 -47.16 -42.35
C SER B 187 9.69 -48.26 -43.34
N TRP B 188 10.69 -49.03 -43.75
CA TRP B 188 10.44 -50.12 -44.69
C TRP B 188 11.28 -51.33 -44.32
N ASN B 189 10.65 -52.50 -44.38
CA ASN B 189 11.28 -53.78 -44.19
C ASN B 189 10.92 -54.67 -45.37
N PRO B 190 11.89 -55.39 -45.95
CA PRO B 190 11.57 -56.19 -47.15
C PRO B 190 10.53 -57.25 -46.91
N VAL B 191 10.42 -57.76 -45.69
CA VAL B 191 9.47 -58.83 -45.39
C VAL B 191 8.14 -58.29 -44.86
N TYR B 192 8.21 -57.38 -43.88
CA TYR B 192 7.00 -56.90 -43.23
C TYR B 192 6.54 -55.54 -43.71
N GLY B 193 7.32 -54.86 -44.54
CA GLY B 193 6.93 -53.52 -44.96
C GLY B 193 7.05 -52.53 -43.81
N ASN B 194 6.08 -51.63 -43.73
CA ASN B 194 6.02 -50.66 -42.64
C ASN B 194 5.27 -51.29 -41.47
N GLN B 195 5.92 -51.37 -40.32
CA GLN B 195 5.36 -52.00 -39.13
C GLN B 195 4.86 -50.98 -38.11
N LEU B 196 4.42 -49.81 -38.57
CA LEU B 196 4.10 -48.72 -37.67
C LEU B 196 2.97 -49.08 -36.71
N PHE B 197 1.87 -49.61 -37.24
CA PHE B 197 0.71 -49.93 -36.42
C PHE B 197 0.35 -51.41 -36.48
N MET B 198 1.30 -52.26 -36.85
CA MET B 198 1.05 -53.69 -36.92
C MET B 198 1.12 -54.28 -35.52
N LYS B 199 0.09 -55.04 -35.13
CA LYS B 199 0.07 -55.61 -33.79
C LYS B 199 0.89 -56.89 -33.72
N THR B 200 0.64 -57.84 -34.62
CA THR B 200 1.39 -59.08 -34.67
C THR B 200 1.92 -59.30 -36.08
N ARG B 201 3.09 -59.95 -36.15
CA ARG B 201 3.72 -60.20 -37.45
C ARG B 201 3.05 -61.33 -38.21
N ASN B 202 2.61 -62.39 -37.53
CA ASN B 202 1.98 -63.51 -38.21
C ASN B 202 0.79 -64.07 -37.42
N GLY B 203 0.08 -63.21 -36.67
CA GLY B 203 -1.09 -63.68 -35.98
C GLY B 203 -2.16 -64.14 -36.95
N SER B 204 -2.90 -65.17 -36.54
CA SER B 204 -3.91 -65.79 -37.41
C SER B 204 -5.30 -65.23 -37.06
N MET B 205 -5.46 -63.95 -37.37
CA MET B 205 -6.73 -63.26 -37.18
C MET B 205 -7.04 -62.48 -38.44
N LYS B 206 -8.22 -61.87 -38.49
CA LYS B 206 -8.56 -61.00 -39.60
C LYS B 206 -7.79 -59.69 -39.50
N ALA B 207 -7.53 -59.08 -40.65
CA ALA B 207 -6.65 -57.92 -40.70
C ALA B 207 -7.21 -56.75 -39.89
N ALA B 208 -8.52 -56.66 -39.74
CA ALA B 208 -9.11 -55.56 -38.99
C ALA B 208 -8.76 -55.59 -37.51
N ASP B 209 -8.37 -56.75 -36.99
CA ASP B 209 -8.00 -56.87 -35.59
C ASP B 209 -6.50 -56.98 -35.37
N ASN B 210 -5.71 -56.69 -36.39
CA ASN B 210 -4.25 -56.75 -36.30
C ASN B 210 -3.62 -55.36 -36.18
N PHE B 211 -4.40 -54.34 -35.91
CA PHE B 211 -3.86 -53.00 -35.73
C PHE B 211 -3.59 -52.74 -34.25
N LEU B 212 -2.57 -51.93 -34.00
CA LEU B 212 -2.19 -51.60 -32.64
C LEU B 212 -3.35 -50.92 -31.92
N ASP B 213 -3.53 -51.29 -30.66
CA ASP B 213 -4.60 -50.70 -29.86
C ASP B 213 -4.32 -49.21 -29.64
N PRO B 214 -5.31 -48.34 -29.80
CA PRO B 214 -5.06 -46.91 -29.62
C PRO B 214 -4.56 -46.55 -28.23
N ASN B 215 -4.90 -47.35 -27.21
CA ASN B 215 -4.39 -47.09 -25.88
C ASN B 215 -2.90 -47.35 -25.76
N LYS B 216 -2.33 -48.17 -26.65
CA LYS B 216 -0.91 -48.46 -26.63
C LYS B 216 -0.11 -47.52 -27.53
N ALA B 217 -0.76 -46.64 -28.26
CA ALA B 217 -0.09 -45.66 -29.09
C ALA B 217 -0.13 -44.29 -28.40
N SER B 218 0.38 -43.29 -29.10
CA SER B 218 0.30 -41.93 -28.60
C SER B 218 -1.17 -41.51 -28.49
N SER B 219 -1.50 -40.78 -27.42
CA SER B 219 -2.88 -40.35 -27.22
C SER B 219 -3.31 -39.29 -28.22
N LEU B 220 -2.37 -38.65 -28.90
CA LEU B 220 -2.72 -37.70 -29.95
C LEU B 220 -3.37 -38.40 -31.13
N LEU B 221 -3.06 -39.67 -31.35
CA LEU B 221 -3.57 -40.37 -32.53
C LEU B 221 -5.08 -40.59 -32.44
N SER B 222 -5.59 -40.90 -31.25
CA SER B 222 -7.00 -41.19 -31.08
C SER B 222 -7.76 -40.05 -30.43
N SER B 223 -7.33 -39.60 -29.26
CA SER B 223 -8.08 -38.57 -28.55
C SER B 223 -7.86 -37.18 -29.13
N GLY B 224 -6.67 -36.90 -29.62
CA GLY B 224 -6.45 -35.69 -30.40
C GLY B 224 -5.47 -34.74 -29.75
N PHE B 225 -5.25 -33.62 -30.43
CA PHE B 225 -4.25 -32.63 -30.09
C PHE B 225 -4.94 -31.35 -29.66
N SER B 226 -4.46 -30.76 -28.57
CA SER B 226 -5.02 -29.50 -28.08
C SER B 226 -4.05 -28.37 -28.39
N PRO B 227 -4.35 -27.51 -29.36
CA PRO B 227 -3.46 -26.41 -29.68
C PRO B 227 -3.41 -25.38 -28.55
N ASP B 228 -2.27 -24.71 -28.45
CA ASP B 228 -2.19 -23.52 -27.60
C ASP B 228 -1.19 -22.57 -28.28
N PHE B 229 -1.71 -21.72 -29.15
CA PHE B 229 -0.84 -20.85 -29.94
C PHE B 229 -1.27 -19.41 -29.76
N ALA B 230 -0.30 -18.50 -29.77
CA ALA B 230 -0.55 -17.09 -29.55
C ALA B 230 -0.10 -16.28 -30.74
N THR B 231 -0.94 -15.34 -31.18
CA THR B 231 -0.63 -14.40 -32.23
C THR B 231 -0.92 -12.99 -31.71
N VAL B 232 -0.08 -12.04 -32.06
CA VAL B 232 -0.28 -10.65 -31.69
C VAL B 232 -0.44 -9.84 -32.96
N ILE B 233 -1.59 -9.16 -33.07
CA ILE B 233 -1.95 -8.30 -34.19
C ILE B 233 -1.85 -6.85 -33.74
N THR B 234 -1.24 -6.02 -34.57
CA THR B 234 -1.05 -4.60 -34.28
C THR B 234 -1.97 -3.77 -35.17
N MET B 235 -2.45 -2.65 -34.62
CA MET B 235 -3.30 -1.73 -35.36
C MET B 235 -2.92 -0.28 -35.04
N ASP B 236 -2.95 0.56 -36.07
CA ASP B 236 -2.71 1.98 -35.88
C ASP B 236 -3.89 2.65 -35.20
N ARG B 237 -3.61 3.63 -34.33
CA ARG B 237 -4.65 4.19 -33.48
C ARG B 237 -5.58 5.13 -34.23
N CYS B 238 -5.06 5.94 -35.14
CA CYS B 238 -5.88 6.91 -35.87
C CYS B 238 -6.16 6.45 -37.30
N ALA B 239 -6.35 5.13 -37.48
CA ALA B 239 -6.74 4.61 -38.77
C ALA B 239 -8.21 4.89 -39.03
N SER B 240 -8.53 5.10 -40.31
CA SER B 240 -9.91 5.44 -40.67
C SER B 240 -10.87 4.29 -40.39
N LYS B 241 -10.50 3.08 -40.82
CA LYS B 241 -11.34 1.91 -40.64
C LYS B 241 -10.85 1.11 -39.44
N GLN B 242 -11.71 0.97 -38.43
CA GLN B 242 -11.38 0.27 -37.21
C GLN B 242 -12.06 -1.09 -37.14
N GLN B 243 -12.20 -1.76 -38.28
CA GLN B 243 -12.75 -3.10 -38.36
C GLN B 243 -11.77 -3.98 -39.13
N THR B 244 -11.56 -5.19 -38.64
CA THR B 244 -10.68 -6.14 -39.29
C THR B 244 -11.40 -7.47 -39.45
N ASN B 245 -11.04 -8.22 -40.48
CA ASN B 245 -11.48 -9.59 -40.64
C ASN B 245 -10.29 -10.51 -40.49
N ILE B 246 -10.50 -11.66 -39.86
CA ILE B 246 -9.43 -12.64 -39.72
C ILE B 246 -9.99 -14.04 -39.91
N ASP B 247 -9.26 -14.88 -40.63
CA ASP B 247 -9.64 -16.26 -40.86
C ASP B 247 -8.80 -17.18 -39.99
N VAL B 248 -9.45 -18.10 -39.28
CA VAL B 248 -8.77 -19.12 -38.50
C VAL B 248 -9.12 -20.48 -39.08
N ILE B 249 -8.10 -21.25 -39.41
CA ILE B 249 -8.27 -22.56 -40.04
C ILE B 249 -7.64 -23.62 -39.15
N TYR B 250 -8.40 -24.66 -38.85
CA TYR B 250 -7.92 -25.86 -38.19
C TYR B 250 -7.89 -26.99 -39.21
N GLU B 251 -6.79 -27.72 -39.25
CA GLU B 251 -6.63 -28.73 -40.28
C GLU B 251 -6.14 -30.04 -39.67
N ARG B 252 -6.56 -31.14 -40.28
CA ARG B 252 -6.07 -32.46 -39.93
C ARG B 252 -5.74 -33.23 -41.19
N VAL B 253 -4.51 -33.74 -41.28
CA VAL B 253 -4.08 -34.55 -42.41
C VAL B 253 -4.05 -36.00 -41.96
N ARG B 254 -4.66 -36.89 -42.74
CA ARG B 254 -4.78 -38.29 -42.39
C ARG B 254 -4.08 -39.15 -43.42
N ASP B 255 -3.23 -40.04 -42.94
CA ASP B 255 -2.56 -41.08 -43.71
C ASP B 255 -3.36 -42.36 -43.68
N ASP B 256 -3.03 -43.25 -44.64
CA ASP B 256 -3.74 -44.50 -44.84
C ASP B 256 -2.75 -45.65 -44.65
N TYR B 257 -2.95 -46.44 -43.60
CA TYR B 257 -2.10 -47.57 -43.28
C TYR B 257 -2.84 -48.86 -43.64
N GLN B 258 -2.30 -49.63 -44.58
CA GLN B 258 -2.95 -50.83 -45.06
C GLN B 258 -2.17 -52.06 -44.62
N LEU B 259 -2.89 -53.03 -44.07
CA LEU B 259 -2.35 -54.33 -43.72
C LEU B 259 -2.91 -55.38 -44.65
N HIS B 260 -2.04 -56.26 -45.16
CA HIS B 260 -2.51 -57.36 -45.97
C HIS B 260 -1.69 -58.60 -45.69
N TRP B 261 -2.33 -59.75 -45.84
CA TRP B 261 -1.72 -61.05 -45.56
C TRP B 261 -1.01 -61.56 -46.81
N THR B 262 0.27 -61.92 -46.65
CA THR B 262 1.09 -62.41 -47.75
C THR B 262 1.25 -63.93 -47.71
N SER B 263 0.26 -64.64 -47.19
CA SER B 263 0.21 -66.11 -47.13
C SER B 263 1.25 -66.68 -46.17
N THR B 264 2.14 -65.84 -45.66
CA THR B 264 3.10 -66.27 -44.64
C THR B 264 3.14 -65.34 -43.46
N ASN B 265 2.97 -64.03 -43.67
CA ASN B 265 3.03 -63.06 -42.59
C ASN B 265 2.22 -61.84 -43.01
N TRP B 266 2.17 -60.85 -42.12
CA TRP B 266 1.47 -59.60 -42.40
C TRP B 266 2.44 -58.58 -43.01
N LYS B 267 1.94 -57.80 -43.95
CA LYS B 267 2.72 -56.73 -44.56
C LYS B 267 1.93 -55.45 -44.47
N GLY B 268 2.59 -54.38 -44.02
CA GLY B 268 1.95 -53.08 -43.87
C GLY B 268 2.58 -52.04 -44.77
N THR B 269 1.75 -51.20 -45.37
CA THR B 269 2.20 -50.08 -46.18
C THR B 269 1.51 -48.81 -45.71
N ASN B 270 2.14 -47.67 -45.92
CA ASN B 270 1.61 -46.39 -45.51
C ASN B 270 1.57 -45.43 -46.70
N THR B 271 0.42 -44.79 -46.90
CA THR B 271 0.23 -43.76 -47.89
C THR B 271 0.06 -42.43 -47.19
N LYS B 272 0.82 -41.43 -47.60
CA LYS B 272 0.85 -40.15 -46.92
C LYS B 272 -0.20 -39.19 -47.48
N ASP B 273 -0.78 -38.40 -46.57
CA ASP B 273 -1.66 -37.29 -46.92
C ASP B 273 -2.82 -37.76 -47.80
N LYS B 274 -3.42 -38.88 -47.42
CA LYS B 274 -4.56 -39.39 -48.17
C LYS B 274 -5.78 -38.50 -48.04
N TRP B 275 -6.03 -37.97 -46.85
CA TRP B 275 -7.19 -37.12 -46.63
C TRP B 275 -6.77 -35.85 -45.90
N THR B 276 -7.52 -34.78 -46.13
CA THR B 276 -7.34 -33.53 -45.41
C THR B 276 -8.70 -32.99 -44.98
N ASP B 277 -8.84 -32.69 -43.70
CA ASP B 277 -10.06 -32.12 -43.15
C ASP B 277 -9.77 -30.69 -42.74
N ARG B 278 -10.54 -29.76 -43.27
CA ARG B 278 -10.34 -28.33 -43.07
C ARG B 278 -11.56 -27.72 -42.38
N SER B 279 -11.31 -26.84 -41.43
CA SER B 279 -12.38 -26.15 -40.71
C SER B 279 -12.00 -24.67 -40.64
N SER B 280 -12.71 -23.83 -41.39
CA SER B 280 -12.41 -22.43 -41.48
C SER B 280 -13.49 -21.60 -40.79
N GLU B 281 -13.06 -20.56 -40.10
CA GLU B 281 -13.99 -19.66 -39.43
C GLU B 281 -13.51 -18.23 -39.63
N ARG B 282 -14.43 -17.34 -39.98
CA ARG B 282 -14.13 -15.93 -40.15
C ARG B 282 -14.61 -15.16 -38.92
N TYR B 283 -13.76 -14.29 -38.41
CA TYR B 283 -14.05 -13.46 -37.26
C TYR B 283 -13.94 -12.00 -37.65
N LYS B 284 -14.78 -11.19 -37.02
CA LYS B 284 -14.75 -9.75 -37.17
C LYS B 284 -14.21 -9.14 -35.88
N ILE B 285 -13.14 -8.36 -36.02
CA ILE B 285 -12.53 -7.63 -34.93
C ILE B 285 -13.01 -6.19 -35.01
N ASP B 286 -13.65 -5.72 -33.94
CA ASP B 286 -14.01 -4.32 -33.83
C ASP B 286 -13.08 -3.71 -32.78
N TRP B 287 -12.15 -2.88 -33.26
CA TRP B 287 -11.14 -2.28 -32.40
C TRP B 287 -11.73 -1.20 -31.50
N GLU B 288 -12.77 -0.51 -31.96
CA GLU B 288 -13.35 0.57 -31.17
C GLU B 288 -14.08 0.02 -29.95
N LYS B 289 -14.94 -0.97 -30.14
CA LYS B 289 -15.62 -1.58 -29.00
C LYS B 289 -14.75 -2.61 -28.31
N GLU B 290 -13.58 -2.91 -28.86
CA GLU B 290 -12.68 -3.93 -28.33
C GLU B 290 -13.43 -5.25 -28.18
N GLU B 291 -14.00 -5.72 -29.27
CA GLU B 291 -14.74 -6.96 -29.25
C GLU B 291 -14.44 -7.78 -30.50
N MET B 292 -14.70 -9.07 -30.42
CA MET B 292 -14.45 -9.99 -31.51
C MET B 292 -15.65 -10.90 -31.63
N THR B 293 -16.15 -11.09 -32.84
CA THR B 293 -17.37 -11.85 -33.05
C THR B 293 -17.23 -12.75 -34.26
N ASN B 294 -18.17 -13.69 -34.40
CA ASN B 294 -18.23 -14.53 -35.58
C ASN B 294 -18.93 -13.81 -36.73
N ALA C 2 26.19 -10.69 -8.76
CA ALA C 2 24.95 -9.98 -8.57
C ALA C 2 25.06 -8.97 -7.43
N ASP C 3 24.00 -8.21 -7.21
CA ASP C 3 24.00 -7.23 -6.12
C ASP C 3 24.15 -7.91 -4.76
N SER C 4 23.49 -9.04 -4.57
CA SER C 4 23.53 -9.73 -3.28
C SER C 4 24.93 -10.25 -2.96
N ASP C 5 25.76 -10.51 -3.97
CA ASP C 5 27.12 -10.97 -3.71
C ASP C 5 28.00 -9.89 -3.12
N ILE C 6 27.64 -8.62 -3.30
CA ILE C 6 28.44 -7.52 -2.77
C ILE C 6 27.61 -6.73 -1.75
N ASN C 7 26.68 -7.42 -1.09
CA ASN C 7 25.90 -6.87 0.02
C ASN C 7 24.99 -5.72 -0.40
N ILE C 8 24.54 -5.71 -1.64
CA ILE C 8 23.63 -4.70 -2.14
C ILE C 8 22.25 -5.34 -2.29
N LYS C 9 21.20 -4.56 -2.01
CA LYS C 9 19.85 -5.04 -2.25
C LYS C 9 19.63 -5.31 -3.74
N THR C 10 18.83 -6.33 -4.02
CA THR C 10 18.60 -6.74 -5.40
C THR C 10 17.90 -5.65 -6.19
N GLY C 11 18.40 -5.39 -7.40
CA GLY C 11 17.80 -4.38 -8.25
C GLY C 11 18.09 -2.96 -7.85
N THR C 12 18.99 -2.75 -6.89
CA THR C 12 19.29 -1.39 -6.45
C THR C 12 19.96 -0.58 -7.55
N THR C 13 20.86 -1.20 -8.31
CA THR C 13 21.65 -0.50 -9.31
C THR C 13 21.10 -0.68 -10.72
N ASP C 14 19.82 -0.99 -10.87
CA ASP C 14 19.21 -1.20 -12.16
C ASP C 14 18.49 0.08 -12.61
N ILE C 15 18.44 0.27 -13.93
CA ILE C 15 17.83 1.45 -14.53
C ILE C 15 16.35 1.20 -14.74
N GLY C 16 15.54 2.24 -14.56
CA GLY C 16 14.15 2.16 -14.90
C GLY C 16 13.19 2.14 -13.74
N SER C 17 13.51 2.86 -12.67
CA SER C 17 12.61 2.99 -11.53
C SER C 17 11.83 4.29 -11.63
N ASN C 18 10.51 4.19 -11.46
CA ASN C 18 9.61 5.34 -11.49
C ASN C 18 9.77 6.12 -12.80
N THR C 19 9.84 5.39 -13.90
CA THR C 19 10.07 5.98 -15.22
C THR C 19 8.94 5.56 -16.14
N THR C 20 8.47 6.48 -16.96
CA THR C 20 7.52 6.17 -18.01
C THR C 20 8.29 5.73 -19.25
N VAL C 21 8.12 4.47 -19.63
CA VAL C 21 8.81 3.88 -20.77
C VAL C 21 7.89 3.97 -21.97
N LYS C 22 8.44 4.42 -23.10
CA LYS C 22 7.65 4.56 -24.32
C LYS C 22 8.02 3.43 -25.27
N THR C 23 7.09 2.50 -25.49
CA THR C 23 7.37 1.32 -26.30
C THR C 23 6.69 1.43 -27.66
N GLY C 24 7.21 0.67 -28.61
CA GLY C 24 6.64 0.68 -29.95
C GLY C 24 7.03 -0.53 -30.75
N ASP C 25 6.23 -0.81 -31.77
CA ASP C 25 6.43 -1.95 -32.65
C ASP C 25 6.46 -1.47 -34.10
N LEU C 26 7.44 -1.93 -34.86
CA LEU C 26 7.53 -1.63 -36.28
C LEU C 26 7.69 -2.94 -37.03
N VAL C 27 6.71 -3.25 -37.89
CA VAL C 27 6.63 -4.54 -38.56
C VAL C 27 6.71 -4.31 -40.06
N THR C 28 7.59 -5.04 -40.72
CA THR C 28 7.66 -5.03 -42.17
C THR C 28 7.87 -6.44 -42.68
N TYR C 29 7.42 -6.70 -43.90
CA TYR C 29 7.60 -8.00 -44.52
C TYR C 29 8.25 -7.83 -45.88
N ASP C 30 9.43 -8.40 -46.03
CA ASP C 30 10.17 -8.41 -47.28
C ASP C 30 9.79 -9.69 -48.03
N LYS C 31 8.99 -9.53 -49.09
CA LYS C 31 8.44 -10.68 -49.78
C LYS C 31 9.45 -11.36 -50.68
N GLU C 32 10.32 -10.60 -51.35
CA GLU C 32 11.31 -11.22 -52.23
C GLU C 32 12.34 -12.00 -51.45
N ASN C 33 12.74 -11.51 -50.28
CA ASN C 33 13.69 -12.21 -49.42
C ASN C 33 13.03 -13.09 -48.39
N GLY C 34 11.71 -13.08 -48.28
CA GLY C 34 11.01 -13.92 -47.33
C GLY C 34 11.39 -13.67 -45.89
N MET C 35 11.39 -12.40 -45.48
CA MET C 35 11.82 -12.03 -44.13
C MET C 35 10.74 -11.21 -43.46
N HIS C 36 10.26 -11.67 -42.31
CA HIS C 36 9.32 -10.91 -41.49
C HIS C 36 10.13 -10.21 -40.42
N LYS C 37 10.32 -8.91 -40.56
CA LYS C 37 11.18 -8.15 -39.66
C LYS C 37 10.34 -7.38 -38.67
N LYS C 38 10.68 -7.47 -37.39
CA LYS C 38 9.98 -6.73 -36.36
C LYS C 38 11.00 -6.05 -35.47
N VAL C 39 10.76 -4.78 -35.18
CA VAL C 39 11.56 -4.02 -34.22
C VAL C 39 10.66 -3.64 -33.07
N PHE C 40 11.02 -4.05 -31.87
CA PHE C 40 10.32 -3.65 -30.66
C PHE C 40 11.23 -2.71 -29.89
N TYR C 41 10.86 -1.44 -29.81
CA TYR C 41 11.71 -0.46 -29.18
C TYR C 41 11.11 0.03 -27.87
N SER C 42 11.99 0.47 -26.98
CA SER C 42 11.62 1.01 -25.69
C SER C 42 12.51 2.21 -25.39
N PHE C 43 11.90 3.37 -25.22
CA PHE C 43 12.61 4.57 -24.78
C PHE C 43 12.54 4.64 -23.28
N ILE C 44 13.70 4.74 -22.64
CA ILE C 44 13.83 4.87 -21.20
C ILE C 44 14.59 6.15 -20.91
N ASP C 45 13.95 7.09 -20.23
CA ASP C 45 14.58 8.33 -19.81
C ASP C 45 14.50 8.38 -18.28
N ASP C 46 15.49 7.78 -17.63
CA ASP C 46 15.58 7.75 -16.18
C ASP C 46 16.33 9.00 -15.73
N LYS C 47 15.71 9.78 -14.85
CA LYS C 47 16.34 11.01 -14.39
C LYS C 47 17.62 10.73 -13.62
N ASN C 48 17.71 9.56 -12.98
CA ASN C 48 18.89 9.18 -12.22
C ASN C 48 19.98 8.57 -13.09
N HIS C 49 19.74 8.39 -14.38
CA HIS C 49 20.75 7.89 -15.31
C HIS C 49 21.34 9.05 -16.10
N ASN C 50 22.62 8.94 -16.40
CA ASN C 50 23.36 10.06 -16.99
C ASN C 50 23.05 10.29 -18.46
N LYS C 51 22.27 9.42 -19.12
CA LYS C 51 21.87 9.68 -20.49
C LYS C 51 20.57 8.94 -20.78
N LYS C 52 20.07 9.14 -22.00
CA LYS C 52 18.82 8.53 -22.45
C LYS C 52 19.11 7.21 -23.14
N LEU C 53 18.21 6.23 -22.94
CA LEU C 53 18.40 4.88 -23.44
C LEU C 53 17.32 4.52 -24.43
N LEU C 54 17.72 3.84 -25.50
CA LEU C 54 16.79 3.18 -26.41
C LEU C 54 17.16 1.71 -26.47
N VAL C 55 16.26 0.85 -26.05
CA VAL C 55 16.42 -0.59 -26.21
C VAL C 55 15.70 -1.00 -27.49
N ILE C 56 16.45 -1.58 -28.42
CA ILE C 56 15.92 -2.10 -29.67
C ILE C 56 16.00 -3.61 -29.64
N ARG C 57 14.88 -4.27 -29.82
CA ARG C 57 14.83 -5.73 -29.91
C ARG C 57 14.49 -6.10 -31.33
N THR C 58 15.42 -6.77 -32.00
CA THR C 58 15.18 -7.30 -33.34
C THR C 58 14.58 -8.69 -33.20
N LYS C 59 13.40 -8.87 -33.79
CA LYS C 59 12.63 -10.09 -33.75
C LYS C 59 12.07 -10.33 -35.14
N GLY C 60 11.23 -11.34 -35.26
CA GLY C 60 10.67 -11.69 -36.54
C GLY C 60 11.08 -13.09 -36.93
N THR C 61 11.18 -13.35 -38.22
CA THR C 61 11.55 -14.66 -38.72
C THR C 61 12.19 -14.52 -40.09
N ILE C 62 13.35 -15.13 -40.24
CA ILE C 62 13.99 -15.31 -41.54
C ILE C 62 13.66 -16.72 -41.98
N ALA C 63 12.91 -16.85 -43.07
CA ALA C 63 12.56 -18.17 -43.58
C ALA C 63 13.81 -18.92 -44.03
N GLY C 64 13.80 -20.24 -43.80
CA GLY C 64 14.93 -21.06 -44.18
C GLY C 64 15.11 -21.23 -45.66
N GLN C 65 14.02 -21.56 -46.37
CA GLN C 65 14.03 -21.74 -47.83
C GLN C 65 14.92 -22.91 -48.24
N TYR C 66 14.76 -24.03 -47.55
CA TYR C 66 15.35 -25.31 -47.94
C TYR C 66 14.61 -25.85 -49.16
N ARG C 67 15.25 -25.83 -50.32
CA ARG C 67 14.51 -25.99 -51.56
C ARG C 67 15.37 -26.68 -52.61
N VAL C 68 14.79 -27.64 -53.32
CA VAL C 68 15.42 -28.19 -54.51
C VAL C 68 15.23 -27.22 -55.66
N TYR C 69 16.33 -26.67 -56.17
CA TYR C 69 16.26 -25.60 -57.15
C TYR C 69 16.63 -26.02 -58.56
N SER C 70 17.41 -27.09 -58.73
CA SER C 70 17.85 -27.47 -60.06
C SER C 70 17.78 -28.99 -60.20
N GLU C 71 17.33 -29.45 -61.36
CA GLU C 71 17.22 -30.88 -61.65
C GLU C 71 17.72 -31.08 -63.08
N GLU C 72 18.94 -31.58 -63.22
CA GLU C 72 19.52 -31.84 -64.55
C GLU C 72 19.30 -33.32 -64.86
N GLY C 73 18.18 -33.61 -65.52
CA GLY C 73 17.83 -34.98 -65.80
C GLY C 73 17.42 -35.74 -64.57
N ALA C 74 17.82 -37.00 -64.47
CA ALA C 74 17.50 -37.84 -63.32
C ALA C 74 18.73 -38.23 -62.53
N ASN C 75 19.92 -37.76 -62.92
CA ASN C 75 21.15 -38.15 -62.26
C ASN C 75 21.80 -37.03 -61.46
N LYS C 76 21.42 -35.78 -61.69
CA LYS C 76 22.01 -34.64 -61.00
C LYS C 76 20.91 -33.73 -60.46
N SER C 77 21.07 -33.31 -59.21
CA SER C 77 20.13 -32.37 -58.63
C SER C 77 20.84 -31.48 -57.62
N GLY C 78 20.23 -30.36 -57.32
CA GLY C 78 20.80 -29.39 -56.40
C GLY C 78 19.78 -28.89 -55.41
N LEU C 79 20.26 -28.58 -54.21
CA LEU C 79 19.44 -28.14 -53.10
C LEU C 79 20.08 -26.90 -52.48
N ALA C 80 19.31 -25.84 -52.33
CA ALA C 80 19.77 -24.64 -51.68
C ALA C 80 19.32 -24.66 -50.22
N TRP C 81 20.26 -24.45 -49.31
CA TRP C 81 19.89 -24.54 -47.90
C TRP C 81 20.56 -23.44 -47.09
N PRO C 82 19.93 -23.00 -46.00
CA PRO C 82 20.49 -21.88 -45.21
C PRO C 82 21.60 -22.36 -44.28
N SER C 83 22.80 -21.84 -44.50
CA SER C 83 23.91 -22.16 -43.62
C SER C 83 24.17 -21.07 -42.57
N ALA C 84 23.57 -19.89 -42.72
CA ALA C 84 23.75 -18.84 -41.73
C ALA C 84 22.59 -17.85 -41.82
N PHE C 85 22.18 -17.37 -40.66
CA PHE C 85 21.27 -16.24 -40.52
C PHE C 85 22.02 -15.13 -39.81
N LYS C 86 21.80 -13.89 -40.22
CA LYS C 86 22.54 -12.77 -39.64
C LYS C 86 21.61 -11.61 -39.34
N VAL C 87 21.92 -10.89 -38.26
CA VAL C 87 21.23 -9.65 -37.92
C VAL C 87 22.26 -8.61 -37.53
N GLN C 88 22.23 -7.45 -38.17
CA GLN C 88 23.19 -6.39 -37.89
C GLN C 88 22.48 -5.07 -37.68
N LEU C 89 22.97 -4.29 -36.71
CA LEU C 89 22.52 -2.93 -36.48
C LEU C 89 23.72 -2.00 -36.63
N GLN C 90 23.53 -0.93 -37.38
CA GLN C 90 24.62 0.00 -37.68
C GLN C 90 24.15 1.43 -37.52
N LEU C 91 24.94 2.24 -36.81
CA LEU C 91 24.78 3.68 -36.74
C LEU C 91 25.73 4.37 -37.71
N PRO C 92 25.29 5.43 -38.38
CA PRO C 92 26.21 6.19 -39.21
C PRO C 92 27.30 6.84 -38.37
N ASP C 93 28.47 6.99 -38.97
CA ASP C 93 29.65 7.44 -38.22
C ASP C 93 29.53 8.88 -37.75
N ASN C 94 28.64 9.68 -38.32
CA ASN C 94 28.46 11.07 -37.89
C ASN C 94 27.53 11.22 -36.70
N GLU C 95 26.83 10.16 -36.30
CA GLU C 95 25.92 10.26 -35.16
C GLU C 95 26.70 10.33 -33.85
N VAL C 96 26.07 10.92 -32.84
CA VAL C 96 26.66 10.96 -31.50
C VAL C 96 26.06 9.93 -30.57
N ALA C 97 25.00 9.23 -30.98
CA ALA C 97 24.52 8.10 -30.22
C ALA C 97 25.48 6.94 -30.33
N GLN C 98 25.58 6.16 -29.27
CA GLN C 98 26.52 5.04 -29.22
C GLN C 98 25.80 3.77 -28.87
N ILE C 99 26.24 2.67 -29.47
CA ILE C 99 25.83 1.35 -29.01
C ILE C 99 26.50 1.09 -27.67
N SER C 100 25.70 0.90 -26.63
CA SER C 100 26.26 0.71 -25.30
C SER C 100 26.11 -0.71 -24.78
N ASP C 101 25.04 -1.42 -25.13
CA ASP C 101 24.92 -2.78 -24.61
C ASP C 101 24.27 -3.68 -25.65
N TYR C 102 24.39 -4.99 -25.43
CA TYR C 102 23.87 -5.97 -26.37
C TYR C 102 23.68 -7.29 -25.66
N TYR C 103 22.74 -8.08 -26.17
CA TYR C 103 22.45 -9.40 -25.62
C TYR C 103 21.79 -10.24 -26.69
N PRO C 104 22.13 -11.53 -26.81
CA PRO C 104 23.10 -12.30 -26.02
C PRO C 104 24.55 -12.08 -26.41
N ARG C 105 25.45 -12.61 -25.60
CA ARG C 105 26.88 -12.52 -25.82
C ARG C 105 27.45 -13.94 -25.95
N ASN C 106 28.75 -14.02 -26.15
CA ASN C 106 29.41 -15.31 -26.30
C ASN C 106 29.67 -15.92 -24.93
N SER C 107 29.26 -17.17 -24.76
CA SER C 107 29.47 -17.90 -23.52
C SER C 107 30.66 -18.83 -23.67
N ILE C 108 31.25 -19.19 -22.53
CA ILE C 108 32.36 -20.13 -22.50
C ILE C 108 31.80 -21.54 -22.50
N ASP C 109 32.16 -22.32 -23.51
CA ASP C 109 31.72 -23.71 -23.60
C ASP C 109 32.48 -24.57 -22.60
N THR C 110 31.88 -25.70 -22.25
CA THR C 110 32.43 -26.57 -21.22
C THR C 110 32.30 -28.02 -21.66
N LYS C 111 33.10 -28.88 -21.05
CA LYS C 111 33.06 -30.30 -21.36
C LYS C 111 33.37 -31.09 -20.09
N GLU C 112 32.97 -32.35 -20.10
CA GLU C 112 33.14 -33.24 -18.97
C GLU C 112 34.19 -34.30 -19.31
N TYR C 113 35.17 -34.47 -18.43
CA TYR C 113 36.26 -35.41 -18.62
C TYR C 113 36.15 -36.53 -17.60
N MET C 114 36.40 -37.76 -18.06
CA MET C 114 36.39 -38.92 -17.18
C MET C 114 37.64 -39.74 -17.41
N SER C 115 38.28 -40.15 -16.33
CA SER C 115 39.44 -41.04 -16.37
C SER C 115 39.10 -42.33 -15.62
N THR C 116 39.51 -43.46 -16.17
CA THR C 116 39.23 -44.76 -15.57
C THR C 116 40.49 -45.59 -15.54
N LEU C 117 40.74 -46.23 -14.41
CA LEU C 117 41.83 -47.20 -14.28
C LEU C 117 41.28 -48.43 -13.59
N THR C 118 41.41 -49.59 -14.24
CA THR C 118 40.97 -50.83 -13.64
C THR C 118 42.07 -51.87 -13.77
N TYR C 119 42.14 -52.77 -12.79
CA TYR C 119 43.05 -53.89 -12.86
C TYR C 119 42.35 -55.11 -12.28
N GLY C 120 42.72 -56.28 -12.76
CA GLY C 120 42.04 -57.49 -12.35
C GLY C 120 42.93 -58.70 -12.42
N PHE C 121 42.63 -59.69 -11.58
CA PHE C 121 43.28 -60.98 -11.59
C PHE C 121 42.23 -62.06 -11.79
N ASN C 122 42.60 -63.10 -12.53
CA ASN C 122 41.67 -64.20 -12.78
C ASN C 122 42.46 -65.51 -12.78
N SER C 123 41.74 -66.59 -12.53
CA SER C 123 42.36 -67.91 -12.47
C SER C 123 41.32 -68.94 -12.89
N ASN C 124 41.81 -70.07 -13.41
CA ASN C 124 40.91 -71.16 -13.76
C ASN C 124 41.66 -72.48 -13.66
N VAL C 125 40.91 -73.53 -13.32
CA VAL C 125 41.41 -74.89 -13.22
C VAL C 125 40.62 -75.75 -14.19
N THR C 126 41.32 -76.48 -15.04
CA THR C 126 40.70 -77.29 -16.09
C THR C 126 40.93 -78.77 -15.80
N GLY C 127 39.87 -79.56 -15.93
CA GLY C 127 39.93 -80.99 -15.75
C GLY C 127 39.54 -81.73 -17.02
N ASP C 128 39.80 -83.04 -17.00
CA ASP C 128 39.50 -83.88 -18.14
C ASP C 128 39.21 -85.30 -17.66
N ASP C 129 38.51 -86.07 -18.50
CA ASP C 129 38.30 -87.48 -18.19
C ASP C 129 39.60 -88.25 -18.24
N THR C 130 40.54 -87.85 -19.10
CA THR C 130 41.84 -88.49 -19.20
C THR C 130 42.73 -88.22 -17.99
N GLY C 131 42.23 -87.55 -16.97
CA GLY C 131 43.03 -87.24 -15.80
C GLY C 131 43.88 -85.99 -15.93
N LYS C 132 43.75 -85.25 -17.02
CA LYS C 132 44.53 -84.03 -17.19
C LYS C 132 44.01 -82.93 -16.25
N ILE C 133 44.93 -82.26 -15.56
CA ILE C 133 44.59 -81.19 -14.65
C ILE C 133 45.50 -80.01 -14.99
N GLY C 134 44.94 -79.00 -15.65
CA GLY C 134 45.66 -77.79 -15.98
C GLY C 134 45.19 -76.59 -15.18
N GLY C 135 45.97 -75.52 -15.27
CA GLY C 135 45.65 -74.30 -14.56
C GLY C 135 46.12 -73.06 -15.26
N LEU C 136 45.50 -71.92 -14.98
CA LEU C 136 45.88 -70.67 -15.61
C LEU C 136 45.67 -69.53 -14.62
N ILE C 137 46.71 -68.72 -14.44
CA ILE C 137 46.67 -67.48 -13.68
C ILE C 137 46.86 -66.33 -14.67
N GLY C 138 46.11 -65.26 -14.48
CA GLY C 138 46.21 -64.12 -15.38
C GLY C 138 45.91 -62.82 -14.68
N ALA C 139 46.41 -61.73 -15.27
CA ALA C 139 46.18 -60.40 -14.75
C ALA C 139 46.05 -59.42 -15.91
N ASN C 140 45.32 -58.33 -15.68
CA ASN C 140 45.11 -57.33 -16.71
C ASN C 140 45.00 -55.95 -16.07
N VAL C 141 45.32 -54.93 -16.87
CA VAL C 141 45.19 -53.54 -16.48
C VAL C 141 44.64 -52.77 -17.68
N SER C 142 43.80 -51.77 -17.40
CA SER C 142 43.14 -51.00 -18.45
C SER C 142 43.02 -49.55 -18.02
N ILE C 143 43.31 -48.64 -18.94
CA ILE C 143 43.18 -47.20 -18.75
C ILE C 143 42.24 -46.66 -19.82
N GLY C 144 41.33 -45.79 -19.41
CA GLY C 144 40.37 -45.22 -20.34
C GLY C 144 40.15 -43.75 -20.07
N HIS C 145 39.79 -43.04 -21.13
CA HIS C 145 39.44 -41.62 -21.04
C HIS C 145 38.18 -41.38 -21.83
N THR C 146 37.31 -40.53 -21.30
CA THR C 146 36.03 -40.21 -21.93
C THR C 146 35.82 -38.70 -21.93
N LEU C 147 35.30 -38.17 -23.02
CA LEU C 147 35.01 -36.76 -23.16
C LEU C 147 33.55 -36.58 -23.57
N ARG C 148 32.84 -35.71 -22.86
CA ARG C 148 31.41 -35.50 -23.11
C ARG C 148 31.13 -34.02 -23.28
N TYR C 149 30.37 -33.66 -24.31
CA TYR C 149 29.95 -32.29 -24.50
C TYR C 149 28.70 -32.25 -25.36
N VAL C 150 28.06 -31.09 -25.38
CA VAL C 150 26.80 -30.87 -26.08
C VAL C 150 27.08 -30.11 -27.38
N GLN C 151 26.49 -30.59 -28.46
CA GLN C 151 26.65 -29.94 -29.78
C GLN C 151 25.28 -29.48 -30.28
N PRO C 152 25.01 -28.18 -30.34
CA PRO C 152 23.77 -27.71 -30.95
C PRO C 152 23.83 -27.80 -32.46
N ASP C 153 22.64 -27.80 -33.07
CA ASP C 153 22.55 -27.79 -34.52
C ASP C 153 23.03 -26.46 -35.10
N PHE C 154 22.73 -25.36 -34.42
CA PHE C 154 23.12 -24.04 -34.84
C PHE C 154 23.76 -23.31 -33.67
N LYS C 155 24.80 -22.53 -33.95
CA LYS C 155 25.49 -21.74 -32.96
C LYS C 155 25.13 -20.27 -33.11
N THR C 156 24.86 -19.61 -31.99
CA THR C 156 24.60 -18.16 -31.97
C THR C 156 25.85 -17.44 -31.51
N ILE C 157 26.39 -16.58 -32.36
CA ILE C 157 27.65 -15.87 -32.13
C ILE C 157 27.38 -14.38 -32.15
N LEU C 158 27.82 -13.69 -31.12
CA LEU C 158 27.87 -12.24 -31.14
C LEU C 158 29.17 -11.80 -31.80
N GLU C 159 29.08 -11.17 -32.96
CA GLU C 159 30.26 -10.68 -33.63
C GLU C 159 30.79 -9.44 -32.93
N SER C 160 32.10 -9.24 -33.02
CA SER C 160 32.81 -8.20 -32.27
C SER C 160 32.19 -6.82 -32.47
N PRO C 161 31.56 -6.26 -31.44
CA PRO C 161 30.86 -4.99 -31.59
C PRO C 161 31.81 -3.80 -31.48
N THR C 162 31.37 -2.69 -32.06
CA THR C 162 31.96 -1.38 -31.85
C THR C 162 30.89 -0.50 -31.21
N ASP C 163 31.17 0.80 -31.11
CA ASP C 163 30.16 1.70 -30.60
C ASP C 163 29.16 2.13 -31.68
N LYS C 164 29.40 1.77 -32.94
CA LYS C 164 28.50 2.13 -34.03
C LYS C 164 27.90 0.92 -34.73
N LYS C 165 28.28 -0.30 -34.36
CA LYS C 165 27.89 -1.46 -35.14
C LYS C 165 27.88 -2.70 -34.26
N VAL C 166 26.78 -3.45 -34.28
CA VAL C 166 26.66 -4.71 -33.56
C VAL C 166 26.01 -5.72 -34.48
N GLY C 167 26.29 -7.00 -34.25
CA GLY C 167 25.77 -8.03 -35.11
C GLY C 167 25.80 -9.39 -34.46
N TRP C 168 24.87 -10.24 -34.87
CA TRP C 168 24.81 -11.64 -34.46
C TRP C 168 24.71 -12.50 -35.70
N LYS C 169 25.27 -13.71 -35.61
CA LYS C 169 25.09 -14.70 -36.65
C LYS C 169 24.74 -16.05 -36.02
N VAL C 170 23.78 -16.74 -36.61
CA VAL C 170 23.41 -18.09 -36.24
C VAL C 170 23.86 -18.99 -37.39
N ILE C 171 24.85 -19.82 -37.11
CA ILE C 171 25.52 -20.59 -38.14
C ILE C 171 25.29 -22.08 -37.94
N PHE C 172 25.23 -22.80 -39.05
CA PHE C 172 25.03 -24.25 -39.00
C PHE C 172 26.26 -24.93 -38.43
N ASN C 173 26.04 -25.76 -37.40
CA ASN C 173 27.16 -26.46 -36.78
C ASN C 173 27.33 -27.87 -37.32
N ASN C 174 26.34 -28.73 -37.09
CA ASN C 174 26.32 -30.08 -37.67
C ASN C 174 24.95 -30.66 -37.42
N MET C 175 24.64 -31.74 -38.13
CA MET C 175 23.29 -32.29 -38.12
C MET C 175 23.34 -33.81 -38.21
N VAL C 176 22.35 -34.44 -37.62
CA VAL C 176 22.20 -35.88 -37.66
C VAL C 176 21.27 -36.23 -38.82
N ASN C 177 21.69 -37.20 -39.64
CA ASN C 177 20.95 -37.62 -40.82
C ASN C 177 20.48 -39.05 -40.62
N GLN C 178 19.24 -39.21 -40.16
CA GLN C 178 18.62 -40.52 -39.95
C GLN C 178 19.47 -41.39 -39.02
N ASN C 179 19.77 -40.84 -37.85
CA ASN C 179 20.56 -41.45 -36.78
C ASN C 179 22.02 -41.65 -37.14
N TRP C 180 22.47 -41.19 -38.30
CA TRP C 180 23.88 -41.22 -38.68
C TRP C 180 24.53 -39.87 -38.40
N GLY C 181 25.84 -39.85 -38.47
CA GLY C 181 26.59 -38.62 -38.36
C GLY C 181 27.13 -38.38 -36.96
N PRO C 182 27.14 -37.11 -36.52
CA PRO C 182 26.63 -35.95 -37.25
C PRO C 182 27.53 -35.47 -38.39
N TYR C 183 26.91 -34.89 -39.41
CA TYR C 183 27.61 -34.37 -40.58
C TYR C 183 27.63 -32.85 -40.54
N ASP C 184 28.68 -32.27 -41.11
CA ASP C 184 28.73 -30.83 -41.24
C ASP C 184 29.10 -30.44 -42.67
N ARG C 185 29.33 -29.14 -42.90
CA ARG C 185 29.58 -28.64 -44.24
C ARG C 185 30.91 -29.14 -44.82
N ASP C 186 31.80 -29.67 -44.00
CA ASP C 186 33.09 -30.14 -44.47
C ASP C 186 33.24 -31.66 -44.40
N SER C 187 32.18 -32.37 -44.02
CA SER C 187 32.25 -33.83 -43.98
C SER C 187 32.54 -34.39 -45.36
N TRP C 188 33.48 -35.32 -45.43
CA TRP C 188 33.84 -35.91 -46.71
C TRP C 188 34.09 -37.40 -46.55
N ASN C 189 33.60 -38.16 -47.52
CA ASN C 189 33.78 -39.60 -47.59
C ASN C 189 34.28 -39.91 -48.99
N PRO C 190 35.29 -40.78 -49.14
CA PRO C 190 35.81 -41.04 -50.49
C PRO C 190 34.79 -41.62 -51.44
N VAL C 191 33.80 -42.36 -50.94
CA VAL C 191 32.82 -43.01 -51.80
C VAL C 191 31.57 -42.16 -51.98
N TYR C 192 31.01 -41.66 -50.88
CA TYR C 192 29.75 -40.93 -50.93
C TYR C 192 29.91 -39.43 -50.89
N GLY C 193 31.10 -38.91 -50.63
CA GLY C 193 31.26 -37.47 -50.50
C GLY C 193 30.62 -36.98 -49.22
N ASN C 194 29.98 -35.81 -49.31
CA ASN C 194 29.25 -35.25 -48.18
C ASN C 194 27.85 -35.83 -48.17
N GLN C 195 27.47 -36.46 -47.05
CA GLN C 195 26.17 -37.10 -46.91
C GLN C 195 25.23 -36.30 -46.01
N LEU C 196 25.33 -34.97 -46.05
CA LEU C 196 24.56 -34.13 -45.14
C LEU C 196 23.06 -34.30 -45.35
N PHE C 197 22.59 -34.18 -46.59
CA PHE C 197 21.17 -34.26 -46.89
C PHE C 197 20.85 -35.40 -47.85
N MET C 198 21.73 -36.38 -47.98
CA MET C 198 21.46 -37.52 -48.84
C MET C 198 20.51 -38.48 -48.13
N LYS C 199 19.42 -38.84 -48.80
CA LYS C 199 18.43 -39.71 -48.18
C LYS C 199 18.87 -41.18 -48.23
N THR C 200 19.25 -41.66 -49.41
CA THR C 200 19.69 -43.04 -49.57
C THR C 200 21.04 -43.06 -50.29
N ARG C 201 21.89 -44.02 -49.90
CA ARG C 201 23.18 -44.17 -50.56
C ARG C 201 23.02 -44.78 -51.95
N ASN C 202 22.12 -45.75 -52.11
CA ASN C 202 21.75 -46.28 -53.40
C ASN C 202 20.25 -46.20 -53.54
N GLY C 203 19.78 -45.78 -54.71
CA GLY C 203 18.36 -45.64 -54.94
C GLY C 203 18.04 -45.46 -56.40
N SER C 204 17.04 -46.19 -56.89
CA SER C 204 16.65 -46.10 -58.28
C SER C 204 15.89 -44.83 -58.61
N MET C 205 15.55 -44.03 -57.61
CA MET C 205 14.82 -42.79 -57.82
C MET C 205 15.72 -41.76 -58.51
N LYS C 206 15.09 -40.70 -59.00
CA LYS C 206 15.85 -39.59 -59.54
C LYS C 206 16.43 -38.73 -58.42
N ALA C 207 17.46 -37.96 -58.77
CA ALA C 207 18.22 -37.24 -57.76
C ALA C 207 17.37 -36.22 -57.00
N ALA C 208 16.35 -35.66 -57.65
CA ALA C 208 15.51 -34.66 -56.99
C ALA C 208 14.73 -35.24 -55.82
N ASP C 209 14.53 -36.56 -55.78
CA ASP C 209 13.80 -37.20 -54.70
C ASP C 209 14.72 -37.94 -53.74
N ASN C 210 16.03 -37.67 -53.79
CA ASN C 210 16.98 -38.33 -52.90
C ASN C 210 17.50 -37.39 -51.81
N PHE C 211 16.82 -36.28 -51.57
CA PHE C 211 17.21 -35.35 -50.53
C PHE C 211 16.40 -35.62 -49.27
N LEU C 212 17.05 -35.47 -48.12
CA LEU C 212 16.36 -35.64 -46.85
C LEU C 212 15.19 -34.68 -46.78
N ASP C 213 14.02 -35.19 -46.43
CA ASP C 213 12.87 -34.30 -46.45
C ASP C 213 12.92 -33.37 -45.25
N PRO C 214 12.43 -32.13 -45.40
CA PRO C 214 12.65 -31.12 -44.36
C PRO C 214 12.06 -31.47 -43.00
N ASN C 215 11.05 -32.34 -42.94
CA ASN C 215 10.47 -32.72 -41.66
C ASN C 215 11.44 -33.52 -40.80
N LYS C 216 12.41 -34.21 -41.41
CA LYS C 216 13.36 -35.01 -40.66
C LYS C 216 14.66 -34.27 -40.37
N ALA C 217 14.77 -33.01 -40.77
CA ALA C 217 15.92 -32.18 -40.48
C ALA C 217 15.55 -31.14 -39.43
N SER C 218 16.49 -30.25 -39.13
CA SER C 218 16.20 -29.14 -38.23
C SER C 218 15.13 -28.26 -38.83
N SER C 219 14.22 -27.77 -37.98
CA SER C 219 13.15 -26.91 -38.46
C SER C 219 13.65 -25.53 -38.88
N LEU C 220 14.85 -25.14 -38.45
CA LEU C 220 15.44 -23.90 -38.93
C LEU C 220 15.77 -23.94 -40.41
N LEU C 221 15.99 -25.14 -40.96
CA LEU C 221 16.38 -25.24 -42.36
C LEU C 221 15.25 -24.88 -43.31
N SER C 222 14.02 -25.24 -42.97
CA SER C 222 12.88 -24.98 -43.84
C SER C 222 12.00 -23.86 -43.33
N SER C 223 11.49 -23.95 -42.11
CA SER C 223 10.58 -22.93 -41.61
C SER C 223 11.28 -21.66 -41.18
N GLY C 224 12.49 -21.75 -40.68
CA GLY C 224 13.32 -20.57 -40.48
C GLY C 224 13.62 -20.30 -39.03
N PHE C 225 14.37 -19.22 -38.84
CA PHE C 225 14.92 -18.83 -37.55
C PHE C 225 14.26 -17.54 -37.07
N SER C 226 13.91 -17.50 -35.80
CA SER C 226 13.30 -16.30 -35.23
C SER C 226 14.31 -15.59 -34.34
N PRO C 227 14.85 -14.45 -34.77
CA PRO C 227 15.81 -13.73 -33.93
C PRO C 227 15.13 -13.17 -32.69
N ASP C 228 15.93 -13.04 -31.64
CA ASP C 228 15.51 -12.24 -30.47
C ASP C 228 16.78 -11.63 -29.90
N PHE C 229 17.12 -10.44 -30.38
CA PHE C 229 18.36 -9.81 -29.98
C PHE C 229 18.09 -8.42 -29.44
N ALA C 230 18.81 -8.03 -28.39
CA ALA C 230 18.62 -6.74 -27.75
C ALA C 230 19.87 -5.89 -27.89
N THR C 231 19.67 -4.62 -28.24
CA THR C 231 20.73 -3.62 -28.30
C THR C 231 20.29 -2.42 -27.48
N VAL C 232 21.23 -1.80 -26.78
CA VAL C 232 20.97 -0.59 -26.01
C VAL C 232 21.83 0.53 -26.60
N ILE C 233 21.15 1.59 -27.04
CA ILE C 233 21.74 2.79 -27.62
C ILE C 233 21.63 3.92 -26.61
N THR C 234 22.72 4.67 -26.43
CA THR C 234 22.77 5.76 -25.48
C THR C 234 22.82 7.11 -26.18
N MET C 235 22.24 8.12 -25.54
CA MET C 235 22.16 9.47 -26.11
C MET C 235 22.36 10.51 -25.01
N ASP C 236 23.22 11.49 -25.29
CA ASP C 236 23.40 12.60 -24.35
C ASP C 236 22.15 13.48 -24.31
N ARG C 237 21.84 13.99 -23.11
CA ARG C 237 20.56 14.67 -22.91
C ARG C 237 20.55 16.07 -23.54
N CYS C 238 21.64 16.82 -23.40
CA CYS C 238 21.70 18.19 -23.91
C CYS C 238 22.44 18.26 -25.25
N ALA C 239 22.30 17.22 -26.07
CA ALA C 239 22.86 17.25 -27.41
C ALA C 239 22.02 18.14 -28.31
N SER C 240 22.68 18.79 -29.26
CA SER C 240 22.00 19.72 -30.14
C SER C 240 21.00 19.00 -31.04
N LYS C 241 21.43 17.93 -31.69
CA LYS C 241 20.59 17.17 -32.60
C LYS C 241 20.02 15.97 -31.88
N GLN C 242 18.69 15.91 -31.79
CA GLN C 242 18.00 14.83 -31.10
C GLN C 242 17.34 13.88 -32.09
N GLN C 243 17.98 13.67 -33.24
CA GLN C 243 17.51 12.74 -34.25
C GLN C 243 18.65 11.80 -34.63
N THR C 244 18.35 10.52 -34.73
CA THR C 244 19.34 9.51 -35.10
C THR C 244 18.82 8.68 -36.25
N ASN C 245 19.73 8.16 -37.06
CA ASN C 245 19.39 7.15 -38.06
C ASN C 245 20.04 5.84 -37.67
N ILE C 246 19.34 4.74 -37.92
CA ILE C 246 19.90 3.42 -37.65
C ILE C 246 19.50 2.47 -38.76
N ASP C 247 20.45 1.63 -39.18
CA ASP C 247 20.21 0.63 -40.21
C ASP C 247 20.11 -0.74 -39.57
N VAL C 248 19.08 -1.50 -39.91
CA VAL C 248 18.91 -2.87 -39.47
C VAL C 248 18.92 -3.77 -40.69
N ILE C 249 19.81 -4.75 -40.69
CA ILE C 249 20.00 -5.65 -41.82
C ILE C 249 19.73 -7.07 -41.36
N TYR C 250 18.88 -7.78 -42.10
CA TYR C 250 18.66 -9.21 -41.92
C TYR C 250 19.30 -9.92 -43.11
N GLU C 251 19.98 -11.02 -42.83
CA GLU C 251 20.75 -11.68 -43.87
C GLU C 251 20.56 -13.18 -43.79
N ARG C 252 20.57 -13.82 -44.95
CA ARG C 252 20.54 -15.27 -45.07
C ARG C 252 21.59 -15.72 -46.06
N VAL C 253 22.48 -16.61 -45.64
CA VAL C 253 23.50 -17.18 -46.51
C VAL C 253 23.07 -18.59 -46.86
N ARG C 254 23.12 -18.93 -48.16
CA ARG C 254 22.65 -20.21 -48.65
C ARG C 254 23.78 -20.95 -49.33
N ASP C 255 23.96 -22.21 -48.91
CA ASP C 255 24.87 -23.17 -49.50
C ASP C 255 24.16 -23.99 -50.57
N ASP C 256 24.96 -24.62 -51.42
CA ASP C 256 24.49 -25.40 -52.56
C ASP C 256 24.95 -26.84 -52.40
N TYR C 257 24.00 -27.75 -52.15
CA TYR C 257 24.29 -29.16 -51.98
C TYR C 257 23.85 -29.92 -53.22
N GLN C 258 24.80 -30.53 -53.92
CA GLN C 258 24.52 -31.23 -55.17
C GLN C 258 24.66 -32.73 -54.98
N LEU C 259 23.68 -33.46 -55.50
CA LEU C 259 23.69 -34.91 -55.54
C LEU C 259 23.87 -35.37 -56.98
N HIS C 260 24.76 -36.33 -57.19
CA HIS C 260 24.94 -36.87 -58.52
C HIS C 260 25.19 -38.37 -58.46
N TRP C 261 24.73 -39.07 -59.49
CA TRP C 261 24.84 -40.52 -59.55
C TRP C 261 26.16 -40.93 -60.18
N THR C 262 26.88 -41.82 -59.52
CA THR C 262 28.21 -42.27 -59.97
C THR C 262 28.17 -43.68 -60.53
N SER C 263 27.02 -44.08 -61.09
CA SER C 263 26.83 -45.36 -61.78
C SER C 263 26.81 -46.53 -60.80
N THR C 264 27.12 -46.29 -59.53
CA THR C 264 26.97 -47.32 -58.50
C THR C 264 26.38 -46.81 -57.19
N ASN C 265 26.39 -45.50 -56.93
CA ASN C 265 25.87 -44.94 -55.69
C ASN C 265 25.77 -43.44 -55.87
N TRP C 266 25.15 -42.79 -54.90
CA TRP C 266 25.00 -41.34 -54.91
C TRP C 266 26.20 -40.68 -54.26
N LYS C 267 26.61 -39.54 -54.80
CA LYS C 267 27.69 -38.75 -54.24
C LYS C 267 27.19 -37.34 -53.99
N GLY C 268 27.51 -36.79 -52.83
CA GLY C 268 27.06 -35.47 -52.44
C GLY C 268 28.23 -34.50 -52.31
N THR C 269 27.99 -33.26 -52.71
CA THR C 269 28.98 -32.19 -52.64
C THR C 269 28.32 -30.96 -52.06
N ASN C 270 29.08 -30.17 -51.31
CA ASN C 270 28.56 -28.94 -50.73
C ASN C 270 29.45 -27.77 -51.10
N THR C 271 28.84 -26.71 -51.62
CA THR C 271 29.50 -25.46 -51.92
C THR C 271 29.02 -24.41 -50.94
N LYS C 272 29.95 -23.73 -50.28
CA LYS C 272 29.63 -22.81 -49.20
C LYS C 272 29.35 -21.41 -49.73
N ASP C 273 28.37 -20.76 -49.12
CA ASP C 273 28.07 -19.34 -49.36
C ASP C 273 27.83 -19.05 -50.84
N LYS C 274 27.03 -19.91 -51.47
CA LYS C 274 26.72 -19.71 -52.88
C LYS C 274 25.85 -18.47 -53.08
N TRP C 275 24.90 -18.22 -52.18
CA TRP C 275 24.01 -17.08 -52.31
C TRP C 275 23.92 -16.32 -51.00
N THR C 276 23.63 -15.03 -51.09
CA THR C 276 23.39 -14.20 -49.92
C THR C 276 22.19 -13.31 -50.20
N ASP C 277 21.21 -13.35 -49.30
CA ASP C 277 20.01 -12.53 -49.37
C ASP C 277 20.07 -11.51 -48.25
N ARG C 278 20.11 -10.23 -48.62
CA ARG C 278 20.19 -9.12 -47.67
C ARG C 278 18.90 -8.32 -47.72
N SER C 279 18.44 -7.88 -46.55
CA SER C 279 17.24 -7.06 -46.44
C SER C 279 17.55 -5.95 -45.45
N SER C 280 17.66 -4.73 -45.95
CA SER C 280 18.08 -3.59 -45.15
C SER C 280 16.94 -2.61 -44.95
N GLU C 281 16.85 -2.06 -43.75
CA GLU C 281 15.84 -1.07 -43.42
C GLU C 281 16.51 0.07 -42.68
N ARG C 282 16.04 1.29 -42.93
CA ARG C 282 16.53 2.47 -42.24
C ARG C 282 15.43 3.02 -41.35
N TYR C 283 15.77 3.31 -40.10
CA TYR C 283 14.84 3.82 -39.13
C TYR C 283 15.32 5.17 -38.61
N LYS C 284 14.36 6.01 -38.25
CA LYS C 284 14.61 7.32 -37.69
C LYS C 284 14.20 7.29 -36.23
N ILE C 285 15.15 7.61 -35.36
CA ILE C 285 14.93 7.78 -33.92
C ILE C 285 14.70 9.25 -33.66
N ASP C 286 13.56 9.58 -33.07
CA ASP C 286 13.30 10.91 -32.55
C ASP C 286 13.32 10.80 -31.04
N TRP C 287 14.40 11.29 -30.44
CA TRP C 287 14.59 11.19 -28.99
C TRP C 287 13.67 12.12 -28.22
N GLU C 288 13.35 13.29 -28.78
CA GLU C 288 12.47 14.23 -28.09
C GLU C 288 11.04 13.71 -28.06
N LYS C 289 10.52 13.26 -29.20
CA LYS C 289 9.19 12.67 -29.23
C LYS C 289 9.17 11.24 -28.72
N GLU C 290 10.34 10.65 -28.48
CA GLU C 290 10.47 9.26 -28.06
C GLU C 290 9.71 8.34 -29.00
N GLU C 291 10.08 8.40 -30.27
CA GLU C 291 9.41 7.57 -31.25
C GLU C 291 10.41 7.09 -32.29
N MET C 292 10.05 6.00 -32.96
CA MET C 292 10.87 5.39 -34.00
C MET C 292 9.99 5.19 -35.22
N THR C 293 10.50 5.55 -36.39
CA THR C 293 9.71 5.45 -37.60
C THR C 293 10.55 4.89 -38.74
N ASN C 294 9.86 4.46 -39.80
CA ASN C 294 10.54 4.04 -41.01
C ASN C 294 10.91 5.24 -41.88
N ALA D 2 23.76 -17.09 4.69
CA ALA D 2 22.76 -16.07 4.42
C ALA D 2 22.11 -15.60 5.71
N ASP D 3 21.27 -14.57 5.60
CA ASP D 3 20.59 -14.04 6.77
C ASP D 3 19.70 -15.09 7.43
N SER D 4 18.96 -15.85 6.61
CA SER D 4 18.01 -16.82 7.16
C SER D 4 18.73 -17.92 7.95
N ASP D 5 20.00 -18.19 7.64
CA ASP D 5 20.75 -19.18 8.39
C ASP D 5 21.05 -18.71 9.81
N ILE D 6 21.04 -17.41 10.07
CA ILE D 6 21.34 -16.92 11.41
C ILE D 6 20.12 -16.19 11.98
N ASN D 7 18.93 -16.63 11.55
CA ASN D 7 17.65 -16.16 12.09
C ASN D 7 17.42 -14.68 11.83
N ILE D 8 17.96 -14.15 10.74
CA ILE D 8 17.76 -12.76 10.34
C ILE D 8 16.84 -12.74 9.13
N LYS D 9 15.97 -11.75 9.07
CA LYS D 9 15.12 -11.58 7.90
C LYS D 9 15.97 -11.31 6.66
N THR D 10 15.52 -11.82 5.53
CA THR D 10 16.28 -11.73 4.30
C THR D 10 16.44 -10.28 3.86
N GLY D 11 17.65 -9.92 3.47
CA GLY D 11 17.93 -8.57 3.02
C GLY D 11 18.01 -7.54 4.12
N THR D 12 18.02 -7.96 5.38
CA THR D 12 18.04 -7.00 6.48
C THR D 12 19.36 -6.24 6.52
N THR D 13 20.47 -6.91 6.25
CA THR D 13 21.80 -6.32 6.37
C THR D 13 22.38 -5.89 5.03
N ASP D 14 21.54 -5.58 4.06
CA ASP D 14 22.00 -5.17 2.74
C ASP D 14 21.93 -3.66 2.59
N ILE D 15 22.87 -3.12 1.84
CA ILE D 15 22.97 -1.67 1.61
C ILE D 15 22.03 -1.29 0.48
N GLY D 16 21.52 -0.07 0.52
CA GLY D 16 20.78 0.50 -0.58
C GLY D 16 19.28 0.55 -0.43
N SER D 17 18.76 0.60 0.80
CA SER D 17 17.32 0.72 1.01
C SER D 17 16.96 2.18 1.21
N ASN D 18 15.88 2.62 0.55
CA ASN D 18 15.39 3.99 0.63
C ASN D 18 16.48 4.98 0.24
N THR D 19 17.19 4.68 -0.84
CA THR D 19 18.32 5.46 -1.30
C THR D 19 18.13 5.80 -2.77
N THR D 20 18.47 7.03 -3.14
CA THR D 20 18.51 7.42 -4.54
C THR D 20 19.88 7.06 -5.10
N VAL D 21 19.90 6.17 -6.09
CA VAL D 21 21.12 5.68 -6.70
C VAL D 21 21.34 6.44 -7.99
N LYS D 22 22.56 6.93 -8.20
CA LYS D 22 22.89 7.70 -9.40
C LYS D 22 23.71 6.83 -10.34
N THR D 23 23.11 6.42 -11.45
CA THR D 23 23.75 5.49 -12.36
C THR D 23 24.23 6.22 -13.62
N GLY D 24 25.15 5.59 -14.32
CA GLY D 24 25.69 6.18 -15.54
C GLY D 24 26.40 5.18 -16.40
N ASP D 25 26.54 5.53 -17.67
CA ASP D 25 27.19 4.71 -18.68
C ASP D 25 28.28 5.52 -19.36
N LEU D 26 29.46 4.93 -19.52
CA LEU D 26 30.54 5.55 -20.26
C LEU D 26 31.07 4.55 -21.28
N VAL D 27 30.93 4.88 -22.55
CA VAL D 27 31.24 3.96 -23.65
C VAL D 27 32.37 4.55 -24.47
N THR D 28 33.38 3.73 -24.74
CA THR D 28 34.46 4.12 -25.65
C THR D 28 34.81 2.93 -26.52
N TYR D 29 35.32 3.21 -27.72
CA TYR D 29 35.75 2.16 -28.63
C TYR D 29 37.18 2.43 -29.06
N ASP D 30 38.08 1.52 -28.70
CA ASP D 30 39.48 1.57 -29.12
C ASP D 30 39.59 0.79 -30.42
N LYS D 31 39.76 1.51 -31.52
CA LYS D 31 39.78 0.89 -32.84
C LYS D 31 41.10 0.17 -33.11
N GLU D 32 42.21 0.70 -32.62
CA GLU D 32 43.50 0.06 -32.84
C GLU D 32 43.57 -1.30 -32.16
N ASN D 33 43.11 -1.38 -30.92
CA ASN D 33 43.13 -2.63 -30.18
C ASN D 33 41.83 -3.43 -30.30
N GLY D 34 40.83 -2.90 -31.00
CA GLY D 34 39.59 -3.61 -31.19
C GLY D 34 38.86 -3.91 -29.90
N MET D 35 38.72 -2.91 -29.03
CA MET D 35 38.11 -3.12 -27.72
C MET D 35 36.96 -2.16 -27.53
N HIS D 36 35.77 -2.70 -27.30
CA HIS D 36 34.61 -1.88 -26.97
C HIS D 36 34.51 -1.86 -25.46
N LYS D 37 34.93 -0.77 -24.84
CA LYS D 37 34.99 -0.66 -23.40
C LYS D 37 33.76 0.05 -22.88
N LYS D 38 33.14 -0.50 -21.84
CA LYS D 38 31.94 0.08 -21.29
C LYS D 38 32.03 0.06 -19.78
N VAL D 39 31.73 1.19 -19.14
CA VAL D 39 31.70 1.30 -17.69
C VAL D 39 30.28 1.65 -17.28
N PHE D 40 29.68 0.84 -16.44
CA PHE D 40 28.39 1.14 -15.86
C PHE D 40 28.61 1.42 -14.37
N TYR D 41 28.40 2.66 -13.96
CA TYR D 41 28.68 3.02 -12.58
C TYR D 41 27.38 3.33 -11.83
N SER D 42 27.44 3.14 -10.52
CA SER D 42 26.32 3.40 -9.63
C SER D 42 26.86 4.03 -8.35
N PHE D 43 26.39 5.23 -8.05
CA PHE D 43 26.70 5.90 -6.79
C PHE D 43 25.60 5.58 -5.80
N ILE D 44 26.00 5.04 -4.65
CA ILE D 44 25.08 4.70 -3.56
C ILE D 44 25.54 5.47 -2.33
N ASP D 45 24.69 6.35 -1.83
CA ASP D 45 24.95 7.09 -0.60
C ASP D 45 23.85 6.72 0.39
N ASP D 46 24.06 5.65 1.12
CA ASP D 46 23.10 5.18 2.13
C ASP D 46 23.44 5.86 3.45
N LYS D 47 22.46 6.56 4.03
CA LYS D 47 22.70 7.25 5.29
C LYS D 47 23.04 6.28 6.41
N ASN D 48 22.53 5.06 6.34
CA ASN D 48 22.79 4.06 7.36
C ASN D 48 24.11 3.34 7.15
N HIS D 49 24.83 3.63 6.08
CA HIS D 49 26.14 3.07 5.82
C HIS D 49 27.22 4.08 6.18
N ASN D 50 28.36 3.57 6.64
CA ASN D 50 29.40 4.45 7.17
C ASN D 50 30.25 5.08 6.08
N LYS D 51 30.00 4.79 4.81
CA LYS D 51 30.81 5.33 3.72
C LYS D 51 29.94 5.50 2.48
N LYS D 52 30.45 6.28 1.53
CA LYS D 52 29.87 6.37 0.20
C LYS D 52 30.39 5.23 -0.66
N LEU D 53 29.53 4.68 -1.51
CA LEU D 53 29.87 3.54 -2.34
C LEU D 53 29.77 3.90 -3.81
N LEU D 54 30.73 3.42 -4.59
CA LEU D 54 30.66 3.46 -6.04
C LEU D 54 30.83 2.05 -6.57
N VAL D 55 29.81 1.52 -7.22
CA VAL D 55 29.89 0.23 -7.87
C VAL D 55 30.23 0.47 -9.34
N ILE D 56 31.37 -0.05 -9.78
CA ILE D 56 31.82 0.06 -11.16
C ILE D 56 31.72 -1.32 -11.79
N ARG D 57 30.97 -1.44 -12.86
CA ARG D 57 30.88 -2.65 -13.64
C ARG D 57 31.59 -2.44 -14.95
N THR D 58 32.66 -3.20 -15.18
CA THR D 58 33.37 -3.19 -16.44
C THR D 58 32.74 -4.22 -17.35
N LYS D 59 32.30 -3.77 -18.52
CA LYS D 59 31.63 -4.56 -19.53
C LYS D 59 32.19 -4.16 -20.89
N GLY D 60 31.56 -4.64 -21.94
CA GLY D 60 32.03 -4.43 -23.28
C GLY D 60 32.43 -5.73 -23.93
N THR D 61 33.37 -5.62 -24.86
CA THR D 61 33.87 -6.79 -25.56
C THR D 61 35.30 -6.55 -26.03
N ILE D 62 36.17 -7.48 -25.70
CA ILE D 62 37.50 -7.54 -26.29
C ILE D 62 37.45 -8.53 -27.44
N ALA D 63 37.70 -8.05 -28.65
CA ALA D 63 37.67 -8.93 -29.81
C ALA D 63 38.77 -9.98 -29.73
N GLY D 64 38.46 -11.19 -30.18
CA GLY D 64 39.44 -12.27 -30.11
C GLY D 64 40.59 -12.07 -31.07
N GLN D 65 40.29 -11.74 -32.33
CA GLN D 65 41.30 -11.51 -33.37
C GLN D 65 42.13 -12.78 -33.65
N TYR D 66 41.43 -13.90 -33.84
CA TYR D 66 42.01 -15.15 -34.30
C TYR D 66 42.28 -15.02 -35.78
N ARG D 67 43.55 -14.93 -36.16
CA ARG D 67 43.85 -14.45 -37.51
C ARG D 67 45.13 -15.06 -38.05
N VAL D 68 45.08 -15.55 -39.28
CA VAL D 68 46.30 -15.96 -39.98
C VAL D 68 47.06 -14.71 -40.37
N TYR D 69 48.27 -14.56 -39.88
CA TYR D 69 49.01 -13.32 -40.06
C TYR D 69 50.25 -13.44 -40.93
N SER D 70 50.73 -14.65 -41.19
CA SER D 70 51.96 -14.82 -41.94
C SER D 70 51.84 -16.03 -42.84
N GLU D 71 52.35 -15.91 -44.07
CA GLU D 71 52.35 -17.00 -45.03
C GLU D 71 53.71 -17.03 -45.72
N GLU D 72 54.63 -17.84 -45.18
CA GLU D 72 55.96 -17.99 -45.76
C GLU D 72 55.89 -19.03 -46.87
N GLY D 73 55.43 -18.58 -48.03
CA GLY D 73 55.29 -19.47 -49.17
C GLY D 73 54.07 -20.36 -49.08
N ALA D 74 54.28 -21.68 -49.13
CA ALA D 74 53.17 -22.62 -49.04
C ALA D 74 53.41 -23.71 -48.02
N ASN D 75 54.59 -23.79 -47.42
CA ASN D 75 54.90 -24.81 -46.44
C ASN D 75 54.92 -24.29 -45.01
N LYS D 76 54.81 -22.99 -44.80
CA LYS D 76 54.86 -22.39 -43.48
C LYS D 76 53.73 -21.37 -43.34
N SER D 77 53.14 -21.31 -42.15
CA SER D 77 52.14 -20.28 -41.90
C SER D 77 52.05 -20.03 -40.40
N GLY D 78 51.49 -18.89 -40.04
CA GLY D 78 51.38 -18.49 -38.66
C GLY D 78 50.02 -17.89 -38.36
N LEU D 79 49.54 -18.18 -37.15
CA LEU D 79 48.24 -17.77 -36.67
C LEU D 79 48.41 -17.07 -35.33
N ALA D 80 47.82 -15.90 -35.18
CA ALA D 80 47.78 -15.21 -33.90
C ALA D 80 46.43 -15.49 -33.25
N TRP D 81 46.46 -15.92 -31.99
CA TRP D 81 45.21 -16.24 -31.32
C TRP D 81 45.23 -15.75 -29.88
N PRO D 82 44.07 -15.42 -29.32
CA PRO D 82 44.02 -14.87 -27.97
C PRO D 82 44.11 -15.96 -26.91
N SER D 83 45.17 -15.94 -26.12
CA SER D 83 45.31 -16.88 -25.02
C SER D 83 44.83 -16.31 -23.69
N ALA D 84 44.68 -14.99 -23.58
CA ALA D 84 44.22 -14.40 -22.33
C ALA D 84 43.56 -13.06 -22.58
N PHE D 85 42.49 -12.80 -21.86
CA PHE D 85 41.85 -11.49 -21.76
C PHE D 85 41.99 -11.00 -20.34
N LYS D 86 42.22 -9.70 -20.15
CA LYS D 86 42.44 -9.19 -18.81
C LYS D 86 41.69 -7.88 -18.62
N VAL D 87 41.23 -7.66 -17.39
CA VAL D 87 40.62 -6.39 -16.99
C VAL D 87 41.19 -5.99 -15.65
N GLN D 88 41.73 -4.79 -15.55
CA GLN D 88 42.33 -4.30 -14.31
C GLN D 88 41.81 -2.91 -13.98
N LEU D 89 41.54 -2.69 -12.70
CA LEU D 89 41.19 -1.38 -12.16
C LEU D 89 42.22 -0.98 -11.13
N GLN D 90 42.72 0.25 -11.23
CA GLN D 90 43.78 0.71 -10.36
C GLN D 90 43.49 2.13 -9.88
N LEU D 91 43.64 2.36 -8.58
CA LEU D 91 43.60 3.67 -7.94
C LEU D 91 45.02 4.18 -7.73
N PRO D 92 45.25 5.48 -7.92
CA PRO D 92 46.57 6.04 -7.61
C PRO D 92 46.90 5.94 -6.13
N ASP D 93 48.21 5.88 -5.86
CA ASP D 93 48.67 5.59 -4.51
C ASP D 93 48.26 6.64 -3.50
N ASN D 94 48.05 7.88 -3.95
CA ASN D 94 47.74 8.98 -3.04
C ASN D 94 46.25 9.12 -2.75
N GLU D 95 45.40 8.29 -3.34
CA GLU D 95 43.96 8.44 -3.16
C GLU D 95 43.53 7.97 -1.77
N VAL D 96 42.41 8.52 -1.32
CA VAL D 96 41.80 8.10 -0.07
C VAL D 96 40.76 7.00 -0.27
N ALA D 97 40.14 6.93 -1.45
CA ALA D 97 39.20 5.86 -1.74
C ALA D 97 39.91 4.51 -1.77
N GLN D 98 39.17 3.48 -1.37
CA GLN D 98 39.71 2.12 -1.29
C GLN D 98 38.85 1.17 -2.09
N ILE D 99 39.48 0.18 -2.71
CA ILE D 99 38.75 -0.92 -3.29
C ILE D 99 38.22 -1.78 -2.15
N SER D 100 36.90 -1.91 -2.07
CA SER D 100 36.25 -2.59 -0.97
C SER D 100 35.73 -3.97 -1.33
N ASP D 101 35.16 -4.12 -2.52
CA ASP D 101 34.62 -5.43 -2.87
C ASP D 101 34.80 -5.69 -4.36
N TYR D 102 34.59 -6.94 -4.76
CA TYR D 102 34.78 -7.35 -6.14
C TYR D 102 34.02 -8.64 -6.38
N TYR D 103 33.63 -8.84 -7.64
CA TYR D 103 32.90 -10.01 -8.06
C TYR D 103 33.12 -10.22 -9.54
N PRO D 104 33.33 -11.46 -10.00
CA PRO D 104 33.38 -12.71 -9.23
C PRO D 104 34.71 -12.98 -8.53
N ARG D 105 34.73 -13.99 -7.68
CA ARG D 105 35.92 -14.43 -6.99
C ARG D 105 36.29 -15.83 -7.46
N ASN D 106 37.32 -16.39 -6.85
CA ASN D 106 37.76 -17.74 -7.17
C ASN D 106 36.94 -18.75 -6.39
N SER D 107 36.43 -19.75 -7.07
CA SER D 107 35.65 -20.82 -6.46
C SER D 107 36.51 -22.07 -6.28
N ILE D 108 36.07 -22.92 -5.37
CA ILE D 108 36.72 -24.21 -5.14
C ILE D 108 36.15 -25.22 -6.13
N ASP D 109 37.03 -25.86 -6.88
CA ASP D 109 36.61 -26.88 -7.84
C ASP D 109 36.37 -28.21 -7.14
N THR D 110 35.47 -29.00 -7.72
CA THR D 110 35.14 -30.32 -7.19
C THR D 110 35.33 -31.37 -8.28
N LYS D 111 35.42 -32.61 -7.83
CA LYS D 111 35.49 -33.75 -8.74
C LYS D 111 34.74 -34.91 -8.12
N GLU D 112 34.26 -35.81 -8.95
CA GLU D 112 33.51 -36.98 -8.52
C GLU D 112 34.39 -38.21 -8.61
N TYR D 113 34.47 -38.96 -7.52
CA TYR D 113 35.30 -40.15 -7.43
C TYR D 113 34.41 -41.38 -7.33
N MET D 114 34.76 -42.43 -8.07
CA MET D 114 34.05 -43.69 -8.04
C MET D 114 35.04 -44.82 -7.86
N SER D 115 34.71 -45.78 -7.01
CA SER D 115 35.51 -46.98 -6.85
C SER D 115 34.62 -48.21 -6.99
N THR D 116 35.13 -49.22 -7.67
CA THR D 116 34.37 -50.40 -8.01
C THR D 116 35.15 -51.65 -7.63
N LEU D 117 34.48 -52.58 -6.98
CA LEU D 117 35.04 -53.89 -6.66
C LEU D 117 34.06 -54.94 -7.15
N THR D 118 34.52 -55.81 -8.04
CA THR D 118 33.68 -56.89 -8.54
C THR D 118 34.43 -58.21 -8.48
N TYR D 119 33.70 -59.29 -8.26
CA TYR D 119 34.29 -60.62 -8.31
C TYR D 119 33.25 -61.59 -8.87
N GLY D 120 33.74 -62.65 -9.48
CA GLY D 120 32.85 -63.58 -10.14
C GLY D 120 33.45 -64.97 -10.24
N PHE D 121 32.56 -65.94 -10.38
CA PHE D 121 32.92 -67.33 -10.62
C PHE D 121 32.23 -67.79 -11.89
N ASN D 122 32.87 -68.71 -12.60
CA ASN D 122 32.31 -69.25 -13.83
C ASN D 122 32.74 -70.69 -13.97
N SER D 123 31.97 -71.44 -14.76
CA SER D 123 32.25 -72.85 -14.98
C SER D 123 31.67 -73.26 -16.32
N ASN D 124 32.25 -74.31 -16.89
CA ASN D 124 31.73 -74.84 -18.15
C ASN D 124 32.07 -76.31 -18.28
N VAL D 125 31.23 -77.03 -19.03
CA VAL D 125 31.40 -78.44 -19.30
C VAL D 125 31.46 -78.64 -20.81
N THR D 126 32.45 -79.40 -21.27
CA THR D 126 32.73 -79.56 -22.69
C THR D 126 32.63 -81.03 -23.09
N GLY D 127 32.19 -81.25 -24.33
CA GLY D 127 32.12 -82.58 -24.89
C GLY D 127 32.21 -82.52 -26.40
N ASP D 128 32.37 -83.69 -27.01
CA ASP D 128 32.44 -83.80 -28.46
C ASP D 128 31.91 -85.16 -28.87
N ASP D 129 32.04 -85.48 -30.16
CA ASP D 129 31.57 -86.76 -30.67
C ASP D 129 32.41 -87.91 -30.14
N THR D 130 33.70 -87.70 -29.95
CA THR D 130 34.59 -88.76 -29.49
C THR D 130 34.28 -89.22 -28.07
N GLY D 131 33.47 -88.47 -27.33
CA GLY D 131 33.14 -88.83 -25.97
C GLY D 131 34.04 -88.26 -24.91
N LYS D 132 34.90 -87.31 -25.26
CA LYS D 132 35.82 -86.69 -24.32
C LYS D 132 35.09 -85.56 -23.60
N ILE D 133 34.88 -85.73 -22.30
CA ILE D 133 34.15 -84.76 -21.49
C ILE D 133 35.15 -84.05 -20.57
N GLY D 134 35.22 -82.73 -20.69
CA GLY D 134 36.09 -81.91 -19.86
C GLY D 134 35.29 -80.88 -19.06
N GLY D 135 36.00 -80.25 -18.13
CA GLY D 135 35.37 -79.25 -17.28
C GLY D 135 36.35 -78.13 -16.96
N LEU D 136 35.78 -76.96 -16.69
CA LEU D 136 36.56 -75.79 -16.34
C LEU D 136 35.84 -75.02 -15.26
N ILE D 137 36.60 -74.55 -14.27
CA ILE D 137 36.09 -73.71 -13.19
C ILE D 137 37.08 -72.58 -12.99
N GLY D 138 36.55 -71.36 -12.81
CA GLY D 138 37.42 -70.20 -12.69
C GLY D 138 36.80 -69.10 -11.85
N ALA D 139 37.65 -68.19 -11.39
CA ALA D 139 37.23 -67.06 -10.60
C ALA D 139 38.04 -65.83 -11.01
N ASN D 140 37.46 -64.66 -10.80
CA ASN D 140 38.12 -63.41 -11.14
C ASN D 140 37.72 -62.32 -10.16
N VAL D 141 38.61 -61.35 -10.00
CA VAL D 141 38.37 -60.17 -9.17
C VAL D 141 38.92 -58.95 -9.91
N SER D 142 38.20 -57.84 -9.81
CA SER D 142 38.56 -56.62 -10.51
C SER D 142 38.31 -55.42 -9.63
N ILE D 143 39.25 -54.47 -9.64
CA ILE D 143 39.15 -53.21 -8.91
C ILE D 143 39.29 -52.07 -9.92
N GLY D 144 38.44 -51.08 -9.80
CA GLY D 144 38.46 -49.96 -10.72
C GLY D 144 38.28 -48.64 -9.99
N HIS D 145 38.85 -47.58 -10.57
CA HIS D 145 38.71 -46.23 -10.06
C HIS D 145 38.37 -45.30 -11.21
N THR D 146 37.49 -44.34 -10.95
CA THR D 146 37.03 -43.41 -11.97
C THR D 146 37.01 -42.01 -11.38
N LEU D 147 37.45 -41.04 -12.18
CA LEU D 147 37.50 -39.65 -11.78
C LEU D 147 36.78 -38.81 -12.84
N ARG D 148 35.82 -38.00 -12.41
CA ARG D 148 35.02 -37.20 -13.33
C ARG D 148 35.06 -35.74 -12.91
N TYR D 149 35.29 -34.84 -13.86
CA TYR D 149 35.27 -33.41 -13.56
C TYR D 149 35.01 -32.64 -14.84
N VAL D 150 34.65 -31.37 -14.65
CA VAL D 150 34.22 -30.49 -15.73
C VAL D 150 35.38 -29.57 -16.10
N GLN D 151 35.62 -29.44 -17.41
CA GLN D 151 36.74 -28.64 -17.92
C GLN D 151 36.21 -27.54 -18.84
N PRO D 152 36.24 -26.28 -18.42
CA PRO D 152 35.84 -25.19 -19.33
C PRO D 152 36.93 -24.88 -20.34
N ASP D 153 36.52 -24.23 -21.43
CA ASP D 153 37.48 -23.78 -22.43
C ASP D 153 38.35 -22.66 -21.89
N PHE D 154 37.77 -21.73 -21.14
CA PHE D 154 38.46 -20.60 -20.56
C PHE D 154 38.15 -20.53 -19.07
N LYS D 155 39.16 -20.19 -18.29
CA LYS D 155 39.03 -20.03 -16.85
C LYS D 155 39.04 -18.55 -16.47
N THR D 156 38.11 -18.16 -15.62
CA THR D 156 38.05 -16.80 -15.08
C THR D 156 38.68 -16.78 -13.70
N ILE D 157 39.75 -16.01 -13.54
CA ILE D 157 40.53 -15.96 -12.31
C ILE D 157 40.50 -14.53 -11.79
N LEU D 158 40.18 -14.37 -10.51
CA LEU D 158 40.36 -13.11 -9.82
C LEU D 158 41.78 -13.05 -9.29
N GLU D 159 42.58 -12.14 -9.82
CA GLU D 159 43.94 -11.96 -9.34
C GLU D 159 43.93 -11.28 -7.98
N SER D 160 44.92 -11.62 -7.16
CA SER D 160 45.01 -11.19 -5.76
C SER D 160 44.85 -9.68 -5.62
N PRO D 161 43.74 -9.22 -5.06
CA PRO D 161 43.49 -7.79 -4.96
C PRO D 161 44.18 -7.15 -3.77
N THR D 162 44.39 -5.86 -3.88
CA THR D 162 44.77 -4.99 -2.78
C THR D 162 43.65 -3.98 -2.61
N ASP D 163 43.88 -2.98 -1.76
CA ASP D 163 42.90 -1.92 -1.61
C ASP D 163 43.03 -0.84 -2.69
N LYS D 164 44.05 -0.93 -3.55
CA LYS D 164 44.25 0.03 -4.61
C LYS D 164 44.09 -0.55 -6.02
N LYS D 165 44.17 -1.87 -6.19
CA LYS D 165 44.06 -2.44 -7.52
C LYS D 165 43.38 -3.80 -7.45
N VAL D 166 42.58 -4.09 -8.47
CA VAL D 166 41.91 -5.38 -8.61
C VAL D 166 41.97 -5.78 -10.08
N GLY D 167 41.91 -7.07 -10.34
CA GLY D 167 42.04 -7.54 -11.71
C GLY D 167 41.45 -8.91 -11.90
N TRP D 168 41.03 -9.18 -13.12
CA TRP D 168 40.55 -10.49 -13.56
C TRP D 168 41.27 -10.87 -14.83
N LYS D 169 41.49 -12.17 -15.00
CA LYS D 169 42.01 -12.70 -16.24
C LYS D 169 41.20 -13.92 -16.66
N VAL D 170 40.86 -13.97 -17.94
CA VAL D 170 40.20 -15.12 -18.55
C VAL D 170 41.23 -15.77 -19.45
N ILE D 171 41.66 -16.97 -19.10
CA ILE D 171 42.80 -17.62 -19.74
C ILE D 171 42.33 -18.88 -20.45
N PHE D 172 43.03 -19.21 -21.54
CA PHE D 172 42.71 -20.41 -22.30
C PHE D 172 43.10 -21.65 -21.51
N ASN D 173 42.16 -22.57 -21.34
CA ASN D 173 42.44 -23.78 -20.59
C ASN D 173 42.81 -24.95 -21.51
N ASN D 174 41.88 -25.38 -22.35
CA ASN D 174 42.13 -26.40 -23.36
C ASN D 174 40.91 -26.46 -24.27
N MET D 175 41.09 -27.09 -25.42
CA MET D 175 40.06 -27.07 -26.44
C MET D 175 40.01 -28.40 -27.16
N VAL D 176 38.83 -28.73 -27.69
CA VAL D 176 38.63 -29.93 -28.50
C VAL D 176 38.78 -29.55 -29.96
N ASN D 177 39.57 -30.31 -30.70
CA ASN D 177 39.84 -30.06 -32.11
C ASN D 177 39.23 -31.19 -32.93
N GLN D 178 38.02 -30.96 -33.43
CA GLN D 178 37.30 -31.91 -34.28
C GLN D 178 37.15 -33.27 -33.60
N ASN D 179 36.59 -33.24 -32.40
CA ASN D 179 36.31 -34.39 -31.53
C ASN D 179 37.58 -35.03 -30.98
N TRP D 180 38.75 -34.46 -31.23
CA TRP D 180 40.00 -34.96 -30.67
C TRP D 180 40.42 -34.07 -29.51
N GLY D 181 41.28 -34.61 -28.65
CA GLY D 181 41.88 -33.82 -27.60
C GLY D 181 41.40 -34.21 -26.21
N PRO D 182 41.30 -33.23 -25.30
CA PRO D 182 41.54 -31.81 -25.54
C PRO D 182 43.02 -31.44 -25.63
N TYR D 183 43.32 -30.38 -26.36
CA TYR D 183 44.67 -29.87 -26.52
C TYR D 183 44.81 -28.54 -25.78
N ASP D 184 46.00 -28.30 -25.24
CA ASP D 184 46.29 -27.01 -24.63
C ASP D 184 47.58 -26.43 -25.18
N ARG D 185 48.05 -25.34 -24.57
CA ARG D 185 49.23 -24.64 -25.08
C ARG D 185 50.52 -25.44 -24.91
N ASP D 186 50.52 -26.47 -24.06
CA ASP D 186 51.70 -27.27 -23.82
C ASP D 186 51.61 -28.67 -24.44
N SER D 187 50.54 -28.97 -25.16
CA SER D 187 50.40 -30.27 -25.80
C SER D 187 51.54 -30.51 -26.78
N TRP D 188 52.12 -31.70 -26.72
CA TRP D 188 53.22 -32.03 -27.62
C TRP D 188 53.11 -33.48 -28.06
N ASN D 189 53.41 -33.71 -29.34
CA ASN D 189 53.42 -35.01 -29.95
C ASN D 189 54.72 -35.08 -30.75
N PRO D 190 55.45 -36.21 -30.69
CA PRO D 190 56.73 -36.26 -31.39
C PRO D 190 56.61 -36.07 -32.89
N VAL D 191 55.52 -36.53 -33.50
CA VAL D 191 55.36 -36.45 -34.95
C VAL D 191 54.68 -35.15 -35.37
N TYR D 192 53.58 -34.78 -34.71
CA TYR D 192 52.78 -33.65 -35.13
C TYR D 192 53.00 -32.39 -34.31
N GLY D 193 53.73 -32.48 -33.19
CA GLY D 193 53.87 -31.31 -32.34
C GLY D 193 52.56 -30.97 -31.65
N ASN D 194 52.28 -29.68 -31.54
CA ASN D 194 51.03 -29.21 -30.97
C ASN D 194 49.97 -29.20 -32.07
N GLN D 195 48.87 -29.91 -31.85
CA GLN D 195 47.79 -30.00 -32.82
C GLN D 195 46.58 -29.17 -32.42
N LEU D 196 46.80 -28.03 -31.75
CA LEU D 196 45.70 -27.27 -31.18
C LEU D 196 44.77 -26.75 -32.27
N PHE D 197 45.32 -26.12 -33.31
CA PHE D 197 44.53 -25.53 -34.38
C PHE D 197 44.85 -26.14 -35.73
N MET D 198 45.39 -27.34 -35.76
CA MET D 198 45.71 -28.01 -37.02
C MET D 198 44.44 -28.65 -37.58
N LYS D 199 44.16 -28.36 -38.85
CA LYS D 199 42.95 -28.89 -39.46
C LYS D 199 43.14 -30.34 -39.91
N THR D 200 44.15 -30.60 -40.72
CA THR D 200 44.43 -31.95 -41.21
C THR D 200 45.86 -32.32 -40.88
N ARG D 201 46.07 -33.60 -40.58
CA ARG D 201 47.40 -34.07 -40.21
C ARG D 201 48.35 -34.06 -41.40
N ASN D 202 47.90 -34.53 -42.56
CA ASN D 202 48.75 -34.60 -43.74
C ASN D 202 48.01 -34.16 -44.99
N GLY D 203 47.19 -33.12 -44.87
CA GLY D 203 46.56 -32.56 -46.06
C GLY D 203 47.57 -31.92 -46.99
N SER D 204 47.19 -31.85 -48.26
CA SER D 204 48.08 -31.39 -49.33
C SER D 204 47.73 -29.99 -49.80
N MET D 205 47.29 -29.13 -48.90
CA MET D 205 47.02 -27.74 -49.20
C MET D 205 48.20 -26.89 -48.74
N LYS D 206 48.09 -25.58 -48.95
CA LYS D 206 49.07 -24.67 -48.39
C LYS D 206 48.80 -24.45 -46.90
N ALA D 207 49.86 -24.10 -46.17
CA ALA D 207 49.77 -24.04 -44.72
C ALA D 207 48.75 -23.03 -44.24
N ALA D 208 48.52 -21.96 -45.02
CA ALA D 208 47.57 -20.93 -44.61
C ALA D 208 46.14 -21.44 -44.58
N ASP D 209 45.85 -22.53 -45.27
CA ASP D 209 44.50 -23.11 -45.30
C ASP D 209 44.41 -24.38 -44.47
N ASN D 210 45.39 -24.65 -43.61
CA ASN D 210 45.38 -25.83 -42.76
C ASN D 210 45.07 -25.51 -41.31
N PHE D 211 44.55 -24.33 -41.03
CA PHE D 211 44.19 -23.94 -39.67
C PHE D 211 42.71 -24.22 -39.44
N LEU D 212 42.39 -24.56 -38.20
CA LEU D 212 41.00 -24.86 -37.85
C LEU D 212 40.11 -23.66 -38.14
N ASP D 213 38.95 -23.94 -38.70
CA ASP D 213 37.99 -22.89 -39.03
C ASP D 213 37.50 -22.22 -37.75
N PRO D 214 37.47 -20.89 -37.68
CA PRO D 214 37.06 -20.23 -36.43
C PRO D 214 35.67 -20.60 -35.98
N ASN D 215 34.77 -20.97 -36.89
CA ASN D 215 33.44 -21.39 -36.51
C ASN D 215 33.44 -22.72 -35.77
N LYS D 216 34.46 -23.54 -35.95
CA LYS D 216 34.56 -24.83 -35.27
C LYS D 216 35.33 -24.76 -33.97
N ALA D 217 35.87 -23.60 -33.62
CA ALA D 217 36.57 -23.40 -32.36
C ALA D 217 35.66 -22.65 -31.39
N SER D 218 36.20 -22.29 -30.23
CA SER D 218 35.47 -21.45 -29.29
C SER D 218 35.17 -20.09 -29.94
N SER D 219 33.99 -19.56 -29.64
CA SER D 219 33.63 -18.24 -30.18
C SER D 219 34.42 -17.12 -29.52
N LEU D 220 35.02 -17.36 -28.36
CA LEU D 220 35.89 -16.37 -27.75
C LEU D 220 37.15 -16.14 -28.56
N LEU D 221 37.59 -17.13 -29.34
CA LEU D 221 38.83 -16.99 -30.08
C LEU D 221 38.72 -15.96 -31.19
N SER D 222 37.57 -15.91 -31.86
CA SER D 222 37.39 -15.00 -32.98
C SER D 222 36.52 -13.80 -32.61
N SER D 223 35.31 -14.05 -32.13
CA SER D 223 34.40 -12.93 -31.87
C SER D 223 34.74 -12.19 -30.60
N GLY D 224 35.25 -12.88 -29.59
CA GLY D 224 35.82 -12.21 -28.44
C GLY D 224 35.04 -12.48 -27.16
N PHE D 225 35.53 -11.88 -26.09
CA PHE D 225 35.05 -12.10 -24.75
C PHE D 225 34.38 -10.84 -24.21
N SER D 226 33.25 -11.00 -23.55
CA SER D 226 32.53 -9.88 -22.99
C SER D 226 32.67 -9.88 -21.48
N PRO D 227 33.47 -8.99 -20.89
CA PRO D 227 33.60 -8.96 -19.44
C PRO D 227 32.32 -8.53 -18.77
N ASP D 228 32.10 -9.05 -17.57
CA ASP D 228 31.08 -8.51 -16.67
C ASP D 228 31.65 -8.61 -15.26
N PHE D 229 32.36 -7.56 -14.85
CA PHE D 229 33.05 -7.59 -13.56
C PHE D 229 32.61 -6.40 -12.72
N ALA D 230 32.40 -6.63 -11.44
CA ALA D 230 31.94 -5.59 -10.52
C ALA D 230 32.99 -5.33 -9.46
N THR D 231 33.22 -4.06 -9.17
CA THR D 231 34.11 -3.67 -8.08
C THR D 231 33.48 -2.52 -7.32
N VAL D 232 33.58 -2.56 -5.99
CA VAL D 232 32.99 -1.57 -5.11
C VAL D 232 34.11 -0.77 -4.47
N ILE D 233 34.04 0.55 -4.64
CA ILE D 233 34.97 1.52 -4.09
C ILE D 233 34.28 2.27 -2.95
N THR D 234 34.98 2.42 -1.82
CA THR D 234 34.45 3.11 -0.65
C THR D 234 35.13 4.46 -0.49
N MET D 235 34.37 5.41 0.07
CA MET D 235 34.89 6.75 0.33
C MET D 235 34.35 7.28 1.64
N ASP D 236 35.20 7.95 2.41
CA ASP D 236 34.76 8.59 3.64
C ASP D 236 33.93 9.84 3.34
N ARG D 237 32.91 10.06 4.17
CA ARG D 237 31.94 11.11 3.86
C ARG D 237 32.51 12.50 4.10
N CYS D 238 33.21 12.71 5.21
CA CYS D 238 33.82 14.00 5.51
C CYS D 238 35.30 13.89 5.16
N ALA D 239 35.61 14.03 3.87
CA ALA D 239 36.97 14.05 3.38
C ALA D 239 37.22 15.36 2.66
N SER D 240 38.45 15.86 2.75
CA SER D 240 38.78 17.14 2.16
C SER D 240 38.57 17.13 0.66
N LYS D 241 39.10 16.11 -0.02
CA LYS D 241 38.99 16.00 -1.46
C LYS D 241 37.92 14.98 -1.81
N GLN D 242 36.93 15.40 -2.59
CA GLN D 242 35.86 14.53 -3.04
C GLN D 242 36.00 14.21 -4.52
N GLN D 243 37.24 14.13 -5.00
CA GLN D 243 37.54 13.75 -6.37
C GLN D 243 38.53 12.60 -6.36
N THR D 244 38.30 11.62 -7.21
CA THR D 244 39.17 10.46 -7.33
C THR D 244 39.52 10.23 -8.79
N ASN D 245 40.69 9.66 -9.03
CA ASN D 245 41.06 9.19 -10.35
C ASN D 245 41.10 7.67 -10.33
N ILE D 246 40.71 7.05 -11.43
CA ILE D 246 40.80 5.59 -11.54
C ILE D 246 41.21 5.21 -12.94
N ASP D 247 42.05 4.19 -13.05
CA ASP D 247 42.50 3.68 -14.33
C ASP D 247 41.87 2.32 -14.60
N VAL D 248 41.30 2.16 -15.79
CA VAL D 248 40.74 0.89 -16.24
C VAL D 248 41.55 0.43 -17.44
N ILE D 249 42.04 -0.80 -17.39
CA ILE D 249 42.88 -1.36 -18.44
C ILE D 249 42.22 -2.62 -18.96
N TYR D 250 42.06 -2.70 -20.27
CA TYR D 250 41.65 -3.91 -20.96
C TYR D 250 42.85 -4.47 -21.69
N GLU D 251 43.05 -5.78 -21.60
CA GLU D 251 44.26 -6.38 -22.15
C GLU D 251 43.91 -7.65 -22.90
N ARG D 252 44.66 -7.89 -23.98
CA ARG D 252 44.59 -9.13 -24.73
C ARG D 252 45.99 -9.66 -24.96
N VAL D 253 46.23 -10.91 -24.59
CA VAL D 253 47.51 -11.57 -24.83
C VAL D 253 47.33 -12.53 -25.99
N ARG D 254 48.23 -12.47 -26.96
CA ARG D 254 48.13 -13.28 -28.17
C ARG D 254 49.32 -14.19 -28.31
N ASP D 255 49.04 -15.47 -28.52
CA ASP D 255 50.01 -16.52 -28.80
C ASP D 255 50.17 -16.69 -30.31
N ASP D 256 51.29 -17.31 -30.68
CA ASP D 256 51.67 -17.50 -32.07
C ASP D 256 51.73 -19.00 -32.37
N TYR D 257 50.81 -19.49 -33.18
CA TYR D 257 50.74 -20.89 -33.56
C TYR D 257 51.25 -21.03 -35.00
N GLN D 258 52.32 -21.78 -35.19
CA GLN D 258 52.92 -21.93 -36.50
C GLN D 258 52.77 -23.36 -37.01
N LEU D 259 52.38 -23.48 -38.27
CA LEU D 259 52.31 -24.76 -38.95
C LEU D 259 53.39 -24.82 -40.01
N HIS D 260 54.09 -25.95 -40.08
CA HIS D 260 55.10 -26.14 -41.11
C HIS D 260 55.08 -27.59 -41.59
N TRP D 261 55.36 -27.75 -42.88
CA TRP D 261 55.33 -29.05 -43.54
C TRP D 261 56.68 -29.74 -43.37
N THR D 262 56.66 -30.98 -42.87
CA THR D 262 57.87 -31.75 -42.63
C THR D 262 58.09 -32.83 -43.69
N SER D 263 57.63 -32.58 -44.91
CA SER D 263 57.85 -33.45 -46.07
C SER D 263 57.05 -34.74 -45.98
N THR D 264 56.39 -34.98 -44.84
CA THR D 264 55.54 -36.15 -44.72
C THR D 264 54.22 -35.80 -44.04
N ASN D 265 54.22 -34.79 -43.19
CA ASN D 265 53.01 -34.40 -42.46
C ASN D 265 53.20 -32.98 -41.95
N TRP D 266 52.15 -32.45 -41.33
CA TRP D 266 52.18 -31.11 -40.77
C TRP D 266 52.65 -31.17 -39.31
N LYS D 267 53.42 -30.16 -38.91
CA LYS D 267 53.87 -30.03 -37.54
C LYS D 267 53.48 -28.66 -37.02
N GLY D 268 52.91 -28.62 -35.82
CA GLY D 268 52.45 -27.39 -35.20
C GLY D 268 53.27 -27.04 -33.97
N THR D 269 53.52 -25.74 -33.79
CA THR D 269 54.25 -25.23 -32.65
C THR D 269 53.50 -24.03 -32.08
N ASN D 270 53.58 -23.85 -30.77
CA ASN D 270 52.93 -22.71 -30.12
C ASN D 270 53.94 -21.93 -29.30
N THR D 271 53.96 -20.61 -29.50
CA THR D 271 54.76 -19.70 -28.71
C THR D 271 53.84 -18.83 -27.87
N LYS D 272 54.10 -18.79 -26.57
CA LYS D 272 53.21 -18.15 -25.62
C LYS D 272 53.51 -16.66 -25.48
N ASP D 273 52.45 -15.88 -25.31
CA ASP D 273 52.54 -14.46 -24.97
C ASP D 273 53.44 -13.70 -25.92
N LYS D 274 53.24 -13.91 -27.21
CA LYS D 274 54.06 -13.21 -28.20
C LYS D 274 53.66 -11.75 -28.34
N TRP D 275 52.36 -11.43 -28.20
CA TRP D 275 51.92 -10.05 -28.31
C TRP D 275 51.02 -9.70 -27.15
N THR D 276 51.00 -8.43 -26.78
CA THR D 276 50.10 -7.93 -25.75
C THR D 276 49.51 -6.61 -26.21
N ASP D 277 48.20 -6.56 -26.32
CA ASP D 277 47.47 -5.34 -26.67
C ASP D 277 46.85 -4.77 -25.40
N ARG D 278 47.15 -3.51 -25.12
CA ARG D 278 46.76 -2.86 -23.88
C ARG D 278 45.97 -1.61 -24.21
N SER D 279 44.83 -1.44 -23.54
CA SER D 279 43.99 -0.26 -23.74
C SER D 279 43.69 0.32 -22.35
N SER D 280 44.36 1.42 -22.02
CA SER D 280 44.24 2.07 -20.73
C SER D 280 43.37 3.30 -20.85
N GLU D 281 42.61 3.60 -19.80
CA GLU D 281 41.69 4.71 -19.86
C GLU D 281 41.51 5.26 -18.45
N ARG D 282 41.55 6.58 -18.32
CA ARG D 282 41.50 7.23 -17.01
C ARG D 282 40.15 7.92 -16.83
N TYR D 283 39.53 7.70 -15.68
CA TYR D 283 38.24 8.28 -15.35
C TYR D 283 38.36 9.12 -14.08
N LYS D 284 37.50 10.12 -13.99
CA LYS D 284 37.42 11.02 -12.86
C LYS D 284 36.11 10.78 -12.13
N ILE D 285 36.21 10.45 -10.85
CA ILE D 285 35.06 10.31 -9.95
C ILE D 285 34.84 11.63 -9.25
N ASP D 286 33.64 12.18 -9.37
CA ASP D 286 33.21 13.30 -8.56
C ASP D 286 32.17 12.79 -7.59
N TRP D 287 32.58 12.63 -6.32
CA TRP D 287 31.70 12.07 -5.31
C TRP D 287 30.59 13.04 -4.92
N GLU D 288 30.87 14.34 -4.94
CA GLU D 288 29.86 15.33 -4.58
C GLU D 288 28.76 15.42 -5.63
N LYS D 289 29.13 15.54 -6.89
CA LYS D 289 28.14 15.53 -7.96
C LYS D 289 27.66 14.13 -8.30
N GLU D 290 28.29 13.10 -7.75
CA GLU D 290 27.98 11.71 -8.04
C GLU D 290 28.00 11.46 -9.55
N GLU D 291 29.15 11.76 -10.15
CA GLU D 291 29.27 11.53 -11.58
C GLU D 291 30.66 10.99 -11.91
N MET D 292 30.72 10.20 -12.96
CA MET D 292 31.96 9.68 -13.50
C MET D 292 32.16 10.28 -14.88
N THR D 293 33.36 10.79 -15.14
CA THR D 293 33.63 11.40 -16.44
C THR D 293 34.94 10.87 -16.98
N ASN D 294 35.14 11.11 -18.27
CA ASN D 294 36.37 10.74 -18.94
C ASN D 294 37.44 11.80 -18.79
N ALA E 2 11.87 -25.59 9.06
CA ALA E 2 11.45 -24.22 8.78
C ALA E 2 10.16 -23.89 9.50
N ASP E 3 9.73 -22.63 9.40
CA ASP E 3 8.50 -22.21 10.05
C ASP E 3 7.30 -22.95 9.48
N SER E 4 7.28 -23.15 8.16
CA SER E 4 6.13 -23.80 7.53
C SER E 4 5.96 -25.24 7.97
N ASP E 5 7.04 -25.90 8.38
CA ASP E 5 6.95 -27.27 8.85
C ASP E 5 6.22 -27.38 10.18
N ILE E 6 6.18 -26.31 10.96
CA ILE E 6 5.50 -26.33 12.25
C ILE E 6 4.32 -25.37 12.23
N ASN E 7 3.73 -25.17 11.05
CA ASN E 7 2.50 -24.39 10.87
C ASN E 7 2.66 -22.93 11.25
N ILE E 8 3.84 -22.36 11.01
CA ILE E 8 4.11 -20.96 11.31
C ILE E 8 4.33 -20.23 9.99
N LYS E 9 3.84 -19.00 9.91
CA LYS E 9 4.08 -18.19 8.72
C LYS E 9 5.57 -17.98 8.52
N THR E 10 6.00 -17.95 7.27
CA THR E 10 7.41 -17.83 6.96
C THR E 10 7.97 -16.49 7.43
N GLY E 11 9.13 -16.53 8.06
CA GLY E 11 9.75 -15.32 8.56
C GLY E 11 9.14 -14.75 9.81
N THR E 12 8.22 -15.46 10.44
CA THR E 12 7.57 -14.94 11.64
C THR E 12 8.55 -14.80 12.79
N THR E 13 9.45 -15.76 12.96
CA THR E 13 10.35 -15.82 14.09
C THR E 13 11.73 -15.26 13.78
N ASP E 14 11.87 -14.49 12.71
CA ASP E 14 13.16 -13.93 12.32
C ASP E 14 13.35 -12.54 12.92
N ILE E 15 14.60 -12.19 13.16
CA ILE E 15 14.98 -10.92 13.76
C ILE E 15 15.14 -9.87 12.68
N GLY E 16 14.77 -8.64 13.00
CA GLY E 16 15.06 -7.51 12.15
C GLY E 16 13.91 -6.94 11.36
N SER E 17 12.70 -6.98 11.89
CA SER E 17 11.55 -6.37 11.24
C SER E 17 11.30 -4.99 11.81
N ASN E 18 11.09 -4.02 10.91
CA ASN E 18 10.84 -2.63 11.28
C ASN E 18 11.97 -2.09 12.15
N THR E 19 13.20 -2.37 11.73
CA THR E 19 14.39 -1.97 12.46
C THR E 19 15.31 -1.20 11.52
N THR E 20 15.94 -0.16 12.05
CA THR E 20 16.98 0.56 11.33
C THR E 20 18.32 -0.12 11.59
N VAL E 21 18.91 -0.67 10.54
CA VAL E 21 20.17 -1.40 10.64
C VAL E 21 21.31 -0.46 10.29
N LYS E 22 22.36 -0.45 11.09
CA LYS E 22 23.50 0.42 10.85
C LYS E 22 24.66 -0.41 10.31
N THR E 23 24.99 -0.23 9.04
CA THR E 23 26.02 -1.03 8.39
C THR E 23 27.30 -0.23 8.23
N GLY E 24 28.38 -0.95 7.97
CA GLY E 24 29.66 -0.30 7.78
C GLY E 24 30.68 -1.24 7.19
N ASP E 25 31.71 -0.65 6.60
CA ASP E 25 32.79 -1.38 5.94
C ASP E 25 34.12 -0.87 6.46
N LEU E 26 35.01 -1.79 6.81
CA LEU E 26 36.36 -1.46 7.22
C LEU E 26 37.33 -2.27 6.38
N VAL E 27 38.23 -1.59 5.67
CA VAL E 27 39.11 -2.21 4.69
C VAL E 27 40.55 -1.98 5.12
N THR E 28 41.34 -3.05 5.13
CA THR E 28 42.77 -2.96 5.38
C THR E 28 43.50 -3.80 4.35
N TYR E 29 44.72 -3.40 4.02
CA TYR E 29 45.58 -4.22 3.18
C TYR E 29 46.91 -4.42 3.89
N ASP E 30 47.19 -5.66 4.27
CA ASP E 30 48.47 -6.05 4.83
C ASP E 30 49.40 -6.42 3.68
N LYS E 31 50.35 -5.54 3.39
CA LYS E 31 51.21 -5.72 2.22
C LYS E 31 52.26 -6.80 2.46
N GLU E 32 52.78 -6.89 3.68
CA GLU E 32 53.79 -7.90 3.97
C GLU E 32 53.23 -9.31 3.83
N ASN E 33 52.01 -9.53 4.31
CA ASN E 33 51.38 -10.84 4.25
C ASN E 33 50.48 -11.01 3.04
N GLY E 34 50.33 -9.99 2.21
CA GLY E 34 49.50 -10.09 1.03
C GLY E 34 48.05 -10.40 1.32
N MET E 35 47.45 -9.69 2.27
CA MET E 35 46.10 -9.99 2.72
C MET E 35 45.24 -8.76 2.60
N HIS E 36 44.15 -8.86 1.85
CA HIS E 36 43.16 -7.80 1.75
C HIS E 36 42.02 -8.15 2.69
N LYS E 37 41.96 -7.48 3.83
CA LYS E 37 41.00 -7.81 4.87
C LYS E 37 39.85 -6.84 4.82
N LYS E 38 38.62 -7.37 4.87
CA LYS E 38 37.44 -6.53 4.83
C LYS E 38 36.46 -7.01 5.90
N VAL E 39 35.97 -6.08 6.70
CA VAL E 39 34.94 -6.37 7.69
C VAL E 39 33.69 -5.60 7.28
N PHE E 40 32.61 -6.31 7.04
CA PHE E 40 31.31 -5.70 6.79
C PHE E 40 30.45 -5.96 8.02
N TYR E 41 30.13 -4.91 8.75
CA TYR E 41 29.39 -5.08 9.99
C TYR E 41 27.99 -4.49 9.88
N SER E 42 27.09 -5.04 10.68
CA SER E 42 25.70 -4.61 10.74
C SER E 42 25.24 -4.63 12.18
N PHE E 43 24.84 -3.47 12.69
CA PHE E 43 24.22 -3.36 14.00
C PHE E 43 22.72 -3.48 13.85
N ILE E 44 22.13 -4.42 14.59
CA ILE E 44 20.70 -4.65 14.62
C ILE E 44 20.22 -4.49 16.05
N ASP E 45 19.34 -3.52 16.27
CA ASP E 45 18.73 -3.31 17.59
C ASP E 45 17.23 -3.47 17.41
N ASP E 46 16.76 -4.71 17.52
CA ASP E 46 15.34 -5.02 17.41
C ASP E 46 14.71 -4.92 18.80
N LYS E 47 13.68 -4.08 18.94
CA LYS E 47 13.06 -3.90 20.25
C LYS E 47 12.43 -5.19 20.75
N ASN E 48 12.02 -6.06 19.85
CA ASN E 48 11.39 -7.32 20.22
C ASN E 48 12.41 -8.42 20.52
N HIS E 49 13.70 -8.15 20.40
CA HIS E 49 14.74 -9.10 20.72
C HIS E 49 15.36 -8.73 22.05
N ASN E 50 15.76 -9.74 22.83
CA ASN E 50 16.23 -9.51 24.18
C ASN E 50 17.66 -8.99 24.24
N LYS E 51 18.33 -8.81 23.11
CA LYS E 51 19.70 -8.35 23.09
C LYS E 51 19.96 -7.52 21.84
N LYS E 52 21.07 -6.79 21.86
CA LYS E 52 21.57 -6.10 20.68
C LYS E 52 22.48 -7.03 19.90
N LEU E 53 22.38 -6.99 18.58
CA LEU E 53 23.11 -7.89 17.71
C LEU E 53 24.11 -7.13 16.84
N LEU E 54 25.29 -7.69 16.70
CA LEU E 54 26.26 -7.24 15.71
C LEU E 54 26.60 -8.41 14.80
N VAL E 55 26.32 -8.27 13.52
CA VAL E 55 26.73 -9.25 12.52
C VAL E 55 28.01 -8.77 11.88
N ILE E 56 29.07 -9.56 12.01
CA ILE E 56 30.37 -9.27 11.42
C ILE E 56 30.59 -10.27 10.29
N ARG E 57 30.83 -9.77 9.09
CA ARG E 57 31.16 -10.60 7.95
C ARG E 57 32.62 -10.35 7.59
N THR E 58 33.44 -11.37 7.74
CA THR E 58 34.83 -11.30 7.32
C THR E 58 34.92 -11.72 5.86
N LYS E 59 35.47 -10.83 5.05
CA LYS E 59 35.62 -11.00 3.61
C LYS E 59 36.99 -10.49 3.22
N GLY E 60 37.23 -10.41 1.93
CA GLY E 60 38.53 -10.00 1.43
C GLY E 60 39.17 -11.12 0.64
N THR E 61 40.49 -11.15 0.63
CA THR E 61 41.22 -12.19 -0.09
C THR E 61 42.57 -12.39 0.55
N ILE E 62 42.89 -13.65 0.86
CA ILE E 62 44.23 -14.05 1.25
C ILE E 62 44.90 -14.58 0.00
N ALA E 63 45.97 -13.93 -0.43
CA ALA E 63 46.69 -14.37 -1.62
C ALA E 63 47.32 -15.74 -1.40
N GLY E 64 47.29 -16.57 -2.44
CA GLY E 64 47.83 -17.90 -2.32
C GLY E 64 49.34 -17.92 -2.19
N GLN E 65 50.04 -17.18 -3.04
CA GLN E 65 51.51 -17.08 -3.04
C GLN E 65 52.16 -18.43 -3.33
N TYR E 66 51.70 -19.09 -4.39
CA TYR E 66 52.32 -20.30 -4.93
C TYR E 66 53.57 -19.88 -5.68
N ARG E 67 54.74 -20.19 -5.13
CA ARG E 67 55.95 -19.53 -5.60
C ARG E 67 57.16 -20.42 -5.50
N VAL E 68 57.93 -20.51 -6.58
CA VAL E 68 59.23 -21.17 -6.54
C VAL E 68 60.18 -20.26 -5.77
N TYR E 69 60.67 -20.73 -4.61
CA TYR E 69 61.43 -19.85 -3.74
C TYR E 69 62.92 -20.16 -3.67
N SER E 70 63.34 -21.39 -3.96
CA SER E 70 64.73 -21.76 -3.87
C SER E 70 65.15 -22.52 -5.12
N GLU E 71 66.38 -22.29 -5.55
CA GLU E 71 66.94 -22.96 -6.73
C GLU E 71 68.39 -23.30 -6.42
N GLU E 72 68.64 -24.51 -5.94
CA GLU E 72 70.00 -24.98 -5.66
C GLU E 72 70.55 -25.65 -6.91
N GLY E 73 71.25 -24.87 -7.72
CA GLY E 73 71.81 -25.40 -8.96
C GLY E 73 70.72 -25.67 -9.95
N ALA E 74 70.77 -26.85 -10.58
CA ALA E 74 69.76 -27.22 -11.56
C ALA E 74 69.10 -28.56 -11.27
N ASN E 75 69.51 -29.25 -10.20
CA ASN E 75 68.94 -30.55 -9.85
C ASN E 75 68.04 -30.49 -8.62
N LYS E 76 67.94 -29.34 -7.96
CA LYS E 76 67.13 -29.21 -6.76
C LYS E 76 66.37 -27.91 -6.81
N SER E 77 65.11 -27.94 -6.37
CA SER E 77 64.32 -26.71 -6.30
C SER E 77 63.22 -26.88 -5.26
N GLY E 78 62.69 -25.75 -4.82
CA GLY E 78 61.64 -25.75 -3.82
C GLY E 78 60.52 -24.77 -4.12
N LEU E 79 59.30 -25.17 -3.79
CA LEU E 79 58.09 -24.41 -4.06
C LEU E 79 57.31 -24.24 -2.77
N ALA E 80 56.96 -23.00 -2.43
CA ALA E 80 56.11 -22.73 -1.29
C ALA E 80 54.68 -22.61 -1.77
N TRP E 81 53.76 -23.34 -1.13
CA TRP E 81 52.38 -23.32 -1.57
C TRP E 81 51.43 -23.30 -0.39
N PRO E 82 50.24 -22.70 -0.55
CA PRO E 82 49.31 -22.58 0.58
C PRO E 82 48.53 -23.87 0.81
N SER E 83 48.72 -24.46 1.98
CA SER E 83 47.96 -25.64 2.36
C SER E 83 46.74 -25.33 3.23
N ALA E 84 46.68 -24.14 3.83
CA ALA E 84 45.54 -23.79 4.65
C ALA E 84 45.38 -22.28 4.71
N PHE E 85 44.13 -21.83 4.68
CA PHE E 85 43.75 -20.46 4.96
C PHE E 85 42.89 -20.45 6.22
N LYS E 86 43.07 -19.46 7.09
CA LYS E 86 42.34 -19.46 8.34
C LYS E 86 41.79 -18.07 8.63
N VAL E 87 40.63 -18.03 9.26
CA VAL E 87 40.05 -16.79 9.77
C VAL E 87 39.54 -17.04 11.17
N GLN E 88 39.96 -16.21 12.12
CA GLN E 88 39.54 -16.35 13.52
C GLN E 88 39.07 -15.03 14.07
N LEU E 89 38.04 -15.08 14.90
CA LEU E 89 37.53 -13.93 15.65
C LEU E 89 37.56 -14.27 17.13
N GLN E 90 38.14 -13.37 17.92
CA GLN E 90 38.28 -13.60 19.35
C GLN E 90 37.86 -12.36 20.12
N LEU E 91 37.10 -12.56 21.19
CA LEU E 91 36.75 -11.58 22.18
C LEU E 91 37.62 -11.76 23.42
N PRO E 92 38.10 -10.67 24.04
CA PRO E 92 38.83 -10.80 25.30
C PRO E 92 37.94 -11.40 26.38
N ASP E 93 38.58 -12.16 27.29
CA ASP E 93 37.84 -12.92 28.27
C ASP E 93 37.07 -12.06 29.26
N ASN E 94 37.41 -10.78 29.37
CA ASN E 94 36.74 -9.89 30.32
C ASN E 94 35.50 -9.23 29.73
N GLU E 95 35.23 -9.39 28.43
CA GLU E 95 34.07 -8.76 27.83
C GLU E 95 32.79 -9.49 28.24
N VAL E 96 31.67 -8.78 28.16
CA VAL E 96 30.37 -9.37 28.42
C VAL E 96 29.62 -9.72 27.13
N ALA E 97 30.10 -9.27 25.98
CA ALA E 97 29.54 -9.70 24.72
C ALA E 97 29.92 -11.16 24.46
N GLN E 98 29.01 -11.88 23.81
CA GLN E 98 29.21 -13.29 23.53
C GLN E 98 29.04 -13.57 22.05
N ILE E 99 29.86 -14.48 21.54
CA ILE E 99 29.61 -15.01 20.21
C ILE E 99 28.37 -15.87 20.26
N SER E 100 27.36 -15.48 19.48
CA SER E 100 26.07 -16.15 19.51
C SER E 100 25.82 -17.05 18.31
N ASP E 101 26.23 -16.64 17.12
CA ASP E 101 25.97 -17.46 15.95
C ASP E 101 27.13 -17.36 14.96
N TYR E 102 27.15 -18.28 14.01
CA TYR E 102 28.22 -18.33 13.02
C TYR E 102 27.74 -19.10 11.81
N TYR E 103 28.31 -18.75 10.66
CA TYR E 103 27.98 -19.39 9.40
C TYR E 103 29.17 -19.25 8.47
N PRO E 104 29.51 -20.30 7.70
CA PRO E 104 28.90 -21.62 7.63
C PRO E 104 29.31 -22.56 8.75
N ARG E 105 28.64 -23.71 8.84
CA ARG E 105 28.93 -24.74 9.82
C ARG E 105 29.34 -26.01 9.09
N ASN E 106 29.69 -27.03 9.86
CA ASN E 106 30.07 -28.31 9.29
C ASN E 106 28.85 -29.08 8.83
N SER E 107 28.91 -29.62 7.62
CA SER E 107 27.83 -30.40 7.04
C SER E 107 28.16 -31.88 7.06
N ILE E 108 27.14 -32.70 7.00
CA ILE E 108 27.29 -34.15 6.94
C ILE E 108 27.46 -34.56 5.49
N ASP E 109 28.56 -35.24 5.19
CA ASP E 109 28.83 -35.72 3.85
C ASP E 109 28.06 -36.99 3.56
N THR E 110 27.73 -37.19 2.29
CA THR E 110 27.01 -38.37 1.84
C THR E 110 27.77 -39.07 0.72
N LYS E 111 27.48 -40.35 0.57
CA LYS E 111 28.04 -41.17 -0.49
C LYS E 111 26.93 -42.02 -1.08
N GLU E 112 27.14 -42.44 -2.33
CA GLU E 112 26.18 -43.27 -3.03
C GLU E 112 26.76 -44.68 -3.16
N TYR E 113 25.98 -45.66 -2.73
CA TYR E 113 26.37 -47.06 -2.77
C TYR E 113 25.56 -47.80 -3.82
N MET E 114 26.22 -48.66 -4.57
CA MET E 114 25.55 -49.49 -5.57
C MET E 114 26.01 -50.92 -5.42
N SER E 115 25.07 -51.86 -5.48
CA SER E 115 25.40 -53.28 -5.48
C SER E 115 24.76 -53.95 -6.69
N THR E 116 25.52 -54.84 -7.32
CA THR E 116 25.11 -55.51 -8.54
C THR E 116 25.30 -57.00 -8.40
N LEU E 117 24.29 -57.76 -8.83
CA LEU E 117 24.39 -59.21 -8.91
C LEU E 117 23.90 -59.63 -10.28
N THR E 118 24.75 -60.33 -11.03
CA THR E 118 24.37 -60.82 -12.34
C THR E 118 24.74 -62.28 -12.46
N TYR E 119 23.94 -63.02 -13.23
CA TYR E 119 24.26 -64.41 -13.52
C TYR E 119 23.82 -64.71 -14.94
N GLY E 120 24.49 -65.69 -15.55
CA GLY E 120 24.20 -65.99 -16.93
C GLY E 120 24.59 -67.40 -17.30
N PHE E 121 23.98 -67.87 -18.38
CA PHE E 121 24.30 -69.15 -18.98
C PHE E 121 24.63 -68.94 -20.45
N ASN E 122 25.51 -69.78 -20.97
CA ASN E 122 25.90 -69.70 -22.37
C ASN E 122 26.16 -71.09 -22.90
N SER E 123 26.06 -71.23 -24.22
CA SER E 123 26.23 -72.51 -24.87
C SER E 123 26.83 -72.28 -26.24
N ASN E 124 27.53 -73.29 -26.75
CA ASN E 124 28.05 -73.21 -28.11
C ASN E 124 28.21 -74.61 -28.69
N VAL E 125 28.09 -74.70 -30.01
CA VAL E 125 28.22 -75.95 -30.75
C VAL E 125 29.32 -75.75 -31.78
N THR E 126 30.26 -76.69 -31.83
CA THR E 126 31.44 -76.57 -32.67
C THR E 126 31.47 -77.67 -33.72
N GLY E 127 31.98 -77.33 -34.91
CA GLY E 127 32.17 -78.30 -35.97
C GLY E 127 33.31 -77.88 -36.88
N ASP E 128 33.71 -78.79 -37.75
CA ASP E 128 34.77 -78.52 -38.70
C ASP E 128 34.57 -79.40 -39.93
N ASP E 129 35.54 -79.36 -40.85
CA ASP E 129 35.45 -80.17 -42.06
C ASP E 129 35.62 -81.65 -41.75
N THR E 130 36.36 -81.98 -40.69
CA THR E 130 36.58 -83.38 -40.34
C THR E 130 35.28 -84.09 -40.03
N GLY E 131 34.37 -83.42 -39.33
CA GLY E 131 33.12 -84.01 -38.91
C GLY E 131 32.94 -84.16 -37.42
N LYS E 132 33.88 -83.67 -36.63
CA LYS E 132 33.80 -83.74 -35.18
C LYS E 132 32.88 -82.63 -34.68
N ILE E 133 31.81 -83.00 -33.99
CA ILE E 133 30.83 -82.06 -33.48
C ILE E 133 31.08 -81.88 -31.99
N GLY E 134 31.49 -80.68 -31.59
CA GLY E 134 31.72 -80.36 -30.20
C GLY E 134 30.53 -79.69 -29.56
N GLY E 135 30.73 -79.27 -28.31
CA GLY E 135 29.68 -78.60 -27.56
C GLY E 135 30.18 -78.07 -26.24
N LEU E 136 29.51 -77.05 -25.69
CA LEU E 136 29.96 -76.44 -24.45
C LEU E 136 28.77 -75.75 -23.78
N ILE E 137 28.53 -76.10 -22.52
CA ILE E 137 27.57 -75.43 -21.65
C ILE E 137 28.36 -74.73 -20.55
N GLY E 138 27.94 -73.52 -20.19
CA GLY E 138 28.64 -72.78 -19.16
C GLY E 138 27.71 -71.85 -18.40
N ALA E 139 28.13 -71.51 -17.19
CA ALA E 139 27.38 -70.60 -16.34
C ALA E 139 28.34 -69.72 -15.57
N ASN E 140 27.87 -68.54 -15.16
CA ASN E 140 28.69 -67.61 -14.42
C ASN E 140 27.83 -66.76 -13.51
N VAL E 141 28.44 -66.28 -12.42
CA VAL E 141 27.81 -65.38 -11.47
C VAL E 141 28.83 -64.31 -11.08
N SER E 142 28.37 -63.08 -10.93
CA SER E 142 29.24 -61.95 -10.63
C SER E 142 28.56 -61.03 -9.64
N ILE E 143 29.33 -60.56 -8.65
CA ILE E 143 28.88 -59.61 -7.65
C ILE E 143 29.78 -58.39 -7.69
N GLY E 144 29.19 -57.22 -7.63
CA GLY E 144 29.96 -55.98 -7.68
C GLY E 144 29.44 -54.96 -6.70
N HIS E 145 30.33 -54.09 -6.24
CA HIS E 145 29.99 -52.99 -5.36
C HIS E 145 30.67 -51.72 -5.87
N THR E 146 29.95 -50.61 -5.81
CA THR E 146 30.44 -49.33 -6.31
C THR E 146 30.15 -48.26 -5.26
N LEU E 147 31.11 -47.34 -5.09
CA LEU E 147 30.99 -46.24 -4.14
C LEU E 147 31.30 -44.94 -4.87
N ARG E 148 30.41 -43.96 -4.77
CA ARG E 148 30.57 -42.70 -5.49
C ARG E 148 30.41 -41.53 -4.53
N TYR E 149 31.32 -40.57 -4.60
CA TYR E 149 31.22 -39.37 -3.77
C TYR E 149 32.03 -38.25 -4.39
N VAL E 150 31.79 -37.04 -3.91
CA VAL E 150 32.39 -35.83 -4.44
C VAL E 150 33.55 -35.41 -3.55
N GLN E 151 34.67 -35.05 -4.16
CA GLN E 151 35.85 -34.58 -3.43
C GLN E 151 36.19 -33.15 -3.86
N PRO E 152 36.02 -32.15 -3.02
CA PRO E 152 36.48 -30.80 -3.36
C PRO E 152 37.98 -30.67 -3.25
N ASP E 153 38.52 -29.67 -3.93
CA ASP E 153 39.94 -29.36 -3.84
C ASP E 153 40.31 -28.85 -2.44
N PHE E 154 39.45 -28.03 -1.85
CA PHE E 154 39.65 -27.48 -0.52
C PHE E 154 38.41 -27.72 0.31
N LYS E 155 38.61 -28.01 1.59
CA LYS E 155 37.52 -28.21 2.54
C LYS E 155 37.39 -27.01 3.46
N THR E 156 36.16 -26.54 3.64
CA THR E 156 35.85 -25.46 4.57
C THR E 156 35.32 -26.07 5.86
N ILE E 157 35.98 -25.75 6.97
CA ILE E 157 35.71 -26.38 8.25
C ILE E 157 35.50 -25.31 9.30
N LEU E 158 34.40 -25.38 10.03
CA LEU E 158 34.18 -24.53 11.19
C LEU E 158 34.84 -25.18 12.40
N GLU E 159 35.88 -24.55 12.92
CA GLU E 159 36.54 -25.07 14.11
C GLU E 159 35.66 -24.84 15.33
N SER E 160 35.77 -25.75 16.31
CA SER E 160 34.90 -25.79 17.48
C SER E 160 34.84 -24.45 18.18
N PRO E 161 33.71 -23.76 18.12
CA PRO E 161 33.60 -22.42 18.69
C PRO E 161 33.21 -22.42 20.15
N THR E 162 33.57 -21.32 20.81
CA THR E 162 33.15 -21.02 22.17
C THR E 162 32.32 -19.74 22.12
N ASP E 163 31.99 -19.21 23.28
CA ASP E 163 31.29 -17.92 23.32
C ASP E 163 32.23 -16.74 23.18
N LYS E 164 33.55 -16.96 23.21
CA LYS E 164 34.53 -15.90 23.04
C LYS E 164 35.39 -16.05 21.80
N LYS E 165 35.25 -17.14 21.06
CA LYS E 165 36.21 -17.42 19.98
C LYS E 165 35.55 -18.29 18.93
N VAL E 166 35.67 -17.90 17.67
CA VAL E 166 35.18 -18.69 16.54
C VAL E 166 36.23 -18.65 15.44
N GLY E 167 36.22 -19.68 14.59
CA GLY E 167 37.22 -19.76 13.55
C GLY E 167 36.81 -20.72 12.44
N TRP E 168 37.30 -20.44 11.25
CA TRP E 168 37.15 -21.30 10.09
C TRP E 168 38.52 -21.56 9.48
N LYS E 169 38.67 -22.74 8.90
CA LYS E 169 39.86 -23.06 8.12
C LYS E 169 39.46 -23.71 6.81
N VAL E 170 40.11 -23.29 5.74
CA VAL E 170 39.97 -23.89 4.42
C VAL E 170 41.28 -24.61 4.14
N ILE E 171 41.22 -25.93 4.06
CA ILE E 171 42.42 -26.76 4.00
C ILE E 171 42.47 -27.49 2.68
N PHE E 172 43.68 -27.75 2.21
CA PHE E 172 43.88 -28.49 0.97
C PHE E 172 43.49 -29.94 1.16
N ASN E 173 42.67 -30.46 0.25
CA ASN E 173 42.21 -31.84 0.33
C ASN E 173 42.98 -32.76 -0.61
N ASN E 174 42.89 -32.54 -1.92
CA ASN E 174 43.66 -33.26 -2.92
C ASN E 174 43.41 -32.60 -4.26
N MET E 175 44.32 -32.86 -5.21
CA MET E 175 44.29 -32.15 -6.47
C MET E 175 44.64 -33.11 -7.60
N VAL E 176 44.08 -32.83 -8.77
CA VAL E 176 44.39 -33.58 -9.98
C VAL E 176 45.55 -32.89 -10.69
N ASN E 177 46.55 -33.68 -11.08
CA ASN E 177 47.75 -33.16 -11.73
C ASN E 177 47.80 -33.69 -13.16
N GLN E 178 47.32 -32.88 -14.10
CA GLN E 178 47.32 -33.22 -15.53
C GLN E 178 46.61 -34.56 -15.77
N ASN E 179 45.36 -34.64 -15.30
CA ASN E 179 44.47 -35.78 -15.40
C ASN E 179 44.92 -36.99 -14.61
N TRP E 180 46.00 -36.88 -13.83
CA TRP E 180 46.46 -37.95 -12.95
C TRP E 180 46.02 -37.66 -11.52
N GLY E 181 46.03 -38.69 -10.70
CA GLY E 181 45.76 -38.54 -9.29
C GLY E 181 44.39 -39.03 -8.88
N PRO E 182 43.75 -38.33 -7.94
CA PRO E 182 44.23 -37.11 -7.29
C PRO E 182 45.32 -37.35 -6.25
N TYR E 183 46.19 -36.36 -6.07
CA TYR E 183 47.28 -36.42 -5.11
C TYR E 183 46.99 -35.52 -3.92
N ASP E 184 47.45 -35.94 -2.75
CA ASP E 184 47.33 -35.11 -1.56
C ASP E 184 48.69 -34.92 -0.90
N ARG E 185 48.71 -34.31 0.28
CA ARG E 185 49.96 -33.99 0.95
C ARG E 185 50.71 -35.22 1.44
N ASP E 186 50.05 -36.38 1.53
CA ASP E 186 50.68 -37.59 2.01
C ASP E 186 50.89 -38.63 0.92
N SER E 187 50.64 -38.28 -0.34
CA SER E 187 50.87 -39.22 -1.44
C SER E 187 52.33 -39.60 -1.52
N TRP E 188 52.61 -40.89 -1.65
CA TRP E 188 53.97 -41.36 -1.76
C TRP E 188 54.06 -42.46 -2.80
N ASN E 189 55.15 -42.44 -3.57
CA ASN E 189 55.43 -43.41 -4.58
C ASN E 189 56.90 -43.77 -4.37
N PRO E 190 57.26 -45.05 -4.44
CA PRO E 190 58.66 -45.43 -4.18
C PRO E 190 59.64 -44.79 -5.15
N VAL E 191 59.24 -44.57 -6.40
CA VAL E 191 60.16 -44.06 -7.42
C VAL E 191 60.09 -42.53 -7.50
N TYR E 192 58.89 -41.97 -7.54
CA TYR E 192 58.72 -40.54 -7.76
C TYR E 192 58.42 -39.76 -6.50
N GLY E 193 58.13 -40.42 -5.38
CA GLY E 193 57.77 -39.69 -4.18
C GLY E 193 56.39 -39.07 -4.32
N ASN E 194 56.26 -37.84 -3.84
CA ASN E 194 55.02 -37.09 -3.97
C ASN E 194 55.02 -36.37 -5.32
N GLN E 195 53.99 -36.60 -6.12
CA GLN E 195 53.88 -36.00 -7.45
C GLN E 195 52.81 -34.92 -7.52
N LEU E 196 52.65 -34.16 -6.43
CA LEU E 196 51.58 -33.17 -6.37
C LEU E 196 51.74 -32.09 -7.44
N PHE E 197 52.92 -31.48 -7.50
CA PHE E 197 53.16 -30.37 -8.42
C PHE E 197 54.29 -30.68 -9.39
N MET E 198 54.57 -31.95 -9.64
CA MET E 198 55.60 -32.34 -10.58
C MET E 198 55.05 -32.25 -12.00
N LYS E 199 55.74 -31.49 -12.86
CA LYS E 199 55.26 -31.32 -14.23
C LYS E 199 55.58 -32.54 -15.09
N THR E 200 56.85 -32.95 -15.12
CA THR E 200 57.27 -34.12 -15.88
C THR E 200 58.06 -35.06 -14.98
N ARG E 201 57.93 -36.36 -15.25
CA ARG E 201 58.60 -37.36 -14.44
C ARG E 201 60.10 -37.44 -14.75
N ASN E 202 60.49 -37.32 -16.02
CA ASN E 202 61.90 -37.42 -16.38
C ASN E 202 62.26 -36.37 -17.42
N GLY E 203 61.72 -35.17 -17.28
CA GLY E 203 62.14 -34.08 -18.15
C GLY E 203 63.57 -33.67 -17.88
N SER E 204 64.21 -33.12 -18.92
CA SER E 204 65.63 -32.77 -18.86
C SER E 204 65.85 -31.30 -18.54
N MET E 205 64.80 -30.58 -18.14
CA MET E 205 64.92 -29.18 -17.77
C MET E 205 65.54 -29.06 -16.38
N LYS E 206 65.73 -27.84 -15.92
CA LYS E 206 66.16 -27.62 -14.54
C LYS E 206 64.98 -27.73 -13.59
N ALA E 207 65.29 -28.00 -12.33
CA ALA E 207 64.24 -28.31 -11.36
C ALA E 207 63.27 -27.14 -11.17
N ALA E 208 63.76 -25.91 -11.32
CA ALA E 208 62.88 -24.76 -11.15
C ALA E 208 61.80 -24.67 -12.21
N ASP E 209 61.99 -25.34 -13.35
CA ASP E 209 61.03 -25.33 -14.44
C ASP E 209 60.22 -26.61 -14.53
N ASN E 210 60.29 -27.46 -13.51
CA ASN E 210 59.56 -28.73 -13.51
C ASN E 210 58.36 -28.71 -12.57
N PHE E 211 57.91 -27.53 -12.16
CA PHE E 211 56.74 -27.42 -11.30
C PHE E 211 55.51 -27.14 -12.15
N LEU E 212 54.37 -27.65 -11.69
CA LEU E 212 53.12 -27.48 -12.41
C LEU E 212 52.79 -25.99 -12.56
N ASP E 213 52.31 -25.64 -13.73
CA ASP E 213 51.93 -24.26 -14.01
C ASP E 213 50.77 -23.85 -13.09
N PRO E 214 50.85 -22.68 -12.44
CA PRO E 214 49.74 -22.27 -11.57
C PRO E 214 48.40 -22.18 -12.28
N ASN E 215 48.39 -21.90 -13.58
CA ASN E 215 47.15 -21.87 -14.33
C ASN E 215 46.53 -23.26 -14.46
N LYS E 216 47.32 -24.32 -14.38
CA LYS E 216 46.82 -25.67 -14.49
C LYS E 216 46.42 -26.27 -13.14
N ALA E 217 46.62 -25.55 -12.05
CA ALA E 217 46.24 -25.99 -10.72
C ALA E 217 45.02 -25.23 -10.25
N SER E 218 44.62 -25.46 -9.00
CA SER E 218 43.54 -24.71 -8.41
C SER E 218 43.90 -23.23 -8.36
N SER E 219 42.91 -22.37 -8.63
CA SER E 219 43.16 -20.94 -8.59
C SER E 219 43.36 -20.42 -7.18
N LEU E 220 42.96 -21.18 -6.16
CA LEU E 220 43.25 -20.80 -4.78
C LEU E 220 44.73 -20.87 -4.46
N LEU E 221 45.49 -21.68 -5.18
CA LEU E 221 46.90 -21.85 -4.86
C LEU E 221 47.71 -20.60 -5.18
N SER E 222 47.39 -19.92 -6.26
CA SER E 222 48.13 -18.75 -6.68
C SER E 222 47.39 -17.45 -6.43
N SER E 223 46.16 -17.33 -6.94
CA SER E 223 45.44 -16.07 -6.82
C SER E 223 44.85 -15.88 -5.42
N GLY E 224 44.44 -16.95 -4.76
CA GLY E 224 44.10 -16.89 -3.36
C GLY E 224 42.63 -17.18 -3.11
N PHE E 225 42.29 -17.13 -1.83
CA PHE E 225 40.98 -17.51 -1.33
C PHE E 225 40.26 -16.29 -0.77
N SER E 226 38.97 -16.17 -1.08
CA SER E 226 38.16 -15.06 -0.59
C SER E 226 37.22 -15.54 0.49
N PRO E 227 37.46 -15.22 1.76
CA PRO E 227 36.55 -15.66 2.81
C PRO E 227 35.21 -14.97 2.70
N ASP E 228 34.17 -15.66 3.13
CA ASP E 228 32.86 -15.06 3.36
C ASP E 228 32.27 -15.73 4.60
N PHE E 229 32.58 -15.19 5.77
CA PHE E 229 32.17 -15.82 7.01
C PHE E 229 31.37 -14.85 7.85
N ALA E 230 30.33 -15.33 8.53
CA ALA E 230 29.48 -14.49 9.34
C ALA E 230 29.50 -14.92 10.79
N THR E 231 29.61 -13.95 11.68
CA THR E 231 29.56 -14.15 13.13
C THR E 231 28.52 -13.19 13.70
N VAL E 232 27.73 -13.68 14.66
CA VAL E 232 26.75 -12.85 15.35
C VAL E 232 27.17 -12.76 16.80
N ILE E 233 27.33 -11.51 17.27
CA ILE E 233 27.71 -11.17 18.64
C ILE E 233 26.51 -10.56 19.33
N THR E 234 26.20 -11.04 20.53
CA THR E 234 25.09 -10.54 21.33
C THR E 234 25.59 -9.65 22.45
N MET E 235 24.77 -8.66 22.82
CA MET E 235 25.11 -7.74 23.90
C MET E 235 23.87 -7.40 24.70
N ASP E 236 24.01 -7.34 26.03
CA ASP E 236 22.91 -6.93 26.89
C ASP E 236 22.65 -5.43 26.76
N ARG E 237 21.38 -5.05 26.85
CA ARG E 237 20.99 -3.67 26.58
C ARG E 237 21.34 -2.72 27.72
N CYS E 238 21.18 -3.14 28.97
CA CYS E 238 21.44 -2.29 30.12
C CYS E 238 22.77 -2.64 30.78
N ALA E 239 23.76 -2.99 29.98
CA ALA E 239 25.09 -3.24 30.50
C ALA E 239 25.80 -1.90 30.77
N SER E 240 26.69 -1.93 31.76
CA SER E 240 27.38 -0.71 32.18
C SER E 240 28.31 -0.20 31.07
N LYS E 241 29.16 -1.08 30.55
CA LYS E 241 30.12 -0.71 29.50
C LYS E 241 29.55 -1.11 28.15
N GLN E 242 29.42 -0.13 27.26
CA GLN E 242 28.91 -0.37 25.92
C GLN E 242 30.03 -0.28 24.88
N GLN E 243 31.23 -0.72 25.27
CA GLN E 243 32.37 -0.79 24.37
C GLN E 243 32.93 -2.21 24.41
N THR E 244 33.26 -2.74 23.24
CA THR E 244 33.84 -4.07 23.12
C THR E 244 35.08 -4.01 22.25
N ASN E 245 36.02 -4.91 22.51
CA ASN E 245 37.16 -5.12 21.63
C ASN E 245 37.04 -6.49 20.98
N ILE E 246 37.43 -6.58 19.71
CA ILE E 246 37.42 -7.85 19.01
C ILE E 246 38.67 -7.97 18.17
N ASP E 247 39.27 -9.16 18.16
CA ASP E 247 40.45 -9.43 17.35
C ASP E 247 40.07 -10.29 16.15
N VAL E 248 40.50 -9.88 14.97
CA VAL E 248 40.30 -10.64 13.74
C VAL E 248 41.66 -11.03 13.20
N ILE E 249 41.87 -12.32 12.98
CA ILE E 249 43.15 -12.84 12.52
C ILE E 249 42.93 -13.55 11.19
N TYR E 250 43.72 -13.20 10.18
CA TYR E 250 43.79 -13.91 8.92
C TYR E 250 45.11 -14.66 8.87
N GLU E 251 45.06 -15.93 8.45
CA GLU E 251 46.24 -16.77 8.52
C GLU E 251 46.41 -17.54 7.22
N ARG E 252 47.66 -17.81 6.88
CA ARG E 252 47.99 -18.66 5.74
C ARG E 252 49.11 -19.60 6.14
N VAL E 253 48.88 -20.90 6.00
CA VAL E 253 49.90 -21.91 6.27
C VAL E 253 50.47 -22.37 4.93
N ARG E 254 51.80 -22.41 4.85
CA ARG E 254 52.48 -22.75 3.61
C ARG E 254 53.34 -23.99 3.80
N ASP E 255 53.18 -24.93 2.88
CA ASP E 255 53.99 -26.15 2.77
C ASP E 255 55.14 -25.93 1.80
N ASP E 256 56.13 -26.81 1.91
CA ASP E 256 57.36 -26.74 1.13
C ASP E 256 57.47 -28.01 0.28
N TYR E 257 57.38 -27.86 -1.03
CA TYR E 257 57.44 -28.98 -1.96
C TYR E 257 58.78 -28.93 -2.68
N GLN E 258 59.63 -29.92 -2.44
CA GLN E 258 60.95 -29.97 -3.02
C GLN E 258 61.01 -30.99 -4.16
N LEU E 259 61.65 -30.62 -5.24
CA LEU E 259 61.92 -31.51 -6.36
C LEU E 259 63.41 -31.70 -6.48
N HIS E 260 63.86 -32.95 -6.60
CA HIS E 260 65.26 -33.21 -6.82
C HIS E 260 65.45 -34.35 -7.81
N TRP E 261 66.53 -34.25 -8.58
CA TRP E 261 66.84 -35.20 -9.63
C TRP E 261 67.63 -36.38 -9.05
N THR E 262 67.16 -37.59 -9.34
CA THR E 262 67.78 -38.82 -8.82
C THR E 262 68.59 -39.55 -9.88
N SER E 263 69.17 -38.83 -10.83
CA SER E 263 70.06 -39.36 -11.86
C SER E 263 69.32 -40.19 -12.88
N THR E 264 68.03 -40.46 -12.64
CA THR E 264 67.18 -41.14 -13.61
C THR E 264 65.79 -40.54 -13.75
N ASN E 265 65.28 -39.86 -12.73
CA ASN E 265 63.95 -39.27 -12.77
C ASN E 265 63.84 -38.25 -11.65
N TRP E 266 62.74 -37.53 -11.65
CA TRP E 266 62.48 -36.52 -10.64
C TRP E 266 61.77 -37.15 -9.44
N LYS E 267 62.14 -36.69 -8.25
CA LYS E 267 61.51 -37.14 -7.02
C LYS E 267 61.00 -35.92 -6.26
N GLY E 268 59.77 -35.99 -5.79
CA GLY E 268 59.13 -34.90 -5.06
C GLY E 268 58.88 -35.26 -3.61
N THR E 269 59.04 -34.27 -2.75
CA THR E 269 58.81 -34.42 -1.32
C THR E 269 58.00 -33.22 -0.83
N ASN E 270 57.14 -33.43 0.16
CA ASN E 270 56.35 -32.35 0.73
C ASN E 270 56.57 -32.28 2.22
N THR E 271 56.84 -31.07 2.72
CA THR E 271 56.95 -30.79 4.15
C THR E 271 55.78 -29.91 4.56
N LYS E 272 55.08 -30.31 5.60
CA LYS E 272 53.85 -29.66 6.01
C LYS E 272 54.11 -28.52 6.98
N ASP E 273 53.33 -27.45 6.82
CA ASP E 273 53.32 -26.32 7.75
C ASP E 273 54.71 -25.75 7.97
N LYS E 274 55.44 -25.56 6.87
CA LYS E 274 56.77 -24.97 6.96
C LYS E 274 56.71 -23.52 7.38
N TRP E 275 55.74 -22.76 6.89
CA TRP E 275 55.63 -21.35 7.23
C TRP E 275 54.20 -21.01 7.64
N THR E 276 54.07 -19.98 8.46
CA THR E 276 52.75 -19.47 8.83
C THR E 276 52.79 -17.95 8.79
N ASP E 277 51.88 -17.36 8.03
CA ASP E 277 51.74 -15.92 7.91
C ASP E 277 50.48 -15.50 8.66
N ARG E 278 50.65 -14.67 9.67
CA ARG E 278 49.57 -14.24 10.55
C ARG E 278 49.38 -12.74 10.42
N SER E 279 48.13 -12.30 10.32
CA SER E 279 47.81 -10.89 10.21
C SER E 279 46.65 -10.60 11.15
N SER E 280 46.92 -9.87 12.22
CA SER E 280 45.96 -9.61 13.28
C SER E 280 45.53 -8.15 13.25
N GLU E 281 44.27 -7.92 13.58
CA GLU E 281 43.73 -6.57 13.66
C GLU E 281 42.79 -6.49 14.84
N ARG E 282 42.85 -5.38 15.57
CA ARG E 282 41.97 -5.14 16.71
C ARG E 282 40.95 -4.08 16.33
N TYR E 283 39.68 -4.37 16.60
CA TYR E 283 38.58 -3.47 16.30
C TYR E 283 37.86 -3.11 17.58
N LYS E 284 37.32 -1.91 17.60
CA LYS E 284 36.56 -1.37 18.72
C LYS E 284 35.11 -1.25 18.31
N ILE E 285 34.24 -1.96 19.02
CA ILE E 285 32.80 -1.85 18.87
C ILE E 285 32.30 -0.81 19.86
N ASP E 286 31.55 0.17 19.38
CA ASP E 286 30.81 1.05 20.25
C ASP E 286 29.34 0.81 19.98
N TRP E 287 28.68 0.18 20.95
CA TRP E 287 27.28 -0.22 20.79
C TRP E 287 26.34 0.96 20.88
N GLU E 288 26.72 2.01 21.61
CA GLU E 288 25.82 3.14 21.83
C GLU E 288 25.55 3.89 20.53
N LYS E 289 26.59 4.27 19.81
CA LYS E 289 26.40 4.93 18.53
C LYS E 289 26.50 3.96 17.37
N GLU E 290 26.60 2.67 17.64
CA GLU E 290 26.54 1.62 16.64
C GLU E 290 27.60 1.82 15.57
N GLU E 291 28.86 1.80 15.99
CA GLU E 291 29.95 1.98 15.06
C GLU E 291 31.08 1.03 15.39
N MET E 292 31.88 0.72 14.38
CA MET E 292 33.04 -0.14 14.50
C MET E 292 34.22 0.61 13.95
N THR E 293 35.33 0.62 14.69
CA THR E 293 36.50 1.37 14.25
C THR E 293 37.76 0.53 14.45
N ASN E 294 38.85 0.99 13.87
CA ASN E 294 40.14 0.35 14.06
C ASN E 294 40.84 0.85 15.31
N ALA F 2 -0.37 -29.62 1.05
CA ALA F 2 -0.35 -28.17 1.22
C ALA F 2 -1.75 -27.59 1.09
N ASP F 3 -1.88 -26.29 1.38
CA ASP F 3 -3.18 -25.64 1.26
C ASP F 3 -3.69 -25.67 -0.18
N SER F 4 -2.80 -25.42 -1.14
CA SER F 4 -3.21 -25.37 -2.54
C SER F 4 -3.78 -26.70 -3.02
N ASP F 5 -3.35 -27.81 -2.41
CA ASP F 5 -3.88 -29.10 -2.78
C ASP F 5 -5.34 -29.27 -2.37
N ILE F 6 -5.81 -28.50 -1.39
CA ILE F 6 -7.20 -28.61 -0.95
C ILE F 6 -7.92 -27.30 -1.21
N ASN F 7 -7.51 -26.59 -2.27
CA ASN F 7 -8.20 -25.41 -2.78
C ASN F 7 -8.24 -24.27 -1.77
N ILE F 8 -7.15 -24.08 -1.04
CA ILE F 8 -7.06 -23.06 -0.01
C ILE F 8 -5.82 -22.21 -0.27
N LYS F 9 -5.95 -20.90 -0.10
CA LYS F 9 -4.83 -20.00 -0.36
C LYS F 9 -3.65 -20.33 0.55
N THR F 10 -2.45 -20.17 0.01
CA THR F 10 -1.24 -20.50 0.73
C THR F 10 -1.09 -19.66 1.99
N GLY F 11 -0.74 -20.30 3.09
CA GLY F 11 -0.55 -19.60 4.34
C GLY F 11 -1.83 -19.21 5.05
N THR F 12 -2.98 -19.64 4.56
CA THR F 12 -4.25 -19.27 5.20
C THR F 12 -4.35 -19.85 6.60
N THR F 13 -3.90 -21.08 6.79
CA THR F 13 -4.05 -21.80 8.05
C THR F 13 -2.79 -21.75 8.90
N ASP F 14 -1.89 -20.81 8.65
CA ASP F 14 -0.65 -20.72 9.42
C ASP F 14 -0.82 -19.75 10.59
N ILE F 15 -0.05 -19.99 11.63
CA ILE F 15 -0.07 -19.19 12.85
C ILE F 15 0.91 -18.04 12.73
N GLY F 16 0.53 -16.89 13.27
CA GLY F 16 1.44 -15.79 13.42
C GLY F 16 1.25 -14.61 12.50
N SER F 17 0.02 -14.32 12.08
CA SER F 17 -0.25 -13.15 11.25
C SER F 17 -0.72 -12.00 12.12
N ASN F 18 -0.17 -10.81 11.86
CA ASN F 18 -0.50 -9.60 12.63
C ASN F 18 -0.25 -9.81 14.11
N THR F 19 0.90 -10.40 14.43
CA THR F 19 1.27 -10.74 15.79
C THR F 19 2.66 -10.18 16.09
N THR F 20 2.83 -9.65 17.29
CA THR F 20 4.14 -9.22 17.77
C THR F 20 4.83 -10.42 18.41
N VAL F 21 5.92 -10.86 17.82
CA VAL F 21 6.67 -12.02 18.28
C VAL F 21 7.82 -11.53 19.15
N LYS F 22 8.00 -12.14 20.31
CA LYS F 22 9.06 -11.75 21.23
C LYS F 22 10.17 -12.78 21.16
N THR F 23 11.32 -12.40 20.60
CA THR F 23 12.41 -13.33 20.39
C THR F 23 13.53 -13.08 21.40
N GLY F 24 14.37 -14.08 21.58
CA GLY F 24 15.47 -13.95 22.49
C GLY F 24 16.54 -15.00 22.25
N ASP F 25 17.72 -14.72 22.80
CA ASP F 25 18.89 -15.56 22.62
C ASP F 25 19.54 -15.80 23.97
N LEU F 26 19.86 -17.06 24.27
CA LEU F 26 20.57 -17.42 25.49
C LEU F 26 21.77 -18.28 25.12
N VAL F 27 22.97 -17.84 25.52
CA VAL F 27 24.22 -18.46 25.11
C VAL F 27 24.98 -18.91 26.34
N THR F 28 25.38 -20.17 26.35
CA THR F 28 26.24 -20.73 27.39
C THR F 28 27.41 -21.45 26.74
N TYR F 29 28.54 -21.47 27.43
CA TYR F 29 29.66 -22.30 26.99
C TYR F 29 30.08 -23.20 28.15
N ASP F 30 29.90 -24.50 27.98
CA ASP F 30 30.37 -25.51 28.92
C ASP F 30 31.79 -25.87 28.54
N LYS F 31 32.75 -25.39 29.33
CA LYS F 31 34.16 -25.55 28.99
C LYS F 31 34.64 -26.98 29.22
N GLU F 32 34.23 -27.60 30.34
CA GLU F 32 34.69 -28.95 30.63
C GLU F 32 34.15 -29.96 29.63
N ASN F 33 32.91 -29.79 29.16
CA ASN F 33 32.35 -30.67 28.16
C ASN F 33 32.54 -30.16 26.73
N GLY F 34 33.08 -28.96 26.56
CA GLY F 34 33.32 -28.42 25.24
C GLY F 34 32.07 -28.23 24.40
N MET F 35 31.03 -27.63 24.98
CA MET F 35 29.76 -27.48 24.29
C MET F 35 29.35 -26.02 24.28
N HIS F 36 29.13 -25.47 23.10
CA HIS F 36 28.59 -24.12 22.95
C HIS F 36 27.09 -24.26 22.75
N LYS F 37 26.32 -23.96 23.78
CA LYS F 37 24.88 -24.17 23.74
C LYS F 37 24.17 -22.86 23.49
N LYS F 38 23.23 -22.85 22.55
CA LYS F 38 22.49 -21.64 22.26
C LYS F 38 21.02 -21.98 22.14
N VAL F 39 20.18 -21.19 22.80
CA VAL F 39 18.74 -21.32 22.69
C VAL F 39 18.21 -20.05 22.05
N PHE F 40 17.51 -20.19 20.94
CA PHE F 40 16.84 -19.07 20.29
C PHE F 40 15.34 -19.30 20.48
N TYR F 41 14.70 -18.44 21.26
CA TYR F 41 13.30 -18.64 21.58
C TYR F 41 12.44 -17.55 20.93
N SER F 42 11.19 -17.91 20.68
CA SER F 42 10.21 -17.01 20.08
C SER F 42 8.86 -17.24 20.74
N PHE F 43 8.36 -16.22 21.40
CA PHE F 43 7.00 -16.23 21.95
C PHE F 43 6.04 -15.71 20.90
N ILE F 44 5.02 -16.50 20.60
CA ILE F 44 3.97 -16.15 19.67
C ILE F 44 2.64 -16.22 20.41
N ASP F 45 1.95 -15.09 20.50
CA ASP F 45 0.63 -15.02 21.11
C ASP F 45 -0.32 -14.53 20.03
N ASP F 46 -0.86 -15.46 19.24
CA ASP F 46 -1.81 -15.16 18.20
C ASP F 46 -3.21 -15.20 18.80
N LYS F 47 -3.96 -14.12 18.64
CA LYS F 47 -5.30 -14.06 19.23
C LYS F 47 -6.24 -15.08 18.59
N ASN F 48 -5.98 -15.45 17.35
CA ASN F 48 -6.81 -16.42 16.64
C ASN F 48 -6.40 -17.86 16.94
N HIS F 49 -5.36 -18.07 17.71
CA HIS F 49 -4.93 -19.41 18.11
C HIS F 49 -5.39 -19.68 19.53
N ASN F 50 -5.72 -20.93 19.82
CA ASN F 50 -6.32 -21.28 21.10
C ASN F 50 -5.31 -21.40 22.24
N LYS F 51 -4.01 -21.21 21.97
CA LYS F 51 -3.00 -21.33 23.00
C LYS F 51 -1.87 -20.35 22.71
N LYS F 52 -1.05 -20.12 23.74
CA LYS F 52 0.22 -19.42 23.57
C LYS F 52 1.29 -20.39 23.11
N LEU F 53 2.17 -19.93 22.22
CA LEU F 53 3.19 -20.77 21.64
C LEU F 53 4.58 -20.26 22.01
N LEU F 54 5.47 -21.18 22.33
CA LEU F 54 6.90 -20.89 22.45
C LEU F 54 7.65 -21.81 21.50
N VAL F 55 8.38 -21.22 20.55
CA VAL F 55 9.27 -21.97 19.68
C VAL F 55 10.66 -21.87 20.26
N ILE F 56 11.25 -23.02 20.58
CA ILE F 56 12.61 -23.11 21.10
C ILE F 56 13.46 -23.78 20.04
N ARG F 57 14.49 -23.08 19.57
CA ARG F 57 15.46 -23.63 18.64
C ARG F 57 16.76 -23.88 19.39
N THR F 58 17.15 -25.14 19.47
CA THR F 58 18.43 -25.52 20.06
C THR F 58 19.48 -25.52 18.97
N LYS F 59 20.50 -24.70 19.18
CA LYS F 59 21.60 -24.51 18.24
C LYS F 59 22.89 -24.50 19.04
N GLY F 60 23.98 -24.17 18.37
CA GLY F 60 25.29 -24.21 18.98
C GLY F 60 26.19 -25.20 18.29
N THR F 61 27.11 -25.75 19.06
CA THR F 61 28.06 -26.72 18.54
C THR F 61 28.55 -27.62 19.66
N ILE F 62 28.47 -28.92 19.46
CA ILE F 62 29.09 -29.90 20.32
C ILE F 62 30.40 -30.31 19.65
N ALA F 63 31.52 -30.03 20.30
CA ALA F 63 32.81 -30.37 19.72
C ALA F 63 32.97 -31.87 19.61
N GLY F 64 33.61 -32.31 18.51
CA GLY F 64 33.78 -33.74 18.30
C GLY F 64 34.75 -34.37 19.29
N GLN F 65 35.90 -33.74 19.49
CA GLN F 65 36.94 -34.22 20.42
C GLN F 65 37.48 -35.58 20.00
N TYR F 66 37.89 -35.67 18.73
CA TYR F 66 38.58 -36.84 18.18
C TYR F 66 40.06 -36.72 18.53
N ARG F 67 40.54 -37.56 19.44
CA ARG F 67 41.90 -37.38 19.91
C ARG F 67 42.47 -38.68 20.42
N VAL F 68 43.79 -38.82 20.27
CA VAL F 68 44.53 -39.93 20.86
C VAL F 68 44.67 -39.67 22.35
N TYR F 69 44.15 -40.56 23.19
CA TYR F 69 44.14 -40.34 24.62
C TYR F 69 45.12 -41.21 25.39
N SER F 70 45.60 -42.30 24.81
CA SER F 70 46.50 -43.19 25.53
C SER F 70 47.54 -43.73 24.56
N GLU F 71 48.77 -43.86 25.05
CA GLU F 71 49.88 -44.42 24.26
C GLU F 71 50.66 -45.36 25.18
N GLU F 72 50.38 -46.66 25.07
CA GLU F 72 51.09 -47.67 25.85
C GLU F 72 52.29 -48.12 25.05
N GLY F 73 53.46 -47.56 25.35
CA GLY F 73 54.66 -47.85 24.62
C GLY F 73 54.58 -47.40 23.17
N ALA F 74 54.86 -48.32 22.24
CA ALA F 74 54.80 -48.00 20.82
C ALA F 74 53.99 -48.99 20.01
N ASN F 75 53.55 -50.10 20.60
CA ASN F 75 52.77 -51.10 19.89
C ASN F 75 51.28 -51.03 20.21
N LYS F 76 50.85 -50.09 21.07
CA LYS F 76 49.46 -50.00 21.48
C LYS F 76 49.08 -48.54 21.62
N SER F 77 47.89 -48.20 21.14
CA SER F 77 47.40 -46.83 21.32
C SER F 77 45.88 -46.84 21.25
N GLY F 78 45.29 -45.78 21.77
CA GLY F 78 43.86 -45.64 21.81
C GLY F 78 43.41 -44.26 21.36
N LEU F 79 42.20 -44.22 20.82
CA LEU F 79 41.61 -43.01 20.25
C LEU F 79 40.18 -42.90 20.71
N ALA F 80 39.80 -41.75 21.25
CA ALA F 80 38.41 -41.51 21.63
C ALA F 80 37.73 -40.72 20.53
N TRP F 81 36.58 -41.19 20.07
CA TRP F 81 35.92 -40.50 18.97
C TRP F 81 34.42 -40.45 19.19
N PRO F 82 33.76 -39.42 18.68
CA PRO F 82 32.33 -39.24 18.93
C PRO F 82 31.48 -40.12 18.03
N SER F 83 30.76 -41.05 18.62
CA SER F 83 29.85 -41.90 17.86
C SER F 83 28.42 -41.37 17.86
N ALA F 84 28.06 -40.46 18.77
CA ALA F 84 26.72 -39.92 18.82
C ALA F 84 26.71 -38.55 19.46
N PHE F 85 25.88 -37.66 18.93
CA PHE F 85 25.54 -36.40 19.56
C PHE F 85 24.05 -36.41 19.88
N LYS F 86 23.66 -35.84 21.01
CA LYS F 86 22.27 -35.90 21.41
C LYS F 86 21.80 -34.55 21.92
N VAL F 87 20.54 -34.24 21.66
CA VAL F 87 19.89 -33.04 22.21
C VAL F 87 18.52 -33.44 22.74
N GLN F 88 18.24 -33.12 23.99
CA GLN F 88 16.97 -33.48 24.61
C GLN F 88 16.36 -32.27 25.32
N LEU F 89 15.06 -32.12 25.18
CA LEU F 89 14.28 -31.13 25.91
C LEU F 89 13.26 -31.84 26.77
N GLN F 90 13.17 -31.48 28.04
CA GLN F 90 12.27 -32.15 28.97
C GLN F 90 11.54 -31.13 29.82
N LEU F 91 10.24 -31.32 29.97
CA LEU F 91 9.36 -30.60 30.88
C LEU F 91 9.10 -31.42 32.13
N PRO F 92 9.11 -30.81 33.31
CA PRO F 92 8.77 -31.55 34.53
C PRO F 92 7.34 -32.04 34.51
N ASP F 93 7.10 -33.15 35.23
CA ASP F 93 5.82 -33.84 35.18
C ASP F 93 4.67 -33.00 35.69
N ASN F 94 4.92 -32.03 36.57
CA ASN F 94 3.86 -31.24 37.17
C ASN F 94 3.44 -30.06 36.31
N GLU F 95 4.15 -29.75 35.23
CA GLU F 95 3.80 -28.59 34.42
C GLU F 95 2.56 -28.86 33.59
N VAL F 96 1.88 -27.78 33.20
CA VAL F 96 0.72 -27.88 32.31
C VAL F 96 1.06 -27.53 30.87
N ALA F 97 2.24 -26.99 30.60
CA ALA F 97 2.69 -26.81 29.24
C ALA F 97 2.98 -28.15 28.59
N GLN F 98 2.74 -28.24 27.29
CA GLN F 98 2.93 -29.48 26.55
C GLN F 98 3.84 -29.23 25.36
N ILE F 99 4.64 -30.24 25.03
CA ILE F 99 5.34 -30.25 23.76
C ILE F 99 4.33 -30.57 22.67
N SER F 100 4.16 -29.65 21.73
CA SER F 100 3.19 -29.85 20.68
C SER F 100 3.81 -30.13 19.32
N ASP F 101 4.97 -29.56 19.00
CA ASP F 101 5.54 -29.83 17.69
C ASP F 101 7.05 -29.91 17.78
N TYR F 102 7.65 -30.46 16.72
CA TYR F 102 9.10 -30.66 16.68
C TYR F 102 9.53 -30.81 15.24
N TYR F 103 10.77 -30.42 14.96
CA TYR F 103 11.35 -30.52 13.65
C TYR F 103 12.86 -30.60 13.79
N PRO F 104 13.54 -31.45 13.01
CA PRO F 104 13.03 -32.37 11.98
C PRO F 104 12.45 -33.66 12.54
N ARG F 105 11.78 -34.41 11.67
CA ARG F 105 11.20 -35.70 12.01
C ARG F 105 11.90 -36.78 11.18
N ASN F 106 11.44 -38.01 11.32
CA ASN F 106 12.02 -39.14 10.62
C ASN F 106 11.41 -39.24 9.23
N SER F 107 12.27 -39.33 8.22
CA SER F 107 11.85 -39.45 6.83
C SER F 107 11.96 -40.90 6.38
N ILE F 108 11.19 -41.22 5.35
CA ILE F 108 11.21 -42.55 4.74
C ILE F 108 12.32 -42.57 3.70
N ASP F 109 13.24 -43.53 3.84
CA ASP F 109 14.32 -43.68 2.89
C ASP F 109 13.85 -44.44 1.66
N THR F 110 14.46 -44.13 0.51
CA THR F 110 14.14 -44.79 -0.75
C THR F 110 15.39 -45.40 -1.35
N LYS F 111 15.17 -46.39 -2.21
CA LYS F 111 16.25 -47.03 -2.95
C LYS F 111 15.81 -47.18 -4.39
N GLU F 112 16.78 -47.23 -5.29
CA GLU F 112 16.53 -47.38 -6.71
C GLU F 112 16.89 -48.80 -7.14
N TYR F 113 15.96 -49.46 -7.82
CA TYR F 113 16.12 -50.84 -8.26
C TYR F 113 16.20 -50.90 -9.78
N MET F 114 17.12 -51.71 -10.28
CA MET F 114 17.27 -51.92 -11.71
C MET F 114 17.34 -53.41 -11.99
N SER F 115 16.65 -53.85 -13.03
CA SER F 115 16.73 -55.24 -13.48
C SER F 115 17.05 -55.26 -14.97
N THR F 116 17.92 -56.18 -15.36
CA THR F 116 18.43 -56.26 -16.72
C THR F 116 18.30 -57.69 -17.22
N LEU F 117 17.85 -57.85 -18.46
CA LEU F 117 17.83 -59.14 -19.13
C LEU F 117 18.45 -58.97 -20.51
N THR F 118 19.51 -59.71 -20.78
CA THR F 118 20.20 -59.66 -22.06
C THR F 118 20.27 -61.06 -22.64
N TYR F 119 20.10 -61.17 -23.96
CA TYR F 119 20.35 -62.43 -24.64
C TYR F 119 21.03 -62.13 -25.98
N GLY F 120 21.90 -63.03 -26.39
CA GLY F 120 22.67 -62.81 -27.59
C GLY F 120 23.06 -64.08 -28.28
N PHE F 121 23.31 -63.96 -29.58
CA PHE F 121 23.81 -65.05 -30.40
C PHE F 121 25.10 -64.60 -31.08
N ASN F 122 25.99 -65.55 -31.31
CA ASN F 122 27.26 -65.26 -31.97
C ASN F 122 27.69 -66.46 -32.79
N SER F 123 28.54 -66.21 -33.77
CA SER F 123 29.01 -67.26 -34.66
C SER F 123 30.35 -66.85 -35.22
N ASN F 124 31.14 -67.86 -35.62
CA ASN F 124 32.41 -67.58 -36.27
C ASN F 124 32.82 -68.77 -37.13
N VAL F 125 33.66 -68.49 -38.12
CA VAL F 125 34.26 -69.51 -38.96
C VAL F 125 35.76 -69.38 -38.89
N THR F 126 36.46 -70.50 -39.08
CA THR F 126 37.90 -70.56 -38.89
C THR F 126 38.55 -71.33 -40.03
N GLY F 127 39.76 -70.92 -40.38
CA GLY F 127 40.54 -71.61 -41.38
C GLY F 127 42.02 -71.42 -41.09
N ASP F 128 42.84 -72.13 -41.87
CA ASP F 128 44.29 -72.04 -41.75
C ASP F 128 44.92 -72.47 -43.06
N ASP F 129 46.24 -72.66 -43.06
CA ASP F 129 46.94 -73.06 -44.26
C ASP F 129 46.64 -74.51 -44.62
N THR F 130 46.46 -75.37 -43.62
CA THR F 130 46.21 -76.79 -43.89
C THR F 130 44.91 -76.98 -44.67
N GLY F 131 43.87 -76.25 -44.30
CA GLY F 131 42.62 -76.29 -45.06
C GLY F 131 41.41 -76.74 -44.27
N LYS F 132 41.58 -76.93 -42.96
CA LYS F 132 40.46 -77.31 -42.11
C LYS F 132 39.59 -76.09 -41.86
N ILE F 133 38.34 -76.16 -42.28
CA ILE F 133 37.39 -75.07 -42.12
C ILE F 133 36.46 -75.43 -40.96
N GLY F 134 36.64 -74.76 -39.83
CA GLY F 134 35.82 -74.99 -38.66
C GLY F 134 34.75 -73.92 -38.50
N GLY F 135 33.77 -74.24 -37.66
CA GLY F 135 32.68 -73.32 -37.38
C GLY F 135 32.26 -73.39 -35.93
N LEU F 136 31.61 -72.32 -35.49
CA LEU F 136 31.12 -72.25 -34.12
C LEU F 136 29.88 -71.36 -34.08
N ILE F 137 28.87 -71.81 -33.36
CA ILE F 137 27.65 -71.05 -33.14
C ILE F 137 27.32 -71.14 -31.65
N GLY F 138 26.89 -70.02 -31.07
CA GLY F 138 26.63 -69.99 -29.64
C GLY F 138 25.57 -68.98 -29.27
N ALA F 139 25.01 -69.16 -28.08
CA ALA F 139 24.00 -68.28 -27.54
C ALA F 139 24.24 -68.09 -26.04
N ASN F 140 23.76 -66.98 -25.51
CA ASN F 140 23.93 -66.69 -24.09
C ASN F 140 22.75 -65.85 -23.60
N VAL F 141 22.48 -65.98 -22.31
CA VAL F 141 21.46 -65.20 -21.62
C VAL F 141 22.05 -64.73 -20.29
N SER F 142 21.60 -63.57 -19.83
CA SER F 142 22.15 -62.95 -18.63
C SER F 142 21.06 -62.16 -17.93
N ILE F 143 20.96 -62.34 -16.61
CA ILE F 143 20.02 -61.62 -15.77
C ILE F 143 20.82 -60.88 -14.70
N GLY F 144 20.50 -59.62 -14.50
CA GLY F 144 21.20 -58.81 -13.51
C GLY F 144 20.23 -57.97 -12.70
N HIS F 145 20.64 -57.68 -11.48
CA HIS F 145 19.90 -56.79 -10.58
C HIS F 145 20.86 -55.81 -9.94
N THR F 146 20.41 -54.57 -9.79
CA THR F 146 21.23 -53.50 -9.23
C THR F 146 20.41 -52.73 -8.21
N LEU F 147 21.05 -52.35 -7.11
CA LEU F 147 20.42 -51.59 -6.05
C LEU F 147 21.28 -50.38 -5.73
N ARG F 148 20.67 -49.19 -5.70
CA ARG F 148 21.41 -47.96 -5.51
C ARG F 148 20.74 -47.11 -4.45
N TYR F 149 21.52 -46.62 -3.48
CA TYR F 149 20.97 -45.76 -2.45
C TYR F 149 22.08 -44.91 -1.85
N VAL F 150 21.69 -43.90 -1.10
CA VAL F 150 22.59 -42.91 -0.53
C VAL F 150 22.84 -43.24 0.94
N GLN F 151 24.10 -43.15 1.35
CA GLN F 151 24.50 -43.41 2.73
C GLN F 151 25.20 -42.19 3.31
N PRO F 152 24.58 -41.46 4.24
CA PRO F 152 25.28 -40.37 4.92
C PRO F 152 26.26 -40.89 5.97
N ASP F 153 27.22 -40.04 6.31
CA ASP F 153 28.16 -40.38 7.37
C ASP F 153 27.47 -40.45 8.72
N PHE F 154 26.57 -39.52 9.00
CA PHE F 154 25.82 -39.46 10.25
C PHE F 154 24.34 -39.40 9.93
N LYS F 155 23.54 -40.09 10.73
CA LYS F 155 22.08 -40.08 10.60
C LYS F 155 21.48 -39.31 11.76
N THR F 156 20.58 -38.39 11.46
CA THR F 156 19.85 -37.64 12.48
C THR F 156 18.46 -38.24 12.64
N ILE F 157 18.14 -38.63 13.87
CA ILE F 157 16.93 -39.38 14.19
C ILE F 157 16.18 -38.64 15.28
N LEU F 158 14.88 -38.45 15.08
CA LEU F 158 14.00 -37.95 16.11
C LEU F 158 13.57 -39.11 16.99
N GLU F 159 14.00 -39.13 18.24
CA GLU F 159 13.58 -40.15 19.17
C GLU F 159 12.13 -39.93 19.56
N SER F 160 11.43 -41.04 19.84
CA SER F 160 9.99 -41.04 20.06
C SER F 160 9.57 -40.04 21.13
N PRO F 161 8.92 -38.96 20.74
CA PRO F 161 8.59 -37.91 21.71
C PRO F 161 7.27 -38.17 22.43
N THR F 162 7.14 -37.55 23.58
CA THR F 162 5.91 -37.50 24.35
C THR F 162 5.48 -36.04 24.44
N ASP F 163 4.47 -35.77 25.25
CA ASP F 163 4.08 -34.38 25.46
C ASP F 163 4.96 -33.67 26.47
N LYS F 164 5.85 -34.38 27.15
CA LYS F 164 6.75 -33.77 28.12
C LYS F 164 8.21 -33.78 27.72
N LYS F 165 8.62 -34.62 26.77
CA LYS F 165 10.03 -34.66 26.40
C LYS F 165 10.18 -34.99 24.92
N VAL F 166 11.21 -34.42 24.30
CA VAL F 166 11.54 -34.66 22.91
C VAL F 166 13.05 -34.74 22.81
N GLY F 167 13.53 -35.48 21.82
CA GLY F 167 14.96 -35.68 21.68
C GLY F 167 15.35 -36.00 20.26
N TRP F 168 16.58 -35.64 19.92
CA TRP F 168 17.21 -35.98 18.65
C TRP F 168 18.57 -36.59 18.93
N LYS F 169 18.97 -37.53 18.08
CA LYS F 169 20.32 -38.06 18.13
C LYS F 169 20.91 -38.12 16.72
N VAL F 170 22.15 -37.70 16.60
CA VAL F 170 22.92 -37.80 15.37
C VAL F 170 23.98 -38.87 15.61
N ILE F 171 23.86 -39.98 14.92
CA ILE F 171 24.66 -41.16 15.19
C ILE F 171 25.54 -41.47 13.99
N PHE F 172 26.72 -42.02 14.27
CA PHE F 172 27.66 -42.40 13.21
C PHE F 172 27.12 -43.58 12.43
N ASN F 173 27.06 -43.44 11.10
CA ASN F 173 26.56 -44.51 10.26
C ASN F 173 27.69 -45.36 9.69
N ASN F 174 28.53 -44.77 8.85
CA ASN F 174 29.71 -45.42 8.30
C ASN F 174 30.55 -44.38 7.60
N MET F 175 31.82 -44.70 7.37
CA MET F 175 32.75 -43.73 6.84
C MET F 175 33.68 -44.40 5.83
N VAL F 176 34.17 -43.62 4.89
CA VAL F 176 35.16 -44.07 3.92
C VAL F 176 36.55 -43.74 4.46
N ASN F 177 37.44 -44.73 4.44
CA ASN F 177 38.80 -44.58 4.95
C ASN F 177 39.76 -44.68 3.77
N GLN F 178 40.18 -43.52 3.27
CA GLN F 178 41.16 -43.43 2.17
C GLN F 178 40.71 -44.24 0.96
N ASN F 179 39.48 -43.96 0.50
CA ASN F 179 38.82 -44.58 -0.64
C ASN F 179 38.48 -46.04 -0.40
N TRP F 180 38.72 -46.59 0.78
CA TRP F 180 38.29 -47.93 1.14
C TRP F 180 37.01 -47.88 1.94
N GLY F 181 36.35 -49.02 2.05
CA GLY F 181 35.19 -49.15 2.89
C GLY F 181 33.89 -49.16 2.11
N PRO F 182 32.83 -48.58 2.68
CA PRO F 182 32.81 -47.88 3.97
C PRO F 182 32.86 -48.81 5.18
N TYR F 183 33.43 -48.32 6.27
CA TYR F 183 33.55 -49.05 7.52
C TYR F 183 32.60 -48.47 8.56
N ASP F 184 32.13 -49.33 9.46
CA ASP F 184 31.32 -48.85 10.58
C ASP F 184 31.82 -49.44 11.89
N ARG F 185 31.06 -49.23 12.97
CA ARG F 185 31.50 -49.66 14.29
C ARG F 185 31.52 -51.16 14.46
N ASP F 186 30.87 -51.92 13.58
CA ASP F 186 30.84 -53.37 13.68
C ASP F 186 31.65 -54.05 12.60
N SER F 187 32.37 -53.29 11.77
CA SER F 187 33.20 -53.88 10.73
C SER F 187 34.27 -54.76 11.36
N TRP F 188 34.43 -55.97 10.82
CA TRP F 188 35.43 -56.88 11.35
C TRP F 188 36.12 -57.61 10.21
N ASN F 189 37.43 -57.76 10.33
CA ASN F 189 38.26 -58.50 9.40
C ASN F 189 39.14 -59.42 10.23
N PRO F 190 39.27 -60.69 9.87
CA PRO F 190 40.04 -61.62 10.71
C PRO F 190 41.48 -61.21 10.90
N VAL F 191 42.08 -60.55 9.91
CA VAL F 191 43.50 -60.18 9.99
C VAL F 191 43.67 -58.80 10.61
N TYR F 192 42.90 -57.81 10.16
CA TYR F 192 43.10 -56.44 10.58
C TYR F 192 42.09 -55.96 11.61
N GLY F 193 41.04 -56.73 11.89
CA GLY F 193 40.03 -56.25 12.81
C GLY F 193 39.23 -55.13 12.19
N ASN F 194 38.87 -54.14 13.00
CA ASN F 194 38.15 -52.97 12.54
C ASN F 194 39.15 -51.96 12.00
N GLN F 195 39.01 -51.59 10.73
CA GLN F 195 39.92 -50.66 10.08
C GLN F 195 39.32 -49.27 9.93
N LEU F 196 38.46 -48.87 10.87
CA LEU F 196 37.72 -47.61 10.73
C LEU F 196 38.66 -46.41 10.64
N PHE F 197 39.59 -46.31 11.59
CA PHE F 197 40.50 -45.17 11.65
C PHE F 197 41.96 -45.57 11.52
N MET F 198 42.22 -46.74 10.93
CA MET F 198 43.58 -47.20 10.74
C MET F 198 44.21 -46.50 9.54
N LYS F 199 45.34 -45.83 9.76
CA LYS F 199 45.96 -45.09 8.67
C LYS F 199 46.65 -46.04 7.69
N THR F 200 47.54 -46.89 8.19
CA THR F 200 48.24 -47.86 7.36
C THR F 200 48.17 -49.24 7.99
N ARG F 201 48.08 -50.26 7.15
CA ARG F 201 48.33 -51.63 7.59
C ARG F 201 49.82 -51.90 7.53
N ASN F 202 50.33 -52.59 8.54
CA ASN F 202 51.75 -52.96 8.67
C ASN F 202 52.68 -51.81 8.27
N GLY F 203 52.51 -50.69 8.96
CA GLY F 203 53.42 -49.56 8.85
C GLY F 203 54.34 -49.52 10.07
N SER F 204 55.60 -49.19 9.82
CA SER F 204 56.63 -49.24 10.86
C SER F 204 56.70 -47.87 11.55
N MET F 205 55.81 -47.66 12.50
CA MET F 205 55.77 -46.42 13.26
C MET F 205 55.11 -46.67 14.59
N LYS F 206 55.10 -45.66 15.45
CA LYS F 206 54.39 -45.75 16.72
C LYS F 206 52.89 -45.85 16.48
N ALA F 207 52.20 -46.60 17.34
CA ALA F 207 50.77 -46.78 17.17
C ALA F 207 50.01 -45.47 17.25
N ALA F 208 50.51 -44.52 18.04
CA ALA F 208 49.86 -43.23 18.16
C ALA F 208 49.91 -42.42 16.87
N ASP F 209 50.78 -42.78 15.93
CA ASP F 209 50.89 -42.09 14.65
C ASP F 209 50.24 -42.87 13.51
N ASN F 210 49.50 -43.92 13.82
CA ASN F 210 48.86 -44.75 12.79
C ASN F 210 47.36 -44.53 12.71
N PHE F 211 46.86 -43.43 13.27
CA PHE F 211 45.45 -43.12 13.20
C PHE F 211 45.19 -42.17 12.04
N LEU F 212 44.01 -42.32 11.44
CA LEU F 212 43.63 -41.47 10.32
C LEU F 212 43.65 -40.01 10.72
N ASP F 213 44.23 -39.18 9.86
CA ASP F 213 44.31 -37.75 10.13
C ASP F 213 42.92 -37.15 10.18
N PRO F 214 42.61 -36.32 11.17
CA PRO F 214 41.23 -35.79 11.28
C PRO F 214 40.77 -35.00 10.06
N ASN F 215 41.69 -34.39 9.31
CA ASN F 215 41.30 -33.67 8.11
C ASN F 215 40.79 -34.61 7.03
N LYS F 216 41.21 -35.87 7.04
CA LYS F 216 40.76 -36.84 6.05
C LYS F 216 39.50 -37.59 6.47
N ALA F 217 39.00 -37.35 7.68
CA ALA F 217 37.76 -37.95 8.13
C ALA F 217 36.63 -36.94 8.03
N SER F 218 35.47 -37.31 8.54
CA SER F 218 34.35 -36.38 8.62
C SER F 218 34.72 -35.22 9.54
N SER F 219 34.24 -34.03 9.19
CA SER F 219 34.53 -32.86 10.02
C SER F 219 33.75 -32.88 11.33
N LEU F 220 32.68 -33.67 11.40
CA LEU F 220 31.95 -33.82 12.66
C LEU F 220 32.78 -34.54 13.71
N LEU F 221 33.73 -35.37 13.30
CA LEU F 221 34.51 -36.14 14.26
C LEU F 221 35.43 -35.26 15.08
N SER F 222 36.02 -34.23 14.48
CA SER F 222 36.96 -33.37 15.16
C SER F 222 36.37 -32.01 15.52
N SER F 223 35.87 -31.28 14.54
CA SER F 223 35.37 -29.93 14.82
C SER F 223 34.00 -29.95 15.48
N GLY F 224 33.13 -30.86 15.11
CA GLY F 224 31.91 -31.10 15.85
C GLY F 224 30.66 -30.85 15.03
N PHE F 225 29.53 -31.03 15.70
CA PHE F 225 28.21 -30.99 15.09
C PHE F 225 27.44 -29.78 15.60
N SER F 226 26.68 -29.15 14.72
CA SER F 226 25.89 -27.98 15.08
C SER F 226 24.40 -28.31 15.03
N PRO F 227 23.73 -28.46 16.17
CA PRO F 227 22.30 -28.77 16.13
C PRO F 227 21.48 -27.62 15.56
N ASP F 228 20.38 -27.96 14.92
CA ASP F 228 19.44 -26.97 14.41
C ASP F 228 18.01 -27.42 14.67
N PHE F 229 17.70 -27.78 15.91
CA PHE F 229 16.42 -28.44 16.17
C PHE F 229 15.40 -27.45 16.71
N ALA F 230 14.11 -27.72 16.44
CA ALA F 230 13.04 -26.84 16.82
C ALA F 230 11.95 -27.59 17.56
N THR F 231 11.49 -27.02 18.67
CA THR F 231 10.39 -27.56 19.48
C THR F 231 9.35 -26.46 19.66
N VAL F 232 8.09 -26.85 19.67
CA VAL F 232 6.98 -25.93 19.92
C VAL F 232 6.25 -26.39 21.16
N ILE F 233 6.19 -25.51 22.16
CA ILE F 233 5.53 -25.73 23.44
C ILE F 233 4.25 -24.90 23.48
N THR F 234 3.15 -25.53 23.87
CA THR F 234 1.85 -24.87 23.97
C THR F 234 1.50 -24.60 25.42
N MET F 235 0.76 -23.51 25.64
CA MET F 235 0.32 -23.14 26.98
C MET F 235 -1.09 -22.58 26.93
N ASP F 236 -1.91 -22.93 27.92
CA ASP F 236 -3.25 -22.38 28.02
C ASP F 236 -3.21 -20.94 28.49
N ARG F 237 -4.13 -20.13 27.96
CA ARG F 237 -4.09 -18.68 28.19
C ARG F 237 -4.53 -18.29 29.59
N CYS F 238 -5.57 -18.92 30.13
CA CYS F 238 -6.10 -18.56 31.44
C CYS F 238 -5.68 -19.56 32.51
N ALA F 239 -4.45 -20.06 32.41
CA ALA F 239 -3.91 -20.93 33.44
C ALA F 239 -3.46 -20.11 34.64
N SER F 240 -3.56 -20.71 35.82
CA SER F 240 -3.23 -20.01 37.05
C SER F 240 -1.74 -19.67 37.10
N LYS F 241 -0.89 -20.66 36.88
CA LYS F 241 0.55 -20.48 36.94
C LYS F 241 1.10 -20.24 35.54
N GLN F 242 1.71 -19.10 35.32
CA GLN F 242 2.25 -18.72 34.02
C GLN F 242 3.77 -18.78 34.01
N GLN F 243 4.34 -19.73 34.73
CA GLN F 243 5.78 -19.97 34.75
C GLN F 243 6.05 -21.43 34.49
N THR F 244 6.99 -21.71 33.59
CA THR F 244 7.35 -23.08 33.24
C THR F 244 8.85 -23.27 33.45
N ASN F 245 9.25 -24.49 33.79
CA ASN F 245 10.65 -24.87 33.82
C ASN F 245 10.91 -25.86 32.70
N ILE F 246 12.08 -25.76 32.07
CA ILE F 246 12.43 -26.70 31.01
C ILE F 246 13.91 -27.03 31.11
N ASP F 247 14.25 -28.30 30.92
CA ASP F 247 15.63 -28.75 30.92
C ASP F 247 16.09 -29.03 29.50
N VAL F 248 17.27 -28.53 29.15
CA VAL F 248 17.88 -28.79 27.86
C VAL F 248 19.20 -29.51 28.10
N ILE F 249 19.37 -30.66 27.48
CA ILE F 249 20.54 -31.50 27.67
C ILE F 249 21.24 -31.69 26.33
N TYR F 250 22.55 -31.43 26.31
CA TYR F 250 23.40 -31.77 25.19
C TYR F 250 24.27 -32.94 25.61
N GLU F 251 24.40 -33.93 24.74
CA GLU F 251 25.14 -35.13 25.07
C GLU F 251 26.13 -35.47 23.95
N ARG F 252 27.24 -36.08 24.34
CA ARG F 252 28.19 -36.65 23.40
C ARG F 252 28.58 -38.04 23.89
N VAL F 253 28.44 -39.03 23.02
CA VAL F 253 28.86 -40.40 23.31
C VAL F 253 30.16 -40.66 22.57
N ARG F 254 31.15 -41.18 23.27
CA ARG F 254 32.47 -41.43 22.71
C ARG F 254 32.81 -42.91 22.76
N ASP F 255 33.22 -43.44 21.62
CA ASP F 255 33.75 -44.79 21.47
C ASP F 255 35.26 -44.79 21.61
N ASP F 256 35.80 -45.98 21.83
CA ASP F 256 37.23 -46.18 22.08
C ASP F 256 37.78 -47.10 21.00
N TYR F 257 38.64 -46.57 20.13
CA TYR F 257 39.24 -47.32 19.04
C TYR F 257 40.70 -47.58 19.39
N GLN F 258 41.06 -48.84 19.52
CA GLN F 258 42.41 -49.23 19.92
C GLN F 258 43.14 -49.89 18.76
N LEU F 259 44.38 -49.45 18.54
CA LEU F 259 45.28 -50.05 17.56
C LEU F 259 46.38 -50.79 18.31
N HIS F 260 46.66 -52.01 17.88
CA HIS F 260 47.75 -52.77 18.48
C HIS F 260 48.49 -53.56 17.42
N TRP F 261 49.78 -53.74 17.65
CA TRP F 261 50.67 -54.40 16.70
C TRP F 261 50.70 -55.90 16.98
N THR F 262 50.49 -56.70 15.94
CA THR F 262 50.42 -58.16 16.06
C THR F 262 51.64 -58.84 15.44
N SER F 263 52.79 -58.15 15.48
CA SER F 263 54.09 -58.67 15.06
C SER F 263 54.19 -58.82 13.54
N THR F 264 53.08 -58.64 12.85
CA THR F 264 53.09 -58.64 11.39
C THR F 264 52.33 -57.47 10.80
N ASN F 265 51.25 -57.04 11.43
CA ASN F 265 50.43 -55.95 10.91
C ASN F 265 49.71 -55.30 12.08
N TRP F 266 48.94 -54.25 11.78
CA TRP F 266 48.15 -53.55 12.78
C TRP F 266 46.76 -54.16 12.86
N LYS F 267 46.22 -54.19 14.07
CA LYS F 267 44.86 -54.67 14.31
C LYS F 267 44.09 -53.61 15.07
N GLY F 268 42.88 -53.33 14.61
CA GLY F 268 42.04 -52.32 15.22
C GLY F 268 40.81 -52.94 15.88
N THR F 269 40.41 -52.35 17.00
CA THR F 269 39.25 -52.81 17.75
C THR F 269 38.44 -51.60 18.21
N ASN F 270 37.12 -51.70 18.16
CA ASN F 270 36.26 -50.61 18.58
C ASN F 270 35.38 -51.05 19.74
N THR F 271 35.34 -50.24 20.79
CA THR F 271 34.45 -50.43 21.93
C THR F 271 33.44 -49.31 21.93
N LYS F 272 32.15 -49.67 22.03
CA LYS F 272 31.07 -48.72 21.87
C LYS F 272 30.70 -48.08 23.20
N ASP F 273 30.38 -46.79 23.13
CA ASP F 273 29.82 -46.03 24.25
C ASP F 273 30.71 -46.12 25.49
N LYS F 274 32.01 -45.94 25.29
CA LYS F 274 32.94 -45.97 26.40
C LYS F 274 32.72 -44.79 27.34
N TRP F 275 32.46 -43.60 26.80
CA TRP F 275 32.26 -42.41 27.62
C TRP F 275 31.01 -41.67 27.19
N THR F 276 30.41 -40.96 28.14
CA THR F 276 29.28 -40.09 27.85
C THR F 276 29.49 -38.76 28.56
N ASP F 277 29.40 -37.67 27.82
CA ASP F 277 29.53 -36.32 28.35
C ASP F 277 28.17 -35.66 28.28
N ARG F 278 27.64 -35.27 29.44
CA ARG F 278 26.32 -34.66 29.56
C ARG F 278 26.45 -33.22 30.01
N SER F 279 25.62 -32.35 29.45
CA SER F 279 25.61 -30.94 29.82
C SER F 279 24.16 -30.49 29.85
N SER F 280 23.61 -30.35 31.05
CA SER F 280 22.21 -30.00 31.23
C SER F 280 22.07 -28.59 31.78
N GLU F 281 21.02 -27.91 31.35
CA GLU F 281 20.77 -26.54 31.77
C GLU F 281 19.28 -26.35 31.98
N ARG F 282 18.90 -25.70 33.07
CA ARG F 282 17.51 -25.43 33.39
C ARG F 282 17.17 -24.00 33.02
N TYR F 283 16.06 -23.82 32.33
CA TYR F 283 15.58 -22.52 31.91
C TYR F 283 14.20 -22.27 32.50
N LYS F 284 13.94 -21.00 32.78
CA LYS F 284 12.66 -20.54 33.30
C LYS F 284 11.95 -19.76 32.21
N ILE F 285 10.73 -20.15 31.90
CA ILE F 285 9.88 -19.49 30.91
C ILE F 285 8.84 -18.69 31.67
N ASP F 286 8.83 -17.38 31.46
CA ASP F 286 7.79 -16.51 31.98
C ASP F 286 6.89 -16.15 30.81
N TRP F 287 5.67 -16.70 30.83
CA TRP F 287 4.75 -16.55 29.70
C TRP F 287 4.14 -15.15 29.64
N GLU F 288 3.85 -14.53 30.77
CA GLU F 288 3.27 -13.19 30.73
C GLU F 288 4.29 -12.12 30.35
N LYS F 289 5.51 -12.20 30.88
CA LYS F 289 6.56 -11.31 30.42
C LYS F 289 7.08 -11.70 29.04
N GLU F 290 6.75 -12.91 28.59
CA GLU F 290 7.27 -13.45 27.33
C GLU F 290 8.78 -13.39 27.31
N GLU F 291 9.39 -14.04 28.30
CA GLU F 291 10.84 -14.04 28.40
C GLU F 291 11.30 -15.40 28.88
N MET F 292 12.57 -15.69 28.59
CA MET F 292 13.21 -16.93 28.99
C MET F 292 14.54 -16.60 29.64
N THR F 293 14.85 -17.24 30.76
CA THR F 293 16.05 -16.92 31.51
C THR F 293 16.70 -18.20 32.01
N ASN F 294 17.95 -18.08 32.43
CA ASN F 294 18.66 -19.20 33.05
C ASN F 294 18.32 -19.33 34.52
N ALA G 2 -3.86 -26.19 -13.31
CA ALA G 2 -3.80 -24.97 -12.53
C ALA G 2 -4.63 -23.87 -13.17
N ASP G 3 -4.81 -22.76 -12.44
CA ASP G 3 -5.58 -21.64 -12.98
C ASP G 3 -4.94 -21.08 -14.24
N SER G 4 -3.61 -20.93 -14.24
CA SER G 4 -2.92 -20.34 -15.38
C SER G 4 -3.08 -21.17 -16.64
N ASP G 5 -3.32 -22.48 -16.51
CA ASP G 5 -3.57 -23.31 -17.68
C ASP G 5 -4.89 -23.00 -18.36
N ILE G 6 -5.85 -22.41 -17.64
CA ILE G 6 -7.14 -22.09 -18.23
C ILE G 6 -7.35 -20.59 -18.23
N ASN G 7 -6.26 -19.84 -18.34
CA ASN G 7 -6.29 -18.38 -18.51
C ASN G 7 -6.94 -17.67 -17.34
N ILE G 8 -6.66 -18.12 -16.13
CA ILE G 8 -7.20 -17.54 -14.92
C ILE G 8 -6.06 -17.20 -13.98
N LYS G 9 -6.15 -16.04 -13.33
CA LYS G 9 -5.09 -15.61 -12.42
C LYS G 9 -4.93 -16.60 -11.28
N THR G 10 -3.69 -16.75 -10.84
CA THR G 10 -3.38 -17.73 -9.80
C THR G 10 -4.07 -17.37 -8.49
N GLY G 11 -4.64 -18.38 -7.84
CA GLY G 11 -5.32 -18.17 -6.59
C GLY G 11 -6.67 -17.52 -6.69
N THR G 12 -7.20 -17.33 -7.90
CA THR G 12 -8.50 -16.70 -8.07
C THR G 12 -9.60 -17.56 -7.47
N THR G 13 -9.51 -18.88 -7.63
CA THR G 13 -10.56 -19.79 -7.22
C THR G 13 -10.26 -20.48 -5.89
N ASP G 14 -9.34 -19.95 -5.10
CA ASP G 14 -9.00 -20.54 -3.81
C ASP G 14 -9.85 -19.94 -2.69
N ILE G 15 -10.03 -20.71 -1.65
CA ILE G 15 -10.86 -20.33 -0.51
C ILE G 15 -9.99 -19.67 0.55
N GLY G 16 -10.53 -18.66 1.21
CA GLY G 16 -9.88 -18.11 2.38
C GLY G 16 -9.23 -16.75 2.19
N SER G 17 -9.80 -15.92 1.33
CA SER G 17 -9.31 -14.57 1.14
C SER G 17 -10.12 -13.59 1.99
N ASN G 18 -9.41 -12.71 2.69
CA ASN G 18 -10.04 -11.72 3.58
C ASN G 18 -10.93 -12.39 4.61
N THR G 19 -10.44 -13.48 5.17
CA THR G 19 -11.18 -14.28 6.14
C THR G 19 -10.35 -14.40 7.42
N THR G 20 -11.02 -14.29 8.55
CA THR G 20 -10.39 -14.56 9.85
C THR G 20 -10.46 -16.05 10.12
N VAL G 21 -9.30 -16.70 10.17
CA VAL G 21 -9.22 -18.14 10.38
C VAL G 21 -8.96 -18.40 11.85
N LYS G 22 -9.71 -19.32 12.43
CA LYS G 22 -9.57 -19.64 13.86
C LYS G 22 -8.83 -20.96 13.99
N THR G 23 -7.59 -20.91 14.44
CA THR G 23 -6.77 -22.11 14.52
C THR G 23 -6.66 -22.58 15.96
N GLY G 24 -6.29 -23.84 16.11
CA GLY G 24 -6.16 -24.40 17.45
C GLY G 24 -5.35 -25.68 17.43
N ASP G 25 -4.91 -26.08 18.62
CA ASP G 25 -4.03 -27.23 18.78
C ASP G 25 -4.51 -28.06 19.94
N LEU G 26 -4.61 -29.37 19.76
CA LEU G 26 -5.01 -30.30 20.80
C LEU G 26 -4.00 -31.42 20.88
N VAL G 27 -3.34 -31.55 22.02
CA VAL G 27 -2.23 -32.48 22.20
C VAL G 27 -2.60 -33.48 23.28
N THR G 28 -2.41 -34.77 22.99
CA THR G 28 -2.58 -35.80 23.99
C THR G 28 -1.46 -36.82 23.83
N TYR G 29 -1.11 -37.49 24.92
CA TYR G 29 -0.10 -38.54 24.87
C TYR G 29 -0.67 -39.81 25.48
N ASP G 30 -0.77 -40.85 24.67
CA ASP G 30 -1.20 -42.17 25.11
C ASP G 30 0.05 -42.94 25.52
N LYS G 31 0.24 -43.11 26.82
CA LYS G 31 1.43 -43.75 27.35
C LYS G 31 1.41 -45.25 27.13
N GLU G 32 0.25 -45.88 27.25
CA GLU G 32 0.16 -47.33 27.07
C GLU G 32 0.54 -47.73 25.65
N ASN G 33 0.06 -47.00 24.65
CA ASN G 33 0.34 -47.30 23.26
C ASN G 33 1.51 -46.51 22.69
N GLY G 34 2.11 -45.63 23.48
CA GLY G 34 3.25 -44.86 23.03
C GLY G 34 2.94 -43.98 21.84
N MET G 35 1.85 -43.22 21.90
CA MET G 35 1.40 -42.43 20.77
C MET G 35 1.24 -40.98 21.20
N HIS G 36 1.99 -40.09 20.56
CA HIS G 36 1.84 -38.66 20.79
C HIS G 36 0.92 -38.12 19.71
N LYS G 37 -0.34 -37.86 20.06
CA LYS G 37 -1.35 -37.46 19.09
C LYS G 37 -1.52 -35.95 19.12
N LYS G 38 -1.58 -35.34 17.95
CA LYS G 38 -1.67 -33.90 17.82
C LYS G 38 -2.68 -33.56 16.74
N VAL G 39 -3.65 -32.73 17.07
CA VAL G 39 -4.64 -32.27 16.11
C VAL G 39 -4.46 -30.77 15.96
N PHE G 40 -4.18 -30.33 14.75
CA PHE G 40 -4.12 -28.90 14.43
C PHE G 40 -5.34 -28.57 13.57
N TYR G 41 -6.24 -27.77 14.10
CA TYR G 41 -7.47 -27.49 13.39
C TYR G 41 -7.52 -26.03 12.98
N SER G 42 -8.27 -25.78 11.90
CA SER G 42 -8.46 -24.45 11.35
C SER G 42 -9.90 -24.30 10.90
N PHE G 43 -10.62 -23.36 11.49
CA PHE G 43 -11.96 -23.01 11.06
C PHE G 43 -11.87 -21.89 10.04
N ILE G 44 -12.46 -22.12 8.87
CA ILE G 44 -12.52 -21.14 7.79
C ILE G 44 -13.99 -20.90 7.45
N ASP G 45 -14.43 -19.67 7.64
CA ASP G 45 -15.79 -19.26 7.29
C ASP G 45 -15.67 -18.15 6.25
N ASP G 46 -15.56 -18.55 5.00
CA ASP G 46 -15.47 -17.61 3.89
C ASP G 46 -16.89 -17.28 3.43
N LYS G 47 -17.20 -15.98 3.38
CA LYS G 47 -18.55 -15.56 3.00
C LYS G 47 -18.86 -15.93 1.55
N ASN G 48 -17.84 -15.98 0.69
CA ASN G 48 -18.02 -16.32 -0.70
C ASN G 48 -18.07 -17.82 -0.95
N HIS G 49 -17.89 -18.63 0.09
CA HIS G 49 -17.99 -20.08 -0.02
C HIS G 49 -19.35 -20.53 0.52
N ASN G 50 -19.90 -21.57 -0.09
CA ASN G 50 -21.25 -22.00 0.23
C ASN G 50 -21.34 -22.81 1.52
N LYS G 51 -20.24 -23.03 2.23
CA LYS G 51 -20.25 -23.84 3.43
C LYS G 51 -19.17 -23.37 4.39
N LYS G 52 -19.29 -23.79 5.64
CA LYS G 52 -18.22 -23.63 6.62
C LYS G 52 -17.22 -24.77 6.47
N LEU G 53 -15.94 -24.47 6.63
CA LEU G 53 -14.87 -25.45 6.46
C LEU G 53 -14.11 -25.64 7.77
N LEU G 54 -13.81 -26.88 8.09
CA LEU G 54 -12.86 -27.22 9.13
C LEU G 54 -11.75 -28.06 8.53
N VAL G 55 -10.53 -27.55 8.57
CA VAL G 55 -9.35 -28.31 8.16
C VAL G 55 -8.74 -28.92 9.41
N ILE G 56 -8.65 -30.25 9.43
CA ILE G 56 -8.06 -30.98 10.54
C ILE G 56 -6.78 -31.63 10.05
N ARG G 57 -5.68 -31.33 10.72
CA ARG G 57 -4.39 -31.94 10.42
C ARG G 57 -4.03 -32.87 11.57
N THR G 58 -3.89 -34.15 11.26
CA THR G 58 -3.42 -35.14 12.22
C THR G 58 -1.91 -35.25 12.12
N LYS G 59 -1.25 -34.99 13.24
CA LYS G 59 0.20 -34.98 13.36
C LYS G 59 0.55 -35.68 14.67
N GLY G 60 1.83 -35.63 15.01
CA GLY G 60 2.31 -36.31 16.19
C GLY G 60 3.29 -37.39 15.80
N THR G 61 3.39 -38.43 16.62
CA THR G 61 4.31 -39.52 16.35
C THR G 61 3.77 -40.80 16.95
N ILE G 62 3.71 -41.85 16.14
CA ILE G 62 3.46 -43.20 16.62
C ILE G 62 4.82 -43.86 16.74
N ALA G 63 5.21 -44.22 17.96
CA ALA G 63 6.51 -44.86 18.16
C ALA G 63 6.54 -46.23 17.49
N GLY G 64 7.70 -46.59 16.96
CA GLY G 64 7.85 -47.86 16.28
C GLY G 64 7.79 -49.07 17.19
N GLN G 65 8.53 -49.02 18.31
CA GLN G 65 8.56 -50.09 19.31
C GLN G 65 9.11 -51.40 18.72
N TYR G 66 10.23 -51.28 18.01
CA TYR G 66 10.99 -52.43 17.51
C TYR G 66 11.78 -53.00 18.66
N ARG G 67 11.41 -54.20 19.13
CA ARG G 67 12.08 -54.67 20.35
C ARG G 67 12.04 -56.19 20.44
N VAL G 68 13.10 -56.75 21.01
CA VAL G 68 13.11 -58.18 21.34
C VAL G 68 12.21 -58.39 22.53
N TYR G 69 11.21 -59.26 22.38
CA TYR G 69 10.22 -59.45 23.43
C TYR G 69 10.29 -60.80 24.11
N SER G 70 10.82 -61.83 23.46
CA SER G 70 10.89 -63.16 24.05
C SER G 70 12.26 -63.75 23.82
N GLU G 71 12.76 -64.48 24.81
CA GLU G 71 14.07 -65.14 24.73
C GLU G 71 13.92 -66.52 25.36
N GLU G 72 13.66 -67.53 24.53
CA GLU G 72 13.54 -68.91 25.00
C GLU G 72 14.92 -69.55 24.96
N GLY G 73 15.63 -69.46 26.07
CA GLY G 73 16.97 -70.03 26.12
C GLY G 73 17.93 -69.19 25.32
N ALA G 74 18.78 -69.87 24.54
CA ALA G 74 19.75 -69.20 23.69
C ALA G 74 19.62 -69.56 22.23
N ASN G 75 18.69 -70.44 21.87
CA ASN G 75 18.51 -70.88 20.50
C ASN G 75 17.28 -70.31 19.83
N LYS G 76 16.38 -69.68 20.58
CA LYS G 76 15.16 -69.10 20.04
C LYS G 76 14.96 -67.70 20.58
N SER G 77 14.49 -66.81 19.71
CA SER G 77 14.18 -65.45 20.16
C SER G 77 13.14 -64.84 19.24
N GLY G 78 12.49 -63.79 19.74
CA GLY G 78 11.44 -63.12 19.00
C GLY G 78 11.49 -61.62 19.08
N LEU G 79 11.18 -60.97 17.96
CA LEU G 79 11.25 -59.53 17.80
C LEU G 79 9.88 -59.03 17.34
N ALA G 80 9.36 -58.02 18.04
CA ALA G 80 8.13 -57.36 17.60
C ALA G 80 8.50 -56.10 16.85
N TRP G 81 7.95 -55.94 15.66
CA TRP G 81 8.30 -54.78 14.86
C TRP G 81 7.08 -54.21 14.15
N PRO G 82 7.07 -52.91 13.87
CA PRO G 82 5.88 -52.28 13.26
C PRO G 82 5.84 -52.49 11.76
N SER G 83 4.79 -53.14 11.28
CA SER G 83 4.60 -53.32 9.86
C SER G 83 3.62 -52.33 9.25
N ALA G 84 2.80 -51.65 10.07
CA ALA G 84 1.86 -50.67 9.54
C ALA G 84 1.54 -49.64 10.61
N PHE G 85 1.47 -48.38 10.19
CA PHE G 85 0.92 -47.29 10.98
C PHE G 85 -0.35 -46.81 10.30
N LYS G 86 -1.37 -46.48 11.09
CA LYS G 86 -2.65 -46.09 10.51
C LYS G 86 -3.21 -44.87 11.20
N VAL G 87 -3.89 -44.02 10.43
CA VAL G 87 -4.62 -42.88 10.96
C VAL G 87 -6.00 -42.85 10.33
N GLN G 88 -7.04 -42.81 11.16
CA GLN G 88 -8.41 -42.81 10.68
C GLN G 88 -9.22 -41.70 11.33
N LEU G 89 -10.07 -41.05 10.55
CA LEU G 89 -11.03 -40.07 11.03
C LEU G 89 -12.43 -40.52 10.63
N GLN G 90 -13.34 -40.51 11.59
CA GLN G 90 -14.69 -41.00 11.36
C GLN G 90 -15.70 -40.05 11.98
N LEU G 91 -16.72 -39.71 11.21
CA LEU G 91 -17.91 -38.99 11.65
C LEU G 91 -19.04 -39.96 11.92
N PRO G 92 -19.82 -39.77 12.98
CA PRO G 92 -21.01 -40.60 13.19
C PRO G 92 -22.01 -40.42 12.06
N ASP G 93 -22.74 -41.50 11.78
CA ASP G 93 -23.61 -41.52 10.61
C ASP G 93 -24.78 -40.54 10.71
N ASN G 94 -25.12 -40.09 11.93
CA ASN G 94 -26.22 -39.16 12.12
C ASN G 94 -25.82 -37.70 11.93
N GLU G 95 -24.54 -37.41 11.77
CA GLU G 95 -24.09 -36.04 11.58
C GLU G 95 -24.44 -35.55 10.18
N VAL G 96 -24.56 -34.22 10.04
CA VAL G 96 -24.78 -33.62 8.74
C VAL G 96 -23.51 -33.05 8.14
N ALA G 97 -22.43 -32.96 8.91
CA ALA G 97 -21.14 -32.60 8.35
C ALA G 97 -20.61 -33.73 7.48
N GLN G 98 -19.87 -33.37 6.45
CA GLN G 98 -19.34 -34.34 5.50
C GLN G 98 -17.84 -34.14 5.36
N ILE G 99 -17.13 -35.26 5.19
CA ILE G 99 -15.74 -35.18 4.76
C ILE G 99 -15.72 -34.78 3.29
N SER G 100 -15.08 -33.67 2.99
CA SER G 100 -15.08 -33.14 1.64
C SER G 100 -13.73 -33.25 0.95
N ASP G 101 -12.62 -33.15 1.67
CA ASP G 101 -11.34 -33.26 0.99
C ASP G 101 -10.33 -33.94 1.91
N TYR G 102 -9.21 -34.36 1.33
CA TYR G 102 -8.19 -35.07 2.07
C TYR G 102 -6.87 -34.96 1.31
N TYR G 103 -5.77 -35.09 2.04
CA TYR G 103 -4.44 -35.03 1.47
C TYR G 103 -3.48 -35.71 2.42
N PRO G 104 -2.51 -36.50 1.92
CA PRO G 104 -2.23 -36.83 0.52
C PRO G 104 -3.16 -37.88 -0.06
N ARG G 105 -3.06 -38.08 -1.37
CA ARG G 105 -3.83 -39.07 -2.09
C ARG G 105 -2.87 -40.06 -2.74
N ASN G 106 -3.45 -41.03 -3.45
CA ASN G 106 -2.65 -42.04 -4.14
C ASN G 106 -2.13 -41.49 -5.46
N SER G 107 -0.84 -41.65 -5.70
CA SER G 107 -0.21 -41.21 -6.93
C SER G 107 0.04 -42.40 -7.86
N ILE G 108 0.20 -42.09 -9.14
CA ILE G 108 0.52 -43.08 -10.14
C ILE G 108 2.03 -43.27 -10.19
N ASP G 109 2.47 -44.50 -9.98
CA ASP G 109 3.89 -44.82 -10.04
C ASP G 109 4.36 -44.94 -11.49
N THR G 110 5.63 -44.63 -11.70
CA THR G 110 6.25 -44.70 -13.02
C THR G 110 7.50 -45.56 -12.96
N LYS G 111 7.91 -46.03 -14.14
CA LYS G 111 9.13 -46.81 -14.28
C LYS G 111 9.81 -46.39 -15.57
N GLU G 112 11.11 -46.60 -15.62
CA GLU G 112 11.92 -46.27 -16.79
C GLU G 112 12.29 -47.56 -17.52
N TYR G 113 12.03 -47.59 -18.82
CA TYR G 113 12.30 -48.75 -19.66
C TYR G 113 13.43 -48.41 -20.63
N MET G 114 14.33 -49.37 -20.82
CA MET G 114 15.43 -49.23 -21.77
C MET G 114 15.53 -50.49 -22.61
N SER G 115 15.75 -50.31 -23.91
CA SER G 115 15.98 -51.43 -24.80
C SER G 115 17.24 -51.17 -25.62
N THR G 116 18.07 -52.19 -25.77
CA THR G 116 19.36 -52.08 -26.43
C THR G 116 19.50 -53.17 -27.47
N LEU G 117 20.01 -52.79 -28.65
CA LEU G 117 20.34 -53.74 -29.70
C LEU G 117 21.76 -53.46 -30.16
N THR G 118 22.63 -54.45 -30.05
CA THR G 118 24.02 -54.32 -30.45
C THR G 118 24.37 -55.43 -31.44
N TYR G 119 25.15 -55.10 -32.46
CA TYR G 119 25.70 -56.14 -33.32
C TYR G 119 27.13 -55.77 -33.67
N GLY G 120 27.94 -56.78 -33.89
CA GLY G 120 29.35 -56.55 -34.14
C GLY G 120 29.98 -57.64 -34.98
N PHE G 121 31.08 -57.27 -35.63
CA PHE G 121 31.90 -58.21 -36.38
C PHE G 121 33.34 -58.12 -35.87
N ASN G 122 34.03 -59.24 -35.89
CA ASN G 122 35.42 -59.29 -35.45
C ASN G 122 36.18 -60.28 -36.30
N SER G 123 37.50 -60.12 -36.33
CA SER G 123 38.35 -60.98 -37.13
C SER G 123 39.74 -60.99 -36.52
N ASN G 124 40.46 -62.10 -36.72
CA ASN G 124 41.83 -62.17 -36.26
C ASN G 124 42.65 -63.08 -37.16
N VAL G 125 43.95 -62.87 -37.13
CA VAL G 125 44.92 -63.63 -37.93
C VAL G 125 45.98 -64.17 -36.98
N THR G 126 46.27 -65.47 -37.08
CA THR G 126 47.16 -66.15 -36.16
C THR G 126 48.34 -66.77 -36.91
N GLY G 127 49.48 -66.83 -36.24
CA GLY G 127 50.66 -67.48 -36.77
C GLY G 127 51.54 -67.95 -35.63
N ASP G 128 52.55 -68.74 -35.98
CA ASP G 128 53.52 -69.22 -35.01
C ASP G 128 54.86 -69.43 -35.70
N ASP G 129 55.77 -70.11 -35.01
CA ASP G 129 57.09 -70.38 -35.58
C ASP G 129 57.02 -71.42 -36.68
N THR G 130 56.14 -72.41 -36.54
CA THR G 130 56.06 -73.48 -37.53
C THR G 130 55.67 -72.93 -38.91
N GLY G 131 54.70 -72.01 -38.94
CA GLY G 131 54.35 -71.36 -40.19
C GLY G 131 52.91 -71.53 -40.61
N LYS G 132 52.08 -72.05 -39.71
CA LYS G 132 50.65 -72.22 -40.00
C LYS G 132 49.95 -70.89 -39.76
N ILE G 133 49.44 -70.29 -40.82
CA ILE G 133 48.75 -69.01 -40.77
C ILE G 133 47.25 -69.28 -40.75
N GLY G 134 46.61 -69.05 -39.61
CA GLY G 134 45.19 -69.22 -39.47
C GLY G 134 44.44 -67.91 -39.45
N GLY G 135 43.13 -68.01 -39.60
CA GLY G 135 42.28 -66.82 -39.59
C GLY G 135 40.91 -67.15 -39.04
N LEU G 136 40.27 -66.13 -38.45
CA LEU G 136 38.95 -66.30 -37.88
C LEU G 136 38.12 -65.05 -38.16
N ILE G 137 36.86 -65.27 -38.55
CA ILE G 137 35.89 -64.20 -38.76
C ILE G 137 34.63 -64.56 -37.98
N GLY G 138 34.09 -63.59 -37.23
CA GLY G 138 32.92 -63.85 -36.42
C GLY G 138 32.00 -62.66 -36.36
N ALA G 139 30.76 -62.93 -35.99
CA ALA G 139 29.74 -61.90 -35.82
C ALA G 139 28.89 -62.23 -34.60
N ASN G 140 28.28 -61.19 -34.02
CA ASN G 140 27.44 -61.38 -32.85
C ASN G 140 26.34 -60.33 -32.85
N VAL G 141 25.24 -60.66 -32.18
CA VAL G 141 24.11 -59.76 -31.97
C VAL G 141 23.56 -60.01 -30.57
N SER G 142 23.20 -58.93 -29.88
CA SER G 142 22.66 -59.02 -28.54
C SER G 142 21.52 -58.03 -28.36
N ILE G 143 20.48 -58.48 -27.65
CA ILE G 143 19.34 -57.66 -27.31
C ILE G 143 19.21 -57.62 -25.80
N GLY G 144 18.93 -56.43 -25.26
CA GLY G 144 18.83 -56.27 -23.82
C GLY G 144 17.66 -55.38 -23.46
N HIS G 145 17.10 -55.63 -22.28
CA HIS G 145 16.02 -54.82 -21.72
C HIS G 145 16.36 -54.50 -20.28
N THR G 146 16.01 -53.29 -19.85
CA THR G 146 16.31 -52.82 -18.51
C THR G 146 15.10 -52.09 -17.96
N LEU G 147 14.81 -52.32 -16.69
CA LEU G 147 13.71 -51.68 -15.98
C LEU G 147 14.25 -51.01 -14.72
N ARG G 148 13.89 -49.75 -14.50
CA ARG G 148 14.40 -49.00 -13.38
C ARG G 148 13.26 -48.29 -12.66
N TYR G 149 13.17 -48.46 -11.35
CA TYR G 149 12.14 -47.77 -10.57
C TYR G 149 12.60 -47.61 -9.13
N VAL G 150 11.93 -46.73 -8.42
CA VAL G 150 12.27 -46.37 -7.05
C VAL G 150 11.38 -47.14 -6.09
N GLN G 151 11.99 -47.71 -5.06
CA GLN G 151 11.28 -48.49 -4.05
C GLN G 151 11.44 -47.87 -2.67
N PRO G 152 10.42 -47.22 -2.12
CA PRO G 152 10.54 -46.69 -0.76
C PRO G 152 10.47 -47.80 0.29
N ASP G 153 11.01 -47.48 1.46
CA ASP G 153 10.93 -48.41 2.59
C ASP G 153 9.49 -48.59 3.08
N PHE G 154 8.72 -47.52 3.10
CA PHE G 154 7.33 -47.54 3.55
C PHE G 154 6.48 -46.83 2.51
N LYS G 155 5.28 -47.37 2.27
CA LYS G 155 4.33 -46.80 1.33
C LYS G 155 3.21 -46.10 2.09
N THR G 156 2.89 -44.88 1.68
CA THR G 156 1.76 -44.15 2.22
C THR G 156 0.58 -44.27 1.27
N ILE G 157 -0.54 -44.76 1.78
CA ILE G 157 -1.70 -45.12 0.98
C ILE G 157 -2.93 -44.46 1.59
N LEU G 158 -3.67 -43.74 0.76
CA LEU G 158 -4.98 -43.23 1.15
C LEU G 158 -6.02 -44.32 0.93
N GLU G 159 -6.60 -44.82 2.02
CA GLU G 159 -7.64 -45.81 1.91
C GLU G 159 -8.94 -45.16 1.41
N SER G 160 -9.73 -45.94 0.68
CA SER G 160 -10.93 -45.47 0.00
C SER G 160 -11.85 -44.67 0.92
N PRO G 161 -11.96 -43.37 0.72
CA PRO G 161 -12.77 -42.55 1.62
C PRO G 161 -14.25 -42.58 1.25
N THR G 162 -15.07 -42.29 2.25
CA THR G 162 -16.47 -41.99 2.08
C THR G 162 -16.69 -40.55 2.54
N ASP G 163 -17.95 -40.14 2.63
CA ASP G 163 -18.22 -38.82 3.17
C ASP G 163 -18.24 -38.80 4.69
N LYS G 164 -18.08 -39.95 5.34
CA LYS G 164 -18.10 -40.04 6.78
C LYS G 164 -16.80 -40.55 7.40
N LYS G 165 -15.92 -41.18 6.62
CA LYS G 165 -14.66 -41.67 7.18
C LYS G 165 -13.56 -41.59 6.13
N VAL G 166 -12.35 -41.28 6.60
CA VAL G 166 -11.17 -41.24 5.76
C VAL G 166 -10.03 -41.86 6.54
N GLY G 167 -9.05 -42.42 5.84
CA GLY G 167 -7.96 -43.11 6.50
C GLY G 167 -6.73 -43.17 5.64
N TRP G 168 -5.57 -43.20 6.29
CA TRP G 168 -4.29 -43.42 5.66
C TRP G 168 -3.57 -44.55 6.36
N LYS G 169 -2.80 -45.31 5.60
CA LYS G 169 -1.91 -46.31 6.18
C LYS G 169 -0.53 -46.20 5.57
N VAL G 170 0.48 -46.30 6.42
CA VAL G 170 1.88 -46.37 6.03
C VAL G 170 2.34 -47.79 6.30
N ILE G 171 2.63 -48.53 5.25
CA ILE G 171 2.89 -49.96 5.35
C ILE G 171 4.34 -50.23 4.96
N PHE G 172 4.92 -51.25 5.60
CA PHE G 172 6.27 -51.66 5.29
C PHE G 172 6.32 -52.27 3.90
N ASN G 173 7.26 -51.80 3.07
CA ASN G 173 7.36 -52.30 1.71
C ASN G 173 8.47 -53.33 1.56
N ASN G 174 9.72 -52.91 1.78
CA ASN G 174 10.87 -53.80 1.82
C ASN G 174 12.06 -53.02 2.35
N MET G 175 13.10 -53.74 2.74
CA MET G 175 14.23 -53.12 3.40
C MET G 175 15.51 -53.80 2.99
N VAL G 176 16.60 -53.04 3.02
CA VAL G 176 17.94 -53.56 2.76
C VAL G 176 18.57 -53.94 4.09
N ASN G 177 19.13 -55.14 4.14
CA ASN G 177 19.75 -55.68 5.36
C ASN G 177 21.25 -55.81 5.10
N GLN G 178 22.01 -54.81 5.55
CA GLN G 178 23.47 -54.80 5.44
C GLN G 178 23.93 -55.00 3.99
N ASN G 179 23.40 -54.16 3.11
CA ASN G 179 23.68 -54.14 1.67
C ASN G 179 23.14 -55.36 0.94
N TRP G 180 22.36 -56.22 1.60
CA TRP G 180 21.70 -57.35 0.98
C TRP G 180 20.23 -57.06 0.77
N GLY G 181 19.61 -57.81 -0.12
CA GLY G 181 18.18 -57.72 -0.31
C GLY G 181 17.80 -57.02 -1.60
N PRO G 182 16.70 -56.26 -1.57
CA PRO G 182 15.87 -55.99 -0.39
C PRO G 182 14.95 -57.14 0.00
N TYR G 183 14.64 -57.24 1.29
CA TYR G 183 13.77 -58.26 1.83
C TYR G 183 12.43 -57.66 2.22
N ASP G 184 11.38 -58.47 2.14
CA ASP G 184 10.07 -58.05 2.63
C ASP G 184 9.47 -59.12 3.53
N ARG G 185 8.21 -58.93 3.92
CA ARG G 185 7.58 -59.86 4.86
C ARG G 185 7.33 -61.23 4.26
N ASP G 186 7.38 -61.37 2.95
CA ASP G 186 7.14 -62.65 2.29
C ASP G 186 8.42 -63.30 1.78
N SER G 187 9.58 -62.70 2.02
CA SER G 187 10.83 -63.26 1.56
C SER G 187 11.05 -64.62 2.20
N TRP G 188 11.43 -65.60 1.38
CA TRP G 188 11.68 -66.94 1.90
C TRP G 188 12.89 -67.55 1.20
N ASN G 189 13.74 -68.19 2.00
CA ASN G 189 14.89 -68.93 1.54
C ASN G 189 14.84 -70.32 2.15
N PRO G 190 15.08 -71.38 1.37
CA PRO G 190 14.94 -72.72 1.93
C PRO G 190 15.87 -73.00 3.09
N VAL G 191 17.05 -72.37 3.11
CA VAL G 191 18.02 -72.61 4.18
C VAL G 191 17.83 -71.64 5.33
N TYR G 192 17.69 -70.35 5.04
CA TYR G 192 17.66 -69.33 6.08
C TYR G 192 16.27 -68.80 6.39
N GLY G 193 15.26 -69.14 5.58
CA GLY G 193 13.95 -68.57 5.82
C GLY G 193 13.91 -67.11 5.45
N ASN G 194 13.24 -66.32 6.26
CA ASN G 194 13.18 -64.87 6.07
C ASN G 194 14.36 -64.23 6.79
N GLN G 195 15.19 -63.49 6.04
CA GLN G 195 16.38 -62.86 6.58
C GLN G 195 16.19 -61.36 6.78
N LEU G 196 14.97 -60.93 7.09
CA LEU G 196 14.67 -59.50 7.12
C LEU G 196 15.47 -58.78 8.20
N PHE G 197 15.51 -59.33 9.41
CA PHE G 197 16.17 -58.69 10.54
C PHE G 197 17.24 -59.58 11.15
N MET G 198 17.83 -60.46 10.35
CA MET G 198 18.86 -61.37 10.81
C MET G 198 20.22 -60.70 10.68
N LYS G 199 20.98 -60.68 11.78
CA LYS G 199 22.27 -60.01 11.75
C LYS G 199 23.33 -60.89 11.10
N THR G 200 23.51 -62.11 11.57
CA THR G 200 24.49 -63.04 11.03
C THR G 200 23.80 -64.35 10.66
N ARG G 201 24.29 -64.98 9.60
CA ARG G 201 23.69 -66.22 9.13
C ARG G 201 24.04 -67.39 10.04
N ASN G 202 25.28 -67.44 10.53
CA ASN G 202 25.69 -68.56 11.38
C ASN G 202 26.58 -68.11 12.53
N GLY G 203 26.39 -66.89 13.03
CA GLY G 203 27.12 -66.46 14.20
C GLY G 203 26.77 -67.28 15.42
N SER G 204 27.76 -67.46 16.29
CA SER G 204 27.59 -68.30 17.48
C SER G 204 27.37 -67.37 18.68
N MET G 205 26.11 -66.99 18.87
CA MET G 205 25.72 -66.12 19.97
C MET G 205 24.29 -66.47 20.37
N LYS G 206 23.80 -65.82 21.42
CA LYS G 206 22.41 -65.97 21.80
C LYS G 206 21.50 -65.40 20.73
N ALA G 207 20.36 -66.05 20.53
CA ALA G 207 19.43 -65.62 19.48
C ALA G 207 18.95 -64.20 19.71
N ALA G 208 18.87 -63.76 20.97
CA ALA G 208 18.45 -62.40 21.26
C ALA G 208 19.46 -61.36 20.78
N ASP G 209 20.69 -61.78 20.51
CA ASP G 209 21.73 -60.87 20.04
C ASP G 209 21.97 -60.99 18.54
N ASN G 210 21.13 -61.74 17.82
CA ASN G 210 21.30 -61.94 16.39
C ASN G 210 20.32 -61.13 15.56
N PHE G 211 19.73 -60.09 16.15
CA PHE G 211 18.81 -59.23 15.42
C PHE G 211 19.52 -57.98 14.94
N LEU G 212 19.09 -57.48 13.79
CA LEU G 212 19.68 -56.29 13.22
C LEU G 212 19.57 -55.12 14.19
N ASP G 213 20.65 -54.34 14.28
CA ASP G 213 20.66 -53.17 15.14
C ASP G 213 19.63 -52.15 14.64
N PRO G 214 18.80 -51.58 15.52
CA PRO G 214 17.80 -50.61 15.05
C PRO G 214 18.42 -49.41 14.36
N ASN G 215 19.66 -49.05 14.70
CA ASN G 215 20.33 -47.95 14.02
C ASN G 215 20.65 -48.27 12.56
N LYS G 216 20.76 -49.55 12.23
CA LYS G 216 21.07 -49.96 10.87
C LYS G 216 19.83 -50.22 10.02
N ALA G 217 18.65 -50.10 10.59
CA ALA G 217 17.40 -50.27 9.87
C ALA G 217 16.75 -48.91 9.66
N SER G 218 15.54 -48.93 9.10
CA SER G 218 14.76 -47.70 8.97
C SER G 218 14.50 -47.12 10.35
N SER G 219 14.56 -45.78 10.45
CA SER G 219 14.27 -45.13 11.72
C SER G 219 12.80 -45.17 12.08
N LEU G 220 11.92 -45.45 11.10
CA LEU G 220 10.51 -45.66 11.40
C LEU G 220 10.28 -46.90 12.24
N LEU G 221 11.16 -47.89 12.14
CA LEU G 221 10.96 -49.14 12.88
C LEU G 221 11.12 -48.94 14.38
N SER G 222 12.06 -48.11 14.80
CA SER G 222 12.33 -47.91 16.21
C SER G 222 11.80 -46.59 16.74
N SER G 223 12.21 -45.46 16.14
CA SER G 223 11.80 -44.17 16.66
C SER G 223 10.37 -43.81 16.30
N GLY G 224 9.90 -44.21 15.13
CA GLY G 224 8.50 -44.14 14.79
C GLY G 224 8.22 -43.21 13.63
N PHE G 225 6.93 -43.10 13.33
CA PHE G 225 6.43 -42.38 12.16
C PHE G 225 5.65 -41.16 12.61
N SER G 226 5.80 -40.06 11.89
CA SER G 226 5.08 -38.83 12.20
C SER G 226 4.05 -38.53 11.12
N PRO G 227 2.76 -38.70 11.40
CA PRO G 227 1.75 -38.39 10.38
C PRO G 227 1.70 -36.91 10.08
N ASP G 228 1.34 -36.59 8.85
CA ASP G 228 1.12 -35.21 8.42
C ASP G 228 -0.11 -35.13 7.54
N PHE G 229 -1.23 -35.69 8.00
CA PHE G 229 -2.38 -35.84 7.12
C PHE G 229 -3.38 -34.70 7.32
N ALA G 230 -4.08 -34.34 6.25
CA ALA G 230 -5.05 -33.25 6.29
C ALA G 230 -6.39 -33.73 5.76
N THR G 231 -7.47 -33.29 6.40
CA THR G 231 -8.81 -33.58 5.92
C THR G 231 -9.70 -32.36 6.12
N VAL G 232 -10.54 -32.08 5.13
CA VAL G 232 -11.44 -30.94 5.14
C VAL G 232 -12.87 -31.45 5.31
N ILE G 233 -13.56 -30.91 6.32
CA ILE G 233 -14.93 -31.24 6.66
C ILE G 233 -15.81 -30.03 6.40
N THR G 234 -16.92 -30.23 5.71
CA THR G 234 -17.84 -29.17 5.32
C THR G 234 -19.08 -29.17 6.20
N MET G 235 -19.68 -28.00 6.37
CA MET G 235 -20.88 -27.85 7.18
C MET G 235 -21.79 -26.80 6.58
N ASP G 236 -23.10 -27.07 6.58
CA ASP G 236 -24.07 -26.10 6.12
C ASP G 236 -24.23 -24.96 7.11
N ARG G 237 -24.42 -23.74 6.60
CA ARG G 237 -24.39 -22.56 7.44
C ARG G 237 -25.63 -22.39 8.30
N CYS G 238 -26.81 -22.68 7.77
CA CYS G 238 -28.05 -22.50 8.51
C CYS G 238 -28.61 -23.84 8.99
N ALA G 239 -27.72 -24.76 9.36
CA ALA G 239 -28.15 -26.03 9.93
C ALA G 239 -28.63 -25.83 11.37
N SER G 240 -29.50 -26.73 11.80
CA SER G 240 -30.09 -26.61 13.13
C SER G 240 -29.04 -26.82 14.22
N LYS G 241 -28.38 -27.97 14.22
CA LYS G 241 -27.37 -28.28 15.23
C LYS G 241 -26.00 -27.90 14.70
N GLN G 242 -25.30 -27.03 15.43
CA GLN G 242 -23.96 -26.60 15.05
C GLN G 242 -22.89 -27.28 15.91
N GLN G 243 -23.11 -28.52 16.29
CA GLN G 243 -22.13 -29.31 17.03
C GLN G 243 -21.90 -30.63 16.30
N THR G 244 -20.64 -31.03 16.19
CA THR G 244 -20.28 -32.28 15.55
C THR G 244 -19.39 -33.09 16.47
N ASN G 245 -19.44 -34.41 16.35
CA ASN G 245 -18.50 -35.29 17.00
C ASN G 245 -17.63 -35.96 15.95
N ILE G 246 -16.34 -36.11 16.25
CA ILE G 246 -15.45 -36.79 15.32
C ILE G 246 -14.51 -37.70 16.11
N ASP G 247 -14.24 -38.87 15.55
CA ASP G 247 -13.32 -39.83 16.17
C ASP G 247 -12.02 -39.87 15.39
N VAL G 248 -10.91 -39.74 16.09
CA VAL G 248 -9.58 -39.86 15.50
C VAL G 248 -8.90 -41.08 16.10
N ILE G 249 -8.40 -41.96 15.25
CA ILE G 249 -7.82 -43.22 15.68
C ILE G 249 -6.40 -43.31 15.13
N TYR G 250 -5.45 -43.57 16.01
CA TYR G 250 -4.08 -43.90 15.63
C TYR G 250 -3.87 -45.38 15.87
N GLU G 251 -3.17 -46.04 14.95
CA GLU G 251 -3.06 -47.48 15.03
C GLU G 251 -1.66 -47.92 14.65
N ARG G 252 -1.18 -48.98 15.29
CA ARG G 252 0.08 -49.60 14.95
C ARG G 252 -0.11 -51.10 14.87
N VAL G 253 0.28 -51.70 13.75
CA VAL G 253 0.24 -53.14 13.58
C VAL G 253 1.65 -53.68 13.73
N ARG G 254 1.81 -54.74 14.52
CA ARG G 254 3.11 -55.29 14.84
C ARG G 254 3.18 -56.74 14.40
N ASP G 255 4.23 -57.05 13.64
CA ASP G 255 4.59 -58.39 13.20
C ASP G 255 5.56 -59.02 14.18
N ASP G 256 5.67 -60.34 14.10
CA ASP G 256 6.48 -61.15 15.00
C ASP G 256 7.54 -61.88 14.18
N TYR G 257 8.81 -61.51 14.36
CA TYR G 257 9.92 -62.10 13.65
C TYR G 257 10.71 -62.99 14.60
N GLN G 258 10.72 -64.29 14.33
CA GLN G 258 11.35 -65.25 15.21
C GLN G 258 12.61 -65.81 14.57
N LEU G 259 13.68 -65.86 15.35
CA LEU G 259 14.94 -66.48 14.94
C LEU G 259 15.14 -67.74 15.75
N HIS G 260 15.51 -68.83 15.07
CA HIS G 260 15.81 -70.07 15.77
C HIS G 260 17.00 -70.76 15.11
N TRP G 261 17.76 -71.46 15.94
CA TRP G 261 18.98 -72.12 15.52
C TRP G 261 18.67 -73.53 15.02
N THR G 262 19.12 -73.85 13.81
CA THR G 262 18.87 -75.14 13.19
C THR G 262 20.09 -76.06 13.22
N SER G 263 20.94 -75.91 14.25
CA SER G 263 22.08 -76.78 14.50
C SER G 263 23.21 -76.55 13.50
N THR G 264 22.95 -75.74 12.47
CA THR G 264 24.00 -75.36 11.52
C THR G 264 23.95 -73.89 11.12
N ASN G 265 22.80 -73.22 11.22
CA ASN G 265 22.68 -71.83 10.86
C ASN G 265 21.40 -71.28 11.49
N TRP G 266 21.19 -69.98 11.34
CA TRP G 266 20.00 -69.34 11.86
C TRP G 266 18.89 -69.35 10.82
N LYS G 267 17.66 -69.50 11.28
CA LYS G 267 16.49 -69.46 10.42
C LYS G 267 15.50 -68.45 10.96
N GLY G 268 14.97 -67.60 10.08
CA GLY G 268 14.04 -66.55 10.46
C GLY G 268 12.66 -66.80 9.89
N THR G 269 11.64 -66.45 10.66
CA THR G 269 10.25 -66.64 10.27
C THR G 269 9.45 -65.43 10.68
N ASN G 270 8.62 -64.91 9.79
CA ASN G 270 7.84 -63.72 10.06
C ASN G 270 6.35 -64.06 10.08
N THR G 271 5.68 -63.69 11.17
CA THR G 271 4.23 -63.80 11.30
C THR G 271 3.62 -62.41 11.22
N LYS G 272 2.61 -62.26 10.35
CA LYS G 272 2.05 -60.96 10.04
C LYS G 272 0.92 -60.60 10.99
N ASP G 273 0.86 -59.31 11.34
CA ASP G 273 -0.28 -58.72 12.03
C ASP G 273 -0.62 -59.46 13.31
N LYS G 274 0.42 -59.76 14.11
CA LYS G 274 0.17 -60.48 15.35
C LYS G 274 -0.40 -59.57 16.44
N TRP G 275 -0.02 -58.30 16.47
CA TRP G 275 -0.56 -57.39 17.47
C TRP G 275 -1.08 -56.13 16.80
N THR G 276 -2.08 -55.51 17.43
CA THR G 276 -2.60 -54.23 16.96
C THR G 276 -2.82 -53.33 18.17
N ASP G 277 -2.21 -52.16 18.14
CA ASP G 277 -2.38 -51.15 19.18
C ASP G 277 -3.25 -50.05 18.62
N ARG G 278 -4.36 -49.78 19.29
CA ARG G 278 -5.35 -48.80 18.84
C ARG G 278 -5.51 -47.72 19.88
N SER G 279 -5.51 -46.46 19.45
CA SER G 279 -5.65 -45.32 20.34
C SER G 279 -6.71 -44.41 19.74
N SER G 280 -7.88 -44.36 20.38
CA SER G 280 -9.03 -43.62 19.90
C SER G 280 -9.30 -42.40 20.75
N GLU G 281 -9.71 -41.32 20.10
CA GLU G 281 -10.04 -40.10 20.81
C GLU G 281 -11.27 -39.48 20.16
N ARG G 282 -12.19 -38.99 20.98
CA ARG G 282 -13.39 -38.32 20.49
C ARG G 282 -13.24 -36.81 20.71
N TYR G 283 -13.55 -36.04 19.68
CA TYR G 283 -13.47 -34.59 19.72
C TYR G 283 -14.83 -34.00 19.43
N LYS G 284 -15.11 -32.87 20.06
CA LYS G 284 -16.33 -32.11 19.85
C LYS G 284 -15.99 -30.85 19.08
N ILE G 285 -16.67 -30.64 17.97
CA ILE G 285 -16.53 -29.47 17.13
C ILE G 285 -17.71 -28.56 17.40
N ASP G 286 -17.44 -27.33 17.79
CA ASP G 286 -18.46 -26.30 17.92
C ASP G 286 -18.23 -25.31 16.78
N TRP G 287 -19.14 -25.33 15.81
CA TRP G 287 -19.02 -24.46 14.64
C TRP G 287 -19.35 -23.02 14.96
N GLU G 288 -20.25 -22.77 15.91
CA GLU G 288 -20.60 -21.41 16.26
C GLU G 288 -19.45 -20.73 16.99
N LYS G 289 -18.90 -21.38 18.01
CA LYS G 289 -17.73 -20.84 18.69
C LYS G 289 -16.46 -21.00 17.89
N GLU G 290 -16.49 -21.80 16.82
CA GLU G 290 -15.31 -22.11 16.03
C GLU G 290 -14.20 -22.66 16.93
N GLU G 291 -14.52 -23.74 17.63
CA GLU G 291 -13.54 -24.35 18.52
C GLU G 291 -13.70 -25.85 18.51
N MET G 292 -12.65 -26.52 18.96
CA MET G 292 -12.59 -27.97 19.01
C MET G 292 -12.06 -28.37 20.37
N THR G 293 -12.69 -29.35 21.01
CA THR G 293 -12.31 -29.77 22.35
C THR G 293 -12.34 -31.28 22.46
N ASN G 294 -11.78 -31.79 23.54
CA ASN G 294 -11.86 -33.21 23.85
C ASN G 294 -13.17 -33.55 24.56
N ALA H 2 3.15 25.21 15.14
CA ALA H 2 3.21 23.79 14.83
C ALA H 2 4.44 23.48 13.99
N ASP H 3 4.53 22.23 13.53
CA ASP H 3 5.67 21.83 12.71
C ASP H 3 5.71 22.59 11.39
N SER H 4 4.55 22.76 10.75
CA SER H 4 4.50 23.44 9.46
C SER H 4 4.95 24.89 9.56
N ASP H 5 4.89 25.48 10.76
CA ASP H 5 5.38 26.84 10.93
C ASP H 5 6.89 26.93 10.88
N ILE H 6 7.59 25.83 11.10
CA ILE H 6 9.05 25.85 11.06
C ILE H 6 9.54 24.94 9.94
N ASN H 7 8.73 24.79 8.89
CA ASN H 7 9.10 24.07 7.66
C ASN H 7 9.39 22.60 7.93
N ILE H 8 8.57 21.97 8.75
CA ILE H 8 8.75 20.56 9.11
C ILE H 8 7.43 19.85 8.87
N LYS H 9 7.49 18.66 8.29
CA LYS H 9 6.27 17.90 8.00
C LYS H 9 5.51 17.62 9.28
N THR H 10 4.19 17.73 9.20
CA THR H 10 3.34 17.59 10.38
C THR H 10 3.42 16.18 10.93
N GLY H 11 3.54 16.07 12.25
CA GLY H 11 3.68 14.79 12.91
C GLY H 11 5.08 14.22 12.95
N THR H 12 6.06 14.94 12.39
CA THR H 12 7.43 14.42 12.37
C THR H 12 7.99 14.26 13.78
N THR H 13 7.70 15.21 14.66
CA THR H 13 8.30 15.24 15.99
C THR H 13 7.42 14.58 17.05
N ASP H 14 6.31 13.97 16.67
CA ASP H 14 5.43 13.35 17.65
C ASP H 14 5.96 11.98 18.08
N ILE H 15 5.44 11.50 19.19
CA ILE H 15 5.84 10.22 19.78
C ILE H 15 4.80 9.17 19.44
N GLY H 16 5.26 7.94 19.22
CA GLY H 16 4.38 6.81 19.11
C GLY H 16 4.16 6.25 17.72
N SER H 17 5.07 6.51 16.79
CA SER H 17 4.96 5.91 15.46
C SER H 17 5.59 4.53 15.46
N ASN H 18 4.91 3.56 14.84
CA ASN H 18 5.39 2.18 14.75
C ASN H 18 5.63 1.58 16.13
N THR H 19 4.72 1.86 17.06
CA THR H 19 4.84 1.41 18.43
C THR H 19 3.60 0.63 18.81
N THR H 20 3.79 -0.40 19.63
CA THR H 20 2.68 -1.13 20.23
C THR H 20 2.35 -0.48 21.57
N VAL H 21 1.11 -0.03 21.72
CA VAL H 21 0.67 0.69 22.90
C VAL H 21 -0.19 -0.24 23.74
N LYS H 22 0.08 -0.29 25.04
CA LYS H 22 -0.65 -1.17 25.95
C LYS H 22 -1.63 -0.34 26.75
N THR H 23 -2.92 -0.51 26.50
CA THR H 23 -3.94 0.30 27.13
C THR H 23 -4.71 -0.49 28.18
N GLY H 24 -5.39 0.22 29.05
CA GLY H 24 -6.18 -0.44 30.08
C GLY H 24 -7.14 0.50 30.77
N ASP H 25 -8.15 -0.09 31.40
CA ASP H 25 -9.17 0.65 32.14
C ASP H 25 -9.23 0.11 33.56
N LEU H 26 -9.33 1.01 34.53
CA LEU H 26 -9.58 0.64 35.92
C LEU H 26 -10.75 1.46 36.44
N VAL H 27 -11.78 0.78 36.91
CA VAL H 27 -13.04 1.40 37.29
C VAL H 27 -13.33 1.12 38.75
N THR H 28 -13.61 2.17 39.51
CA THR H 28 -14.05 2.05 40.89
C THR H 28 -15.29 2.90 41.09
N TYR H 29 -16.14 2.50 42.02
CA TYR H 29 -17.25 3.33 42.44
C TYR H 29 -17.19 3.52 43.94
N ASP H 30 -16.99 4.75 44.38
CA ASP H 30 -17.05 5.11 45.79
C ASP H 30 -18.49 5.48 46.11
N LYS H 31 -19.18 4.61 46.83
CA LYS H 31 -20.59 4.81 47.13
C LYS H 31 -20.79 5.87 48.20
N GLU H 32 -19.91 5.92 49.20
CA GLU H 32 -20.03 6.93 50.26
C GLU H 32 -19.90 8.33 49.70
N ASN H 33 -18.93 8.54 48.81
CA ASN H 33 -18.68 9.86 48.24
C ASN H 33 -19.38 10.08 46.91
N GLY H 34 -20.04 9.06 46.36
CA GLY H 34 -20.74 9.19 45.11
C GLY H 34 -19.82 9.51 43.93
N MET H 35 -18.71 8.80 43.82
CA MET H 35 -17.73 9.11 42.78
C MET H 35 -17.48 7.88 41.92
N HIS H 36 -17.75 7.99 40.63
CA HIS H 36 -17.41 6.95 39.67
C HIS H 36 -16.05 7.32 39.09
N LYS H 37 -15.01 6.60 39.51
CA LYS H 37 -13.65 6.94 39.13
C LYS H 37 -13.17 5.98 38.05
N LYS H 38 -12.60 6.51 36.98
CA LYS H 38 -12.13 5.69 35.89
C LYS H 38 -10.75 6.17 35.46
N VAL H 39 -9.81 5.24 35.38
CA VAL H 39 -8.46 5.54 34.91
C VAL H 39 -8.27 4.80 33.59
N PHE H 40 -7.97 5.54 32.54
CA PHE H 40 -7.61 4.96 31.26
C PHE H 40 -6.11 5.19 31.05
N TYR H 41 -5.34 4.12 31.02
CA TYR H 41 -3.90 4.24 30.93
C TYR H 41 -3.40 3.70 29.59
N SER H 42 -2.28 4.25 29.15
CA SER H 42 -1.62 3.85 27.91
C SER H 42 -0.12 3.83 28.14
N PHE H 43 0.49 2.67 27.92
CA PHE H 43 1.94 2.52 27.98
C PHE H 43 2.48 2.66 26.57
N ILE H 44 3.39 3.61 26.38
CA ILE H 44 4.05 3.86 25.10
C ILE H 44 5.54 3.68 25.34
N ASP H 45 6.12 2.68 24.69
CA ASP H 45 7.57 2.45 24.72
C ASP H 45 8.08 2.64 23.29
N ASP H 46 8.37 3.88 22.95
CA ASP H 46 8.90 4.23 21.65
C ASP H 46 10.41 4.08 21.69
N LYS H 47 10.96 3.31 20.75
CA LYS H 47 12.40 3.09 20.74
C LYS H 47 13.19 4.35 20.42
N ASN H 48 12.59 5.29 19.71
CA ASN H 48 13.25 6.53 19.36
C ASN H 48 13.09 7.62 20.41
N HIS H 49 12.37 7.33 21.50
CA HIS H 49 12.22 8.26 22.60
C HIS H 49 13.12 7.84 23.74
N ASN H 50 13.64 8.81 24.48
CA ASN H 50 14.65 8.52 25.49
C ASN H 50 14.06 7.96 26.79
N LYS H 51 12.76 7.75 26.86
CA LYS H 51 12.12 7.29 28.09
C LYS H 51 10.88 6.48 27.76
N LYS H 52 10.41 5.73 28.76
CA LYS H 52 9.12 5.08 28.71
C LYS H 52 8.03 6.05 29.16
N LEU H 53 6.90 6.05 28.45
CA LEU H 53 5.80 6.96 28.74
C LEU H 53 4.60 6.19 29.24
N LEU H 54 3.94 6.76 30.24
CA LEU H 54 2.62 6.31 30.67
C LEU H 54 1.68 7.50 30.62
N VAL H 55 0.66 7.43 29.78
CA VAL H 55 -0.40 8.43 29.74
C VAL H 55 -1.55 7.94 30.60
N ILE H 56 -1.90 8.73 31.61
CA ILE H 56 -3.01 8.43 32.52
C ILE H 56 -4.10 9.45 32.26
N ARG H 57 -5.29 8.98 31.90
CA ARG H 57 -6.44 9.84 31.73
C ARG H 57 -7.41 9.56 32.87
N THR H 58 -7.64 10.57 33.69
CA THR H 58 -8.63 10.48 34.76
C THR H 58 -9.97 10.94 34.22
N LYS H 59 -10.98 10.08 34.40
CA LYS H 59 -12.32 10.28 33.91
C LYS H 59 -13.30 9.74 34.95
N GLY H 60 -14.55 9.67 34.58
CA GLY H 60 -15.58 9.26 35.49
C GLY H 60 -16.54 10.39 35.74
N THR H 61 -17.14 10.42 36.92
CA THR H 61 -18.10 11.46 37.28
C THR H 61 -18.11 11.62 38.78
N ILE H 62 -17.92 12.86 39.23
CA ILE H 62 -18.19 13.23 40.60
C ILE H 62 -19.60 13.79 40.64
N ALA H 63 -20.47 13.18 41.43
CA ALA H 63 -21.83 13.66 41.56
C ALA H 63 -21.86 15.03 42.22
N GLY H 64 -22.78 15.88 41.77
CA GLY H 64 -22.91 17.20 42.36
C GLY H 64 -23.45 17.14 43.78
N GLN H 65 -24.52 16.38 43.99
CA GLN H 65 -25.15 16.21 45.29
C GLN H 65 -25.72 17.53 45.82
N TYR H 66 -26.43 18.23 44.94
CA TYR H 66 -27.19 19.43 45.31
C TYR H 66 -28.46 19.01 46.01
N ARG H 67 -28.56 19.24 47.31
CA ARG H 67 -29.71 18.73 48.04
C ARG H 67 -29.97 19.54 49.29
N VAL H 68 -31.24 19.62 49.66
CA VAL H 68 -31.66 20.25 50.91
C VAL H 68 -31.36 19.29 52.05
N TYR H 69 -30.51 19.72 52.98
CA TYR H 69 -30.06 18.85 54.04
C TYR H 69 -30.63 19.19 55.41
N SER H 70 -31.18 20.38 55.58
CA SER H 70 -31.62 20.83 56.90
C SER H 70 -32.92 21.59 56.78
N GLU H 71 -33.86 21.27 57.67
CA GLU H 71 -35.08 22.06 57.83
C GLU H 71 -35.28 22.30 59.31
N GLU H 72 -35.43 23.57 59.69
CA GLU H 72 -35.60 23.94 61.09
C GLU H 72 -36.96 24.62 61.26
N GLY H 73 -37.98 24.04 60.67
CA GLY H 73 -39.31 24.62 60.64
C GLY H 73 -39.64 25.14 59.26
N ALA H 74 -40.70 25.93 59.20
CA ALA H 74 -41.11 26.52 57.94
C ALA H 74 -40.29 27.74 57.56
N ASN H 75 -39.45 28.25 58.47
CA ASN H 75 -38.80 29.53 58.27
C ASN H 75 -37.31 29.46 58.00
N LYS H 76 -36.67 28.32 58.24
CA LYS H 76 -35.24 28.17 58.03
C LYS H 76 -34.96 26.89 57.26
N SER H 77 -34.00 26.96 56.34
CA SER H 77 -33.59 25.75 55.63
C SER H 77 -32.18 25.92 55.11
N GLY H 78 -31.56 24.79 54.80
CA GLY H 78 -30.20 24.77 54.31
C GLY H 78 -30.07 23.85 53.12
N LEU H 79 -29.12 24.19 52.25
CA LEU H 79 -28.89 23.48 51.01
C LEU H 79 -27.39 23.30 50.83
N ALA H 80 -26.95 22.07 50.62
CA ALA H 80 -25.55 21.80 50.35
C ALA H 80 -25.33 21.73 48.84
N TRP H 81 -24.32 22.43 48.36
CA TRP H 81 -24.13 22.44 46.91
C TRP H 81 -22.65 22.43 46.58
N PRO H 82 -22.25 21.85 45.46
CA PRO H 82 -20.82 21.71 45.14
C PRO H 82 -20.24 22.99 44.55
N SER H 83 -19.32 23.59 45.26
CA SER H 83 -18.63 24.76 44.74
C SER H 83 -17.33 24.43 44.02
N ALA H 84 -16.80 23.22 44.19
CA ALA H 84 -15.56 22.85 43.53
C ALA H 84 -15.48 21.33 43.38
N PHE H 85 -14.92 20.90 42.26
CA PHE H 85 -14.52 19.52 42.02
C PHE H 85 -13.03 19.50 41.78
N LYS H 86 -12.33 18.52 42.35
CA LYS H 86 -10.88 18.48 42.24
C LYS H 86 -10.40 17.10 41.84
N VAL H 87 -9.33 17.06 41.07
CA VAL H 87 -8.65 15.82 40.70
C VAL H 87 -7.16 16.01 40.88
N GLN H 88 -6.51 15.12 41.63
CA GLN H 88 -5.09 15.23 41.91
C GLN H 88 -4.39 13.90 41.71
N LEU H 89 -3.23 13.94 41.06
CA LEU H 89 -2.34 12.80 40.93
C LEU H 89 -1.05 13.12 41.65
N GLN H 90 -0.56 12.15 42.43
CA GLN H 90 0.63 12.37 43.23
C GLN H 90 1.52 11.14 43.20
N LEU H 91 2.80 11.34 42.98
CA LEU H 91 3.85 10.34 43.08
C LEU H 91 4.59 10.49 44.39
N PRO H 92 4.89 9.40 45.08
CA PRO H 92 5.71 9.50 46.30
C PRO H 92 7.10 10.02 45.98
N ASP H 93 7.67 10.75 46.93
CA ASP H 93 8.91 11.46 46.68
C ASP H 93 10.10 10.52 46.46
N ASN H 94 10.00 9.27 46.88
CA ASN H 94 11.09 8.31 46.65
C ASN H 94 11.07 7.72 45.25
N GLU H 95 10.01 7.94 44.47
CA GLU H 95 9.94 7.40 43.13
C GLU H 95 10.93 8.12 42.21
N VAL H 96 11.34 7.42 41.15
CA VAL H 96 12.19 8.04 40.13
C VAL H 96 11.41 8.43 38.89
N ALA H 97 10.18 7.96 38.74
CA ALA H 97 9.32 8.44 37.68
C ALA H 97 8.93 9.90 37.93
N GLN H 98 8.74 10.64 36.85
CA GLN H 98 8.45 12.07 36.94
C GLN H 98 7.19 12.38 36.16
N ILE H 99 6.43 13.34 36.67
CA ILE H 99 5.33 13.90 35.88
C ILE H 99 5.94 14.81 34.83
N SER H 100 5.73 14.48 33.57
CA SER H 100 6.34 15.23 32.49
C SER H 100 5.37 16.10 31.73
N ASP H 101 4.11 15.71 31.60
CA ASP H 101 3.19 16.57 30.87
C ASP H 101 1.78 16.45 31.44
N TYR H 102 0.92 17.39 31.06
CA TYR H 102 -0.44 17.44 31.57
C TYR H 102 -1.30 18.22 30.60
N TYR H 103 -2.61 17.95 30.65
CA TYR H 103 -3.57 18.63 29.82
C TYR H 103 -4.94 18.51 30.45
N PRO H 104 -5.77 19.55 30.43
CA PRO H 104 -5.54 20.89 29.87
C PRO H 104 -4.73 21.81 30.78
N ARG H 105 -4.31 22.93 30.23
CA ARG H 105 -3.55 23.94 30.95
C ARG H 105 -4.35 25.23 31.00
N ASN H 106 -3.76 26.24 31.63
CA ASN H 106 -4.43 27.53 31.79
C ASN H 106 -4.27 28.39 30.54
N SER H 107 -5.38 28.89 30.04
CA SER H 107 -5.40 29.72 28.85
C SER H 107 -5.49 31.21 29.22
N ILE H 108 -5.06 32.04 28.29
CA ILE H 108 -5.19 33.48 28.43
C ILE H 108 -6.55 33.88 27.89
N ASP H 109 -7.35 34.54 28.73
CA ASP H 109 -8.69 34.96 28.35
C ASP H 109 -8.64 36.35 27.74
N THR H 110 -9.57 36.62 26.83
CA THR H 110 -9.63 37.86 26.08
C THR H 110 -10.94 38.57 26.37
N LYS H 111 -10.95 39.86 26.03
CA LYS H 111 -12.15 40.67 26.09
C LYS H 111 -12.18 41.54 24.85
N GLU H 112 -13.37 41.95 24.45
CA GLU H 112 -13.56 42.82 23.31
C GLU H 112 -13.90 44.21 23.80
N TYR H 113 -13.16 45.20 23.31
CA TYR H 113 -13.32 46.58 23.69
C TYR H 113 -13.89 47.38 22.52
N MET H 114 -14.81 48.28 22.81
CA MET H 114 -15.40 49.13 21.78
C MET H 114 -15.46 50.56 22.27
N SER H 115 -15.09 51.49 21.42
CA SER H 115 -15.15 52.92 21.70
C SER H 115 -16.05 53.59 20.69
N THR H 116 -16.87 54.53 21.14
CA THR H 116 -17.80 55.23 20.27
C THR H 116 -17.72 56.72 20.54
N LEU H 117 -17.74 57.51 19.47
CA LEU H 117 -17.79 58.96 19.59
C LEU H 117 -18.84 59.47 18.60
N THR H 118 -19.88 60.10 19.11
CA THR H 118 -20.94 60.65 18.29
C THR H 118 -21.05 62.15 18.53
N TYR H 119 -21.37 62.89 17.47
CA TYR H 119 -21.71 64.29 17.63
C TYR H 119 -22.74 64.65 16.59
N GLY H 120 -23.56 65.65 16.92
CA GLY H 120 -24.65 66.00 16.03
C GLY H 120 -25.18 67.38 16.28
N PHE H 121 -25.96 67.86 15.32
CA PHE H 121 -26.63 69.16 15.40
C PHE H 121 -28.10 68.97 15.08
N ASN H 122 -28.93 69.80 15.69
CA ASN H 122 -30.36 69.81 15.42
C ASN H 122 -30.85 71.25 15.34
N SER H 123 -31.98 71.42 14.67
CA SER H 123 -32.59 72.74 14.53
C SER H 123 -34.08 72.54 14.35
N ASN H 124 -34.85 73.50 14.85
CA ASN H 124 -36.29 73.48 14.62
C ASN H 124 -36.84 74.91 14.67
N VAL H 125 -37.99 75.07 14.02
CA VAL H 125 -38.74 76.33 14.03
C VAL H 125 -40.16 76.02 14.48
N THR H 126 -40.71 76.90 15.31
CA THR H 126 -42.05 76.73 15.86
C THR H 126 -42.89 77.94 15.51
N GLY H 127 -44.15 77.69 15.15
CA GLY H 127 -45.06 78.77 14.82
C GLY H 127 -46.51 78.43 15.09
N ASP H 128 -47.20 79.29 15.82
CA ASP H 128 -48.60 79.09 16.16
C ASP H 128 -49.48 80.06 15.37
N ASP H 129 -50.78 80.02 15.64
CA ASP H 129 -51.73 80.87 14.93
C ASP H 129 -51.69 82.33 15.36
N THR H 130 -51.00 82.65 16.45
CA THR H 130 -50.90 84.02 16.94
C THR H 130 -49.72 84.76 16.36
N GLY H 131 -49.03 84.17 15.39
CA GLY H 131 -47.88 84.81 14.78
C GLY H 131 -46.58 84.65 15.54
N LYS H 132 -46.60 83.99 16.70
CA LYS H 132 -45.39 83.77 17.48
C LYS H 132 -44.49 82.80 16.74
N ILE H 133 -43.30 83.26 16.36
CA ILE H 133 -42.32 82.44 15.66
C ILE H 133 -41.08 82.31 16.54
N GLY H 134 -40.65 81.06 16.75
CA GLY H 134 -39.45 80.81 17.53
C GLY H 134 -38.55 79.83 16.80
N GLY H 135 -37.28 79.83 17.22
CA GLY H 135 -36.29 78.95 16.64
C GLY H 135 -35.48 78.26 17.72
N LEU H 136 -34.76 77.23 17.30
CA LEU H 136 -33.87 76.51 18.21
C LEU H 136 -32.76 75.86 17.40
N ILE H 137 -31.52 76.04 17.85
CA ILE H 137 -30.36 75.38 17.28
C ILE H 137 -29.59 74.74 18.42
N GLY H 138 -29.26 73.46 18.27
CA GLY H 138 -28.57 72.73 19.32
C GLY H 138 -27.49 71.83 18.76
N ALA H 139 -26.55 71.49 19.62
CA ALA H 139 -25.47 70.57 19.29
C ALA H 139 -25.22 69.64 20.47
N ASN H 140 -24.70 68.45 20.17
CA ASN H 140 -24.43 67.49 21.23
C ASN H 140 -23.26 66.60 20.84
N VAL H 141 -22.59 66.06 21.87
CA VAL H 141 -21.48 65.14 21.72
C VAL H 141 -21.59 64.08 22.79
N SER H 142 -21.19 62.86 22.46
CA SER H 142 -21.30 61.73 23.37
C SER H 142 -20.15 60.76 23.14
N ILE H 143 -19.64 60.20 24.22
CA ILE H 143 -18.53 59.25 24.19
C ILE H 143 -18.95 58.00 24.95
N GLY H 144 -18.69 56.84 24.38
CA GLY H 144 -19.10 55.59 24.98
C GLY H 144 -18.00 54.54 24.93
N HIS H 145 -18.02 53.67 25.93
CA HIS H 145 -17.10 52.54 26.01
C HIS H 145 -17.90 51.29 26.32
N THR H 146 -17.55 50.19 25.67
CA THR H 146 -18.23 48.92 25.82
C THR H 146 -17.21 47.82 25.99
N LEU H 147 -17.49 46.89 26.91
CA LEU H 147 -16.63 45.75 27.20
C LEU H 147 -17.46 44.48 27.10
N ARG H 148 -16.95 43.49 26.38
CA ARG H 148 -17.69 42.25 26.17
C ARG H 148 -16.79 41.05 26.41
N TYR H 149 -17.23 40.10 27.23
CA TYR H 149 -16.47 38.89 27.47
C TYR H 149 -17.40 37.75 27.88
N VAL H 150 -16.91 36.55 27.74
CA VAL H 150 -17.66 35.33 28.06
C VAL H 150 -17.39 34.92 29.50
N GLN H 151 -18.44 34.50 30.19
CA GLN H 151 -18.35 34.03 31.57
C GLN H 151 -18.90 32.62 31.69
N PRO H 152 -18.05 31.60 31.83
CA PRO H 152 -18.56 30.25 32.06
C PRO H 152 -19.12 30.08 33.46
N ASP H 153 -20.01 29.10 33.60
CA ASP H 153 -20.56 28.78 34.92
C ASP H 153 -19.50 28.23 35.86
N PHE H 154 -18.65 27.34 35.35
CA PHE H 154 -17.53 26.78 36.10
C PHE H 154 -16.25 27.00 35.33
N LYS H 155 -15.17 27.25 36.05
CA LYS H 155 -13.84 27.43 35.50
C LYS H 155 -12.99 26.20 35.75
N THR H 156 -12.29 25.74 34.73
CA THR H 156 -11.33 24.65 34.84
C THR H 156 -9.93 25.25 34.96
N ILE H 157 -9.24 24.92 36.04
CA ILE H 157 -7.95 25.52 36.36
C ILE H 157 -6.94 24.42 36.64
N LEU H 158 -5.81 24.46 35.95
CA LEU H 158 -4.69 23.59 36.26
C LEU H 158 -3.88 24.20 37.39
N GLU H 159 -3.85 23.54 38.54
CA GLU H 159 -3.07 24.03 39.66
C GLU H 159 -1.59 23.75 39.43
N SER H 160 -0.74 24.59 40.03
CA SER H 160 0.71 24.60 39.79
C SER H 160 1.34 23.23 39.94
N PRO H 161 1.79 22.61 38.86
CA PRO H 161 2.35 21.27 38.93
C PRO H 161 3.82 21.27 39.33
N THR H 162 4.23 20.16 39.93
CA THR H 162 5.63 19.83 40.16
C THR H 162 5.93 18.57 39.36
N ASP H 163 7.12 18.02 39.56
CA ASP H 163 7.43 16.75 38.92
C ASP H 163 6.85 15.56 39.68
N LYS H 164 6.25 15.77 40.84
CA LYS H 164 5.68 14.70 41.64
C LYS H 164 4.17 14.77 41.78
N LYS H 165 3.54 15.93 41.59
CA LYS H 165 2.10 16.01 41.72
C LYS H 165 1.53 17.01 40.74
N VAL H 166 0.35 16.70 40.22
CA VAL H 166 -0.39 17.55 39.31
C VAL H 166 -1.85 17.55 39.76
N GLY H 167 -2.57 18.61 39.43
CA GLY H 167 -3.94 18.73 39.89
C GLY H 167 -4.73 19.69 39.05
N TRP H 168 -6.04 19.47 39.02
CA TRP H 168 -7.00 20.35 38.38
C TRP H 168 -8.14 20.62 39.35
N LYS H 169 -8.71 21.81 39.26
CA LYS H 169 -9.93 22.13 39.99
C LYS H 169 -10.92 22.82 39.07
N VAL H 170 -12.17 22.41 39.16
CA VAL H 170 -13.28 23.02 38.44
C VAL H 170 -14.13 23.73 39.50
N ILE H 171 -14.14 25.05 39.45
CA ILE H 171 -14.71 25.86 40.52
C ILE H 171 -15.89 26.65 40.00
N PHE H 172 -16.87 26.89 40.88
CA PHE H 172 -18.05 27.66 40.52
C PHE H 172 -17.68 29.11 40.30
N ASN H 173 -18.13 29.68 39.17
CA ASN H 173 -17.82 31.06 38.85
C ASN H 173 -18.99 31.99 39.15
N ASN H 174 -20.11 31.82 38.46
CA ASN H 174 -21.34 32.56 38.73
C ASN H 174 -22.47 31.91 37.94
N MET H 175 -23.69 32.25 38.31
CA MET H 175 -24.85 31.58 37.73
C MET H 175 -26.00 32.56 37.57
N VAL H 176 -26.78 32.36 36.52
CA VAL H 176 -28.00 33.12 36.28
C VAL H 176 -29.14 32.44 37.00
N ASN H 177 -29.90 33.21 37.76
CA ASN H 177 -31.03 32.69 38.54
C ASN H 177 -32.31 33.26 37.95
N GLN H 178 -32.99 32.46 37.14
CA GLN H 178 -34.27 32.83 36.55
C GLN H 178 -34.17 34.14 35.79
N ASN H 179 -33.15 34.25 34.95
CA ASN H 179 -32.83 35.37 34.08
C ASN H 179 -32.25 36.56 34.84
N TRP H 180 -32.10 36.48 36.16
CA TRP H 180 -31.46 37.51 36.94
C TRP H 180 -29.99 37.17 37.18
N GLY H 181 -29.22 38.18 37.54
CA GLY H 181 -27.85 37.98 37.94
C GLY H 181 -26.84 38.46 36.92
N PRO H 182 -25.73 37.73 36.78
CA PRO H 182 -25.41 36.49 37.50
C PRO H 182 -25.00 36.70 38.95
N TYR H 183 -25.23 35.68 39.77
CA TYR H 183 -24.87 35.69 41.18
C TYR H 183 -23.68 34.78 41.41
N ASP H 184 -22.86 35.12 42.40
CA ASP H 184 -21.76 34.24 42.77
C ASP H 184 -21.76 33.98 44.27
N ARG H 185 -20.73 33.32 44.77
CA ARG H 185 -20.66 32.96 46.19
C ARG H 185 -20.54 34.17 47.10
N ASP H 186 -20.24 35.34 46.56
CA ASP H 186 -20.04 36.54 47.36
C ASP H 186 -21.06 37.63 47.07
N SER H 187 -22.07 37.35 46.25
CA SER H 187 -23.10 38.33 45.97
C SER H 187 -23.83 38.69 47.27
N TRP H 188 -24.02 39.99 47.49
CA TRP H 188 -24.71 40.42 48.70
C TRP H 188 -25.62 41.59 48.38
N ASN H 189 -26.85 41.52 48.92
CA ASN H 189 -27.84 42.56 48.80
C ASN H 189 -28.33 42.83 50.21
N PRO H 190 -28.42 44.09 50.64
CA PRO H 190 -28.81 44.38 52.03
C PRO H 190 -30.17 43.84 52.40
N VAL H 191 -31.11 43.75 51.45
CA VAL H 191 -32.45 43.29 51.75
C VAL H 191 -32.53 41.76 51.71
N TYR H 192 -31.99 41.15 50.66
CA TYR H 192 -32.17 39.74 50.41
C TYR H 192 -30.94 38.89 50.66
N GLY H 193 -29.81 39.50 51.00
CA GLY H 193 -28.60 38.71 51.17
C GLY H 193 -28.11 38.16 49.85
N ASN H 194 -27.70 36.90 49.86
CA ASN H 194 -27.24 36.22 48.65
C ASN H 194 -28.42 35.49 48.02
N GLN H 195 -28.71 35.82 46.76
CA GLN H 195 -29.85 35.25 46.05
C GLN H 195 -29.43 34.19 45.05
N LEU H 196 -28.39 33.41 45.35
CA LEU H 196 -27.90 32.41 44.41
C LEU H 196 -28.97 31.40 44.06
N PHE H 197 -29.60 30.80 45.06
CA PHE H 197 -30.55 29.72 44.84
C PHE H 197 -31.92 30.04 45.45
N MET H 198 -32.22 31.33 45.62
CA MET H 198 -33.53 31.74 46.08
C MET H 198 -34.54 31.62 44.94
N LYS H 199 -35.63 30.91 45.19
CA LYS H 199 -36.64 30.77 44.14
C LYS H 199 -37.56 31.99 44.09
N THR H 200 -38.13 32.37 45.23
CA THR H 200 -38.99 33.54 45.32
C THR H 200 -38.48 34.46 46.41
N ARG H 201 -38.64 35.77 46.19
CA ARG H 201 -38.17 36.74 47.16
C ARG H 201 -39.08 36.85 48.38
N ASN H 202 -40.40 36.71 48.20
CA ASN H 202 -41.30 36.83 49.34
C ASN H 202 -42.43 35.80 49.28
N GLY H 203 -42.19 34.67 48.64
CA GLY H 203 -43.21 33.64 48.58
C GLY H 203 -43.57 33.10 49.95
N SER H 204 -44.84 32.78 50.13
CA SER H 204 -45.33 32.29 51.41
C SER H 204 -45.44 30.76 51.38
N MET H 205 -44.30 30.13 51.56
CA MET H 205 -44.19 28.68 51.57
C MET H 205 -43.16 28.28 52.61
N LYS H 206 -42.96 26.97 52.77
CA LYS H 206 -41.89 26.48 53.62
C LYS H 206 -40.54 26.83 53.03
N ALA H 207 -39.56 27.03 53.91
CA ALA H 207 -38.22 27.41 53.44
C ALA H 207 -37.61 26.33 52.57
N ALA H 208 -37.85 25.06 52.91
CA ALA H 208 -37.29 23.96 52.14
C ALA H 208 -37.81 23.92 50.72
N ASP H 209 -38.93 24.57 50.43
CA ASP H 209 -39.50 24.61 49.10
C ASP H 209 -39.18 25.90 48.36
N ASN H 210 -38.29 26.73 48.90
CA ASN H 210 -37.95 28.01 48.28
C ASN H 210 -36.57 28.00 47.64
N PHE H 211 -36.01 26.83 47.40
CA PHE H 211 -34.73 26.73 46.71
C PHE H 211 -34.94 26.51 45.23
N LEU H 212 -34.03 27.05 44.43
CA LEU H 212 -34.11 26.92 42.99
C LEU H 212 -34.15 25.46 42.57
N ASP H 213 -34.99 25.15 41.61
CA ASP H 213 -35.12 23.79 41.13
C ASP H 213 -33.84 23.37 40.42
N PRO H 214 -33.29 22.17 40.71
CA PRO H 214 -32.02 21.77 40.11
C PRO H 214 -32.05 21.71 38.59
N ASN H 215 -33.22 21.47 37.98
CA ASN H 215 -33.30 21.48 36.53
C ASN H 215 -33.13 22.88 35.94
N LYS H 216 -33.36 23.92 36.74
CA LYS H 216 -33.20 25.29 36.28
C LYS H 216 -31.81 25.84 36.53
N ALA H 217 -30.94 25.08 37.16
CA ALA H 217 -29.57 25.47 37.42
C ALA H 217 -28.63 24.68 36.51
N SER H 218 -27.33 24.89 36.71
CA SER H 218 -26.34 24.12 35.97
C SER H 218 -26.48 22.64 36.28
N SER H 219 -26.36 21.80 35.25
CA SER H 219 -26.45 20.37 35.47
C SER H 219 -25.28 19.83 36.29
N LEU H 220 -24.18 20.58 36.35
CA LEU H 220 -23.07 20.18 37.21
C LEU H 220 -23.44 20.23 38.68
N LEU H 221 -24.41 21.07 39.06
CA LEU H 221 -24.75 21.21 40.48
C LEU H 221 -25.39 19.94 41.02
N SER H 222 -26.27 19.31 40.25
CA SER H 222 -26.97 18.11 40.72
C SER H 222 -26.43 16.83 40.11
N SER H 223 -26.38 16.74 38.78
CA SER H 223 -25.95 15.50 38.15
C SER H 223 -24.45 15.30 38.24
N GLY H 224 -23.67 16.36 38.25
CA GLY H 224 -22.26 16.26 38.57
C GLY H 224 -21.37 16.51 37.36
N PHE H 225 -20.08 16.44 37.64
CA PHE H 225 -19.04 16.83 36.71
C PHE H 225 -18.26 15.60 36.26
N SER H 226 -17.94 15.54 34.98
CA SER H 226 -17.19 14.44 34.42
C SER H 226 -15.78 14.89 34.07
N PRO H 227 -14.76 14.52 34.84
CA PRO H 227 -13.40 14.93 34.52
C PRO H 227 -12.90 14.31 33.23
N ASP H 228 -12.01 15.02 32.56
CA ASP H 228 -11.27 14.41 31.45
C ASP H 228 -9.89 15.06 31.45
N PHE H 229 -8.96 14.46 32.20
CA PHE H 229 -7.65 15.07 32.39
C PHE H 229 -6.57 14.08 32.02
N ALA H 230 -5.50 14.56 31.41
CA ALA H 230 -4.41 13.71 30.95
C ALA H 230 -3.12 14.09 31.64
N THR H 231 -2.41 13.10 32.15
CA THR H 231 -1.07 13.26 32.70
C THR H 231 -0.12 12.32 31.98
N VAL H 232 1.12 12.75 31.80
CA VAL H 232 2.15 11.95 31.17
C VAL H 232 3.28 11.79 32.16
N ILE H 233 3.56 10.53 32.53
CA ILE H 233 4.64 10.13 33.43
C ILE H 233 5.77 9.54 32.60
N THR H 234 7.00 9.94 32.90
CA THR H 234 8.18 9.42 32.22
C THR H 234 8.99 8.56 33.17
N MET H 235 9.59 7.50 32.63
CA MET H 235 10.45 6.61 33.39
C MET H 235 11.70 6.28 32.58
N ASP H 236 12.85 6.25 33.25
CA ASP H 236 14.09 5.82 32.61
C ASP H 236 14.05 4.33 32.30
N ARG H 237 14.65 3.95 31.18
CA ARG H 237 14.56 2.57 30.72
C ARG H 237 15.45 1.62 31.51
N CYS H 238 16.63 2.07 31.95
CA CYS H 238 17.58 1.19 32.63
C CYS H 238 17.57 1.45 34.13
N ALA H 239 16.43 1.89 34.68
CA ALA H 239 16.30 2.06 36.11
C ALA H 239 16.25 0.70 36.80
N SER H 240 16.76 0.66 38.03
CA SER H 240 16.83 -0.60 38.77
C SER H 240 15.44 -1.12 39.11
N LYS H 241 14.60 -0.26 39.69
CA LYS H 241 13.25 -0.65 40.09
C LYS H 241 12.26 -0.16 39.05
N GLN H 242 11.45 -1.09 38.52
CA GLN H 242 10.50 -0.79 37.46
C GLN H 242 9.07 -0.88 37.97
N GLN H 243 8.85 -0.48 39.21
CA GLN H 243 7.52 -0.45 39.81
C GLN H 243 7.30 0.92 40.42
N THR H 244 6.16 1.54 40.14
CA THR H 244 5.84 2.85 40.65
C THR H 244 4.51 2.81 41.39
N ASN H 245 4.35 3.69 42.36
CA ASN H 245 3.07 3.89 43.02
C ASN H 245 2.54 5.27 42.66
N ILE H 246 1.23 5.38 42.49
CA ILE H 246 0.62 6.67 42.21
C ILE H 246 -0.70 6.77 42.96
N ASP H 247 -0.96 7.93 43.56
CA ASP H 247 -2.22 8.20 44.21
C ASP H 247 -3.07 9.10 43.32
N VAL H 248 -4.33 8.74 43.17
CA VAL H 248 -5.32 9.56 42.47
C VAL H 248 -6.42 9.91 43.45
N ILE H 249 -6.68 11.20 43.59
CA ILE H 249 -7.67 11.71 44.55
C ILE H 249 -8.73 12.47 43.79
N TYR H 250 -9.99 12.12 44.01
CA TYR H 250 -11.13 12.90 43.57
C TYR H 250 -11.69 13.65 44.77
N GLU H 251 -12.18 14.86 44.54
CA GLU H 251 -12.60 15.70 45.65
C GLU H 251 -13.81 16.52 45.26
N ARG H 252 -14.68 16.76 46.25
CA ARG H 252 -15.83 17.63 46.10
C ARG H 252 -15.92 18.54 47.31
N VAL H 253 -15.92 19.85 47.09
CA VAL H 253 -16.11 20.83 48.15
C VAL H 253 -17.54 21.32 48.08
N ARG H 254 -18.22 21.35 49.21
CA ARG H 254 -19.62 21.72 49.28
C ARG H 254 -19.79 22.94 50.17
N ASP H 255 -20.45 23.96 49.62
CA ASP H 255 -20.88 25.14 50.32
C ASP H 255 -22.26 24.92 50.92
N ASP H 256 -22.62 25.80 51.86
CA ASP H 256 -23.86 25.71 52.61
C ASP H 256 -24.66 26.99 52.41
N TYR H 257 -25.76 26.91 51.67
CA TYR H 257 -26.61 28.05 51.37
C TYR H 257 -27.88 27.96 52.22
N GLN H 258 -28.10 28.96 53.06
CA GLN H 258 -29.21 28.94 54.00
C GLN H 258 -30.21 30.02 53.67
N LEU H 259 -31.49 29.67 53.76
CA LEU H 259 -32.60 30.60 53.57
C LEU H 259 -33.32 30.77 54.89
N HIS H 260 -33.59 32.01 55.27
CA HIS H 260 -34.39 32.26 56.45
C HIS H 260 -35.33 33.43 56.22
N TRP H 261 -36.48 33.37 56.90
CA TRP H 261 -37.55 34.34 56.74
C TRP H 261 -37.31 35.50 57.69
N THR H 262 -37.29 36.72 57.16
CA THR H 262 -37.04 37.92 57.96
C THR H 262 -38.31 38.70 58.25
N SER H 263 -39.44 38.01 58.31
CA SER H 263 -40.75 38.59 58.66
C SER H 263 -41.30 39.48 57.54
N THR H 264 -40.49 39.73 56.53
CA THR H 264 -40.93 40.48 55.36
C THR H 264 -40.59 39.79 54.06
N ASN H 265 -39.45 39.12 53.98
CA ASN H 265 -39.00 38.46 52.76
C ASN H 265 -37.98 37.40 53.14
N TRP H 266 -37.51 36.68 52.14
CA TRP H 266 -36.49 35.65 52.35
C TRP H 266 -35.11 36.27 52.27
N LYS H 267 -34.19 35.76 53.07
CA LYS H 267 -32.80 36.19 53.04
C LYS H 267 -31.90 34.96 52.93
N GLY H 268 -30.91 35.05 52.05
CA GLY H 268 -30.01 33.95 51.78
C GLY H 268 -28.60 34.26 52.26
N THR H 269 -27.90 33.21 52.69
CA THR H 269 -26.54 33.35 53.21
C THR H 269 -25.73 32.15 52.77
N ASN H 270 -24.58 32.37 52.14
CA ASN H 270 -23.73 31.29 51.69
C ASN H 270 -22.49 31.19 52.56
N THR H 271 -22.18 29.98 53.01
CA THR H 271 -20.98 29.68 53.76
C THR H 271 -20.06 28.82 52.90
N LYS H 272 -18.82 29.27 52.74
CA LYS H 272 -17.90 28.65 51.79
C LYS H 272 -17.19 27.46 52.41
N ASP H 273 -17.02 26.42 51.60
CA ASP H 273 -16.19 25.25 51.93
C ASP H 273 -16.61 24.63 53.26
N LYS H 274 -17.92 24.45 53.42
CA LYS H 274 -18.42 23.83 54.64
C LYS H 274 -18.01 22.38 54.75
N TRP H 275 -18.08 21.63 53.66
CA TRP H 275 -17.74 20.21 53.68
C TRP H 275 -16.78 19.87 52.56
N THR H 276 -16.01 18.79 52.76
CA THR H 276 -15.13 18.29 51.73
C THR H 276 -15.20 16.77 51.72
N ASP H 277 -15.40 16.20 50.54
CA ASP H 277 -15.42 14.76 50.34
C ASP H 277 -14.21 14.37 49.51
N ARG H 278 -13.37 13.50 50.06
CA ARG H 278 -12.16 13.04 49.40
C ARG H 278 -12.25 11.54 49.16
N SER H 279 -11.90 11.13 47.95
CA SER H 279 -11.84 9.72 47.60
C SER H 279 -10.48 9.46 46.99
N SER H 280 -9.63 8.76 47.73
CA SER H 280 -8.26 8.49 47.32
C SER H 280 -8.09 7.03 46.92
N GLU H 281 -7.22 6.80 45.94
CA GLU H 281 -6.97 5.45 45.46
C GLU H 281 -5.50 5.32 45.09
N ARG H 282 -4.89 4.21 45.49
CA ARG H 282 -3.49 3.93 45.18
C ARG H 282 -3.41 2.91 44.05
N TYR H 283 -2.57 3.20 43.06
CA TYR H 283 -2.36 2.32 41.92
C TYR H 283 -0.90 1.92 41.84
N LYS H 284 -0.67 0.70 41.38
CA LYS H 284 0.65 0.16 41.14
C LYS H 284 0.88 0.10 39.64
N ILE H 285 1.99 0.65 39.19
CA ILE H 285 2.40 0.67 37.79
C ILE H 285 3.56 -0.29 37.64
N ASP H 286 3.38 -1.30 36.77
CA ASP H 286 4.44 -2.21 36.40
C ASP H 286 4.90 -1.83 34.99
N TRP H 287 6.10 -1.26 34.91
CA TRP H 287 6.63 -0.81 33.63
C TRP H 287 7.11 -1.95 32.76
N GLU H 288 7.57 -3.05 33.36
CA GLU H 288 7.99 -4.21 32.58
C GLU H 288 6.80 -4.91 31.96
N LYS H 289 5.82 -5.29 32.79
CA LYS H 289 4.61 -5.92 32.28
C LYS H 289 3.70 -4.94 31.57
N GLU H 290 3.94 -3.63 31.75
CA GLU H 290 3.11 -2.58 31.17
C GLU H 290 1.66 -2.72 31.62
N GLU H 291 1.46 -2.67 32.93
CA GLU H 291 0.10 -2.78 33.45
C GLU H 291 -0.06 -1.91 34.67
N MET H 292 -1.32 -1.59 34.97
CA MET H 292 -1.68 -0.82 36.15
C MET H 292 -2.72 -1.60 36.93
N THR H 293 -2.56 -1.64 38.24
CA THR H 293 -3.50 -2.38 39.09
C THR H 293 -3.81 -1.55 40.33
N ASN H 294 -4.87 -1.93 41.03
CA ASN H 294 -5.20 -1.31 42.30
C ASN H 294 -4.56 -2.06 43.46
N ALA I 2 1.37 29.56 0.86
CA ALA I 2 1.71 28.15 1.00
C ALA I 2 2.21 27.58 -0.32
N ASP I 3 2.48 26.26 -0.33
CA ASP I 3 2.97 25.62 -1.54
C ASP I 3 1.93 25.67 -2.64
N SER I 4 0.66 25.46 -2.31
CA SER I 4 -0.38 25.47 -3.33
C SER I 4 -0.57 26.83 -3.96
N ASP I 5 -0.13 27.89 -3.28
CA ASP I 5 -0.22 29.22 -3.86
C ASP I 5 0.78 29.45 -4.98
N ILE I 6 1.83 28.64 -5.03
CA ILE I 6 2.83 28.75 -6.09
C ILE I 6 2.88 27.48 -6.95
N ASN I 7 1.76 26.76 -7.02
CA ASN I 7 1.60 25.60 -7.91
C ASN I 7 2.52 24.46 -7.53
N ILE I 8 2.68 24.21 -6.24
CA ILE I 8 3.57 23.16 -5.75
C ILE I 8 2.78 22.27 -4.81
N LYS I 9 3.03 20.96 -4.89
CA LYS I 9 2.33 20.00 -4.05
C LYS I 9 2.53 20.31 -2.57
N THR I 10 1.48 20.07 -1.79
CA THR I 10 1.53 20.38 -0.36
C THR I 10 2.58 19.51 0.33
N GLY I 11 3.41 20.14 1.16
CA GLY I 11 4.43 19.43 1.89
C GLY I 11 5.66 19.08 1.09
N THR I 12 5.76 19.52 -0.16
CA THR I 12 6.90 19.17 -0.99
C THR I 12 8.20 19.74 -0.43
N THR I 13 8.16 20.97 0.06
CA THR I 13 9.35 21.67 0.51
C THR I 13 9.63 21.51 2.00
N ASP I 14 8.86 20.69 2.70
CA ASP I 14 9.04 20.53 4.13
C ASP I 14 10.17 19.55 4.43
N ILE I 15 10.64 19.60 5.67
CA ILE I 15 11.78 18.79 6.13
C ILE I 15 11.26 17.61 6.92
N GLY I 16 11.91 16.47 6.77
CA GLY I 16 11.68 15.33 7.63
C GLY I 16 10.96 14.16 7.04
N SER I 17 10.92 14.03 5.72
CA SER I 17 10.33 12.85 5.10
C SER I 17 11.34 11.71 5.06
N ASN I 18 10.87 10.51 5.39
CA ASN I 18 11.70 9.30 5.38
C ASN I 18 12.92 9.46 6.27
N THR I 19 12.72 10.05 7.45
CA THR I 19 13.78 10.33 8.39
C THR I 19 13.42 9.70 9.72
N THR I 20 14.42 9.15 10.41
CA THR I 20 14.26 8.68 11.77
C THR I 20 14.57 9.84 12.71
N VAL I 21 13.59 10.19 13.54
CA VAL I 21 13.68 11.33 14.44
C VAL I 21 13.94 10.82 15.84
N LYS I 22 14.91 11.42 16.54
CA LYS I 22 15.25 10.99 17.89
C LYS I 22 14.70 12.01 18.88
N THR I 23 13.72 11.62 19.68
CA THR I 23 13.06 12.53 20.59
C THR I 23 13.46 12.24 22.03
N GLY I 24 13.19 13.20 22.90
CA GLY I 24 13.49 13.03 24.30
C GLY I 24 12.85 14.09 25.16
N ASP I 25 12.72 13.77 26.45
CA ASP I 25 12.17 14.67 27.45
C ASP I 25 13.17 14.83 28.59
N LEU I 26 13.36 16.08 29.02
CA LEU I 26 14.15 16.38 30.21
C LEU I 26 13.29 17.21 31.14
N VAL I 27 13.08 16.72 32.36
CA VAL I 27 12.16 17.33 33.31
C VAL I 27 12.94 17.75 34.55
N THR I 28 12.77 19.00 34.96
CA THR I 28 13.34 19.50 36.20
C THR I 28 12.26 20.24 36.97
N TYR I 29 12.35 20.21 38.28
CA TYR I 29 11.49 21.04 39.12
C TYR I 29 12.35 21.88 40.04
N ASP I 30 12.28 23.19 39.86
CA ASP I 30 12.94 24.15 40.74
C ASP I 30 11.96 24.51 41.85
N LYS I 31 12.24 24.03 43.06
CA LYS I 31 11.33 24.22 44.17
C LYS I 31 11.40 25.63 44.75
N GLU I 32 12.59 26.23 44.81
CA GLU I 32 12.70 27.57 45.34
C GLU I 32 11.98 28.59 44.47
N ASN I 33 12.07 28.45 43.15
CA ASN I 33 11.42 29.35 42.23
C ASN I 33 10.05 28.88 41.78
N GLY I 34 9.65 27.67 42.17
CA GLY I 34 8.36 27.13 41.78
C GLY I 34 8.18 26.97 40.29
N MET I 35 9.16 26.39 39.60
CA MET I 35 9.11 26.27 38.15
C MET I 35 9.26 24.81 37.75
N HIS I 36 8.30 24.30 37.01
CA HIS I 36 8.36 22.96 36.43
C HIS I 36 8.84 23.13 35.00
N LYS I 37 10.12 22.86 34.75
CA LYS I 37 10.72 23.08 33.45
C LYS I 37 10.77 21.76 32.69
N LYS I 38 10.36 21.79 31.44
CA LYS I 38 10.36 20.59 30.61
C LYS I 38 10.89 20.92 29.24
N VAL I 39 11.88 20.17 28.79
CA VAL I 39 12.45 20.34 27.46
C VAL I 39 12.10 19.10 26.66
N PHE I 40 11.41 19.29 25.54
CA PHE I 40 11.13 18.21 24.61
C PHE I 40 11.96 18.45 23.36
N TYR I 41 12.90 17.55 23.08
CA TYR I 41 13.81 17.76 21.96
C TYR I 41 13.59 16.71 20.89
N SER I 42 13.90 17.11 19.65
CA SER I 42 13.78 16.26 18.47
C SER I 42 14.99 16.48 17.59
N PHE I 43 15.79 15.44 17.40
CA PHE I 43 16.90 15.47 16.45
C PHE I 43 16.38 14.97 15.11
N ILE I 44 16.57 15.79 14.08
CA ILE I 44 16.20 15.48 12.72
C ILE I 44 17.45 15.56 11.85
N ASP I 45 17.81 14.45 11.23
CA ASP I 45 18.93 14.39 10.31
C ASP I 45 18.38 13.95 8.96
N ASP I 46 17.91 14.92 8.18
CA ASP I 46 17.40 14.68 6.85
C ASP I 46 18.57 14.71 5.87
N LYS I 47 18.72 13.64 5.09
CA LYS I 47 19.83 13.57 4.15
C LYS I 47 19.71 14.62 3.06
N ASN I 48 18.49 15.04 2.74
CA ASN I 48 18.26 16.04 1.71
C ASN I 48 18.35 17.47 2.23
N HIS I 49 18.57 17.65 3.53
CA HIS I 49 18.77 18.96 4.12
C HIS I 49 20.25 19.21 4.35
N ASN I 50 20.66 20.46 4.21
CA ASN I 50 22.09 20.79 4.25
C ASN I 50 22.65 20.83 5.67
N LYS I 51 21.84 20.56 6.69
CA LYS I 51 22.30 20.68 8.07
C LYS I 51 21.55 19.69 8.94
N LYS I 52 22.09 19.44 10.12
CA LYS I 52 21.39 18.72 11.18
C LYS I 52 20.53 19.69 11.97
N LEU I 53 19.29 19.27 12.27
CA LEU I 53 18.35 20.11 13.01
C LEU I 53 18.10 19.54 14.39
N LEU I 54 18.02 20.43 15.37
CA LEU I 54 17.49 20.10 16.69
C LEU I 54 16.33 21.03 16.98
N VAL I 55 15.15 20.47 17.23
CA VAL I 55 13.98 21.23 17.62
C VAL I 55 13.83 21.10 19.13
N ILE I 56 13.90 22.22 19.83
CA ILE I 56 13.74 22.28 21.28
C ILE I 56 12.43 22.96 21.58
N ARG I 57 11.55 22.27 22.28
CA ARG I 57 10.30 22.84 22.76
C ARG I 57 10.42 23.04 24.26
N THR I 58 10.34 24.28 24.69
CA THR I 58 10.30 24.62 26.10
C THR I 58 8.85 24.63 26.56
N LYS I 59 8.56 23.82 27.57
CA LYS I 59 7.24 23.65 28.14
C LYS I 59 7.40 23.57 29.66
N GLY I 60 6.33 23.21 30.33
CA GLY I 60 6.27 23.21 31.76
C GLY I 60 5.27 24.22 32.28
N THR I 61 5.55 24.71 33.47
CA THR I 61 4.70 25.71 34.09
C THR I 61 5.51 26.57 35.04
N ILE I 62 5.37 27.88 34.91
CA ILE I 62 5.86 28.83 35.89
C ILE I 62 4.68 29.22 36.76
N ALA I 63 4.75 28.91 38.05
CA ALA I 63 3.67 29.27 38.96
C ALA I 63 3.55 30.77 39.08
N GLY I 64 2.30 31.25 39.18
CA GLY I 64 2.07 32.67 39.30
C GLY I 64 2.54 33.24 40.63
N GLN I 65 2.20 32.56 41.72
CA GLN I 65 2.58 32.96 43.08
C GLN I 65 1.99 34.32 43.46
N TYR I 66 0.71 34.52 43.12
CA TYR I 66 -0.05 35.67 43.56
C TYR I 66 -0.37 35.53 45.03
N ARG I 67 0.23 36.36 45.88
CA ARG I 67 0.02 36.11 47.30
C ARG I 67 0.24 37.37 48.12
N VAL I 68 -0.49 37.46 49.23
CA VAL I 68 -0.32 38.54 50.19
C VAL I 68 0.95 38.26 50.99
N TYR I 69 1.89 39.19 50.97
CA TYR I 69 3.19 38.94 51.57
C TYR I 69 3.50 39.81 52.77
N SER I 70 2.77 40.89 52.99
CA SER I 70 3.06 41.78 54.10
C SER I 70 1.76 42.34 54.68
N GLU I 71 1.72 42.42 56.00
CA GLU I 71 0.61 43.06 56.71
C GLU I 71 1.18 43.95 57.80
N GLU I 72 0.94 45.24 57.69
CA GLU I 72 1.37 46.21 58.69
C GLU I 72 0.13 46.70 59.42
N GLY I 73 -0.25 45.96 60.46
CA GLY I 73 -1.49 46.24 61.16
C GLY I 73 -2.69 45.91 60.31
N ALA I 74 -3.79 46.63 60.50
CA ALA I 74 -5.01 46.39 59.76
C ALA I 74 -5.23 47.38 58.63
N ASN I 75 -4.36 48.37 58.48
CA ASN I 75 -4.57 49.44 57.53
C ASN I 75 -3.64 49.41 56.33
N LYS I 76 -2.63 48.55 56.33
CA LYS I 76 -1.68 48.46 55.23
C LYS I 76 -1.44 47.00 54.89
N SER I 77 -1.32 46.71 53.59
CA SER I 77 -1.01 45.34 53.19
C SER I 77 -0.39 45.36 51.80
N GLY I 78 0.34 44.29 51.50
CA GLY I 78 1.02 44.18 50.23
C GLY I 78 0.81 42.82 49.58
N LEU I 79 0.72 42.84 48.26
CA LEU I 79 0.45 41.66 47.45
C LEU I 79 1.52 41.58 46.37
N ALA I 80 2.15 40.42 46.25
CA ALA I 80 3.10 40.18 45.18
C ALA I 80 2.39 39.43 44.06
N TRP I 81 2.54 39.92 42.83
CA TRP I 81 1.82 39.30 41.73
C TRP I 81 2.68 39.27 40.48
N PRO I 82 2.51 38.27 39.62
CA PRO I 82 3.38 38.12 38.45
C PRO I 82 2.96 39.01 37.30
N SER I 83 3.82 39.95 36.93
CA SER I 83 3.54 40.81 35.80
C SER I 83 4.18 40.33 34.51
N ALA I 84 5.16 39.42 34.58
CA ALA I 84 5.79 38.91 33.38
C ALA I 84 6.35 37.52 33.61
N PHE I 85 6.24 36.68 32.59
CA PHE I 85 6.90 35.38 32.53
C PHE I 85 7.84 35.40 31.33
N LYS I 86 9.04 34.87 31.49
CA LYS I 86 10.02 34.91 30.40
C LYS I 86 10.66 33.56 30.20
N VAL I 87 10.95 33.25 28.93
CA VAL I 87 11.70 32.05 28.56
C VAL I 87 12.78 32.43 27.57
N GLN I 88 14.02 32.09 27.87
CA GLN I 88 15.15 32.44 27.02
C GLN I 88 16.03 31.24 26.75
N LEU I 89 16.49 31.11 25.51
CA LEU I 89 17.49 30.13 25.12
C LEU I 89 18.71 30.86 24.59
N GLN I 90 19.88 30.42 25.05
CA GLN I 90 21.12 31.09 24.68
C GLN I 90 22.21 30.06 24.39
N LEU I 91 22.88 30.23 23.27
CA LEU I 91 24.08 29.51 22.88
C LEU I 91 25.31 30.34 23.21
N PRO I 92 26.37 29.71 23.72
CA PRO I 92 27.62 30.45 23.93
C PRO I 92 28.21 30.94 22.62
N ASP I 93 28.91 32.06 22.69
CA ASP I 93 29.38 32.74 21.49
C ASP I 93 30.43 31.95 20.71
N ASN I 94 31.08 30.98 21.35
CA ASN I 94 32.06 30.15 20.67
C ASN I 94 31.45 28.96 19.95
N GLU I 95 30.14 28.75 20.08
CA GLU I 95 29.52 27.61 19.44
C GLU I 95 29.43 27.81 17.93
N VAL I 96 29.31 26.69 17.22
CA VAL I 96 29.20 26.70 15.76
C VAL I 96 27.74 26.60 15.38
N ALA I 97 26.94 25.97 16.23
CA ALA I 97 25.51 25.86 15.98
C ALA I 97 24.86 27.23 16.04
N GLN I 98 23.78 27.38 15.28
CA GLN I 98 23.07 28.65 15.17
C GLN I 98 21.60 28.44 15.45
N ILE I 99 20.97 29.46 16.01
CA ILE I 99 19.52 29.48 16.12
C ILE I 99 18.95 29.81 14.75
N SER I 100 18.18 28.88 14.20
CA SER I 100 17.68 29.01 12.85
C SER I 100 16.22 29.43 12.79
N ASP I 101 15.38 28.94 13.67
CA ASP I 101 13.96 29.30 13.59
C ASP I 101 13.35 29.31 14.98
N TYR I 102 12.16 29.88 15.07
CA TYR I 102 11.48 30.04 16.35
C TYR I 102 9.99 30.19 16.12
N TYR I 103 9.21 29.84 17.14
CA TYR I 103 7.77 29.95 17.07
C TYR I 103 7.21 29.98 18.48
N PRO I 104 6.21 30.82 18.77
CA PRO I 104 5.51 31.75 17.88
C PRO I 104 6.27 33.05 17.65
N ARG I 105 5.81 33.83 16.68
CA ARG I 105 6.39 35.12 16.34
C ARG I 105 5.37 36.22 16.58
N ASN I 106 5.77 37.45 16.31
CA ASN I 106 4.90 38.60 16.52
C ASN I 106 3.98 38.78 15.31
N SER I 107 2.69 38.86 15.56
CA SER I 107 1.70 39.02 14.50
C SER I 107 1.14 40.43 14.51
N ILE I 108 0.65 40.85 13.35
CA ILE I 108 0.06 42.17 13.19
C ILE I 108 -1.37 42.13 13.69
N ASP I 109 -1.70 43.04 14.61
CA ASP I 109 -3.03 43.12 15.17
C ASP I 109 -3.91 44.06 14.35
N THR I 110 -5.21 43.81 14.39
CA THR I 110 -6.17 44.55 13.60
C THR I 110 -7.22 45.18 14.51
N LYS I 111 -7.93 46.14 13.94
CA LYS I 111 -9.07 46.77 14.60
C LYS I 111 -10.16 46.96 13.56
N GLU I 112 -11.39 47.01 14.03
CA GLU I 112 -12.54 47.23 13.16
C GLU I 112 -13.02 48.66 13.34
N TYR I 113 -13.20 49.36 12.23
CA TYR I 113 -13.62 50.74 12.21
C TYR I 113 -15.01 50.84 11.60
N MET I 114 -15.87 51.63 12.22
CA MET I 114 -17.22 51.84 11.71
C MET I 114 -17.54 53.32 11.70
N SER I 115 -18.05 53.81 10.58
CA SER I 115 -18.51 55.18 10.44
C SER I 115 -20.01 55.21 10.24
N THR I 116 -20.67 56.21 10.81
CA THR I 116 -22.12 56.33 10.72
C THR I 116 -22.49 57.77 10.43
N LEU I 117 -23.41 57.97 9.51
CA LEU I 117 -23.97 59.29 9.22
C LEU I 117 -25.47 59.14 9.11
N THR I 118 -26.20 59.83 9.97
CA THR I 118 -27.66 59.79 9.93
C THR I 118 -28.20 61.20 9.92
N TYR I 119 -29.36 61.37 9.29
CA TYR I 119 -30.02 62.65 9.28
C TYR I 119 -31.51 62.43 9.21
N GLY I 120 -32.27 63.36 9.77
CA GLY I 120 -33.71 63.16 9.87
C GLY I 120 -34.47 64.46 9.97
N PHE I 121 -35.77 64.34 9.73
CA PHE I 121 -36.71 65.44 9.85
C PHE I 121 -37.88 64.99 10.71
N ASN I 122 -38.41 65.92 11.50
CA ASN I 122 -39.60 65.66 12.30
C ASN I 122 -40.56 66.83 12.17
N SER I 123 -41.85 66.53 12.37
CA SER I 123 -42.89 67.54 12.31
C SER I 123 -43.79 67.36 13.52
N ASN I 124 -44.53 68.41 13.84
CA ASN I 124 -45.34 68.42 15.06
C ASN I 124 -46.49 69.39 14.88
N VAL I 125 -47.69 68.95 15.24
CA VAL I 125 -48.88 69.81 15.28
C VAL I 125 -49.51 69.62 16.65
N THR I 126 -49.59 70.69 17.42
CA THR I 126 -50.14 70.66 18.77
C THR I 126 -51.43 71.44 18.83
N GLY I 127 -52.45 70.85 19.47
CA GLY I 127 -53.74 71.48 19.63
C GLY I 127 -54.03 71.86 21.07
N ASP I 128 -55.23 72.38 21.27
CA ASP I 128 -55.67 72.80 22.60
C ASP I 128 -57.19 72.94 22.59
N ASP I 129 -57.77 72.95 23.79
CA ASP I 129 -59.21 73.12 23.90
C ASP I 129 -59.64 74.59 23.77
N THR I 130 -58.71 75.52 23.87
CA THR I 130 -58.99 76.94 23.68
C THR I 130 -58.82 77.39 22.24
N GLY I 131 -58.64 76.44 21.31
CA GLY I 131 -58.44 76.75 19.92
C GLY I 131 -57.02 77.11 19.54
N LYS I 132 -56.10 77.14 20.49
CA LYS I 132 -54.71 77.45 20.17
C LYS I 132 -54.08 76.31 19.39
N ILE I 133 -53.47 76.64 18.25
CA ILE I 133 -52.86 75.65 17.36
C ILE I 133 -51.41 76.05 17.13
N GLY I 134 -50.49 75.10 17.34
CA GLY I 134 -49.09 75.35 17.13
C GLY I 134 -48.48 74.30 16.24
N GLY I 135 -47.34 74.67 15.63
CA GLY I 135 -46.63 73.77 14.75
C GLY I 135 -45.14 73.75 15.07
N LEU I 136 -44.46 72.77 14.50
CA LEU I 136 -43.03 72.63 14.67
C LEU I 136 -42.47 71.80 13.53
N ILE I 137 -41.34 72.26 12.97
CA ILE I 137 -40.61 71.51 11.95
C ILE I 137 -39.15 71.50 12.37
N GLY I 138 -38.57 70.30 12.49
CA GLY I 138 -37.19 70.19 12.89
C GLY I 138 -36.37 69.27 12.03
N ALA I 139 -35.05 69.47 12.02
CA ALA I 139 -34.13 68.63 11.28
C ALA I 139 -32.90 68.39 12.13
N ASN I 140 -32.25 67.25 11.91
CA ASN I 140 -31.05 66.92 12.67
C ASN I 140 -30.11 66.07 11.83
N VAL I 141 -28.83 66.12 12.19
CA VAL I 141 -27.78 65.34 11.55
C VAL I 141 -26.82 64.87 12.63
N SER I 142 -26.28 63.66 12.44
CA SER I 142 -25.43 63.03 13.43
C SER I 142 -24.34 62.23 12.74
N ILE I 143 -23.13 62.32 13.27
CA ILE I 143 -21.97 61.60 12.74
C ILE I 143 -21.34 60.82 13.88
N GLY I 144 -20.98 59.57 13.62
CA GLY I 144 -20.44 58.71 14.65
C GLY I 144 -19.28 57.88 14.13
N HIS I 145 -18.35 57.58 15.04
CA HIS I 145 -17.23 56.70 14.77
C HIS I 145 -17.13 55.66 15.87
N THR I 146 -16.82 54.43 15.50
CA THR I 146 -16.72 53.33 16.43
C THR I 146 -15.46 52.53 16.13
N LEU I 147 -14.75 52.13 17.18
CA LEU I 147 -13.55 51.34 17.06
C LEU I 147 -13.68 50.10 17.93
N ARG I 148 -13.38 48.93 17.38
CA ARG I 148 -13.55 47.66 18.08
C ARG I 148 -12.31 46.81 17.94
N TYR I 149 -11.81 46.28 19.06
CA TYR I 149 -10.65 45.40 19.00
C TYR I 149 -10.61 44.52 20.25
N VAL I 150 -9.86 43.44 20.15
CA VAL I 150 -9.73 42.45 21.20
C VAL I 150 -8.54 42.79 22.08
N GLN I 151 -8.71 42.62 23.39
CA GLN I 151 -7.65 42.88 24.36
C GLN I 151 -7.42 41.64 25.22
N PRO I 152 -6.33 40.90 25.04
CA PRO I 152 -6.04 39.78 25.91
C PRO I 152 -5.52 40.24 27.27
N ASP I 153 -5.67 39.36 28.26
CA ASP I 153 -5.15 39.65 29.60
C ASP I 153 -3.63 39.68 29.61
N PHE I 154 -2.99 38.76 28.91
CA PHE I 154 -1.55 38.68 28.79
C PHE I 154 -1.18 38.67 27.31
N LYS I 155 -0.09 39.32 26.97
CA LYS I 155 0.45 39.34 25.62
C LYS I 155 1.68 38.44 25.53
N THR I 156 1.74 37.61 24.50
CA THR I 156 2.91 36.82 24.18
C THR I 156 3.74 37.55 23.13
N ILE I 157 4.99 37.83 23.44
CA ILE I 157 5.85 38.62 22.58
C ILE I 157 7.16 37.86 22.36
N LEU I 158 7.57 37.75 21.10
CA LEU I 158 8.87 37.22 20.75
C LEU I 158 9.88 38.37 20.74
N GLU I 159 10.83 38.32 21.66
CA GLU I 159 11.87 39.33 21.71
C GLU I 159 12.89 39.11 20.60
N SER I 160 13.50 40.21 20.14
CA SER I 160 14.35 40.22 18.95
C SER I 160 15.43 39.15 19.00
N PRO I 161 15.32 38.11 18.16
CA PRO I 161 16.30 37.04 18.19
C PRO I 161 17.57 37.36 17.43
N THR I 162 18.65 36.72 17.84
CA THR I 162 19.91 36.69 17.11
C THR I 162 20.17 35.24 16.71
N ASP I 163 21.35 34.98 16.18
CA ASP I 163 21.70 33.60 15.87
C ASP I 163 22.17 32.81 17.08
N LYS I 164 22.36 33.48 18.23
CA LYS I 164 22.78 32.81 19.44
C LYS I 164 21.78 32.91 20.59
N LYS I 165 20.73 33.71 20.45
CA LYS I 165 19.86 34.02 21.56
C LYS I 165 18.43 34.21 21.06
N VAL I 166 17.48 33.56 21.73
CA VAL I 166 16.07 33.73 21.41
C VAL I 166 15.30 33.79 22.73
N GLY I 167 14.16 34.47 22.72
CA GLY I 167 13.41 34.65 23.94
C GLY I 167 11.98 35.06 23.69
N TRP I 168 11.12 34.72 24.64
CA TRP I 168 9.73 35.13 24.65
C TRP I 168 9.40 35.70 26.02
N LYS I 169 8.47 36.65 26.04
CA LYS I 169 7.91 37.15 27.28
C LYS I 169 6.41 37.23 27.18
N VAL I 170 5.74 36.79 28.23
CA VAL I 170 4.29 36.91 28.39
C VAL I 170 4.05 37.94 29.47
N ILE I 171 3.50 39.08 29.09
CA ILE I 171 3.41 40.24 29.96
C ILE I 171 1.95 40.56 30.24
N PHE I 172 1.70 41.09 31.43
CA PHE I 172 0.35 41.50 31.81
C PHE I 172 -0.09 42.71 31.00
N ASN I 173 -1.28 42.64 30.43
CA ASN I 173 -1.81 43.73 29.62
C ASN I 173 -2.82 44.58 30.39
N ASN I 174 -3.94 44.00 30.78
CA ASN I 174 -4.95 44.66 31.60
C ASN I 174 -5.97 43.61 32.04
N MET I 175 -6.72 43.93 33.07
CA MET I 175 -7.62 42.96 33.66
C MET I 175 -8.92 43.65 34.08
N VAL I 176 -10.00 42.89 34.02
CA VAL I 176 -11.30 43.35 34.49
C VAL I 176 -11.44 42.96 35.96
N ASN I 177 -11.82 43.92 36.79
CA ASN I 177 -11.98 43.72 38.22
C ASN I 177 -13.45 43.83 38.56
N GLN I 178 -14.11 42.68 38.71
CA GLN I 178 -15.52 42.62 39.09
C GLN I 178 -16.39 43.46 38.15
N ASN I 179 -16.21 43.23 36.86
CA ASN I 179 -16.92 43.87 35.75
C ASN I 179 -16.53 45.34 35.56
N TRP I 180 -15.60 45.87 36.36
CA TRP I 180 -15.10 47.21 36.17
C TRP I 180 -13.78 47.16 35.39
N GLY I 181 -13.44 48.29 34.77
CA GLY I 181 -12.14 48.44 34.15
C GLY I 181 -12.21 48.48 32.65
N PRO I 182 -11.21 47.89 31.98
CA PRO I 182 -10.10 47.15 32.58
C PRO I 182 -9.02 48.05 33.18
N TYR I 183 -8.31 47.53 34.17
CA TYR I 183 -7.21 48.21 34.82
C TYR I 183 -5.89 47.61 34.38
N ASP I 184 -4.85 48.43 34.42
CA ASP I 184 -3.51 47.96 34.09
C ASP I 184 -2.55 48.46 35.16
N ARG I 185 -1.25 48.22 34.95
CA ARG I 185 -0.25 48.57 35.94
C ARG I 185 -0.09 50.07 36.11
N ASP I 186 -0.66 50.87 35.21
CA ASP I 186 -0.52 52.32 35.27
C ASP I 186 -1.84 53.04 35.50
N SER I 187 -2.94 52.33 35.73
CA SER I 187 -4.21 52.97 36.02
C SER I 187 -4.08 53.81 37.29
N TRP I 188 -4.59 55.03 37.23
CA TRP I 188 -4.54 55.90 38.39
C TRP I 188 -5.83 56.68 38.53
N ASN I 189 -6.31 56.77 39.76
CA ASN I 189 -7.49 57.52 40.13
C ASN I 189 -7.09 58.40 41.31
N PRO I 190 -7.41 59.69 41.28
CA PRO I 190 -6.99 60.55 42.40
C PRO I 190 -7.55 60.13 43.74
N VAL I 191 -8.73 59.49 43.76
CA VAL I 191 -9.34 59.10 45.02
C VAL I 191 -8.83 57.73 45.46
N TYR I 192 -8.81 56.76 44.55
CA TYR I 192 -8.53 55.38 44.91
C TYR I 192 -7.19 54.87 44.45
N GLY I 193 -6.43 55.65 43.69
CA GLY I 193 -5.16 55.16 43.18
C GLY I 193 -5.36 54.11 42.12
N ASN I 194 -4.59 53.03 42.20
CA ASN I 194 -4.70 51.92 41.28
C ASN I 194 -5.63 50.87 41.88
N GLN I 195 -6.71 50.56 41.16
CA GLN I 195 -7.72 49.63 41.65
C GLN I 195 -7.61 48.26 41.00
N LEU I 196 -6.39 47.83 40.67
CA LEU I 196 -6.21 46.56 39.98
C LEU I 196 -6.76 45.40 40.77
N PHE I 197 -6.43 45.30 42.05
CA PHE I 197 -6.74 44.13 42.85
C PHE I 197 -7.49 44.46 44.14
N MET I 198 -8.10 45.64 44.25
CA MET I 198 -8.83 45.96 45.46
C MET I 198 -10.24 45.37 45.36
N LYS I 199 -10.69 44.74 46.44
CA LYS I 199 -11.98 44.07 46.42
C LYS I 199 -13.13 45.06 46.67
N THR I 200 -12.98 45.89 47.70
CA THR I 200 -13.99 46.89 48.02
C THR I 200 -13.33 48.26 48.09
N ARG I 201 -14.10 49.28 47.71
CA ARG I 201 -13.57 50.63 47.72
C ARG I 201 -13.51 51.22 49.13
N ASN I 202 -14.48 50.90 49.98
CA ASN I 202 -14.46 51.45 51.33
C ASN I 202 -14.89 50.43 52.38
N GLY I 203 -14.72 49.15 52.13
CA GLY I 203 -15.10 48.14 53.12
C GLY I 203 -14.30 48.28 54.39
N SER I 204 -14.93 47.95 55.50
CA SER I 204 -14.33 48.07 56.82
C SER I 204 -13.85 46.68 57.24
N MET I 205 -12.62 46.36 56.84
CA MET I 205 -12.01 45.07 57.16
C MET I 205 -10.51 45.26 57.22
N LYS I 206 -9.80 44.18 57.52
CA LYS I 206 -8.35 44.22 57.47
C LYS I 206 -7.88 44.42 56.04
N ALA I 207 -6.75 45.09 55.89
CA ALA I 207 -6.23 45.36 54.55
C ALA I 207 -5.88 44.07 53.83
N ALA I 208 -5.35 43.08 54.56
CA ALA I 208 -4.98 41.81 53.94
C ALA I 208 -6.17 41.06 53.39
N ASP I 209 -7.39 41.41 53.80
CA ASP I 209 -8.60 40.77 53.32
C ASP I 209 -9.31 41.58 52.23
N ASN I 210 -8.70 42.66 51.76
CA ASN I 210 -9.33 43.52 50.77
C ASN I 210 -8.75 43.31 49.38
N PHE I 211 -7.99 42.26 49.18
CA PHE I 211 -7.45 41.96 47.86
C PHE I 211 -8.39 41.05 47.10
N LEU I 212 -8.40 41.22 45.77
CA LEU I 212 -9.27 40.43 44.93
C LEU I 212 -8.98 38.94 45.07
N ASP I 213 -10.03 38.15 45.06
CA ASP I 213 -9.90 36.70 45.17
C ASP I 213 -9.21 36.15 43.93
N PRO I 214 -8.18 35.31 44.08
CA PRO I 214 -7.49 34.79 42.88
C PRO I 214 -8.39 34.02 41.93
N ASN I 215 -9.48 33.42 42.43
CA ASN I 215 -10.41 32.74 41.56
C ASN I 215 -11.18 33.71 40.67
N LYS I 216 -11.29 34.97 41.07
CA LYS I 216 -11.97 35.98 40.27
C LYS I 216 -11.04 36.72 39.33
N ALA I 217 -9.76 36.42 39.35
CA ALA I 217 -8.78 37.02 38.46
C ALA I 217 -8.36 36.01 37.40
N SER I 218 -7.42 36.41 36.56
CA SER I 218 -6.86 35.50 35.57
C SER I 218 -6.17 34.33 36.26
N SER I 219 -6.35 33.13 35.71
CA SER I 219 -5.72 31.97 36.31
C SER I 219 -4.22 31.98 36.19
N LEU I 220 -3.68 32.77 35.26
CA LEU I 220 -2.24 32.93 35.15
C LEU I 220 -1.64 33.61 36.38
N LEU I 221 -2.42 34.38 37.12
CA LEU I 221 -1.88 35.10 38.26
C LEU I 221 -1.54 34.17 39.41
N SER I 222 -2.38 33.18 39.69
CA SER I 222 -2.16 32.29 40.80
C SER I 222 -1.61 30.93 40.38
N SER I 223 -2.29 30.23 39.48
CA SER I 223 -1.87 28.90 39.09
C SER I 223 -0.67 28.93 38.15
N GLY I 224 -0.59 29.91 37.27
CA GLY I 224 0.63 30.16 36.53
C GLY I 224 0.48 29.89 35.04
N PHE I 225 1.59 30.10 34.35
CA PHE I 225 1.64 30.10 32.90
C PHE I 225 2.39 28.87 32.40
N SER I 226 1.87 28.26 31.35
CA SER I 226 2.49 27.10 30.75
C SER I 226 3.12 27.48 29.42
N PRO I 227 4.43 27.61 29.32
CA PRO I 227 5.06 27.94 28.04
C PRO I 227 4.89 26.82 27.03
N ASP I 228 4.81 27.21 25.76
CA ASP I 228 4.92 26.26 24.65
C ASP I 228 5.67 26.96 23.52
N PHE I 229 6.99 26.87 23.54
CA PHE I 229 7.79 27.61 22.59
C PHE I 229 8.74 26.67 21.86
N ALA I 230 8.96 26.93 20.58
CA ALA I 230 9.78 26.07 19.73
C ALA I 230 10.95 26.86 19.19
N THR I 231 12.15 26.28 19.29
CA THR I 231 13.36 26.80 18.70
C THR I 231 13.97 25.73 17.82
N VAL I 232 14.53 26.13 16.68
CA VAL I 232 15.21 25.23 15.77
C VAL I 232 16.65 25.68 15.67
N ILE I 233 17.57 24.77 16.01
CA ILE I 233 19.01 25.01 16.00
C ILE I 233 19.62 24.15 14.90
N THR I 234 20.44 24.76 14.05
CA THR I 234 21.10 24.08 12.95
C THR I 234 22.57 23.85 13.25
N MET I 235 23.11 22.77 12.69
CA MET I 235 24.52 22.47 12.84
C MET I 235 25.05 21.84 11.57
N ASP I 236 26.28 22.20 11.19
CA ASP I 236 26.91 21.63 10.01
C ASP I 236 27.30 20.18 10.24
N ARG I 237 27.16 19.36 9.21
CA ARG I 237 27.37 17.92 9.36
C ARG I 237 28.85 17.58 9.52
N CYS I 238 29.72 18.20 8.74
CA CYS I 238 31.15 17.93 8.81
C CYS I 238 31.79 19.06 9.62
N ALA I 239 31.66 18.96 10.93
CA ALA I 239 32.25 19.91 11.86
C ALA I 239 33.13 19.16 12.85
N SER I 240 34.20 19.81 13.28
CA SER I 240 35.16 19.14 14.15
C SER I 240 34.51 18.73 15.47
N LYS I 241 34.00 19.70 16.22
CA LYS I 241 33.34 19.43 17.49
C LYS I 241 31.84 19.24 17.28
N GLN I 242 31.31 18.12 17.74
CA GLN I 242 29.90 17.80 17.59
C GLN I 242 29.16 17.84 18.93
N GLN I 243 29.62 18.71 19.83
CA GLN I 243 28.98 18.90 21.13
C GLN I 243 28.67 20.38 21.32
N THR I 244 27.43 20.68 21.69
CA THR I 244 26.98 22.04 21.90
C THR I 244 26.49 22.20 23.32
N ASN I 245 26.61 23.42 23.85
CA ASN I 245 26.01 23.77 25.12
C ASN I 245 24.88 24.77 24.88
N ILE I 246 23.82 24.66 25.67
CA ILE I 246 22.75 25.64 25.56
C ILE I 246 22.20 25.93 26.96
N ASP I 247 21.92 27.20 27.21
CA ASP I 247 21.31 27.63 28.46
C ASP I 247 19.83 27.92 28.23
N VAL I 248 18.98 27.39 29.10
CA VAL I 248 17.56 27.67 29.10
C VAL I 248 17.22 28.34 30.42
N ILE I 249 16.61 29.52 30.36
CA ILE I 249 16.31 30.32 31.53
C ILE I 249 14.80 30.54 31.59
N TYR I 250 14.22 30.29 32.76
CA TYR I 250 12.84 30.64 33.05
C TYR I 250 12.83 31.78 34.05
N GLU I 251 11.94 32.75 33.83
CA GLU I 251 11.94 33.95 34.64
C GLU I 251 10.52 34.34 35.02
N ARG I 252 10.38 34.95 36.19
CA ARG I 252 9.11 35.50 36.64
C ARG I 252 9.40 36.86 37.27
N VAL I 253 8.78 37.91 36.74
CA VAL I 253 8.88 39.24 37.30
C VAL I 253 7.62 39.50 38.12
N ARG I 254 7.80 39.99 39.34
CA ARG I 254 6.70 40.21 40.27
C ARG I 254 6.63 41.68 40.65
N ASP I 255 5.43 42.24 40.52
CA ASP I 255 5.07 43.58 40.97
C ASP I 255 4.55 43.51 42.39
N ASP I 256 4.53 44.68 43.03
CA ASP I 256 4.13 44.85 44.42
C ASP I 256 2.94 45.81 44.49
N TYR I 257 1.76 45.28 44.79
CA TYR I 257 0.53 46.06 44.87
C TYR I 257 0.19 46.28 46.34
N GLN I 258 0.11 47.54 46.75
CA GLN I 258 -0.08 47.89 48.14
C GLN I 258 -1.42 48.56 48.34
N LEU I 259 -2.14 48.14 49.38
CA LEU I 259 -3.40 48.75 49.78
C LEU I 259 -3.21 49.44 51.12
N HIS I 260 -3.65 50.68 51.22
CA HIS I 260 -3.62 51.37 52.50
C HIS I 260 -4.89 52.19 52.68
N TRP I 261 -5.27 52.37 53.95
CA TRP I 261 -6.50 53.05 54.32
C TRP I 261 -6.21 54.53 54.49
N THR I 262 -6.95 55.37 53.74
CA THR I 262 -6.79 56.81 53.78
C THR I 262 -7.85 57.51 54.63
N SER I 263 -8.35 56.82 55.66
CA SER I 263 -9.29 57.37 56.64
C SER I 263 -10.67 57.57 56.04
N THR I 264 -10.82 57.39 54.74
CA THR I 264 -12.12 57.50 54.09
C THR I 264 -12.39 56.30 53.21
N ASN I 265 -11.36 55.80 52.54
CA ASN I 265 -11.49 54.70 51.60
C ASN I 265 -10.14 54.04 51.42
N TRP I 266 -10.11 52.97 50.63
CA TRP I 266 -8.88 52.27 50.34
C TRP I 266 -8.19 52.91 49.14
N LYS I 267 -6.87 52.89 49.16
CA LYS I 267 -6.06 53.40 48.06
C LYS I 267 -5.01 52.37 47.71
N GLY I 268 -4.83 52.14 46.41
CA GLY I 268 -3.91 51.12 45.92
C GLY I 268 -2.80 51.76 45.09
N THR I 269 -1.59 51.23 45.25
CA THR I 269 -0.44 51.66 44.48
C THR I 269 0.33 50.44 43.98
N ASN I 270 0.73 50.45 42.73
CA ASN I 270 1.48 49.35 42.14
C ASN I 270 2.92 49.78 41.89
N THR I 271 3.87 48.96 42.32
CA THR I 271 5.28 49.14 42.04
C THR I 271 5.74 48.07 41.07
N LYS I 272 6.35 48.49 39.97
CA LYS I 272 6.69 47.61 38.86
C LYS I 272 8.03 46.91 39.09
N ASP I 273 8.08 45.63 38.73
CA ASP I 273 9.31 44.85 38.69
C ASP I 273 10.05 44.89 40.03
N LYS I 274 9.30 44.67 41.10
CA LYS I 274 9.90 44.68 42.43
C LYS I 274 10.81 43.48 42.63
N TRP I 275 10.41 42.31 42.14
CA TRP I 275 11.21 41.10 42.31
C TRP I 275 11.36 40.36 40.98
N THR I 276 12.44 39.60 40.87
CA THR I 276 12.68 38.76 39.69
C THR I 276 13.21 37.42 40.14
N ASP I 277 12.48 36.36 39.82
CA ASP I 277 12.91 35.00 40.09
C ASP I 277 13.43 34.39 38.80
N ARG I 278 14.67 33.90 38.82
CA ARG I 278 15.34 33.44 37.63
C ARG I 278 15.92 32.07 37.88
N SER I 279 15.61 31.12 37.00
CA SER I 279 16.13 29.75 37.13
C SER I 279 16.73 29.34 35.80
N SER I 280 18.04 29.07 35.80
CA SER I 280 18.77 28.70 34.61
C SER I 280 19.14 27.23 34.64
N GLU I 281 19.37 26.68 33.45
CA GLU I 281 19.77 25.28 33.32
C GLU I 281 20.64 25.13 32.09
N ARG I 282 21.78 24.46 32.24
CA ARG I 282 22.68 24.20 31.12
C ARG I 282 22.45 22.79 30.61
N TYR I 283 22.34 22.64 29.30
CA TYR I 283 22.16 21.36 28.65
C TYR I 283 23.29 21.12 27.67
N LYS I 284 23.67 19.85 27.57
CA LYS I 284 24.66 19.38 26.62
C LYS I 284 23.97 18.66 25.48
N ILE I 285 24.27 19.05 24.25
CA ILE I 285 23.74 18.44 23.04
C ILE I 285 24.86 17.65 22.39
N ASP I 286 24.65 16.35 22.24
CA ASP I 286 25.55 15.48 21.49
C ASP I 286 24.88 15.18 20.16
N TRP I 287 25.43 15.76 19.09
CA TRP I 287 24.83 15.64 17.78
C TRP I 287 25.06 14.26 17.17
N GLU I 288 26.19 13.62 17.46
CA GLU I 288 26.47 12.30 16.93
C GLU I 288 25.55 11.24 17.56
N LYS I 289 25.44 11.26 18.89
CA LYS I 289 24.56 10.34 19.58
C LYS I 289 23.10 10.77 19.51
N GLU I 290 22.82 11.98 19.05
CA GLU I 290 21.49 12.56 19.01
C GLU I 290 20.85 12.50 20.40
N GLU I 291 21.56 13.09 21.36
CA GLU I 291 21.16 13.02 22.75
C GLU I 291 21.29 14.41 23.38
N MET I 292 20.44 14.66 24.37
CA MET I 292 20.48 15.91 25.11
C MET I 292 20.43 15.58 26.59
N THR I 293 21.35 16.12 27.37
CA THR I 293 21.46 15.77 28.77
C THR I 293 21.68 17.02 29.60
N ASN I 294 21.56 16.88 30.91
CA ASN I 294 21.88 17.95 31.84
C ASN I 294 23.38 17.98 32.14
N ALA J 2 -10.03 26.53 -8.46
CA ALA J 2 -9.13 25.40 -8.22
C ALA J 2 -9.31 24.34 -9.29
N ASP J 3 -8.62 23.21 -9.12
CA ASP J 3 -8.73 22.12 -10.09
C ASP J 3 -10.15 21.55 -10.11
N SER J 4 -10.76 21.41 -8.93
CA SER J 4 -12.10 20.83 -8.86
C SER J 4 -13.15 21.70 -9.53
N ASP J 5 -12.87 22.99 -9.70
CA ASP J 5 -13.82 23.87 -10.38
C ASP J 5 -13.86 23.62 -11.88
N ILE J 6 -12.81 23.04 -12.46
CA ILE J 6 -12.76 22.74 -13.87
C ILE J 6 -12.75 21.24 -14.12
N ASN J 7 -13.31 20.46 -13.19
CA ASN J 7 -13.49 19.01 -13.33
C ASN J 7 -12.17 18.27 -13.42
N ILE J 8 -11.20 18.67 -12.62
CA ILE J 8 -9.87 18.07 -12.62
C ILE J 8 -9.53 17.66 -11.20
N LYS J 9 -8.99 16.45 -11.03
CA LYS J 9 -8.64 15.95 -9.72
C LYS J 9 -7.67 16.89 -9.01
N THR J 10 -7.85 17.00 -7.70
CA THR J 10 -7.05 17.94 -6.90
C THR J 10 -5.57 17.57 -6.95
N GLY J 11 -4.72 18.57 -7.13
CA GLY J 11 -3.29 18.37 -7.17
C GLY J 11 -2.75 17.81 -8.46
N THR J 12 -3.61 17.64 -9.47
CA THR J 12 -3.15 17.04 -10.73
C THR J 12 -2.12 17.92 -11.43
N THR J 13 -2.33 19.23 -11.42
CA THR J 13 -1.49 20.16 -12.17
C THR J 13 -0.37 20.77 -11.33
N ASP J 14 -0.19 20.31 -10.10
CA ASP J 14 0.85 20.86 -9.22
C ASP J 14 2.21 20.24 -9.54
N ILE J 15 3.26 20.91 -9.09
CA ILE J 15 4.64 20.52 -9.36
C ILE J 15 5.20 19.80 -8.13
N GLY J 16 6.03 18.80 -8.38
CA GLY J 16 6.80 18.19 -7.33
C GLY J 16 6.40 16.81 -6.90
N SER J 17 5.67 16.07 -7.72
CA SER J 17 5.31 14.70 -7.39
C SER J 17 6.43 13.76 -7.80
N ASN J 18 6.77 12.82 -6.92
CA ASN J 18 7.81 11.82 -7.17
C ASN J 18 9.15 12.48 -7.48
N THR J 19 9.47 13.54 -6.74
CA THR J 19 10.68 14.30 -6.92
C THR J 19 11.47 14.32 -5.62
N THR J 20 12.79 14.28 -5.74
CA THR J 20 13.66 14.50 -4.59
C THR J 20 13.98 15.98 -4.49
N VAL J 21 13.63 16.58 -3.36
CA VAL J 21 13.78 18.02 -3.14
C VAL J 21 14.99 18.25 -2.26
N LYS J 22 15.85 19.17 -2.66
CA LYS J 22 17.06 19.47 -1.90
C LYS J 22 16.86 20.77 -1.14
N THR J 23 16.77 20.68 0.18
CA THR J 23 16.48 21.85 0.99
C THR J 23 17.71 22.30 1.76
N GLY J 24 17.67 23.54 2.23
CA GLY J 24 18.78 24.05 3.01
C GLY J 24 18.41 25.33 3.74
N ASP J 25 19.22 25.64 4.75
CA ASP J 25 19.08 26.85 5.56
C ASP J 25 20.39 27.62 5.56
N LEU J 26 20.28 28.94 5.41
CA LEU J 26 21.42 29.84 5.55
C LEU J 26 21.05 30.93 6.53
N VAL J 27 21.81 31.05 7.62
CA VAL J 27 21.48 31.95 8.71
C VAL J 27 22.61 32.96 8.86
N THR J 28 22.25 34.24 8.92
CA THR J 28 23.19 35.31 9.21
C THR J 28 22.58 36.21 10.28
N TYR J 29 23.44 36.80 11.10
CA TYR J 29 23.00 37.84 12.02
C TYR J 29 23.82 39.09 11.78
N ASP J 30 23.16 40.16 11.36
CA ASP J 30 23.77 41.47 11.20
C ASP J 30 23.60 42.22 12.51
N LYS J 31 24.71 42.39 13.23
CA LYS J 31 24.66 42.95 14.57
C LYS J 31 24.43 44.46 14.56
N GLU J 32 25.09 45.19 13.66
CA GLU J 32 24.93 46.64 13.67
C GLU J 32 23.54 47.06 13.20
N ASN J 33 22.92 46.30 12.32
CA ASN J 33 21.56 46.57 11.87
C ASN J 33 20.50 45.81 12.65
N GLY J 34 20.89 44.91 13.53
CA GLY J 34 19.95 44.13 14.31
C GLY J 34 19.02 43.27 13.47
N MET J 35 19.56 42.54 12.51
CA MET J 35 18.75 41.76 11.59
C MET J 35 19.16 40.30 11.63
N HIS J 36 18.23 39.43 11.99
CA HIS J 36 18.46 37.99 11.90
C HIS J 36 17.88 37.52 10.58
N LYS J 37 18.75 37.24 9.61
CA LYS J 37 18.30 36.89 8.26
C LYS J 37 18.41 35.38 8.07
N LYS J 38 17.34 34.78 7.54
CA LYS J 38 17.35 33.35 7.31
C LYS J 38 16.78 33.08 5.92
N VAL J 39 17.49 32.27 5.15
CA VAL J 39 17.04 31.85 3.83
C VAL J 39 16.80 30.36 3.89
N PHE J 40 15.58 29.94 3.61
CA PHE J 40 15.26 28.52 3.48
C PHE J 40 15.03 28.24 2.01
N TYR J 41 15.89 27.44 1.40
CA TYR J 41 15.81 27.19 -0.02
C TYR J 41 15.42 25.75 -0.30
N SER J 42 14.80 25.55 -1.46
CA SER J 42 14.35 24.25 -1.92
C SER J 42 14.59 24.14 -3.41
N PHE J 43 15.42 23.19 -3.81
CA PHE J 43 15.64 22.87 -5.22
C PHE J 43 14.68 21.77 -5.62
N ILE J 44 13.87 22.04 -6.64
CA ILE J 44 12.92 21.09 -7.20
C ILE J 44 13.27 20.89 -8.66
N ASP J 45 13.66 19.68 -9.01
CA ASP J 45 13.94 19.33 -10.40
C ASP J 45 12.94 18.24 -10.79
N ASP J 46 11.77 18.68 -11.22
CA ASP J 46 10.71 17.79 -11.66
C ASP J 46 10.92 17.47 -13.12
N LYS J 47 10.97 16.18 -13.46
CA LYS J 47 11.22 15.78 -14.84
C LYS J 47 10.07 16.18 -15.75
N ASN J 48 8.85 16.28 -15.21
CA ASN J 48 7.68 16.64 -15.99
C ASN J 48 7.50 18.15 -16.13
N HIS J 49 8.31 18.95 -15.44
CA HIS J 49 8.30 20.40 -15.57
C HIS J 49 9.38 20.84 -16.53
N ASN J 50 9.12 21.93 -17.25
CA ASN J 50 10.01 22.35 -18.31
C ASN J 50 11.24 23.10 -17.82
N LYS J 51 11.37 23.34 -16.52
CA LYS J 51 12.47 24.11 -15.98
C LYS J 51 12.86 23.55 -14.61
N LYS J 52 14.04 23.97 -14.15
CA LYS J 52 14.46 23.75 -12.77
C LYS J 52 13.90 24.87 -11.89
N LEU J 53 13.41 24.51 -10.70
CA LEU J 53 12.82 25.47 -9.78
C LEU J 53 13.68 25.60 -8.53
N LEU J 54 13.83 26.83 -8.07
CA LEU J 54 14.36 27.12 -6.74
C LEU J 54 13.36 27.97 -5.99
N VAL J 55 12.89 27.48 -4.85
CA VAL J 55 12.02 28.24 -3.96
C VAL J 55 12.87 28.81 -2.84
N ILE J 56 12.88 30.13 -2.72
CA ILE J 56 13.59 30.83 -1.66
C ILE J 56 12.57 31.44 -0.72
N ARG J 57 12.63 31.07 0.55
CA ARG J 57 11.80 31.66 1.57
C ARG J 57 12.68 32.55 2.44
N THR J 58 12.41 33.84 2.43
CA THR J 58 13.08 34.79 3.30
C THR J 58 12.32 34.87 4.61
N LYS J 59 13.02 34.59 5.70
CA LYS J 59 12.48 34.59 7.05
C LYS J 59 13.51 35.24 7.96
N GLY J 60 13.26 35.14 9.26
CA GLY J 60 14.11 35.80 10.23
C GLY J 60 13.35 36.86 10.96
N THR J 61 14.05 37.89 11.42
CA THR J 61 13.41 38.97 12.17
C THR J 61 14.22 40.24 11.99
N ILE J 62 13.53 41.31 11.63
CA ILE J 62 14.09 42.66 11.68
C ILE J 62 13.62 43.29 12.97
N ALA J 63 14.55 43.65 13.84
CA ALA J 63 14.20 44.27 15.11
C ALA J 63 13.54 45.62 14.88
N GLY J 64 12.55 45.94 15.70
CA GLY J 64 11.87 47.22 15.58
C GLY J 64 12.76 48.38 15.98
N GLN J 65 13.39 48.27 17.15
CA GLN J 65 14.31 49.29 17.67
C GLN J 65 13.59 50.60 17.99
N TYR J 66 12.40 50.50 18.58
CA TYR J 66 11.67 51.64 19.14
C TYR J 66 12.44 52.18 20.33
N ARG J 67 13.01 53.38 20.22
CA ARG J 67 14.03 53.79 21.16
C ARG J 67 14.08 55.30 21.28
N VAL J 68 14.16 55.79 22.52
CA VAL J 68 14.39 57.21 22.79
C VAL J 68 15.87 57.48 22.53
N TYR J 69 16.17 58.33 21.56
CA TYR J 69 17.53 58.56 21.13
C TYR J 69 18.08 59.94 21.49
N SER J 70 17.22 60.87 21.91
CA SER J 70 17.67 62.24 22.13
C SER J 70 16.92 62.84 23.31
N GLU J 71 17.66 63.54 24.17
CA GLU J 71 17.06 64.27 25.29
C GLU J 71 17.76 65.62 25.38
N GLU J 72 17.11 66.66 24.87
CA GLU J 72 17.64 68.02 24.94
C GLU J 72 17.03 68.75 26.14
N GLY J 73 17.38 68.25 27.32
CA GLY J 73 16.83 68.78 28.55
C GLY J 73 15.53 68.09 28.92
N ALA J 74 14.80 68.72 29.84
CA ALA J 74 13.55 68.15 30.31
C ALA J 74 12.37 68.48 29.41
N ASN J 75 12.54 69.37 28.43
CA ASN J 75 11.42 69.87 27.65
C ASN J 75 11.41 69.39 26.21
N LYS J 76 12.45 68.69 25.76
CA LYS J 76 12.50 68.21 24.38
C LYS J 76 13.04 66.79 24.37
N SER J 77 12.43 65.94 23.54
CA SER J 77 12.95 64.59 23.40
C SER J 77 12.56 64.03 22.04
N GLY J 78 13.32 63.02 21.62
CA GLY J 78 13.09 62.39 20.33
C GLY J 78 13.06 60.89 20.45
N LEU J 79 12.30 60.26 19.56
CA LEU J 79 12.10 58.83 19.53
C LEU J 79 12.24 58.34 18.10
N ALA J 80 13.06 57.32 17.89
CA ALA J 80 13.17 56.70 16.59
C ALA J 80 12.30 55.46 16.56
N TRP J 81 11.48 55.33 15.51
CA TRP J 81 10.59 54.19 15.47
C TRP J 81 10.46 53.66 14.06
N PRO J 82 10.23 52.36 13.89
CA PRO J 82 10.21 51.78 12.54
C PRO J 82 8.88 51.99 11.84
N SER J 83 8.91 52.74 10.75
CA SER J 83 7.70 52.93 9.96
C SER J 83 7.59 51.95 8.80
N ALA J 84 8.67 51.29 8.42
CA ALA J 84 8.61 50.34 7.31
C ALA J 84 9.69 49.28 7.48
N PHE J 85 9.35 48.05 7.10
CA PHE J 85 10.27 46.94 6.97
C PHE J 85 10.23 46.47 5.53
N LYS J 86 11.39 46.23 4.92
CA LYS J 86 11.43 45.87 3.52
C LYS J 86 12.29 44.63 3.30
N VAL J 87 11.87 43.80 2.36
CA VAL J 87 12.65 42.64 1.92
C VAL J 87 12.68 42.64 0.39
N GLN J 88 13.88 42.56 -0.18
CA GLN J 88 14.03 42.58 -1.62
C GLN J 88 14.97 41.48 -2.08
N LEU J 89 14.62 40.85 -3.20
CA LEU J 89 15.47 39.90 -3.88
C LEU J 89 15.73 40.42 -5.29
N GLN J 90 16.99 40.32 -5.73
CA GLN J 90 17.38 40.86 -7.02
C GLN J 90 18.39 39.95 -7.69
N LEU J 91 18.12 39.59 -8.94
CA LEU J 91 19.04 38.89 -9.82
C LEU J 91 19.78 39.90 -10.69
N PRO J 92 21.07 39.71 -10.91
CA PRO J 92 21.79 40.58 -11.86
C PRO J 92 21.25 40.41 -13.27
N ASP J 93 21.35 41.49 -14.05
CA ASP J 93 20.72 41.54 -15.35
C ASP J 93 21.37 40.59 -16.36
N ASN J 94 22.60 40.15 -16.12
CA ASN J 94 23.23 39.20 -17.02
C ASN J 94 22.78 37.76 -16.79
N GLU J 95 22.08 37.49 -15.71
CA GLU J 95 21.65 36.13 -15.42
C GLU J 95 20.57 35.68 -16.40
N VAL J 96 20.47 34.37 -16.60
CA VAL J 96 19.39 33.81 -17.40
C VAL J 96 18.28 33.23 -16.55
N ALA J 97 18.50 33.05 -15.26
CA ALA J 97 17.41 32.67 -14.37
C ALA J 97 16.44 33.82 -14.21
N GLN J 98 15.17 33.48 -14.06
CA GLN J 98 14.11 34.48 -13.99
C GLN J 98 13.31 34.29 -12.71
N ILE J 99 12.85 35.40 -12.15
CA ILE J 99 11.87 35.32 -11.07
C ILE J 99 10.53 34.92 -11.67
N SER J 100 10.00 33.80 -11.21
CA SER J 100 8.82 33.21 -11.79
C SER J 100 7.57 33.40 -10.95
N ASP J 101 7.66 33.27 -9.63
CA ASP J 101 6.49 33.41 -8.80
C ASP J 101 6.86 34.03 -7.47
N TYR J 102 5.85 34.46 -6.72
CA TYR J 102 6.08 35.13 -5.45
C TYR J 102 4.81 35.07 -4.62
N TYR J 103 5.00 35.11 -3.30
CA TYR J 103 3.90 35.05 -2.36
C TYR J 103 4.33 35.68 -1.05
N PRO J 104 3.47 36.45 -0.38
CA PRO J 104 2.10 36.81 -0.74
C PRO J 104 2.00 37.92 -1.78
N ARG J 105 0.81 38.10 -2.32
CA ARG J 105 0.52 39.15 -3.28
C ARG J 105 -0.48 40.13 -2.68
N ASN J 106 -0.89 41.10 -3.48
CA ASN J 106 -1.81 42.14 -3.03
C ASN J 106 -3.24 41.65 -3.18
N SER J 107 -4.02 41.77 -2.11
CA SER J 107 -5.41 41.35 -2.09
C SER J 107 -6.33 42.54 -2.26
N ILE J 108 -7.53 42.26 -2.78
CA ILE J 108 -8.57 43.28 -2.88
C ILE J 108 -9.26 43.39 -1.52
N ASP J 109 -9.23 44.58 -0.95
CA ASP J 109 -9.85 44.82 0.34
C ASP J 109 -11.33 45.13 0.18
N THR J 110 -12.08 44.91 1.25
CA THR J 110 -13.53 44.95 1.19
C THR J 110 -14.07 45.77 2.35
N LYS J 111 -15.29 46.27 2.16
CA LYS J 111 -15.99 47.03 3.19
C LYS J 111 -17.44 46.62 3.20
N GLU J 112 -18.08 46.82 4.34
CA GLU J 112 -19.49 46.49 4.52
C GLU J 112 -20.30 47.76 4.60
N TYR J 113 -21.39 47.81 3.85
CA TYR J 113 -22.24 48.99 3.74
C TYR J 113 -23.62 48.68 4.30
N MET J 114 -24.15 49.58 5.11
CA MET J 114 -25.47 49.48 5.69
C MET J 114 -26.27 50.73 5.37
N SER J 115 -27.51 50.56 4.91
CA SER J 115 -28.46 51.63 4.75
C SER J 115 -29.63 51.42 5.69
N THR J 116 -30.18 52.52 6.20
CA THR J 116 -31.31 52.44 7.13
C THR J 116 -32.31 53.53 6.80
N LEU J 117 -33.59 53.19 6.85
CA LEU J 117 -34.68 54.15 6.68
C LEU J 117 -35.72 53.87 7.75
N THR J 118 -35.98 54.86 8.59
CA THR J 118 -36.98 54.74 9.63
C THR J 118 -38.01 55.86 9.49
N TYR J 119 -39.27 55.53 9.77
CA TYR J 119 -40.27 56.57 9.91
C TYR J 119 -41.19 56.18 11.06
N GLY J 120 -41.76 57.19 11.70
CA GLY J 120 -42.59 56.95 12.86
C GLY J 120 -43.60 58.05 13.09
N PHE J 121 -44.63 57.70 13.86
CA PHE J 121 -45.65 58.64 14.30
C PHE J 121 -45.78 58.54 15.81
N ASN J 122 -46.02 59.69 16.44
CA ASN J 122 -46.27 59.74 17.87
C ASN J 122 -47.45 60.65 18.13
N SER J 123 -48.10 60.44 19.26
CA SER J 123 -49.23 61.26 19.66
C SER J 123 -49.35 61.21 21.16
N ASN J 124 -49.76 62.33 21.76
CA ASN J 124 -50.00 62.35 23.19
C ASN J 124 -51.12 63.32 23.51
N VAL J 125 -51.74 63.10 24.67
CA VAL J 125 -52.74 64.00 25.23
C VAL J 125 -52.30 64.39 26.63
N THR J 126 -52.37 65.68 26.93
CA THR J 126 -51.93 66.20 28.22
C THR J 126 -53.13 66.77 28.97
N GLY J 127 -53.34 66.28 30.19
CA GLY J 127 -54.39 66.76 31.05
C GLY J 127 -53.88 67.77 32.07
N ASP J 128 -54.80 68.19 32.94
CA ASP J 128 -54.50 69.18 33.97
C ASP J 128 -55.65 69.23 34.95
N ASP J 129 -55.35 69.64 36.18
CA ASP J 129 -56.38 69.75 37.19
C ASP J 129 -57.26 70.98 37.03
N THR J 130 -56.82 71.96 36.22
CA THR J 130 -57.63 73.13 35.91
C THR J 130 -58.50 72.93 34.69
N GLY J 131 -58.63 71.69 34.22
CA GLY J 131 -59.46 71.38 33.07
C GLY J 131 -58.81 71.64 31.72
N LYS J 132 -57.58 72.13 31.68
CA LYS J 132 -56.92 72.38 30.42
C LYS J 132 -56.50 71.06 29.78
N ILE J 133 -56.90 70.86 28.52
CA ILE J 133 -56.62 69.63 27.78
C ILE J 133 -55.89 70.00 26.51
N GLY J 134 -54.75 69.34 26.26
CA GLY J 134 -53.99 69.58 25.06
C GLY J 134 -53.69 68.28 24.34
N GLY J 135 -53.37 68.41 23.05
CA GLY J 135 -53.04 67.28 22.24
C GLY J 135 -51.77 67.54 21.44
N LEU J 136 -51.21 66.47 20.88
CA LEU J 136 -50.02 66.59 20.05
C LEU J 136 -49.95 65.38 19.14
N ILE J 137 -49.71 65.64 17.85
CA ILE J 137 -49.48 64.61 16.85
C ILE J 137 -48.23 64.98 16.07
N GLY J 138 -47.30 64.03 15.94
CA GLY J 138 -46.06 64.28 15.25
C GLY J 138 -45.63 63.09 14.43
N ALA J 139 -44.79 63.37 13.44
CA ALA J 139 -44.23 62.35 12.57
C ALA J 139 -42.76 62.65 12.33
N ASN J 140 -41.99 61.61 12.01
CA ASN J 140 -40.56 61.79 11.77
C ASN J 140 -40.07 60.75 10.79
N VAL J 141 -38.98 61.09 10.10
CA VAL J 141 -38.31 60.20 9.17
C VAL J 141 -36.81 60.39 9.33
N SER J 142 -36.05 59.30 9.22
CA SER J 142 -34.60 59.35 9.39
C SER J 142 -33.95 58.40 8.42
N ILE J 143 -32.79 58.80 7.91
CA ILE J 143 -32.02 58.03 6.95
C ILE J 143 -30.60 57.90 7.48
N GLY J 144 -30.04 56.71 7.39
CA GLY J 144 -28.71 56.45 7.94
C GLY J 144 -27.88 55.62 7.00
N HIS J 145 -26.56 55.87 7.05
CA HIS J 145 -25.58 55.10 6.31
C HIS J 145 -24.45 54.72 7.25
N THR J 146 -23.99 53.48 7.12
CA THR J 146 -22.92 52.96 7.97
C THR J 146 -21.90 52.23 7.10
N LEU J 147 -20.62 52.45 7.41
CA LEU J 147 -19.52 51.82 6.70
C LEU J 147 -18.62 51.13 7.70
N ARG J 148 -18.28 49.87 7.44
CA ARG J 148 -17.48 49.07 8.36
C ARG J 148 -16.34 48.39 7.62
N TYR J 149 -15.13 48.47 8.17
CA TYR J 149 -13.99 47.79 7.57
C TYR J 149 -12.90 47.59 8.60
N VAL J 150 -12.00 46.67 8.30
CA VAL J 150 -10.91 46.31 9.18
C VAL J 150 -9.67 47.15 8.84
N GLN J 151 -8.96 47.58 9.86
CA GLN J 151 -7.73 48.36 9.70
C GLN J 151 -6.59 47.69 10.45
N PRO J 152 -5.66 47.04 9.76
CA PRO J 152 -4.49 46.48 10.45
C PRO J 152 -3.51 47.57 10.86
N ASP J 153 -2.67 47.23 11.85
CA ASP J 153 -1.64 48.15 12.30
C ASP J 153 -0.57 48.35 11.24
N PHE J 154 -0.19 47.27 10.56
CA PHE J 154 0.79 47.31 9.48
C PHE J 154 0.19 46.64 8.26
N LYS J 155 0.54 47.15 7.08
CA LYS J 155 0.11 46.60 5.81
C LYS J 155 1.27 45.90 5.13
N THR J 156 1.01 44.70 4.63
CA THR J 156 1.98 43.95 3.82
C THR J 156 1.66 44.15 2.35
N ILE J 157 2.62 44.69 1.60
CA ILE J 157 2.42 45.06 0.21
C ILE J 157 3.51 44.41 -0.64
N LEU J 158 3.10 43.73 -1.70
CA LEU J 158 4.04 43.25 -2.70
C LEU J 158 4.30 44.36 -3.71
N GLU J 159 5.53 44.84 -3.77
CA GLU J 159 5.88 45.87 -4.74
C GLU J 159 6.05 45.26 -6.12
N SER J 160 5.82 46.08 -7.14
CA SER J 160 5.73 45.65 -8.55
C SER J 160 6.91 44.81 -8.98
N PRO J 161 6.71 43.52 -9.21
CA PRO J 161 7.84 42.65 -9.58
C PRO J 161 8.15 42.69 -11.07
N THR J 162 9.41 42.50 -11.37
CA THR J 162 9.89 42.22 -12.71
C THR J 162 10.41 40.79 -12.74
N ASP J 163 11.01 40.39 -13.84
CA ASP J 163 11.60 39.06 -13.91
C ASP J 163 12.97 38.98 -13.24
N LYS J 164 13.52 40.11 -12.82
CA LYS J 164 14.81 40.13 -12.14
C LYS J 164 14.74 40.63 -10.70
N LYS J 165 13.60 41.15 -10.26
CA LYS J 165 13.53 41.85 -8.98
C LYS J 165 12.17 41.67 -8.36
N VAL J 166 12.13 41.33 -7.08
CA VAL J 166 10.88 41.21 -6.35
C VAL J 166 11.09 41.78 -4.95
N GLY J 167 10.00 42.27 -4.35
CA GLY J 167 10.12 42.92 -3.06
C GLY J 167 8.80 43.04 -2.34
N TRP J 168 8.88 43.09 -1.01
CA TRP J 168 7.75 43.32 -0.14
C TRP J 168 8.09 44.43 0.84
N LYS J 169 7.07 45.17 1.24
CA LYS J 169 7.22 46.15 2.30
C LYS J 169 6.05 46.02 3.28
N VAL J 170 6.37 46.10 4.56
CA VAL J 170 5.39 46.11 5.63
C VAL J 170 5.45 47.50 6.24
N ILE J 171 4.40 48.28 6.05
CA ILE J 171 4.40 49.69 6.38
C ILE J 171 3.41 49.97 7.48
N PHE J 172 3.72 50.97 8.30
CA PHE J 172 2.84 51.38 9.39
C PHE J 172 1.56 52.01 8.82
N ASN J 173 0.41 51.55 9.32
CA ASN J 173 -0.85 52.09 8.86
C ASN J 173 -1.44 53.09 9.84
N ASN J 174 -1.79 52.65 11.04
CA ASN J 174 -2.29 53.50 12.11
C ASN J 174 -2.33 52.69 13.39
N MET J 175 -2.38 53.39 14.52
CA MET J 175 -2.30 52.74 15.81
C MET J 175 -3.24 53.42 16.79
N VAL J 176 -3.76 52.62 17.71
CA VAL J 176 -4.58 53.12 18.81
C VAL J 176 -3.66 53.46 19.97
N ASN J 177 -3.81 54.66 20.50
CA ASN J 177 -2.99 55.15 21.61
C ASN J 177 -3.88 55.25 22.84
N GLN J 178 -3.81 54.24 23.71
CA GLN J 178 -4.57 54.22 24.97
C GLN J 178 -6.06 54.43 24.73
N ASN J 179 -6.61 53.65 23.81
CA ASN J 179 -8.01 53.65 23.39
C ASN J 179 -8.40 54.88 22.58
N TRP J 180 -7.49 55.81 22.35
CA TRP J 180 -7.77 56.95 21.49
C TRP J 180 -7.31 56.65 20.06
N GLY J 181 -7.71 57.51 19.14
CA GLY J 181 -7.25 57.42 17.78
C GLY J 181 -8.24 56.72 16.87
N PRO J 182 -7.73 55.97 15.89
CA PRO J 182 -6.31 55.69 15.66
C PRO J 182 -5.54 56.86 15.05
N TYR J 183 -4.25 56.92 15.34
CA TYR J 183 -3.36 57.94 14.82
C TYR J 183 -2.44 57.35 13.77
N ASP J 184 -2.02 58.18 12.83
CA ASP J 184 -1.04 57.75 11.85
C ASP J 184 0.08 58.76 11.72
N ARG J 185 0.97 58.57 10.76
CA ARG J 185 2.12 59.45 10.59
C ARG J 185 1.72 60.86 10.18
N ASP J 186 0.48 61.07 9.78
CA ASP J 186 0.03 62.37 9.31
C ASP J 186 -1.04 63.00 10.20
N SER J 187 -1.40 62.36 11.32
CA SER J 187 -2.37 62.94 12.22
C SER J 187 -1.88 64.27 12.75
N TRP J 188 -2.75 65.27 12.73
CA TRP J 188 -2.38 66.59 13.22
C TRP J 188 -3.52 67.21 13.99
N ASN J 189 -3.18 67.83 15.11
CA ASN J 189 -4.11 68.54 15.96
C ASN J 189 -3.46 69.90 16.24
N PRO J 190 -4.21 71.00 16.10
CA PRO J 190 -3.58 72.32 16.30
C PRO J 190 -3.00 72.52 17.68
N VAL J 191 -3.57 71.88 18.70
CA VAL J 191 -3.09 72.07 20.06
C VAL J 191 -1.95 71.11 20.38
N TYR J 192 -2.10 69.83 20.05
CA TYR J 192 -1.15 68.81 20.48
C TYR J 192 -0.28 68.27 19.36
N GLY J 193 -0.47 68.70 18.11
CA GLY J 193 0.32 68.14 17.03
C GLY J 193 -0.06 66.70 16.77
N ASN J 194 0.95 65.87 16.57
CA ASN J 194 0.77 64.44 16.36
C ASN J 194 0.87 63.72 17.69
N GLN J 195 -0.19 63.04 18.09
CA GLN J 195 -0.26 62.34 19.36
C GLN J 195 -0.03 60.84 19.20
N LEU J 196 0.78 60.44 18.24
CA LEU J 196 0.98 59.02 17.95
C LEU J 196 1.56 58.28 19.15
N PHE J 197 2.60 58.83 19.77
CA PHE J 197 3.26 58.17 20.88
C PHE J 197 3.32 59.06 22.12
N MET J 198 2.39 60.00 22.24
CA MET J 198 2.27 60.81 23.43
C MET J 198 1.68 59.98 24.56
N LYS J 199 2.33 59.99 25.72
CA LYS J 199 1.77 59.27 26.87
C LYS J 199 0.72 60.11 27.59
N THR J 200 1.06 61.36 27.90
CA THR J 200 0.13 62.27 28.55
C THR J 200 0.11 63.60 27.82
N ARG J 201 -1.06 64.20 27.70
CA ARG J 201 -1.16 65.53 27.11
C ARG J 201 -0.61 66.60 28.04
N ASN J 202 -0.81 66.44 29.34
CA ASN J 202 -0.22 67.31 30.36
C ASN J 202 0.60 66.45 31.30
N GLY J 203 1.77 66.96 31.69
CA GLY J 203 2.61 66.19 32.57
C GLY J 203 3.82 66.97 33.03
N SER J 204 4.18 66.81 34.30
CA SER J 204 5.34 67.48 34.87
C SER J 204 6.61 66.66 34.70
N MET J 205 6.52 65.51 34.04
CA MET J 205 7.69 64.66 33.86
C MET J 205 8.61 65.23 32.79
N LYS J 206 9.79 64.64 32.68
CA LYS J 206 10.69 65.00 31.58
C LYS J 206 10.12 64.49 30.27
N ALA J 207 10.57 65.11 29.18
CA ALA J 207 10.05 64.73 27.86
C ALA J 207 10.39 63.29 27.53
N ALA J 208 11.58 62.84 27.92
CA ALA J 208 11.99 61.47 27.62
C ALA J 208 11.12 60.42 28.30
N ASP J 209 10.36 60.82 29.31
CA ASP J 209 9.48 59.91 30.04
C ASP J 209 8.03 60.02 29.61
N ASN J 210 7.74 60.76 28.54
CA ASN J 210 6.38 61.00 28.10
C ASN J 210 6.05 60.27 26.81
N PHE J 211 6.82 59.26 26.44
CA PHE J 211 6.53 58.47 25.26
C PHE J 211 5.76 57.23 25.66
N LEU J 212 4.88 56.79 24.75
CA LEU J 212 4.08 55.60 25.00
C LEU J 212 4.98 54.40 25.29
N ASP J 213 4.61 53.63 26.29
CA ASP J 213 5.39 52.48 26.68
C ASP J 213 5.34 51.42 25.58
N PRO J 214 6.47 50.82 25.21
CA PRO J 214 6.46 49.88 24.08
C PRO J 214 5.57 48.67 24.28
N ASN J 215 5.27 48.28 25.52
CA ASN J 215 4.36 47.17 25.74
C ASN J 215 2.91 47.53 25.40
N LYS J 216 2.58 48.81 25.38
CA LYS J 216 1.22 49.26 25.06
C LYS J 216 1.05 49.60 23.59
N ALA J 217 2.07 49.37 22.78
CA ALA J 217 2.01 49.59 21.34
C ALA J 217 2.10 48.25 20.63
N SER J 218 2.14 48.30 19.30
CA SER J 218 2.35 47.09 18.52
C SER J 218 3.69 46.47 18.87
N SER J 219 3.72 45.14 18.93
CA SER J 219 4.97 44.45 19.21
C SER J 219 5.96 44.59 18.06
N LEU J 220 5.48 44.90 16.85
CA LEU J 220 6.38 45.15 15.74
C LEU J 220 7.25 46.36 15.96
N LEU J 221 6.78 47.32 16.76
CA LEU J 221 7.54 48.56 16.94
C LEU J 221 8.83 48.33 17.70
N SER J 222 8.80 47.46 18.70
CA SER J 222 9.98 47.22 19.53
C SER J 222 10.63 45.87 19.27
N SER J 223 9.87 44.78 19.39
CA SER J 223 10.46 43.47 19.21
C SER J 223 10.74 43.15 17.75
N GLY J 224 9.92 43.64 16.83
CA GLY J 224 10.26 43.61 15.43
C GLY J 224 9.36 42.68 14.63
N PHE J 225 9.65 42.64 13.33
CA PHE J 225 8.83 41.97 12.34
C PHE J 225 9.54 40.74 11.80
N SER J 226 8.80 39.65 11.66
CA SER J 226 9.35 38.41 11.13
C SER J 226 8.85 38.18 9.73
N PRO J 227 9.68 38.39 8.70
CA PRO J 227 9.24 38.15 7.33
C PRO J 227 8.96 36.68 7.08
N ASP J 228 8.00 36.42 6.20
CA ASP J 228 7.80 35.08 5.67
C ASP J 228 7.38 35.23 4.21
N PHE J 229 8.36 35.29 3.31
CA PHE J 229 8.07 35.56 1.91
C PHE J 229 8.68 34.47 1.04
N ALA J 230 7.99 34.14 -0.06
CA ALA J 230 8.41 33.07 -0.93
C ALA J 230 8.60 33.60 -2.34
N THR J 231 9.73 33.26 -2.94
CA THR J 231 10.03 33.57 -4.34
C THR J 231 10.36 32.27 -5.05
N VAL J 232 9.92 32.15 -6.29
CA VAL J 232 10.22 31.00 -7.12
C VAL J 232 11.01 31.48 -8.33
N ILE J 233 12.19 30.92 -8.52
CA ILE J 233 13.12 31.25 -9.59
C ILE J 233 13.25 30.05 -10.52
N THR J 234 13.12 30.29 -11.81
CA THR J 234 13.18 29.23 -12.82
C THR J 234 14.50 29.31 -13.59
N MET J 235 14.94 28.15 -14.05
CA MET J 235 16.17 28.07 -14.83
C MET J 235 16.02 27.03 -15.93
N ASP J 236 16.54 27.33 -17.11
CA ASP J 236 16.58 26.37 -18.21
C ASP J 236 17.53 25.22 -17.90
N ARG J 237 17.14 24.01 -18.30
CA ARG J 237 17.90 22.83 -17.93
C ARG J 237 19.17 22.66 -18.74
N CYS J 238 19.18 23.08 -20.00
CA CYS J 238 20.34 22.91 -20.87
C CYS J 238 21.08 24.23 -21.07
N ALA J 239 21.03 25.11 -20.07
CA ALA J 239 21.78 26.36 -20.12
C ALA J 239 23.27 26.07 -19.94
N SER J 240 24.10 26.91 -20.58
CA SER J 240 25.54 26.69 -20.54
C SER J 240 26.10 26.90 -19.13
N LYS J 241 25.76 28.03 -18.51
CA LYS J 241 26.24 28.34 -17.16
C LYS J 241 25.16 27.99 -16.16
N GLN J 242 25.51 27.16 -15.18
CA GLN J 242 24.56 26.67 -14.19
C GLN J 242 24.84 27.26 -12.81
N GLN J 243 25.30 28.50 -12.77
CA GLN J 243 25.57 29.22 -11.52
C GLN J 243 24.89 30.57 -11.58
N THR J 244 24.19 30.93 -10.51
CA THR J 244 23.46 32.18 -10.43
C THR J 244 23.89 32.96 -9.19
N ASN J 245 23.81 34.27 -9.26
CA ASN J 245 23.98 35.12 -8.09
C ASN J 245 22.65 35.76 -7.74
N ILE J 246 22.38 35.90 -6.45
CA ILE J 246 21.17 36.60 -6.03
C ILE J 246 21.48 37.45 -4.81
N ASP J 247 20.95 38.66 -4.80
CA ASP J 247 21.10 39.56 -3.67
C ASP J 247 19.80 39.60 -2.88
N VAL J 248 19.92 39.48 -1.56
CA VAL J 248 18.80 39.61 -0.64
C VAL J 248 19.09 40.80 0.26
N ILE J 249 18.16 41.74 0.33
CA ILE J 249 18.31 42.95 1.10
C ILE J 249 17.18 43.03 2.13
N TYR J 250 17.56 43.25 3.39
CA TYR J 250 16.61 43.56 4.46
C TYR J 250 16.75 45.03 4.78
N GLU J 251 15.63 45.68 5.09
CA GLU J 251 15.63 47.13 5.25
C GLU J 251 14.67 47.53 6.36
N ARG J 252 15.06 48.57 7.08
CA ARG J 252 14.20 49.17 8.11
C ARG J 252 14.26 50.68 7.95
N VAL J 253 13.11 51.30 7.73
CA VAL J 253 12.99 52.75 7.67
C VAL J 253 12.50 53.25 9.02
N ARG J 254 13.16 54.26 9.57
CA ARG J 254 12.85 54.79 10.88
C ARG J 254 12.45 56.24 10.78
N ASP J 255 11.30 56.56 11.37
CA ASP J 255 10.78 57.90 11.54
C ASP J 255 11.26 58.49 12.87
N ASP J 256 11.13 59.80 12.98
CA ASP J 256 11.61 60.55 14.13
C ASP J 256 10.45 61.32 14.75
N TYR J 257 10.01 60.90 15.93
CA TYR J 257 8.89 61.51 16.63
C TYR J 257 9.43 62.34 17.79
N GLN J 258 9.17 63.63 17.76
CA GLN J 258 9.68 64.55 18.77
C GLN J 258 8.56 65.09 19.64
N LEU J 259 8.81 65.14 20.94
CA LEU J 259 7.92 65.76 21.90
C LEU J 259 8.58 67.01 22.46
N HIS J 260 7.84 68.10 22.51
CA HIS J 260 8.35 69.31 23.14
C HIS J 260 7.24 70.00 23.92
N TRP J 261 7.64 70.70 24.97
CA TRP J 261 6.72 71.37 25.88
C TRP J 261 6.43 72.77 25.36
N THR J 262 5.15 73.10 25.21
CA THR J 262 4.73 74.41 24.70
C THR J 262 4.23 75.32 25.81
N SER J 263 4.80 75.18 27.00
CA SER J 263 4.53 76.04 28.15
C SER J 263 3.14 75.80 28.75
N THR J 264 2.31 75.01 28.07
CA THR J 264 1.03 74.60 28.64
C THR J 264 0.70 73.14 28.41
N ASN J 265 1.27 72.48 27.41
CA ASN J 265 0.98 71.08 27.14
C ASN J 265 2.07 70.54 26.23
N TRP J 266 2.04 69.23 26.02
CA TRP J 266 3.01 68.58 25.14
C TRP J 266 2.55 68.65 23.70
N LYS J 267 3.50 68.78 22.79
CA LYS J 267 3.23 68.81 21.37
C LYS J 267 4.16 67.84 20.67
N GLY J 268 3.61 67.03 19.79
CA GLY J 268 4.37 66.00 19.09
C GLY J 268 4.41 66.26 17.59
N THR J 269 5.56 66.00 17.00
CA THR J 269 5.72 66.08 15.55
C THR J 269 6.43 64.82 15.05
N ASN J 270 6.08 64.40 13.85
CA ASN J 270 6.69 63.22 13.24
C ASN J 270 7.37 63.59 11.94
N THR J 271 8.62 63.20 11.80
CA THR J 271 9.38 63.34 10.57
C THR J 271 9.54 61.98 9.91
N LYS J 272 9.17 61.90 8.64
CA LYS J 272 9.09 60.64 7.92
C LYS J 272 10.44 60.26 7.32
N ASP J 273 10.76 58.97 7.42
CA ASP J 273 11.91 58.37 6.74
C ASP J 273 13.20 59.10 7.08
N LYS J 274 13.40 59.36 8.37
CA LYS J 274 14.62 60.02 8.81
C LYS J 274 15.84 59.15 8.62
N TRP J 275 15.73 57.86 8.92
CA TRP J 275 16.87 56.96 8.83
C TRP J 275 16.48 55.71 8.04
N THR J 276 17.49 55.06 7.45
CA THR J 276 17.29 53.80 6.76
C THR J 276 18.45 52.87 7.07
N ASP J 277 18.13 51.68 7.56
CA ASP J 277 19.11 50.64 7.85
C ASP J 277 18.97 49.57 6.78
N ARG J 278 20.05 49.32 6.05
CA ARG J 278 20.03 48.42 4.91
C ARG J 278 21.09 47.35 5.10
N SER J 279 20.70 46.09 5.00
CA SER J 279 21.61 44.97 5.18
C SER J 279 21.47 44.06 3.96
N SER J 280 22.53 43.98 3.16
CA SER J 280 22.53 43.24 1.92
C SER J 280 23.40 41.99 2.02
N GLU J 281 23.03 40.97 1.26
CA GLU J 281 23.78 39.71 1.27
C GLU J 281 23.71 39.08 -0.10
N ARG J 282 24.86 38.63 -0.61
CA ARG J 282 24.93 37.97 -1.90
C ARG J 282 25.05 36.46 -1.71
N TYR J 283 24.29 35.71 -2.50
CA TYR J 283 24.27 34.27 -2.45
C TYR J 283 24.60 33.70 -3.81
N LYS J 284 25.28 32.56 -3.78
CA LYS J 284 25.59 31.77 -4.97
C LYS J 284 24.68 30.57 -5.03
N ILE J 285 24.03 30.38 -6.17
CA ILE J 285 23.16 29.25 -6.44
C ILE J 285 23.88 28.33 -7.42
N ASP J 286 24.14 27.10 -7.00
CA ASP J 286 24.68 26.07 -7.87
C ASP J 286 23.54 25.12 -8.21
N TRP J 287 23.11 25.17 -9.47
CA TRP J 287 21.97 24.36 -9.91
C TRP J 287 22.34 22.90 -10.10
N GLU J 288 23.55 22.61 -10.55
CA GLU J 288 23.98 21.22 -10.70
C GLU J 288 24.10 20.54 -9.34
N LYS J 289 24.83 21.15 -8.41
CA LYS J 289 24.96 20.58 -7.08
C LYS J 289 23.71 20.81 -6.24
N GLU J 290 22.83 21.71 -6.66
CA GLU J 290 21.61 22.04 -5.93
C GLU J 290 21.94 22.55 -4.53
N GLU J 291 22.68 23.65 -4.48
CA GLU J 291 23.02 24.23 -3.19
C GLU J 291 23.11 25.74 -3.28
N MET J 292 22.95 26.40 -2.15
CA MET J 292 23.12 27.83 -2.02
C MET J 292 24.18 28.11 -0.97
N THR J 293 25.08 29.04 -1.25
CA THR J 293 26.12 29.41 -0.32
C THR J 293 26.25 30.92 -0.26
N ASN J 294 26.95 31.40 0.76
CA ASN J 294 27.26 32.82 0.86
C ASN J 294 28.55 33.15 0.11
N ALA K 2 -22.33 18.45 -5.89
CA ALA K 2 -21.15 17.61 -6.03
C ALA K 2 -21.54 16.17 -6.28
N ASP K 3 -20.54 15.29 -6.38
CA ASP K 3 -20.82 13.88 -6.60
C ASP K 3 -21.60 13.27 -5.44
N SER K 4 -21.23 13.63 -4.21
CA SER K 4 -21.88 13.05 -3.05
C SER K 4 -23.36 13.39 -2.99
N ASP K 5 -23.77 14.47 -3.67
CA ASP K 5 -25.18 14.83 -3.74
C ASP K 5 -25.99 13.91 -4.63
N ILE K 6 -25.35 13.17 -5.53
CA ILE K 6 -26.06 12.27 -6.42
C ILE K 6 -25.59 10.84 -6.19
N ASN K 7 -25.17 10.54 -4.95
CA ASN K 7 -24.82 9.19 -4.52
C ASN K 7 -23.64 8.62 -5.31
N ILE K 8 -22.64 9.45 -5.56
CA ILE K 8 -21.47 9.04 -6.33
C ILE K 8 -20.23 9.35 -5.52
N LYS K 9 -19.26 8.42 -5.54
CA LYS K 9 -18.01 8.60 -4.82
C LYS K 9 -17.34 9.91 -5.24
N THR K 10 -16.73 10.57 -4.26
CA THR K 10 -16.07 11.85 -4.51
C THR K 10 -14.92 11.69 -5.48
N GLY K 11 -14.85 12.56 -6.48
CA GLY K 11 -13.79 12.52 -7.46
C GLY K 11 -13.93 11.44 -8.51
N THR K 12 -15.05 10.74 -8.55
CA THR K 12 -15.23 9.68 -9.55
C THR K 12 -15.26 10.24 -10.96
N THR K 13 -15.88 11.40 -11.15
CA THR K 13 -16.07 11.97 -12.47
C THR K 13 -14.98 12.97 -12.86
N ASP K 14 -13.95 13.13 -12.04
CA ASP K 14 -12.90 14.10 -12.33
C ASP K 14 -11.90 13.55 -13.34
N ILE K 15 -11.18 14.46 -13.97
CA ILE K 15 -10.20 14.12 -15.01
C ILE K 15 -8.81 14.11 -14.41
N GLY K 16 -7.96 13.22 -14.89
CA GLY K 16 -6.56 13.24 -14.56
C GLY K 16 -6.05 12.18 -13.63
N SER K 17 -6.77 11.07 -13.47
CA SER K 17 -6.29 9.98 -12.64
C SER K 17 -5.38 9.06 -13.45
N ASN K 18 -4.26 8.67 -12.84
CA ASN K 18 -3.28 7.79 -13.47
C ASN K 18 -2.78 8.38 -14.79
N THR K 19 -2.51 9.67 -14.79
CA THR K 19 -2.06 10.40 -15.97
C THR K 19 -0.75 11.09 -15.66
N THR K 20 0.14 11.12 -16.65
CA THR K 20 1.35 11.91 -16.57
C THR K 20 1.05 13.30 -17.12
N VAL K 21 1.20 14.32 -16.30
CA VAL K 21 0.88 15.69 -16.65
C VAL K 21 2.17 16.42 -16.98
N LYS K 22 2.19 17.12 -18.10
CA LYS K 22 3.39 17.85 -18.52
C LYS K 22 3.17 19.33 -18.23
N THR K 23 3.92 19.87 -17.28
CA THR K 23 3.74 21.25 -16.86
C THR K 23 4.87 22.12 -17.39
N GLY K 24 4.65 23.43 -17.31
CA GLY K 24 5.67 24.35 -17.78
C GLY K 24 5.36 25.78 -17.38
N ASP K 25 6.41 26.59 -17.39
CA ASP K 25 6.36 28.00 -17.05
C ASP K 25 6.96 28.84 -18.17
N LEU K 26 6.28 29.91 -18.55
CA LEU K 26 6.82 30.88 -19.48
C LEU K 26 6.71 32.26 -18.86
N VAL K 27 7.84 32.96 -18.75
CA VAL K 27 7.90 34.22 -18.04
C VAL K 27 8.40 35.30 -19.00
N THR K 28 7.67 36.41 -19.07
CA THR K 28 8.09 37.58 -19.84
C THR K 28 7.93 38.81 -18.97
N TYR K 29 8.80 39.79 -19.19
CA TYR K 29 8.63 41.10 -18.56
C TYR K 29 8.57 42.15 -19.65
N ASP K 30 7.46 42.88 -19.68
CA ASP K 30 7.27 44.02 -20.57
C ASP K 30 7.62 45.27 -19.79
N LYS K 31 8.78 45.85 -20.11
CA LYS K 31 9.28 46.99 -19.36
C LYS K 31 8.55 48.28 -19.70
N GLU K 32 8.18 48.48 -20.97
CA GLU K 32 7.47 49.70 -21.33
C GLU K 32 6.09 49.76 -20.68
N ASN K 33 5.38 48.64 -20.64
CA ASN K 33 4.07 48.60 -20.02
C ASN K 33 4.09 48.18 -18.57
N GLY K 34 5.25 47.81 -18.04
CA GLY K 34 5.36 47.40 -16.66
C GLY K 34 4.54 46.19 -16.30
N MET K 35 4.61 45.13 -17.10
CA MET K 35 3.81 43.93 -16.85
C MET K 35 4.72 42.72 -16.74
N HIS K 36 4.61 41.99 -15.64
CA HIS K 36 5.29 40.72 -15.46
C HIS K 36 4.28 39.63 -15.81
N LYS K 37 4.43 39.02 -16.98
CA LYS K 37 3.46 38.04 -17.46
C LYS K 37 4.00 36.64 -17.25
N LYS K 38 3.19 35.78 -16.66
CA LYS K 38 3.59 34.40 -16.44
C LYS K 38 2.48 33.47 -16.90
N VAL K 39 2.85 32.46 -17.68
CA VAL K 39 1.93 31.44 -18.13
C VAL K 39 2.38 30.13 -17.51
N PHE K 40 1.50 29.50 -16.74
CA PHE K 40 1.74 28.17 -16.21
C PHE K 40 0.82 27.21 -16.93
N TYR K 41 1.38 26.29 -17.71
CA TYR K 41 0.57 25.41 -18.52
C TYR K 41 0.70 23.97 -18.04
N SER K 42 -0.36 23.19 -18.27
CA SER K 42 -0.44 21.79 -17.90
C SER K 42 -1.09 21.02 -19.03
N PHE K 43 -0.37 20.07 -19.60
CA PHE K 43 -0.93 19.17 -20.60
C PHE K 43 -1.42 17.91 -19.89
N ILE K 44 -2.69 17.60 -20.08
CA ILE K 44 -3.32 16.41 -19.53
C ILE K 44 -3.87 15.59 -20.70
N ASP K 45 -3.31 14.41 -20.89
CA ASP K 45 -3.80 13.47 -21.89
C ASP K 45 -4.32 12.26 -21.13
N ASP K 46 -5.58 12.33 -20.73
CA ASP K 46 -6.24 11.24 -20.04
C ASP K 46 -6.81 10.29 -21.08
N LYS K 47 -6.47 9.00 -20.96
CA LYS K 47 -6.95 8.03 -21.93
C LYS K 47 -8.46 7.86 -21.86
N ASN K 48 -9.05 8.06 -20.69
CA ASN K 48 -10.48 7.91 -20.51
C ASN K 48 -11.28 9.15 -20.87
N HIS K 49 -10.61 10.23 -21.24
CA HIS K 49 -11.26 11.46 -21.69
C HIS K 49 -11.23 11.53 -23.21
N ASN K 50 -12.26 12.11 -23.79
CA ASN K 50 -12.41 12.09 -25.24
C ASN K 50 -11.53 13.10 -25.96
N LYS K 51 -10.78 13.93 -25.25
CA LYS K 51 -9.95 14.96 -25.87
C LYS K 51 -8.67 15.15 -25.06
N LYS K 52 -7.71 15.82 -25.68
CA LYS K 52 -6.52 16.31 -24.99
C LYS K 52 -6.81 17.67 -24.35
N LEU K 53 -6.36 17.86 -23.12
CA LEU K 53 -6.61 19.08 -22.38
C LEU K 53 -5.31 19.87 -22.18
N LEU K 54 -5.40 21.18 -22.36
CA LEU K 54 -4.35 22.10 -21.96
C LEU K 54 -4.97 23.10 -20.98
N VAL K 55 -4.46 23.10 -19.75
CA VAL K 55 -4.87 24.10 -18.76
C VAL K 55 -3.82 25.21 -18.75
N ILE K 56 -4.25 26.43 -19.05
CA ILE K 56 -3.39 27.60 -19.04
C ILE K 56 -3.79 28.49 -17.88
N ARG K 57 -2.84 28.78 -17.01
CA ARG K 57 -3.05 29.71 -15.91
C ARG K 57 -2.27 30.98 -16.22
N THR K 58 -2.97 32.09 -16.34
CA THR K 58 -2.36 33.39 -16.51
C THR K 58 -2.14 34.00 -15.14
N LYS K 59 -0.90 34.41 -14.88
CA LYS K 59 -0.45 34.93 -13.61
C LYS K 59 0.54 36.04 -13.89
N GLY K 60 1.18 36.52 -12.83
CA GLY K 60 2.10 37.62 -12.95
C GLY K 60 1.57 38.82 -12.21
N THR K 61 1.92 40.01 -12.67
CA THR K 61 1.49 41.25 -12.03
C THR K 61 1.46 42.37 -13.05
N ILE K 62 0.35 43.07 -13.11
CA ILE K 62 0.26 44.32 -13.83
C ILE K 62 0.43 45.44 -12.82
N ALA K 63 1.46 46.26 -12.99
CA ALA K 63 1.71 47.35 -12.06
C ALA K 63 0.59 48.38 -12.15
N GLY K 64 0.24 48.96 -11.00
CA GLY K 64 -0.80 49.97 -10.98
C GLY K 64 -0.38 51.25 -11.67
N GLN K 65 0.82 51.74 -11.34
CA GLN K 65 1.37 52.97 -11.91
C GLN K 65 0.52 54.20 -11.57
N TYR K 66 0.06 54.27 -10.33
CA TYR K 66 -0.60 55.45 -9.77
C TYR K 66 0.44 56.55 -9.62
N ARG K 67 0.35 57.60 -10.44
CA ARG K 67 1.42 58.58 -10.37
C ARG K 67 0.96 59.95 -10.84
N VAL K 68 1.52 60.99 -10.23
CA VAL K 68 1.30 62.36 -10.68
C VAL K 68 2.08 62.59 -11.96
N TYR K 69 1.38 62.93 -13.03
CA TYR K 69 2.01 63.04 -14.33
C TYR K 69 2.07 64.46 -14.86
N SER K 70 1.36 65.40 -14.26
CA SER K 70 1.26 66.74 -14.82
C SER K 70 1.24 67.76 -13.71
N GLU K 71 2.01 68.82 -13.86
CA GLU K 71 1.95 69.98 -12.97
C GLU K 71 1.98 71.22 -13.84
N GLU K 72 0.89 71.97 -13.83
CA GLU K 72 0.75 73.19 -14.61
C GLU K 72 0.80 74.41 -13.72
N GLY K 73 1.69 74.38 -12.73
CA GLY K 73 1.80 75.40 -11.72
C GLY K 73 1.48 74.86 -10.35
N ALA K 74 1.30 75.80 -9.42
CA ALA K 74 0.92 75.41 -8.07
C ALA K 74 -0.58 75.16 -7.92
N ASN K 75 -1.37 75.46 -8.96
CA ASN K 75 -2.81 75.49 -8.83
C ASN K 75 -3.53 74.35 -9.53
N LYS K 76 -2.86 73.57 -10.35
CA LYS K 76 -3.51 72.45 -11.02
C LYS K 76 -2.51 71.33 -11.25
N SER K 77 -3.02 70.10 -11.14
CA SER K 77 -2.17 68.92 -11.29
C SER K 77 -3.02 67.75 -11.76
N GLY K 78 -2.34 66.74 -12.31
CA GLY K 78 -3.02 65.58 -12.82
C GLY K 78 -2.36 64.30 -12.35
N LEU K 79 -3.20 63.29 -12.13
CA LEU K 79 -2.81 62.00 -11.59
C LEU K 79 -3.36 60.91 -12.49
N ALA K 80 -2.51 60.01 -12.94
CA ALA K 80 -2.94 58.86 -13.72
C ALA K 80 -3.08 57.66 -12.80
N TRP K 81 -4.21 56.97 -12.90
CA TRP K 81 -4.45 55.86 -11.99
C TRP K 81 -5.19 54.74 -12.70
N PRO K 82 -4.97 53.48 -12.31
CA PRO K 82 -5.55 52.35 -13.02
C PRO K 82 -7.00 52.09 -12.61
N SER K 83 -7.92 52.25 -13.56
CA SER K 83 -9.31 51.95 -13.29
C SER K 83 -9.71 50.54 -13.71
N ALA K 84 -8.89 49.86 -14.52
CA ALA K 84 -9.20 48.50 -14.94
C ALA K 84 -7.92 47.76 -15.29
N PHE K 85 -7.92 46.46 -15.00
CA PHE K 85 -6.92 45.52 -15.46
C PHE K 85 -7.63 44.44 -16.25
N LYS K 86 -7.05 44.00 -17.36
CA LYS K 86 -7.71 43.03 -18.22
C LYS K 86 -6.76 41.92 -18.62
N VAL K 87 -7.29 40.71 -18.75
CA VAL K 87 -6.55 39.57 -19.25
C VAL K 87 -7.41 38.87 -20.28
N GLN K 88 -6.90 38.70 -21.49
CA GLN K 88 -7.63 38.04 -22.57
C GLN K 88 -6.79 36.95 -23.21
N LEU K 89 -7.43 35.83 -23.51
CA LEU K 89 -6.85 34.76 -24.30
C LEU K 89 -7.68 34.57 -25.55
N GLN K 90 -7.02 34.45 -26.69
CA GLN K 90 -7.70 34.33 -27.97
C GLN K 90 -7.03 33.28 -28.84
N LEU K 91 -7.85 32.42 -29.43
CA LEU K 91 -7.46 31.48 -30.47
C LEU K 91 -7.85 32.03 -31.84
N PRO K 92 -7.00 31.84 -32.85
CA PRO K 92 -7.35 32.29 -34.20
C PRO K 92 -8.54 31.55 -34.77
N ASP K 93 -9.13 32.13 -35.81
CA ASP K 93 -10.37 31.63 -36.37
C ASP K 93 -10.21 30.24 -36.96
N ASN K 94 -9.06 29.96 -37.58
CA ASN K 94 -8.87 28.70 -38.28
C ASN K 94 -8.47 27.55 -37.38
N GLU K 95 -8.29 27.79 -36.08
CA GLU K 95 -7.85 26.74 -35.18
C GLU K 95 -8.96 25.71 -34.97
N VAL K 96 -8.53 24.51 -34.58
CA VAL K 96 -9.46 23.41 -34.33
C VAL K 96 -9.69 23.28 -32.83
N ALA K 97 -8.70 23.69 -32.05
CA ALA K 97 -8.84 23.68 -30.60
C ALA K 97 -9.91 24.67 -30.16
N GLN K 98 -10.57 24.35 -29.05
CA GLN K 98 -11.67 25.15 -28.54
C GLN K 98 -11.41 25.49 -27.09
N ILE K 99 -11.90 26.66 -26.67
CA ILE K 99 -11.91 27.01 -25.26
C ILE K 99 -13.04 26.25 -24.60
N SER K 100 -12.70 25.37 -23.68
CA SER K 100 -13.66 24.49 -23.06
C SER K 100 -14.12 24.98 -21.69
N ASP K 101 -13.23 25.49 -20.87
CA ASP K 101 -13.63 25.90 -19.53
C ASP K 101 -12.81 27.10 -19.09
N TYR K 102 -13.24 27.73 -18.00
CA TYR K 102 -12.60 28.93 -17.49
C TYR K 102 -12.95 29.09 -16.02
N TYR K 103 -12.08 29.81 -15.31
CA TYR K 103 -12.29 30.08 -13.90
C TYR K 103 -11.46 31.29 -13.51
N PRO K 104 -11.99 32.19 -12.67
CA PRO K 104 -13.31 32.19 -12.05
C PRO K 104 -14.43 32.68 -12.96
N ARG K 105 -15.65 32.49 -12.52
CA ARG K 105 -16.84 32.93 -13.23
C ARG K 105 -17.56 34.01 -12.43
N ASN K 106 -18.71 34.42 -12.93
CA ASN K 106 -19.53 35.44 -12.26
C ASN K 106 -20.45 34.77 -11.26
N SER K 107 -20.42 35.24 -10.02
CA SER K 107 -21.26 34.70 -8.97
C SER K 107 -22.40 35.65 -8.64
N ILE K 108 -23.47 35.09 -8.10
CA ILE K 108 -24.62 35.87 -7.68
C ILE K 108 -24.35 36.47 -6.31
N ASP K 109 -24.45 37.79 -6.22
CA ASP K 109 -24.22 38.49 -4.96
C ASP K 109 -25.52 38.64 -4.18
N THR K 110 -25.39 38.66 -2.86
CA THR K 110 -26.53 38.69 -1.96
C THR K 110 -26.50 39.95 -1.11
N LYS K 111 -27.63 40.23 -0.48
CA LYS K 111 -27.76 41.31 0.46
C LYS K 111 -28.63 40.83 1.61
N GLU K 112 -28.44 41.44 2.78
CA GLU K 112 -29.23 41.10 3.95
C GLU K 112 -30.24 42.19 4.20
N TYR K 113 -31.49 41.79 4.37
CA TYR K 113 -32.60 42.71 4.57
C TYR K 113 -33.14 42.55 5.97
N MET K 114 -33.44 43.66 6.62
CA MET K 114 -34.00 43.63 7.97
C MET K 114 -35.16 44.61 8.05
N SER K 115 -36.26 44.20 8.65
CA SER K 115 -37.37 45.10 8.89
C SER K 115 -37.73 45.08 10.38
N THR K 116 -38.12 46.24 10.88
CA THR K 116 -38.37 46.43 12.30
C THR K 116 -39.69 47.16 12.49
N LEU K 117 -40.46 46.74 13.49
CA LEU K 117 -41.69 47.42 13.86
C LEU K 117 -41.72 47.55 15.37
N THR K 118 -41.75 48.78 15.85
CA THR K 118 -41.78 49.07 17.28
C THR K 118 -43.02 49.88 17.61
N TYR K 119 -43.58 49.65 18.78
CA TYR K 119 -44.64 50.53 19.28
C TYR K 119 -44.54 50.59 20.78
N GLY K 120 -44.90 51.75 21.34
CA GLY K 120 -44.76 51.95 22.76
C GLY K 120 -45.75 52.95 23.30
N PHE K 121 -45.87 52.94 24.63
CA PHE K 121 -46.69 53.89 25.36
C PHE K 121 -45.86 54.49 26.49
N ASN K 122 -46.13 55.75 26.77
CA ASN K 122 -45.49 56.45 27.88
C ASN K 122 -46.53 57.25 28.64
N SER K 123 -46.23 57.54 29.89
CA SER K 123 -47.12 58.32 30.73
C SER K 123 -46.29 59.00 31.81
N ASN K 124 -46.67 60.21 32.17
CA ASN K 124 -45.99 60.88 33.27
C ASN K 124 -46.97 61.79 34.00
N VAL K 125 -46.63 62.07 35.26
CA VAL K 125 -47.37 63.01 36.10
C VAL K 125 -46.39 64.07 36.58
N THR K 126 -46.78 65.33 36.49
CA THR K 126 -45.94 66.45 36.88
C THR K 126 -46.57 67.15 38.07
N GLY K 127 -45.78 67.31 39.14
CA GLY K 127 -46.19 68.04 40.32
C GLY K 127 -45.60 69.43 40.35
N ASP K 128 -45.91 70.14 41.43
CA ASP K 128 -45.42 71.50 41.60
C ASP K 128 -45.60 71.90 43.06
N ASP K 129 -44.85 72.94 43.46
CA ASP K 129 -44.97 73.45 44.82
C ASP K 129 -46.24 74.25 45.04
N THR K 130 -46.87 74.74 43.97
CA THR K 130 -48.12 75.49 44.07
C THR K 130 -49.34 74.59 43.94
N GLY K 131 -49.19 73.29 44.08
CA GLY K 131 -50.30 72.37 43.98
C GLY K 131 -50.76 72.06 42.58
N LYS K 132 -50.10 72.58 41.56
CA LYS K 132 -50.50 72.33 40.18
C LYS K 132 -50.11 70.90 39.79
N ILE K 133 -51.08 70.13 39.32
CA ILE K 133 -50.89 68.74 38.94
C ILE K 133 -51.22 68.58 37.47
N GLY K 134 -50.32 67.95 36.72
CA GLY K 134 -50.55 67.70 35.31
C GLY K 134 -50.24 66.26 34.97
N GLY K 135 -50.78 65.82 33.84
CA GLY K 135 -50.57 64.47 33.37
C GLY K 135 -50.29 64.44 31.88
N LEU K 136 -49.77 63.30 31.44
CA LEU K 136 -49.51 63.11 30.01
C LEU K 136 -49.53 61.63 29.71
N ILE K 137 -50.23 61.27 28.63
CA ILE K 137 -50.26 59.91 28.10
C ILE K 137 -49.97 59.98 26.61
N GLY K 138 -49.04 59.17 26.14
CA GLY K 138 -48.65 59.18 24.74
C GLY K 138 -48.38 57.80 24.21
N ALA K 139 -48.48 57.67 22.90
CA ALA K 139 -48.20 56.42 22.20
C ALA K 139 -47.40 56.74 20.95
N ASN K 140 -46.63 55.75 20.48
CA ASN K 140 -45.83 55.95 19.28
C ASN K 140 -45.63 54.62 18.57
N VAL K 141 -45.40 54.71 17.25
CA VAL K 141 -45.14 53.56 16.41
C VAL K 141 -44.04 53.94 15.42
N SER K 142 -43.14 52.99 15.15
CA SER K 142 -41.99 53.21 14.30
C SER K 142 -41.78 52.01 13.39
N ILE K 143 -41.44 52.27 12.13
CA ILE K 143 -41.15 51.22 11.16
C ILE K 143 -39.79 51.50 10.55
N GLY K 144 -38.98 50.47 10.41
CA GLY K 144 -37.62 50.63 9.91
C GLY K 144 -37.26 49.54 8.92
N HIS K 145 -36.42 49.91 7.97
CA HIS K 145 -35.85 48.97 7.01
C HIS K 145 -34.34 49.19 6.94
N THR K 146 -33.59 48.10 6.91
CA THR K 146 -32.14 48.13 6.85
C THR K 146 -31.67 47.18 5.76
N LEU K 147 -30.66 47.62 5.02
CA LEU K 147 -30.06 46.83 3.95
C LEU K 147 -28.57 46.78 4.15
N ARG K 148 -27.99 45.58 4.08
CA ARG K 148 -26.57 45.39 4.34
C ARG K 148 -25.95 44.56 3.23
N TYR K 149 -24.80 45.00 2.73
CA TYR K 149 -24.09 44.22 1.72
C TYR K 149 -22.62 44.63 1.70
N VAL K 150 -21.82 43.78 1.10
CA VAL K 150 -20.38 43.94 1.03
C VAL K 150 -20.00 44.62 -0.28
N GLN K 151 -19.08 45.57 -0.21
CA GLN K 151 -18.60 46.30 -1.39
C GLN K 151 -17.10 46.16 -1.50
N PRO K 152 -16.59 45.36 -2.44
CA PRO K 152 -15.14 45.30 -2.66
C PRO K 152 -14.64 46.54 -3.38
N ASP K 153 -13.33 46.79 -3.24
CA ASP K 153 -12.70 47.92 -3.92
C ASP K 153 -12.64 47.68 -5.42
N PHE K 154 -12.34 46.45 -5.83
CA PHE K 154 -12.29 46.07 -7.23
C PHE K 154 -13.17 44.85 -7.44
N LYS K 155 -13.81 44.80 -8.60
CA LYS K 155 -14.65 43.67 -8.99
C LYS K 155 -13.96 42.84 -10.06
N THR K 156 -14.01 41.53 -9.92
CA THR K 156 -13.51 40.60 -10.92
C THR K 156 -14.69 40.09 -11.75
N ILE K 157 -14.65 40.34 -13.05
CA ILE K 157 -15.75 40.03 -13.96
C ILE K 157 -15.22 39.12 -15.05
N LEU K 158 -15.86 37.97 -15.24
CA LEU K 158 -15.61 37.15 -16.40
C LEU K 158 -16.43 37.67 -17.57
N GLU K 159 -15.76 38.17 -18.60
CA GLU K 159 -16.44 38.66 -19.77
C GLU K 159 -16.92 37.50 -20.63
N SER K 160 -18.02 37.73 -21.37
CA SER K 160 -18.75 36.70 -22.10
C SER K 160 -17.84 35.88 -23.02
N PRO K 161 -17.60 34.62 -22.68
CA PRO K 161 -16.68 33.81 -23.48
C PRO K 161 -17.37 33.18 -24.69
N THR K 162 -16.57 33.00 -25.73
CA THR K 162 -16.91 32.16 -26.86
C THR K 162 -16.00 30.93 -26.82
N ASP K 163 -16.07 30.10 -27.85
CA ASP K 163 -15.15 28.98 -27.91
C ASP K 163 -13.78 29.38 -28.42
N LYS K 164 -13.59 30.62 -28.83
CA LYS K 164 -12.32 31.08 -29.34
C LYS K 164 -11.65 32.16 -28.50
N LYS K 165 -12.37 32.86 -27.64
CA LYS K 165 -11.74 33.86 -26.80
C LYS K 165 -12.42 33.91 -25.43
N VAL K 166 -11.60 34.16 -24.41
CA VAL K 166 -12.07 34.30 -23.04
C VAL K 166 -11.34 35.49 -22.43
N GLY K 167 -11.96 36.13 -21.45
CA GLY K 167 -11.39 37.33 -20.88
C GLY K 167 -11.93 37.62 -19.50
N TRP K 168 -11.10 38.27 -18.69
CA TRP K 168 -11.48 38.77 -17.38
C TRP K 168 -11.10 40.24 -17.29
N LYS K 169 -11.86 40.96 -16.48
CA LYS K 169 -11.51 42.34 -16.16
C LYS K 169 -11.72 42.58 -14.68
N VAL K 170 -10.76 43.26 -14.07
CA VAL K 170 -10.83 43.69 -12.68
C VAL K 170 -10.99 45.20 -12.72
N ILE K 171 -12.13 45.69 -12.28
CA ILE K 171 -12.50 47.09 -12.46
C ILE K 171 -12.66 47.76 -11.10
N PHE K 172 -12.35 49.04 -11.05
CA PHE K 172 -12.48 49.82 -9.84
C PHE K 172 -13.95 49.99 -9.47
N ASN K 173 -14.31 49.66 -8.23
CA ASN K 173 -15.68 49.81 -7.78
C ASN K 173 -15.91 51.11 -7.01
N ASN K 174 -15.27 51.25 -5.85
CA ASN K 174 -15.32 52.47 -5.06
C ASN K 174 -14.27 52.36 -3.96
N MET K 175 -13.93 53.50 -3.38
CA MET K 175 -12.85 53.56 -2.41
C MET K 175 -13.21 54.50 -1.28
N VAL K 176 -12.68 54.21 -0.11
CA VAL K 176 -12.81 55.08 1.06
C VAL K 176 -11.62 56.00 1.10
N ASN K 177 -11.87 57.29 1.22
CA ASN K 177 -10.82 58.31 1.24
C ASN K 177 -10.77 58.90 2.66
N GLN K 178 -9.79 58.45 3.44
CA GLN K 178 -9.56 58.96 4.79
C GLN K 178 -10.82 58.88 5.64
N ASN K 179 -11.45 57.71 5.64
CA ASN K 179 -12.65 57.35 6.39
C ASN K 179 -13.91 57.98 5.81
N TRP K 180 -13.81 58.79 4.76
CA TRP K 180 -14.97 59.34 4.08
C TRP K 180 -15.33 58.48 2.88
N GLY K 181 -16.56 58.65 2.41
CA GLY K 181 -16.99 58.02 1.19
C GLY K 181 -17.99 56.91 1.40
N PRO K 182 -17.92 55.85 0.59
CA PRO K 182 -16.93 55.66 -0.48
C PRO K 182 -17.19 56.49 -1.73
N TYR K 183 -16.12 56.78 -2.47
CA TYR K 183 -16.20 57.55 -3.71
C TYR K 183 -15.92 56.64 -4.89
N ASP K 184 -16.56 56.93 -6.01
CA ASP K 184 -16.28 56.19 -7.24
C ASP K 184 -15.96 57.16 -8.38
N ARG K 185 -15.83 56.63 -9.59
CA ARG K 185 -15.43 57.45 -10.72
C ARG K 185 -16.50 58.45 -11.13
N ASP K 186 -17.72 58.33 -10.61
CA ASP K 186 -18.81 59.21 -10.97
C ASP K 186 -19.31 60.06 -9.80
N SER K 187 -18.64 59.99 -8.65
CA SER K 187 -19.03 60.84 -7.53
C SER K 187 -18.88 62.31 -7.90
N TRP K 188 -19.88 63.11 -7.58
CA TRP K 188 -19.82 64.52 -7.88
C TRP K 188 -20.40 65.33 -6.73
N ASN K 189 -19.72 66.41 -6.39
CA ASN K 189 -20.15 67.36 -5.37
C ASN K 189 -20.09 68.74 -6.03
N PRO K 190 -21.12 69.56 -5.86
CA PRO K 190 -21.11 70.88 -6.52
C PRO K 190 -19.95 71.75 -6.09
N VAL K 191 -19.47 71.60 -4.85
CA VAL K 191 -18.39 72.44 -4.34
C VAL K 191 -17.02 71.85 -4.66
N TYR K 192 -16.82 70.57 -4.39
CA TYR K 192 -15.51 69.96 -4.49
C TYR K 192 -15.33 69.05 -5.69
N GLY K 193 -16.37 68.84 -6.49
CA GLY K 193 -16.24 67.94 -7.62
C GLY K 193 -16.12 66.51 -7.16
N ASN K 194 -15.21 65.77 -7.79
CA ASN K 194 -14.93 64.39 -7.42
C ASN K 194 -13.79 64.36 -6.41
N GLN K 195 -14.04 63.81 -5.24
CA GLN K 195 -13.07 63.80 -4.15
C GLN K 195 -12.39 62.44 -3.99
N LEU K 196 -12.21 61.71 -5.08
CA LEU K 196 -11.65 60.37 -5.00
C LEU K 196 -10.27 60.37 -4.35
N PHE K 197 -9.37 61.24 -4.83
CA PHE K 197 -7.97 61.19 -4.41
C PHE K 197 -7.48 62.53 -3.87
N MET K 198 -8.35 63.43 -3.45
CA MET K 198 -7.89 64.71 -2.92
C MET K 198 -7.59 64.53 -1.44
N LYS K 199 -6.44 65.05 -1.01
CA LYS K 199 -6.00 64.84 0.36
C LYS K 199 -6.65 65.82 1.31
N THR K 200 -6.67 67.10 0.95
CA THR K 200 -7.29 68.14 1.77
C THR K 200 -8.27 68.93 0.92
N ARG K 201 -9.34 69.39 1.56
CA ARG K 201 -10.36 70.13 0.85
C ARG K 201 -9.93 71.57 0.56
N ASN K 202 -9.19 72.21 1.47
CA ASN K 202 -8.78 73.59 1.25
C ASN K 202 -7.36 73.85 1.71
N GLY K 203 -6.48 72.85 1.59
CA GLY K 203 -5.10 73.05 1.96
C GLY K 203 -4.42 74.08 1.08
N SER K 204 -3.31 74.61 1.59
CA SER K 204 -2.63 75.71 0.90
C SER K 204 -1.27 75.30 0.39
N MET K 205 -1.17 74.11 -0.19
CA MET K 205 0.06 73.59 -0.75
C MET K 205 -0.04 73.58 -2.27
N LYS K 206 1.00 73.04 -2.91
CA LYS K 206 0.95 72.85 -4.34
C LYS K 206 -0.06 71.77 -4.70
N ALA K 207 -0.63 71.88 -5.90
CA ALA K 207 -1.63 70.90 -6.33
C ALA K 207 -1.05 69.50 -6.41
N ALA K 208 0.22 69.38 -6.82
CA ALA K 208 0.84 68.08 -6.95
C ALA K 208 1.02 67.39 -5.61
N ASP K 209 0.92 68.13 -4.50
CA ASP K 209 1.07 67.57 -3.17
C ASP K 209 -0.27 67.36 -2.48
N ASN K 210 -1.38 67.52 -3.19
CA ASN K 210 -2.70 67.39 -2.60
C ASN K 210 -3.39 66.10 -3.01
N PHE K 211 -2.66 65.14 -3.53
CA PHE K 211 -3.21 63.85 -3.90
C PHE K 211 -3.04 62.86 -2.76
N LEU K 212 -4.01 61.96 -2.63
CA LEU K 212 -3.98 60.97 -1.56
C LEU K 212 -2.70 60.13 -1.65
N ASP K 213 -2.13 59.85 -0.50
CA ASP K 213 -0.90 59.06 -0.44
C ASP K 213 -1.19 57.64 -0.91
N PRO K 214 -0.36 57.06 -1.77
CA PRO K 214 -0.65 55.71 -2.27
C PRO K 214 -0.69 54.65 -1.18
N ASN K 215 -0.01 54.86 -0.06
CA ASN K 215 -0.10 53.90 1.04
C ASN K 215 -1.46 53.94 1.74
N LYS K 216 -2.20 55.02 1.59
CA LYS K 216 -3.52 55.14 2.20
C LYS K 216 -4.63 54.70 1.28
N ALA K 217 -4.32 54.28 0.07
CA ALA K 217 -5.30 53.78 -0.88
C ALA K 217 -5.14 52.27 -1.04
N SER K 218 -5.92 51.71 -1.96
CA SER K 218 -5.78 50.30 -2.28
C SER K 218 -4.40 50.02 -2.83
N SER K 219 -3.81 48.89 -2.43
CA SER K 219 -2.49 48.53 -2.94
C SER K 219 -2.53 48.21 -4.43
N LEU K 220 -3.70 47.87 -4.97
CA LEU K 220 -3.82 47.66 -6.41
C LEU K 220 -3.56 48.92 -7.21
N LEU K 221 -3.77 50.09 -6.62
CA LEU K 221 -3.62 51.32 -7.38
C LEU K 221 -2.16 51.61 -7.71
N SER K 222 -1.26 51.35 -6.78
CA SER K 222 0.15 51.62 -6.98
C SER K 222 0.97 50.36 -7.24
N SER K 223 0.89 49.38 -6.35
CA SER K 223 1.72 48.19 -6.50
C SER K 223 1.21 47.27 -7.60
N GLY K 224 -0.08 47.19 -7.79
CA GLY K 224 -0.64 46.53 -8.94
C GLY K 224 -1.38 45.24 -8.59
N PHE K 225 -1.90 44.62 -9.63
CA PHE K 225 -2.81 43.50 -9.52
C PHE K 225 -2.14 42.24 -10.04
N SER K 226 -2.35 41.13 -9.34
CA SER K 226 -1.79 39.84 -9.72
C SER K 226 -2.90 38.94 -10.24
N PRO K 227 -2.99 38.71 -11.55
CA PRO K 227 -4.02 37.82 -12.07
C PRO K 227 -3.79 36.38 -11.63
N ASP K 228 -4.89 35.66 -11.43
CA ASP K 228 -4.83 34.21 -11.27
C ASP K 228 -6.03 33.63 -12.02
N PHE K 229 -5.87 33.39 -13.31
CA PHE K 229 -7.01 32.95 -14.12
C PHE K 229 -6.67 31.64 -14.81
N ALA K 230 -7.67 30.79 -14.97
CA ALA K 230 -7.48 29.48 -15.57
C ALA K 230 -8.39 29.32 -16.78
N THR K 231 -7.81 28.84 -17.88
CA THR K 231 -8.54 28.47 -19.08
C THR K 231 -8.23 27.03 -19.41
N VAL K 232 -9.21 26.31 -19.93
CA VAL K 232 -9.05 24.92 -20.36
C VAL K 232 -9.38 24.86 -21.83
N ILE K 233 -8.43 24.38 -22.63
CA ILE K 233 -8.53 24.27 -24.09
C ILE K 233 -8.51 22.79 -24.46
N THR K 234 -9.49 22.38 -25.27
CA THR K 234 -9.64 21.00 -25.69
C THR K 234 -9.16 20.83 -27.13
N MET K 235 -8.63 19.65 -27.43
CA MET K 235 -8.19 19.31 -28.77
C MET K 235 -8.54 17.86 -29.07
N ASP K 236 -9.01 17.60 -30.29
CA ASP K 236 -9.26 16.23 -30.72
C ASP K 236 -7.96 15.48 -30.93
N ARG K 237 -7.99 14.18 -30.64
CA ARG K 237 -6.77 13.39 -30.64
C ARG K 237 -6.29 13.03 -32.04
N CYS K 238 -7.19 12.78 -32.98
CA CYS K 238 -6.81 12.42 -34.34
C CYS K 238 -6.99 13.59 -35.31
N ALA K 239 -6.76 14.80 -34.84
CA ALA K 239 -6.74 15.96 -35.71
C ALA K 239 -5.47 15.94 -36.57
N SER K 240 -5.60 16.44 -37.80
CA SER K 240 -4.47 16.40 -38.73
C SER K 240 -3.33 17.28 -38.24
N LYS K 241 -3.62 18.53 -37.90
CA LYS K 241 -2.61 19.45 -37.41
C LYS K 241 -2.62 19.48 -35.89
N GLN K 242 -1.45 19.30 -35.28
CA GLN K 242 -1.32 19.24 -33.84
C GLN K 242 -0.53 20.43 -33.29
N GLN K 243 -0.66 21.58 -33.94
CA GLN K 243 -0.03 22.81 -33.50
C GLN K 243 -1.08 23.91 -33.42
N THR K 244 -1.12 24.62 -32.31
CA THR K 244 -2.07 25.70 -32.10
C THR K 244 -1.34 26.99 -31.80
N ASN K 245 -1.95 28.11 -32.15
CA ASN K 245 -1.48 29.43 -31.75
C ASN K 245 -2.47 30.03 -30.77
N ILE K 246 -1.96 30.74 -29.77
CA ILE K 246 -2.83 31.43 -28.84
C ILE K 246 -2.24 32.78 -28.48
N ASP K 247 -3.07 33.80 -28.42
CA ASP K 247 -2.68 35.13 -28.01
C ASP K 247 -3.12 35.38 -26.57
N VAL K 248 -2.20 35.92 -25.77
CA VAL K 248 -2.50 36.34 -24.41
C VAL K 248 -2.22 37.82 -24.32
N ILE K 249 -3.22 38.59 -23.89
CA ILE K 249 -3.12 40.05 -23.83
C ILE K 249 -3.35 40.49 -22.40
N TYR K 250 -2.45 41.31 -21.88
CA TYR K 250 -2.60 42.00 -20.61
C TYR K 250 -2.90 43.45 -20.89
N GLU K 251 -3.80 44.04 -20.10
CA GLU K 251 -4.22 45.40 -20.34
C GLU K 251 -4.36 46.17 -19.04
N ARG K 252 -4.08 47.46 -19.12
CA ARG K 252 -4.31 48.39 -18.02
C ARG K 252 -4.96 49.64 -18.58
N VAL K 253 -6.15 49.97 -18.09
CA VAL K 253 -6.83 51.21 -18.47
C VAL K 253 -6.59 52.22 -17.37
N ARG K 254 -6.20 53.43 -17.75
CA ARG K 254 -5.84 54.48 -16.79
C ARG K 254 -6.74 55.68 -16.98
N ASP K 255 -7.31 56.13 -15.86
CA ASP K 255 -8.08 57.35 -15.75
C ASP K 255 -7.18 58.51 -15.37
N ASP K 256 -7.70 59.72 -15.60
CA ASP K 256 -6.98 60.97 -15.39
C ASP K 256 -7.74 61.81 -14.37
N TYR K 257 -7.20 61.95 -13.17
CA TYR K 257 -7.82 62.70 -12.09
C TYR K 257 -7.09 64.03 -11.93
N GLN K 258 -7.80 65.13 -12.11
CA GLN K 258 -7.20 66.45 -12.06
C GLN K 258 -7.70 67.21 -10.85
N LEU K 259 -6.78 67.89 -10.18
CA LEU K 259 -7.09 68.81 -9.08
C LEU K 259 -6.79 70.23 -9.54
N HIS K 260 -7.70 71.14 -9.26
CA HIS K 260 -7.43 72.55 -9.52
C HIS K 260 -8.01 73.41 -8.41
N TRP K 261 -7.38 74.57 -8.20
CA TRP K 261 -7.75 75.48 -7.13
C TRP K 261 -8.79 76.47 -7.66
N THR K 262 -9.93 76.53 -6.97
CA THR K 262 -11.03 77.42 -7.36
C THR K 262 -11.09 78.67 -6.50
N SER K 263 -9.95 79.14 -6.01
CA SER K 263 -9.82 80.39 -5.26
C SER K 263 -10.42 80.28 -3.86
N THR K 264 -11.10 79.17 -3.56
CA THR K 264 -11.66 78.99 -2.24
C THR K 264 -11.35 77.59 -1.70
N ASN K 265 -11.19 76.63 -2.60
CA ASN K 265 -10.96 75.24 -2.21
C ASN K 265 -10.49 74.47 -3.43
N TRP K 266 -10.22 73.19 -3.23
CA TRP K 266 -9.78 72.32 -4.31
C TRP K 266 -10.99 71.66 -4.96
N LYS K 267 -10.89 71.45 -6.27
CA LYS K 267 -11.93 70.78 -7.04
C LYS K 267 -11.29 69.67 -7.86
N GLY K 268 -11.91 68.50 -7.82
CA GLY K 268 -11.40 67.32 -8.51
C GLY K 268 -12.30 66.92 -9.65
N THR K 269 -11.69 66.41 -10.71
CA THR K 269 -12.41 65.95 -11.89
C THR K 269 -11.76 64.68 -12.41
N ASN K 270 -12.55 63.64 -12.65
CA ASN K 270 -12.04 62.39 -13.18
C ASN K 270 -12.47 62.22 -14.62
N THR K 271 -11.52 61.88 -15.48
CA THR K 271 -11.76 61.55 -16.88
C THR K 271 -11.50 60.07 -17.08
N LYS K 272 -12.49 59.37 -17.62
CA LYS K 272 -12.47 57.91 -17.71
C LYS K 272 -11.71 57.43 -18.94
N ASP K 273 -10.97 56.34 -18.77
CA ASP K 273 -10.35 55.61 -19.86
C ASP K 273 -9.52 56.51 -20.76
N LYS K 274 -8.70 57.35 -20.13
CA LYS K 274 -7.87 58.26 -20.89
C LYS K 274 -6.71 57.56 -21.57
N TRP K 275 -6.14 56.52 -20.95
CA TRP K 275 -5.03 55.80 -21.55
C TRP K 275 -5.28 54.31 -21.46
N THR K 276 -4.68 53.56 -22.39
CA THR K 276 -4.77 52.11 -22.38
C THR K 276 -3.41 51.54 -22.74
N ASP K 277 -2.83 50.77 -21.82
CA ASP K 277 -1.58 50.06 -22.06
C ASP K 277 -1.90 48.60 -22.35
N ARG K 278 -1.47 48.13 -23.52
CA ARG K 278 -1.83 46.80 -24.00
C ARG K 278 -0.56 46.06 -24.35
N SER K 279 -0.38 44.86 -23.79
CA SER K 279 0.80 44.05 -24.02
C SER K 279 0.36 42.67 -24.46
N SER K 280 0.67 42.30 -25.70
CA SER K 280 0.21 41.07 -26.30
C SER K 280 1.37 40.11 -26.52
N GLU K 281 1.08 38.81 -26.46
CA GLU K 281 2.09 37.79 -26.64
C GLU K 281 1.50 36.60 -27.35
N ARG K 282 2.21 36.09 -28.35
CA ARG K 282 1.76 34.94 -29.13
C ARG K 282 2.53 33.71 -28.69
N TYR K 283 1.80 32.62 -28.43
CA TYR K 283 2.38 31.36 -27.98
C TYR K 283 2.02 30.25 -28.94
N LYS K 284 2.95 29.31 -29.07
CA LYS K 284 2.77 28.12 -29.89
C LYS K 284 2.60 26.92 -28.98
N ILE K 285 1.54 26.15 -29.21
CA ILE K 285 1.22 24.95 -28.46
C ILE K 285 1.50 23.76 -29.35
N ASP K 286 2.40 22.89 -28.92
CA ASP K 286 2.68 21.63 -29.59
C ASP K 286 2.03 20.52 -28.77
N TRP K 287 0.96 19.95 -29.30
CA TRP K 287 0.18 18.96 -28.58
C TRP K 287 0.87 17.62 -28.49
N GLU K 288 1.58 17.20 -29.54
CA GLU K 288 2.25 15.92 -29.50
C GLU K 288 3.50 15.97 -28.62
N LYS K 289 4.30 17.02 -28.74
CA LYS K 289 5.42 17.19 -27.83
C LYS K 289 4.99 17.65 -26.45
N GLU K 290 3.76 18.14 -26.32
CA GLU K 290 3.21 18.65 -25.06
C GLU K 290 4.08 19.78 -24.51
N GLU K 291 4.22 20.83 -25.31
CA GLU K 291 5.01 21.96 -24.85
C GLU K 291 4.42 23.26 -25.38
N MET K 292 4.78 24.35 -24.72
CA MET K 292 4.37 25.68 -25.12
C MET K 292 5.62 26.54 -25.25
N THR K 293 5.68 27.35 -26.31
CA THR K 293 6.83 28.22 -26.53
C THR K 293 6.36 29.59 -26.96
N ASN K 294 7.25 30.57 -26.86
CA ASN K 294 6.97 31.91 -27.36
C ASN K 294 7.41 32.04 -28.81
N ALA L 2 -26.43 11.39 6.82
CA ALA L 2 -25.39 10.69 6.06
C ALA L 2 -25.25 9.25 6.54
N ASP L 3 -24.26 8.54 6.00
CA ASP L 3 -24.03 7.16 6.41
C ASP L 3 -23.67 7.06 7.88
N SER L 4 -22.82 7.96 8.36
CA SER L 4 -22.38 7.91 9.75
C SER L 4 -23.53 8.12 10.72
N ASP L 5 -24.63 8.71 10.28
CA ASP L 5 -25.80 8.87 11.14
C ASP L 5 -26.54 7.57 11.35
N ILE L 6 -26.35 6.58 10.48
CA ILE L 6 -27.02 5.30 10.64
C ILE L 6 -25.99 4.20 10.84
N ASN L 7 -24.85 4.56 11.44
CA ASN L 7 -23.82 3.61 11.87
C ASN L 7 -23.20 2.86 10.70
N ILE L 8 -22.99 3.56 9.58
CA ILE L 8 -22.44 2.96 8.38
C ILE L 8 -21.21 3.77 7.96
N LYS L 9 -20.17 3.07 7.53
CA LYS L 9 -18.94 3.74 7.13
C LYS L 9 -19.20 4.70 5.97
N THR L 10 -18.47 5.81 5.98
CA THR L 10 -18.65 6.85 4.97
C THR L 10 -18.33 6.32 3.58
N GLY L 11 -19.19 6.60 2.63
CA GLY L 11 -18.99 6.19 1.26
C GLY L 11 -19.32 4.74 0.96
N THR L 12 -19.85 3.99 1.94
CA THR L 12 -20.17 2.60 1.72
C THR L 12 -21.24 2.42 0.66
N THR L 13 -22.25 3.28 0.66
CA THR L 13 -23.39 3.14 -0.22
C THR L 13 -23.27 3.94 -1.52
N ASP L 14 -22.12 4.56 -1.77
CA ASP L 14 -21.95 5.38 -2.95
C ASP L 14 -21.60 4.54 -4.17
N ILE L 15 -21.78 5.13 -5.34
CA ILE L 15 -21.58 4.46 -6.63
C ILE L 15 -20.23 4.86 -7.19
N GLY L 16 -19.58 3.92 -7.86
CA GLY L 16 -18.41 4.22 -8.65
C GLY L 16 -17.07 3.80 -8.09
N SER L 17 -17.04 2.85 -7.15
CA SER L 17 -15.77 2.33 -6.65
C SER L 17 -15.25 1.23 -7.55
N ASN L 18 -13.95 1.26 -7.82
CA ASN L 18 -13.29 0.28 -8.67
C ASN L 18 -13.92 0.22 -10.05
N THR L 19 -14.24 1.38 -10.60
CA THR L 19 -14.92 1.49 -11.88
C THR L 19 -14.10 2.38 -12.80
N THR L 20 -14.04 2.02 -14.07
CA THR L 20 -13.46 2.88 -15.10
C THR L 20 -14.54 3.81 -15.62
N VAL L 21 -14.32 5.11 -15.50
CA VAL L 21 -15.29 6.12 -15.88
C VAL L 21 -14.86 6.74 -17.19
N LYS L 22 -15.79 6.85 -18.12
CA LYS L 22 -15.49 7.39 -19.46
C LYS L 22 -16.04 8.80 -19.54
N THR L 23 -15.16 9.79 -19.58
CA THR L 23 -15.58 11.19 -19.56
C THR L 23 -15.38 11.83 -20.93
N GLY L 24 -16.04 12.97 -21.12
CA GLY L 24 -15.93 13.68 -22.36
C GLY L 24 -16.47 15.08 -22.29
N ASP L 25 -16.09 15.89 -23.27
CA ASP L 25 -16.48 17.29 -23.37
C ASP L 25 -17.01 17.57 -24.76
N LEU L 26 -18.15 18.26 -24.83
CA LEU L 26 -18.70 18.73 -26.09
C LEU L 26 -18.95 20.22 -25.98
N VAL L 27 -18.34 21.00 -26.86
CA VAL L 27 -18.38 22.45 -26.80
C VAL L 27 -19.00 23.00 -28.07
N THR L 28 -19.99 23.87 -27.92
CA THR L 28 -20.59 24.58 -29.03
C THR L 28 -20.66 26.06 -28.67
N TYR L 29 -20.57 26.92 -29.68
CA TYR L 29 -20.83 28.34 -29.50
C TYR L 29 -21.93 28.77 -30.46
N ASP L 30 -23.06 29.20 -29.91
CA ASP L 30 -24.14 29.78 -30.67
C ASP L 30 -23.91 31.27 -30.76
N LYS L 31 -23.51 31.74 -31.94
CA LYS L 31 -23.14 33.14 -32.11
C LYS L 31 -24.36 34.05 -32.16
N GLU L 32 -25.44 33.61 -32.80
CA GLU L 32 -26.64 34.45 -32.88
C GLU L 32 -27.25 34.68 -31.50
N ASN L 33 -27.26 33.66 -30.66
CA ASN L 33 -27.81 33.77 -29.32
C ASN L 33 -26.78 34.11 -28.27
N GLY L 34 -25.50 34.14 -28.62
CA GLY L 34 -24.46 34.44 -27.67
C GLY L 34 -24.35 33.46 -26.53
N MET L 35 -24.38 32.16 -26.83
CA MET L 35 -24.36 31.13 -25.78
C MET L 35 -23.20 30.19 -26.01
N HIS L 36 -22.31 30.09 -25.03
CA HIS L 36 -21.24 29.12 -25.04
C HIS L 36 -21.72 27.90 -24.27
N LYS L 37 -22.07 26.84 -24.96
CA LYS L 37 -22.66 25.66 -24.35
C LYS L 37 -21.61 24.57 -24.21
N LYS L 38 -21.54 23.98 -23.03
CA LYS L 38 -20.55 22.93 -22.78
C LYS L 38 -21.22 21.80 -22.04
N VAL L 39 -21.05 20.58 -22.54
CA VAL L 39 -21.57 19.39 -21.90
C VAL L 39 -20.37 18.56 -21.45
N PHE L 40 -20.29 18.30 -20.16
CA PHE L 40 -19.28 17.41 -19.62
C PHE L 40 -19.98 16.13 -19.17
N TYR L 41 -19.67 15.01 -19.82
CA TYR L 41 -20.38 13.78 -19.55
C TYR L 41 -19.44 12.75 -18.94
N SER L 42 -20.01 11.87 -18.13
CA SER L 42 -19.28 10.76 -17.52
C SER L 42 -20.15 9.51 -17.56
N PHE L 43 -19.66 8.47 -18.21
CA PHE L 43 -20.29 7.16 -18.21
C PHE L 43 -19.74 6.35 -17.06
N ILE L 44 -20.62 5.85 -16.21
CA ILE L 44 -20.28 5.00 -15.08
C ILE L 44 -21.02 3.68 -15.23
N ASP L 45 -20.28 2.60 -15.38
CA ASP L 45 -20.84 1.26 -15.45
C ASP L 45 -20.29 0.49 -14.24
N ASP L 46 -20.97 0.63 -13.11
CA ASP L 46 -20.61 -0.08 -11.89
C ASP L 46 -21.27 -1.44 -11.91
N LYS L 47 -20.46 -2.49 -11.77
CA LYS L 47 -21.01 -3.84 -11.81
C LYS L 47 -21.94 -4.11 -10.65
N ASN L 48 -21.75 -3.44 -9.53
CA ASN L 48 -22.58 -3.62 -8.35
C ASN L 48 -23.84 -2.77 -8.37
N HIS L 49 -24.02 -1.94 -9.40
CA HIS L 49 -25.23 -1.14 -9.54
C HIS L 49 -26.13 -1.77 -10.60
N ASN L 50 -27.43 -1.63 -10.40
CA ASN L 50 -28.39 -2.34 -11.23
C ASN L 50 -28.58 -1.70 -12.60
N LYS L 51 -27.98 -0.55 -12.88
CA LYS L 51 -28.16 0.13 -14.15
C LYS L 51 -26.84 0.77 -14.57
N LYS L 52 -26.80 1.24 -15.81
CA LYS L 52 -25.72 2.07 -16.30
C LYS L 52 -26.07 3.54 -16.12
N LEU L 53 -25.10 4.34 -15.67
CA LEU L 53 -25.31 5.74 -15.37
C LEU L 53 -24.58 6.63 -16.37
N LEU L 54 -25.23 7.71 -16.75
CA LEU L 54 -24.59 8.80 -17.46
C LEU L 54 -24.83 10.08 -16.67
N VAL L 55 -23.77 10.72 -16.22
CA VAL L 55 -23.85 12.02 -15.57
C VAL L 55 -23.56 13.08 -16.61
N ILE L 56 -24.51 14.00 -16.82
CA ILE L 56 -24.37 15.10 -17.76
C ILE L 56 -24.31 16.39 -16.95
N ARG L 57 -23.23 17.13 -17.09
CA ARG L 57 -23.10 18.45 -16.48
C ARG L 57 -23.21 19.49 -17.57
N THR L 58 -24.23 20.32 -17.48
CA THR L 58 -24.40 21.44 -18.39
C THR L 58 -23.69 22.64 -17.80
N LYS L 59 -22.76 23.21 -18.56
CA LYS L 59 -21.95 24.34 -18.18
C LYS L 59 -21.82 25.27 -19.38
N GLY L 60 -20.94 26.24 -19.26
CA GLY L 60 -20.79 27.24 -20.29
C GLY L 60 -21.19 28.60 -19.75
N THR L 61 -21.66 29.47 -20.63
CA THR L 61 -22.07 30.81 -20.24
C THR L 61 -23.12 31.31 -21.21
N ILE L 62 -24.21 31.81 -20.66
CA ILE L 62 -25.20 32.57 -21.42
C ILE L 62 -24.91 34.04 -21.17
N ALA L 63 -24.59 34.79 -22.22
CA ALA L 63 -24.33 36.21 -22.07
C ALA L 63 -25.58 36.94 -21.62
N GLY L 64 -25.40 37.94 -20.76
CA GLY L 64 -26.53 38.72 -20.31
C GLY L 64 -27.12 39.59 -21.39
N GLN L 65 -26.26 40.32 -22.11
CA GLN L 65 -26.67 41.19 -23.22
C GLN L 65 -27.56 42.34 -22.74
N TYR L 66 -27.21 42.93 -21.60
CA TYR L 66 -27.77 44.18 -21.11
C TYR L 66 -27.43 45.30 -22.08
N ARG L 67 -28.41 45.84 -22.80
CA ARG L 67 -28.08 46.64 -23.96
C ARG L 67 -29.14 47.68 -24.25
N VAL L 68 -28.71 48.93 -24.45
CA VAL L 68 -29.62 49.97 -24.94
C VAL L 68 -29.90 49.70 -26.41
N TYR L 69 -31.17 49.46 -26.74
CA TYR L 69 -31.53 49.01 -28.06
C TYR L 69 -32.36 50.00 -28.86
N SER L 70 -32.86 51.07 -28.23
CA SER L 70 -33.77 51.97 -28.91
C SER L 70 -33.56 53.39 -28.40
N GLU L 71 -33.57 54.34 -29.32
CA GLU L 71 -33.48 55.76 -28.98
C GLU L 71 -34.46 56.52 -29.85
N GLU L 72 -35.60 56.90 -29.28
CA GLU L 72 -36.58 57.71 -30.00
C GLU L 72 -36.40 59.18 -29.63
N GLY L 73 -35.28 59.73 -30.12
CA GLY L 73 -34.93 61.09 -29.78
C GLY L 73 -34.20 61.16 -28.45
N ALA L 74 -34.19 62.36 -27.87
CA ALA L 74 -33.50 62.58 -26.61
C ALA L 74 -34.36 62.30 -25.39
N ASN L 75 -35.66 62.07 -25.57
CA ASN L 75 -36.58 61.95 -24.46
C ASN L 75 -37.12 60.55 -24.24
N LYS L 76 -36.74 59.59 -25.07
CA LYS L 76 -37.24 58.22 -24.94
C LYS L 76 -36.13 57.24 -25.27
N SER L 77 -36.02 56.18 -24.47
CA SER L 77 -35.03 55.16 -24.76
C SER L 77 -35.46 53.83 -24.17
N GLY L 78 -34.91 52.77 -24.72
CA GLY L 78 -35.24 51.42 -24.29
C GLY L 78 -34.00 50.58 -24.09
N LEU L 79 -34.08 49.71 -23.09
CA LEU L 79 -32.98 48.85 -22.69
C LEU L 79 -33.50 47.43 -22.56
N ALA L 80 -32.83 46.49 -23.22
CA ALA L 80 -33.16 45.08 -23.10
C ALA L 80 -32.24 44.45 -22.06
N TRP L 81 -32.83 43.70 -21.14
CA TRP L 81 -32.01 43.13 -20.07
C TRP L 81 -32.49 41.73 -19.72
N PRO L 82 -31.60 40.86 -19.29
CA PRO L 82 -31.97 39.46 -19.04
C PRO L 82 -32.63 39.28 -17.69
N SER L 83 -33.90 38.86 -17.71
CA SER L 83 -34.59 38.59 -16.46
C SER L 83 -34.59 37.11 -16.09
N ALA L 84 -34.21 36.21 -16.99
CA ALA L 84 -34.18 34.80 -16.68
C ALA L 84 -33.21 34.08 -17.61
N PHE L 85 -32.50 33.10 -17.05
CA PHE L 85 -31.69 32.15 -17.81
C PHE L 85 -32.22 30.75 -17.53
N LYS L 86 -32.42 29.96 -18.58
CA LYS L 86 -33.00 28.64 -18.40
C LYS L 86 -32.13 27.56 -19.05
N VAL L 87 -32.09 26.40 -18.41
CA VAL L 87 -31.40 25.23 -18.96
C VAL L 87 -32.33 24.04 -18.82
N GLN L 88 -32.59 23.35 -19.93
CA GLN L 88 -33.49 22.21 -19.92
C GLN L 88 -32.87 21.01 -20.64
N LEU L 89 -33.10 19.83 -20.08
CA LEU L 89 -32.74 18.57 -20.72
C LEU L 89 -34.01 17.75 -20.90
N GLN L 90 -34.14 17.14 -22.08
CA GLN L 90 -35.34 16.40 -22.41
C GLN L 90 -34.99 15.15 -23.21
N LEU L 91 -35.53 14.02 -22.77
CA LEU L 91 -35.50 12.76 -23.48
C LEU L 91 -36.79 12.56 -24.26
N PRO L 92 -36.73 12.04 -25.48
CA PRO L 92 -37.96 11.71 -26.20
C PRO L 92 -38.75 10.62 -25.50
N ASP L 93 -40.06 10.67 -25.67
CA ASP L 93 -40.95 9.79 -24.92
C ASP L 93 -40.82 8.32 -25.30
N ASN L 94 -40.23 8.02 -26.44
CA ASN L 94 -40.04 6.63 -26.85
C ASN L 94 -38.77 6.02 -26.25
N GLU L 95 -37.95 6.80 -25.57
CA GLU L 95 -36.72 6.27 -25.00
C GLU L 95 -37.02 5.43 -23.76
N VAL L 96 -36.11 4.49 -23.48
CA VAL L 96 -36.21 3.71 -22.25
C VAL L 96 -35.28 4.21 -21.16
N ALA L 97 -34.33 5.07 -21.49
CA ALA L 97 -33.53 5.74 -20.47
C ALA L 97 -34.40 6.72 -19.69
N GLN L 98 -34.10 6.86 -18.41
CA GLN L 98 -34.89 7.70 -17.52
C GLN L 98 -33.98 8.71 -16.84
N ILE L 99 -34.53 9.89 -16.57
CA ILE L 99 -33.85 10.86 -15.73
C ILE L 99 -33.97 10.39 -14.29
N SER L 100 -32.84 10.13 -13.66
CA SER L 100 -32.82 9.53 -12.34
C SER L 100 -32.49 10.54 -11.24
N ASP L 101 -31.57 11.46 -11.48
CA ASP L 101 -31.22 12.41 -10.44
C ASP L 101 -30.85 13.75 -11.05
N TYR L 102 -30.76 14.77 -10.20
CA TYR L 102 -30.48 16.12 -10.65
C TYR L 102 -29.94 16.92 -9.48
N TYR L 103 -29.17 17.96 -9.80
CA TYR L 103 -28.60 18.83 -8.78
C TYR L 103 -28.24 20.15 -9.44
N PRO L 104 -28.47 21.29 -8.77
CA PRO L 104 -29.05 21.46 -7.43
C PRO L 104 -30.57 21.35 -7.39
N ARG L 105 -31.12 21.28 -6.19
CA ARG L 105 -32.54 21.18 -5.94
C ARG L 105 -33.00 22.41 -5.17
N ASN L 106 -34.30 22.47 -4.89
CA ASN L 106 -34.86 23.60 -4.17
C ASN L 106 -34.64 23.44 -2.68
N SER L 107 -34.19 24.51 -2.03
CA SER L 107 -33.90 24.51 -0.61
C SER L 107 -34.98 25.27 0.16
N ILE L 108 -35.09 24.93 1.43
CA ILE L 108 -35.98 25.65 2.35
C ILE L 108 -35.22 26.84 2.90
N ASP L 109 -35.77 28.04 2.69
CA ASP L 109 -35.15 29.26 3.15
C ASP L 109 -35.61 29.61 4.56
N THR L 110 -34.74 30.28 5.29
CA THR L 110 -34.98 30.63 6.69
C THR L 110 -35.01 32.13 6.87
N LYS L 111 -35.52 32.55 8.02
CA LYS L 111 -35.49 33.93 8.44
C LYS L 111 -35.23 33.95 9.95
N GLU L 112 -34.63 35.03 10.41
CA GLU L 112 -34.35 35.21 11.83
C GLU L 112 -35.36 36.18 12.41
N TYR L 113 -35.99 35.79 13.50
CA TYR L 113 -37.01 36.58 14.16
C TYR L 113 -36.48 37.07 15.50
N MET L 114 -36.77 38.32 15.83
CA MET L 114 -36.35 38.90 17.10
C MET L 114 -37.51 39.63 17.74
N SER L 115 -37.71 39.40 19.03
CA SER L 115 -38.71 40.10 19.82
C SER L 115 -38.04 40.86 20.94
N THR L 116 -38.56 42.05 21.24
CA THR L 116 -37.99 42.90 22.27
C THR L 116 -39.11 43.48 23.12
N LEU L 117 -38.90 43.52 24.42
CA LEU L 117 -39.82 44.17 25.35
C LEU L 117 -39.01 44.99 26.33
N THR L 118 -39.18 46.30 26.30
CA THR L 118 -38.50 47.22 27.19
C THR L 118 -39.53 47.94 28.06
N TYR L 119 -39.14 48.24 29.29
CA TYR L 119 -39.92 49.15 30.11
C TYR L 119 -38.98 49.92 31.02
N GLY L 120 -39.36 51.14 31.34
CA GLY L 120 -38.49 52.01 32.10
C GLY L 120 -39.26 53.05 32.89
N PHE L 121 -38.57 53.63 33.86
CA PHE L 121 -39.08 54.72 34.66
C PHE L 121 -38.07 55.86 34.66
N ASN L 122 -38.59 57.08 34.69
CA ASN L 122 -37.75 58.26 34.79
C ASN L 122 -38.37 59.23 35.79
N SER L 123 -37.54 60.12 36.30
CA SER L 123 -38.01 61.13 37.24
C SER L 123 -37.02 62.28 37.24
N ASN L 124 -37.55 63.49 37.38
CA ASN L 124 -36.69 64.65 37.47
C ASN L 124 -37.32 65.70 38.38
N VAL L 125 -36.46 66.55 38.94
CA VAL L 125 -36.87 67.70 39.73
C VAL L 125 -36.30 68.95 39.08
N THR L 126 -37.12 69.99 38.98
CA THR L 126 -36.71 71.24 38.34
C THR L 126 -36.61 72.34 39.38
N GLY L 127 -35.47 73.04 39.37
CA GLY L 127 -35.23 74.16 40.25
C GLY L 127 -35.41 75.49 39.55
N ASP L 128 -35.21 76.55 40.33
CA ASP L 128 -35.34 77.91 39.83
C ASP L 128 -34.79 78.88 40.86
N ASP L 129 -34.42 80.07 40.41
CA ASP L 129 -33.93 81.09 41.32
C ASP L 129 -35.04 81.90 41.98
N THR L 130 -36.29 81.71 41.55
CA THR L 130 -37.45 82.33 42.18
C THR L 130 -38.11 81.41 43.20
N GLY L 131 -37.47 80.30 43.54
CA GLY L 131 -38.03 79.35 44.48
C GLY L 131 -39.03 78.39 43.91
N LYS L 132 -39.32 78.46 42.61
CA LYS L 132 -40.26 77.53 41.99
C LYS L 132 -39.62 76.16 41.88
N ILE L 133 -40.27 75.15 42.46
CA ILE L 133 -39.77 73.78 42.45
C ILE L 133 -40.81 72.91 41.77
N GLY L 134 -40.38 72.15 40.75
CA GLY L 134 -41.22 71.23 40.05
C GLY L 134 -40.77 69.79 40.22
N GLY L 135 -41.51 68.90 39.58
CA GLY L 135 -41.21 67.49 39.65
C GLY L 135 -41.91 66.75 38.54
N LEU L 136 -41.40 65.54 38.27
CA LEU L 136 -41.97 64.72 37.20
C LEU L 136 -41.57 63.28 37.44
N ILE L 137 -42.55 62.39 37.33
CA ILE L 137 -42.34 60.94 37.37
C ILE L 137 -43.04 60.35 36.17
N GLY L 138 -42.32 59.53 35.39
CA GLY L 138 -42.89 58.94 34.20
C GLY L 138 -42.47 57.50 34.04
N ALA L 139 -43.27 56.77 33.27
CA ALA L 139 -43.00 55.37 32.95
C ALA L 139 -43.31 55.13 31.50
N ASN L 140 -42.64 54.12 30.91
CA ASN L 140 -42.87 53.82 29.51
C ASN L 140 -42.63 52.34 29.26
N VAL L 141 -43.27 51.84 28.21
CA VAL L 141 -43.13 50.45 27.78
C VAL L 141 -43.05 50.44 26.26
N SER L 142 -42.32 49.47 25.72
CA SER L 142 -42.06 49.41 24.28
C SER L 142 -41.96 47.95 23.85
N ILE L 143 -42.56 47.63 22.71
CA ILE L 143 -42.53 46.29 22.16
C ILE L 143 -42.03 46.38 20.72
N GLY L 144 -41.13 45.48 20.35
CA GLY L 144 -40.52 45.53 19.04
C GLY L 144 -40.40 44.15 18.44
N HIS L 145 -40.51 44.10 17.11
CA HIS L 145 -40.31 42.88 16.33
C HIS L 145 -39.37 43.19 15.18
N THR L 146 -38.49 42.24 14.89
CA THR L 146 -37.48 42.40 13.84
C THR L 146 -37.42 41.12 13.03
N LEU L 147 -37.30 41.25 11.72
CA LEU L 147 -37.19 40.13 10.80
C LEU L 147 -35.96 40.33 9.93
N ARG L 148 -35.13 39.31 9.81
CA ARG L 148 -33.89 39.40 9.05
C ARG L 148 -33.77 38.22 8.10
N TYR L 149 -33.43 38.48 6.84
CA TYR L 149 -33.21 37.38 5.90
C TYR L 149 -32.35 37.87 4.75
N VAL L 150 -31.82 36.93 4.01
CA VAL L 150 -30.92 37.20 2.89
C VAL L 150 -31.71 37.18 1.59
N GLN L 151 -31.45 38.16 0.74
CA GLN L 151 -32.06 38.25 -0.59
C GLN L 151 -30.98 38.22 -1.66
N PRO L 152 -30.86 37.14 -2.43
CA PRO L 152 -29.93 37.15 -3.57
C PRO L 152 -30.46 37.97 -4.73
N ASP L 153 -29.55 38.38 -5.61
CA ASP L 153 -29.93 39.11 -6.81
C ASP L 153 -30.69 38.21 -7.78
N PHE L 154 -30.25 36.97 -7.94
CA PHE L 154 -30.91 36.00 -8.79
C PHE L 154 -31.17 34.74 -7.97
N LYS L 155 -32.29 34.08 -8.27
CA LYS L 155 -32.68 32.84 -7.62
C LYS L 155 -32.49 31.68 -8.59
N THR L 156 -31.86 30.61 -8.12
CA THR L 156 -31.75 29.37 -8.87
C THR L 156 -32.87 28.43 -8.43
N ILE L 157 -33.69 27.99 -9.37
CA ILE L 157 -34.86 27.18 -9.08
C ILE L 157 -34.84 25.95 -9.96
N LEU L 158 -34.99 24.78 -9.34
CA LEU L 158 -35.19 23.55 -10.08
C LEU L 158 -36.67 23.39 -10.41
N GLU L 159 -37.01 23.45 -11.68
CA GLU L 159 -38.40 23.28 -12.09
C GLU L 159 -38.78 21.80 -12.01
N SER L 160 -40.08 21.55 -11.81
CA SER L 160 -40.61 20.22 -11.51
C SER L 160 -40.18 19.18 -12.54
N PRO L 161 -39.31 18.26 -12.17
CA PRO L 161 -38.83 17.27 -13.12
C PRO L 161 -39.73 16.05 -13.23
N THR L 162 -39.66 15.41 -14.38
CA THR L 162 -40.26 14.12 -14.65
C THR L 162 -39.14 13.13 -14.94
N ASP L 163 -39.52 11.93 -15.37
CA ASP L 163 -38.51 10.96 -15.76
C ASP L 163 -37.96 11.21 -17.16
N LYS L 164 -38.51 12.16 -17.89
CA LYS L 164 -38.07 12.46 -19.24
C LYS L 164 -37.59 13.90 -19.41
N LYS L 165 -37.77 14.76 -18.42
CA LYS L 165 -37.52 16.19 -18.60
C LYS L 165 -37.07 16.78 -17.28
N VAL L 166 -36.00 17.57 -17.31
CA VAL L 166 -35.51 18.27 -16.13
C VAL L 166 -35.09 19.68 -16.56
N GLY L 167 -35.16 20.62 -15.63
CA GLY L 167 -34.86 21.99 -15.97
C GLY L 167 -34.55 22.84 -14.77
N TRP L 168 -33.80 23.90 -15.03
CA TRP L 168 -33.46 24.91 -14.04
C TRP L 168 -33.71 26.28 -14.64
N LYS L 169 -34.08 27.22 -13.79
CA LYS L 169 -34.17 28.61 -14.19
C LYS L 169 -33.52 29.49 -13.13
N VAL L 170 -32.74 30.46 -13.58
CA VAL L 170 -32.14 31.47 -12.73
C VAL L 170 -32.83 32.77 -13.06
N ILE L 171 -33.59 33.31 -12.11
CA ILE L 171 -34.50 34.41 -12.37
C ILE L 171 -34.08 35.62 -11.54
N PHE L 172 -34.33 36.80 -12.09
CA PHE L 172 -34.03 38.05 -11.39
C PHE L 172 -34.94 38.21 -10.19
N ASN L 173 -34.34 38.52 -9.05
CA ASN L 173 -35.12 38.69 -7.83
C ASN L 173 -35.33 40.16 -7.49
N ASN L 174 -34.26 40.89 -7.22
CA ASN L 174 -34.30 42.33 -6.98
C ASN L 174 -32.87 42.84 -6.96
N MET L 175 -32.72 44.15 -7.11
CA MET L 175 -31.40 44.74 -7.22
C MET L 175 -31.35 46.07 -6.49
N VAL L 176 -30.17 46.40 -6.00
CA VAL L 176 -29.90 47.70 -5.39
C VAL L 176 -29.41 48.65 -6.48
N ASN L 177 -30.00 49.83 -6.55
CA ASN L 177 -29.64 50.83 -7.54
C ASN L 177 -29.01 52.01 -6.81
N GLN L 178 -27.67 52.03 -6.80
CA GLN L 178 -26.90 53.13 -6.19
C GLN L 178 -27.30 53.34 -4.74
N ASN L 179 -27.27 52.25 -3.97
CA ASN L 179 -27.60 52.17 -2.55
C ASN L 179 -29.07 52.37 -2.25
N TRP L 180 -29.92 52.58 -3.26
CA TRP L 180 -31.36 52.65 -3.09
C TRP L 180 -32.00 51.31 -3.36
N GLY L 181 -33.23 51.16 -2.90
CA GLY L 181 -34.01 49.99 -3.20
C GLY L 181 -34.10 49.01 -2.06
N PRO L 182 -34.10 47.71 -2.37
CA PRO L 182 -33.96 47.15 -3.72
C PRO L 182 -35.21 47.25 -4.59
N TYR L 183 -35.01 47.29 -5.90
CA TYR L 183 -36.09 47.34 -6.87
C TYR L 183 -36.20 46.00 -7.57
N ASP L 184 -37.41 45.66 -7.97
CA ASP L 184 -37.65 44.45 -8.75
C ASP L 184 -38.45 44.81 -9.99
N ARG L 185 -38.86 43.78 -10.73
CA ARG L 185 -39.57 43.99 -11.99
C ARG L 185 -40.94 44.61 -11.79
N ASP L 186 -41.45 44.66 -10.56
CA ASP L 186 -42.77 45.18 -10.30
C ASP L 186 -42.78 46.43 -9.43
N SER L 187 -41.62 46.97 -9.08
CA SER L 187 -41.56 48.19 -8.28
C SER L 187 -42.23 49.32 -9.03
N TRP L 188 -43.09 50.06 -8.33
CA TRP L 188 -43.79 51.17 -8.95
C TRP L 188 -43.85 52.35 -8.00
N ASN L 189 -43.60 53.53 -8.55
CA ASN L 189 -43.67 54.79 -7.84
C ASN L 189 -44.52 55.72 -8.70
N PRO L 190 -45.50 56.40 -8.11
CA PRO L 190 -46.39 57.25 -8.94
C PRO L 190 -45.65 58.34 -9.69
N VAL L 191 -44.54 58.84 -9.14
CA VAL L 191 -43.80 59.93 -9.77
C VAL L 191 -42.78 59.40 -10.77
N TYR L 192 -42.00 58.39 -10.39
CA TYR L 192 -40.88 57.94 -11.19
C TYR L 192 -41.10 56.60 -11.86
N GLY L 193 -42.23 55.94 -11.64
CA GLY L 193 -42.43 54.63 -12.22
C GLY L 193 -41.52 53.60 -11.60
N ASN L 194 -40.95 52.75 -12.44
CA ASN L 194 -39.99 51.74 -12.01
C ASN L 194 -38.59 52.30 -12.17
N GLN L 195 -37.84 52.34 -11.07
CA GLN L 195 -36.51 52.91 -11.04
C GLN L 195 -35.41 51.86 -11.02
N LEU L 196 -35.64 50.72 -11.66
CA LEU L 196 -34.67 49.62 -11.66
C LEU L 196 -33.33 50.07 -12.21
N PHE L 197 -33.31 50.68 -13.39
CA PHE L 197 -32.08 51.03 -14.08
C PHE L 197 -32.00 52.51 -14.39
N MET L 198 -32.72 53.33 -13.64
CA MET L 198 -32.63 54.78 -13.79
C MET L 198 -31.35 55.28 -13.12
N LYS L 199 -30.56 56.04 -13.86
CA LYS L 199 -29.33 56.57 -13.28
C LYS L 199 -29.62 57.84 -12.47
N THR L 200 -30.29 58.81 -13.07
CA THR L 200 -30.66 60.04 -12.39
C THR L 200 -32.16 60.26 -12.50
N ARG L 201 -32.73 60.86 -11.46
CA ARG L 201 -34.17 61.11 -11.44
C ARG L 201 -34.57 62.29 -12.31
N ASN L 202 -33.75 63.34 -12.39
CA ASN L 202 -34.11 64.50 -13.20
C ASN L 202 -32.92 65.06 -13.96
N GLY L 203 -31.98 64.20 -14.38
CA GLY L 203 -30.86 64.66 -15.17
C GLY L 203 -31.29 65.21 -16.51
N SER L 204 -30.43 66.04 -17.09
CA SER L 204 -30.74 66.75 -18.32
C SER L 204 -30.08 66.13 -19.55
N MET L 205 -29.58 64.90 -19.42
CA MET L 205 -28.91 64.24 -20.53
C MET L 205 -29.95 63.63 -21.46
N LYS L 206 -29.49 62.93 -22.50
CA LYS L 206 -30.40 62.17 -23.34
C LYS L 206 -30.86 60.92 -22.61
N ALA L 207 -31.99 60.38 -23.04
CA ALA L 207 -32.54 59.21 -22.37
C ALA L 207 -31.61 58.01 -22.48
N ALA L 208 -30.94 57.87 -23.62
CA ALA L 208 -30.04 56.74 -23.82
C ALA L 208 -28.85 56.76 -22.87
N ASP L 209 -28.56 57.91 -22.26
CA ASP L 209 -27.44 58.04 -21.33
C ASP L 209 -27.90 58.05 -19.88
N ASN L 210 -29.16 57.75 -19.61
CA ASN L 210 -29.69 57.79 -18.26
C ASN L 210 -29.91 56.40 -17.68
N PHE L 211 -29.33 55.38 -18.30
CA PHE L 211 -29.45 54.03 -17.77
C PHE L 211 -28.27 53.72 -16.87
N LEU L 212 -28.52 52.88 -15.87
CA LEU L 212 -27.47 52.50 -14.93
C LEU L 212 -26.31 51.86 -15.66
N ASP L 213 -25.10 52.23 -15.26
CA ASP L 213 -23.90 51.68 -15.88
C ASP L 213 -23.79 50.19 -15.56
N PRO L 214 -23.52 49.34 -16.55
CA PRO L 214 -23.49 47.90 -16.28
C PRO L 214 -22.48 47.46 -15.23
N ASN L 215 -21.39 48.21 -15.06
CA ASN L 215 -20.45 47.88 -14.00
C ASN L 215 -21.02 48.10 -12.61
N LYS L 216 -22.05 48.93 -12.49
CA LYS L 216 -22.66 49.20 -11.20
C LYS L 216 -23.83 48.27 -10.89
N ALA L 217 -24.18 47.39 -11.82
CA ALA L 217 -25.24 46.41 -11.62
C ALA L 217 -24.62 45.04 -11.42
N SER L 218 -25.49 44.04 -11.30
CA SER L 218 -25.02 42.66 -11.19
C SER L 218 -24.26 42.26 -12.45
N SER L 219 -23.18 41.51 -12.28
CA SER L 219 -22.39 41.09 -13.43
C SER L 219 -23.15 40.12 -14.31
N LEU L 220 -24.18 39.45 -13.78
CA LEU L 220 -25.01 38.57 -14.58
C LEU L 220 -25.79 39.33 -15.64
N LEU L 221 -26.05 40.61 -15.43
CA LEU L 221 -26.88 41.36 -16.38
C LEU L 221 -26.15 41.59 -17.69
N SER L 222 -24.86 41.89 -17.64
CA SER L 222 -24.08 42.18 -18.84
C SER L 222 -23.17 41.03 -19.25
N SER L 223 -22.31 40.56 -18.36
CA SER L 223 -21.37 39.52 -18.73
C SER L 223 -22.04 38.16 -18.84
N GLY L 224 -23.00 37.87 -17.98
CA GLY L 224 -23.84 36.71 -18.16
C GLY L 224 -23.66 35.68 -17.07
N PHE L 225 -24.43 34.61 -17.22
CA PHE L 225 -24.57 33.57 -16.21
C PHE L 225 -23.89 32.29 -16.69
N SER L 226 -23.21 31.62 -15.76
CA SER L 226 -22.54 30.37 -16.07
C SER L 226 -23.25 29.21 -15.40
N PRO L 227 -24.00 28.40 -16.14
CA PRO L 227 -24.70 27.27 -15.52
C PRO L 227 -23.72 26.24 -15.00
N ASP L 228 -24.11 25.57 -13.91
CA ASP L 228 -23.40 24.38 -13.46
C ASP L 228 -24.44 23.41 -12.93
N PHE L 229 -25.00 22.58 -13.81
CA PHE L 229 -26.10 21.72 -13.43
C PHE L 229 -25.76 20.28 -13.76
N ALA L 230 -26.24 19.35 -12.94
CA ALA L 230 -25.94 17.94 -13.11
C ALA L 230 -27.23 17.14 -13.22
N THR L 231 -27.30 16.28 -14.24
CA THR L 231 -28.38 15.33 -14.42
C THR L 231 -27.80 13.93 -14.48
N VAL L 232 -28.50 12.97 -13.89
CA VAL L 232 -28.09 11.58 -13.92
C VAL L 232 -29.17 10.79 -14.63
N ILE L 233 -28.78 10.09 -15.69
CA ILE L 233 -29.66 9.32 -16.56
C ILE L 233 -29.30 7.85 -16.42
N THR L 234 -30.30 7.00 -16.19
CA THR L 234 -30.10 5.58 -15.99
C THR L 234 -30.59 4.79 -17.20
N MET L 235 -29.91 3.68 -17.47
CA MET L 235 -30.28 2.79 -18.56
C MET L 235 -30.14 1.34 -18.12
N ASP L 236 -31.08 0.50 -18.53
CA ASP L 236 -30.99 -0.93 -18.27
C ASP L 236 -29.85 -1.56 -19.07
N ARG L 237 -29.21 -2.56 -18.46
CA ARG L 237 -28.03 -3.16 -19.07
C ARG L 237 -28.38 -4.06 -20.26
N CYS L 238 -29.49 -4.79 -20.18
CA CYS L 238 -29.86 -5.73 -21.22
C CYS L 238 -31.01 -5.20 -22.07
N ALA L 239 -31.04 -3.88 -22.29
CA ALA L 239 -32.00 -3.30 -23.21
C ALA L 239 -31.60 -3.58 -24.65
N SER L 240 -32.61 -3.71 -25.50
CA SER L 240 -32.35 -4.08 -26.90
C SER L 240 -31.60 -2.97 -27.63
N LYS L 241 -32.07 -1.74 -27.54
CA LYS L 241 -31.45 -0.60 -28.20
C LYS L 241 -30.59 0.16 -27.19
N GLN L 242 -29.32 0.34 -27.52
CA GLN L 242 -28.36 0.98 -26.63
C GLN L 242 -27.95 2.36 -27.14
N GLN L 243 -28.87 3.06 -27.77
CA GLN L 243 -28.64 4.41 -28.27
C GLN L 243 -29.77 5.31 -27.78
N THR L 244 -29.42 6.50 -27.29
CA THR L 244 -30.39 7.44 -26.77
C THR L 244 -30.19 8.79 -27.45
N ASN L 245 -31.27 9.55 -27.56
CA ASN L 245 -31.21 10.94 -27.97
C ASN L 245 -31.57 11.83 -26.78
N ILE L 246 -30.89 12.96 -26.66
CA ILE L 246 -31.24 13.92 -25.62
C ILE L 246 -31.12 15.33 -26.16
N ASP L 247 -32.08 16.17 -25.81
CA ASP L 247 -32.07 17.57 -26.20
C ASP L 247 -31.64 18.42 -25.02
N VAL L 248 -30.73 19.35 -25.28
CA VAL L 248 -30.31 20.35 -24.30
C VAL L 248 -30.65 21.72 -24.86
N ILE L 249 -31.36 22.52 -24.06
CA ILE L 249 -31.82 23.83 -24.47
C ILE L 249 -31.30 24.86 -23.48
N TYR L 250 -30.64 25.89 -24.01
CA TYR L 250 -30.28 27.07 -23.24
C TYR L 250 -31.22 28.19 -23.63
N GLU L 251 -31.58 29.03 -22.67
CA GLU L 251 -32.62 30.02 -22.91
C GLU L 251 -32.30 31.31 -22.16
N ARG L 252 -32.67 32.43 -22.76
CA ARG L 252 -32.55 33.74 -22.13
C ARG L 252 -33.83 34.51 -22.39
N VAL L 253 -34.50 34.93 -21.32
CA VAL L 253 -35.67 35.78 -21.41
C VAL L 253 -35.24 37.21 -21.13
N ARG L 254 -35.67 38.14 -21.98
CA ARG L 254 -35.26 39.53 -21.88
C ARG L 254 -36.48 40.41 -21.70
N ASP L 255 -36.41 41.26 -20.68
CA ASP L 255 -37.38 42.32 -20.40
C ASP L 255 -36.97 43.59 -21.12
N ASP L 256 -37.94 44.50 -21.23
CA ASP L 256 -37.78 45.77 -21.93
C ASP L 256 -38.05 46.91 -20.97
N TYR L 257 -37.01 47.64 -20.58
CA TYR L 257 -37.10 48.74 -19.64
C TYR L 257 -36.98 50.06 -20.40
N GLN L 258 -38.00 50.90 -20.31
CA GLN L 258 -38.06 52.14 -21.05
C GLN L 258 -38.00 53.34 -20.13
N LEU L 259 -37.23 54.34 -20.54
CA LEU L 259 -37.15 55.62 -19.85
C LEU L 259 -37.75 56.69 -20.73
N HIS L 260 -38.62 57.53 -20.17
CA HIS L 260 -39.14 58.65 -20.92
C HIS L 260 -39.26 59.87 -20.02
N TRP L 261 -39.14 61.04 -20.64
CA TRP L 261 -39.14 62.32 -19.94
C TRP L 261 -40.57 62.82 -19.81
N THR L 262 -40.98 63.13 -18.58
CA THR L 262 -42.33 63.61 -18.30
C THR L 262 -42.37 65.11 -18.07
N SER L 263 -41.47 65.85 -18.72
CA SER L 263 -41.43 67.32 -18.68
C SER L 263 -40.96 67.85 -17.34
N THR L 264 -40.83 66.98 -16.35
CA THR L 264 -40.23 67.38 -15.08
C THR L 264 -39.25 66.37 -14.50
N ASN L 265 -39.32 65.10 -14.88
CA ASN L 265 -38.41 64.08 -14.37
C ASN L 265 -38.48 62.88 -15.29
N TRP L 266 -37.62 61.91 -15.02
CA TRP L 266 -37.61 60.66 -15.78
C TRP L 266 -38.59 59.67 -15.19
N LYS L 267 -39.21 58.88 -16.07
CA LYS L 267 -40.14 57.84 -15.65
C LYS L 267 -39.74 56.54 -16.32
N GLY L 268 -39.71 55.46 -15.54
CA GLY L 268 -39.29 54.17 -16.00
C GLY L 268 -40.45 53.19 -16.06
N THR L 269 -40.39 52.28 -17.03
CA THR L 269 -41.45 51.30 -17.23
C THR L 269 -40.84 49.99 -17.68
N ASN L 270 -41.14 48.89 -16.99
CA ASN L 270 -40.60 47.59 -17.34
C ASN L 270 -41.69 46.72 -17.94
N THR L 271 -41.38 46.08 -19.06
CA THR L 271 -42.25 45.12 -19.72
C THR L 271 -41.62 43.74 -19.64
N LYS L 272 -42.38 42.79 -19.12
CA LYS L 272 -41.85 41.47 -18.79
C LYS L 272 -41.85 40.56 -20.00
N ASP L 273 -40.80 39.76 -20.13
CA ASP L 273 -40.69 38.68 -21.11
C ASP L 273 -40.97 39.18 -22.53
N LYS L 274 -40.33 40.30 -22.86
CA LYS L 274 -40.50 40.85 -24.20
C LYS L 274 -39.88 39.96 -25.27
N TRP L 275 -38.70 39.39 -24.99
CA TRP L 275 -38.01 38.57 -25.98
C TRP L 275 -37.55 37.28 -25.34
N THR L 276 -37.40 36.24 -26.16
CA THR L 276 -36.84 34.97 -25.72
C THR L 276 -35.87 34.44 -26.76
N ASP L 277 -34.66 34.14 -26.31
CA ASP L 277 -33.62 33.55 -27.14
C ASP L 277 -33.46 32.10 -26.73
N ARG L 278 -33.61 31.20 -27.68
CA ARG L 278 -33.63 29.76 -27.40
C ARG L 278 -32.61 29.08 -28.29
N SER L 279 -31.68 28.34 -27.69
CA SER L 279 -30.65 27.62 -28.42
C SER L 279 -30.74 26.15 -28.04
N SER L 280 -31.15 25.32 -28.98
CA SER L 280 -31.38 23.91 -28.75
C SER L 280 -30.32 23.07 -29.45
N GLU L 281 -30.03 21.90 -28.90
CA GLU L 281 -29.01 21.03 -29.46
C GLU L 281 -29.36 19.58 -29.13
N ARG L 282 -29.27 18.71 -30.14
CA ARG L 282 -29.54 17.29 -29.96
C ARG L 282 -28.24 16.51 -29.87
N TYR L 283 -28.15 15.63 -28.89
CA TYR L 283 -26.99 14.79 -28.67
C TYR L 283 -27.39 13.33 -28.77
N LYS L 284 -26.46 12.52 -29.25
CA LYS L 284 -26.62 11.08 -29.35
C LYS L 284 -25.72 10.42 -28.32
N ILE L 285 -26.30 9.53 -27.53
CA ILE L 285 -25.60 8.78 -26.49
C ILE L 285 -25.48 7.35 -26.97
N ASP L 286 -24.25 6.87 -27.07
CA ASP L 286 -23.96 5.46 -27.34
C ASP L 286 -23.53 4.83 -26.03
N TRP L 287 -24.40 3.98 -25.48
CA TRP L 287 -24.17 3.38 -24.17
C TRP L 287 -23.10 2.30 -24.20
N GLU L 288 -23.10 1.47 -25.24
CA GLU L 288 -22.08 0.43 -25.34
C GLU L 288 -20.71 1.01 -25.66
N LYS L 289 -20.66 1.96 -26.59
CA LYS L 289 -19.41 2.64 -26.88
C LYS L 289 -19.02 3.62 -25.79
N GLU L 290 -19.97 3.98 -24.92
CA GLU L 290 -19.76 4.96 -23.85
C GLU L 290 -19.26 6.29 -24.40
N GLU L 291 -20.01 6.83 -25.35
CA GLU L 291 -19.63 8.11 -25.94
C GLU L 291 -20.87 8.95 -26.20
N MET L 292 -20.63 10.26 -26.36
CA MET L 292 -21.67 11.22 -26.63
C MET L 292 -21.22 12.09 -27.80
N THR L 293 -22.11 12.31 -28.76
CA THR L 293 -21.76 13.09 -29.94
C THR L 293 -22.90 14.02 -30.30
N ASN L 294 -22.62 14.97 -31.18
CA ASN L 294 -23.66 15.83 -31.72
C ASN L 294 -24.30 15.21 -32.95
N ALA M 2 -19.14 10.64 19.91
CA ALA M 2 -18.56 9.80 18.87
C ALA M 2 -17.63 8.76 19.47
N ASP M 3 -16.95 8.00 18.63
CA ASP M 3 -16.02 6.98 19.10
C ASP M 3 -14.86 7.61 19.85
N SER M 4 -14.32 8.71 19.33
CA SER M 4 -13.17 9.35 19.96
C SER M 4 -13.50 9.87 21.35
N ASP M 5 -14.77 10.10 21.65
CA ASP M 5 -15.16 10.54 22.99
C ASP M 5 -15.07 9.41 24.01
N ILE M 6 -15.03 8.16 23.56
CA ILE M 6 -14.92 7.04 24.48
C ILE M 6 -13.64 6.27 24.19
N ASN M 7 -12.62 6.97 23.69
CA ASN M 7 -11.28 6.43 23.50
C ASN M 7 -11.23 5.29 22.48
N ILE M 8 -12.04 5.38 21.45
CA ILE M 8 -12.13 4.33 20.42
C ILE M 8 -11.83 4.96 19.08
N LYS M 9 -11.06 4.26 18.25
CA LYS M 9 -10.68 4.78 16.94
C LYS M 9 -11.90 5.06 16.09
N THR M 10 -11.81 6.10 15.27
CA THR M 10 -12.93 6.54 14.45
C THR M 10 -13.32 5.47 13.44
N GLY M 11 -14.62 5.19 13.36
CA GLY M 11 -15.12 4.20 12.42
C GLY M 11 -14.96 2.76 12.86
N THR M 12 -14.48 2.52 14.07
CA THR M 12 -14.26 1.16 14.53
C THR M 12 -15.57 0.39 14.62
N THR M 13 -16.63 1.03 15.09
CA THR M 13 -17.90 0.37 15.34
C THR M 13 -18.91 0.54 14.21
N ASP M 14 -18.48 1.03 13.04
CA ASP M 14 -19.37 1.24 11.92
C ASP M 14 -19.51 -0.04 11.09
N ILE M 15 -20.60 -0.10 10.33
CA ILE M 15 -20.94 -1.27 9.53
C ILE M 15 -20.47 -1.04 8.10
N GLY M 16 -20.00 -2.10 7.47
CA GLY M 16 -19.74 -2.10 6.05
C GLY M 16 -18.30 -2.08 5.61
N SER M 17 -17.36 -2.47 6.46
CA SER M 17 -15.97 -2.58 6.05
C SER M 17 -15.72 -3.92 5.37
N ASN M 18 -14.99 -3.89 4.25
CA ASN M 18 -14.64 -5.09 3.50
C ASN M 18 -15.89 -5.84 3.05
N THR M 19 -16.91 -5.10 2.61
CA THR M 19 -18.17 -5.67 2.17
C THR M 19 -18.44 -5.24 0.73
N THR M 20 -19.05 -6.13 -0.04
CA THR M 20 -19.56 -5.79 -1.35
C THR M 20 -21.00 -5.33 -1.20
N VAL M 21 -21.27 -4.10 -1.60
CA VAL M 21 -22.58 -3.48 -1.44
C VAL M 21 -23.30 -3.52 -2.79
N LYS M 22 -24.55 -3.94 -2.78
CA LYS M 22 -25.33 -4.05 -4.01
C LYS M 22 -26.32 -2.90 -4.08
N THR M 23 -26.11 -1.96 -4.99
CA THR M 23 -26.93 -0.76 -5.07
C THR M 23 -27.86 -0.83 -6.28
N GLY M 24 -28.84 0.06 -6.28
CA GLY M 24 -29.76 0.14 -7.39
C GLY M 24 -30.67 1.34 -7.31
N ASP M 25 -31.21 1.71 -8.47
CA ASP M 25 -32.16 2.81 -8.60
C ASP M 25 -33.45 2.30 -9.21
N LEU M 26 -34.58 2.75 -8.67
CA LEU M 26 -35.90 2.52 -9.26
C LEU M 26 -36.58 3.86 -9.42
N VAL M 27 -37.02 4.17 -10.63
CA VAL M 27 -37.56 5.48 -10.96
C VAL M 27 -38.98 5.31 -11.51
N THR M 28 -39.91 6.07 -10.95
CA THR M 28 -41.28 6.13 -11.46
C THR M 28 -41.69 7.58 -11.59
N TYR M 29 -42.55 7.87 -12.56
CA TYR M 29 -43.16 9.18 -12.65
C TYR M 29 -44.68 9.02 -12.65
N ASP M 30 -45.31 9.52 -11.60
CA ASP M 30 -46.77 9.57 -11.51
C ASP M 30 -47.23 10.87 -12.14
N LYS M 31 -47.85 10.76 -13.32
CA LYS M 31 -48.23 11.95 -14.08
C LYS M 31 -49.46 12.62 -13.51
N GLU M 32 -50.43 11.84 -13.05
CA GLU M 32 -51.64 12.44 -12.47
C GLU M 32 -51.33 13.25 -11.22
N ASN M 33 -50.47 12.72 -10.35
CA ASN M 33 -50.11 13.40 -9.12
C ASN M 33 -48.88 14.27 -9.24
N GLY M 34 -48.22 14.26 -10.40
CA GLY M 34 -47.03 15.07 -10.60
C GLY M 34 -45.90 14.74 -9.65
N MET M 35 -45.60 13.45 -9.48
CA MET M 35 -44.62 13.02 -8.49
C MET M 35 -43.53 12.21 -9.19
N HIS M 36 -42.30 12.66 -9.10
CA HIS M 36 -41.16 11.91 -9.62
C HIS M 36 -40.56 11.16 -8.44
N LYS M 37 -40.82 9.86 -8.36
CA LYS M 37 -40.41 9.05 -7.23
C LYS M 37 -39.15 8.28 -7.58
N LYS M 38 -38.16 8.31 -6.69
CA LYS M 38 -36.93 7.60 -6.92
C LYS M 38 -36.54 6.87 -5.65
N VAL M 39 -36.21 5.59 -5.78
CA VAL M 39 -35.73 4.78 -4.67
C VAL M 39 -34.30 4.40 -4.98
N PHE M 40 -33.38 4.74 -4.10
CA PHE M 40 -32.00 4.30 -4.20
C PHE M 40 -31.74 3.31 -3.07
N TYR M 41 -31.48 2.06 -3.41
CA TYR M 41 -31.33 1.04 -2.39
C TYR M 41 -29.89 0.51 -2.38
N SER M 42 -29.47 0.08 -1.20
CA SER M 42 -28.16 -0.55 -0.99
C SER M 42 -28.32 -1.75 -0.08
N PHE M 43 -27.92 -2.91 -0.55
CA PHE M 43 -27.87 -4.13 0.24
C PHE M 43 -26.47 -4.25 0.83
N ILE M 44 -26.41 -4.38 2.15
CA ILE M 44 -25.17 -4.57 2.88
C ILE M 44 -25.29 -5.86 3.67
N ASP M 45 -24.44 -6.83 3.33
CA ASP M 45 -24.35 -8.09 4.05
C ASP M 45 -22.96 -8.15 4.67
N ASP M 46 -22.83 -7.55 5.85
CA ASP M 46 -21.59 -7.58 6.59
C ASP M 46 -21.53 -8.86 7.41
N LYS M 47 -20.45 -9.63 7.23
CA LYS M 47 -20.33 -10.90 7.94
C LYS M 47 -20.21 -10.68 9.45
N ASN M 48 -19.68 -9.54 9.86
CA ASN M 48 -19.51 -9.22 11.27
C ASN M 48 -20.75 -8.61 11.89
N HIS M 49 -21.80 -8.36 11.11
CA HIS M 49 -23.07 -7.86 11.62
C HIS M 49 -24.06 -9.00 11.75
N ASN M 50 -24.93 -8.92 12.76
CA ASN M 50 -25.82 -10.02 13.07
C ASN M 50 -27.03 -10.11 12.14
N LYS M 51 -27.17 -9.20 11.19
CA LYS M 51 -28.33 -9.18 10.31
C LYS M 51 -27.92 -8.67 8.93
N LYS M 52 -28.78 -8.92 7.95
CA LYS M 52 -28.68 -8.29 6.64
C LYS M 52 -29.34 -6.92 6.67
N LEU M 53 -28.69 -5.93 6.04
CA LEU M 53 -29.19 -4.58 6.02
C LEU M 53 -29.61 -4.17 4.61
N LEU M 54 -30.72 -3.47 4.52
CA LEU M 54 -31.10 -2.77 3.30
C LEU M 54 -31.33 -1.30 3.64
N VAL M 55 -30.55 -0.43 3.03
CA VAL M 55 -30.73 1.02 3.17
C VAL M 55 -31.52 1.51 1.98
N ILE M 56 -32.68 2.11 2.25
CA ILE M 56 -33.56 2.66 1.22
C ILE M 56 -33.54 4.17 1.37
N ARG M 57 -33.18 4.87 0.31
CA ARG M 57 -33.24 6.32 0.26
C ARG M 57 -34.36 6.72 -0.66
N THR M 58 -35.36 7.39 -0.12
CA THR M 58 -36.45 7.95 -0.91
C THR M 58 -36.07 9.36 -1.33
N LYS M 59 -36.08 9.58 -2.65
CA LYS M 59 -35.71 10.82 -3.29
C LYS M 59 -36.68 11.09 -4.42
N GLY M 60 -36.37 12.08 -5.22
CA GLY M 60 -37.27 12.50 -6.28
C GLY M 60 -37.77 13.89 -6.01
N THR M 61 -38.96 14.21 -6.51
CA THR M 61 -39.52 15.53 -6.31
C THR M 61 -41.04 15.44 -6.35
N ILE M 62 -41.68 16.03 -5.36
CA ILE M 62 -43.12 16.25 -5.37
C ILE M 62 -43.35 17.68 -5.81
N ALA M 63 -44.03 17.87 -6.94
CA ALA M 63 -44.30 19.21 -7.44
C ALA M 63 -45.23 19.95 -6.49
N GLY M 64 -45.00 21.26 -6.35
CA GLY M 64 -45.83 22.05 -5.47
C GLY M 64 -47.25 22.22 -6.00
N GLN M 65 -47.38 22.57 -7.28
CA GLN M 65 -48.67 22.78 -7.94
C GLN M 65 -49.45 23.93 -7.33
N TYR M 66 -48.75 25.01 -6.98
CA TYR M 66 -49.35 26.28 -6.57
C TYR M 66 -50.06 26.90 -7.78
N ARG M 67 -51.38 26.93 -7.78
CA ARG M 67 -52.03 27.42 -8.99
C ARG M 67 -53.43 27.95 -8.68
N VAL M 68 -53.82 28.94 -9.47
CA VAL M 68 -55.19 29.48 -9.40
C VAL M 68 -56.12 28.48 -10.06
N TYR M 69 -57.10 28.00 -9.31
CA TYR M 69 -57.98 26.95 -9.80
C TYR M 69 -59.42 27.39 -10.02
N SER M 70 -59.79 28.59 -9.60
CA SER M 70 -61.18 29.01 -9.66
C SER M 70 -61.25 30.51 -9.86
N GLU M 71 -62.14 30.94 -10.75
CA GLU M 71 -62.43 32.36 -10.97
C GLU M 71 -63.93 32.53 -11.08
N GLU M 72 -64.57 33.00 -10.01
CA GLU M 72 -66.00 33.26 -10.01
C GLU M 72 -66.25 34.73 -10.30
N GLY M 73 -66.03 35.09 -11.55
CA GLY M 73 -66.15 36.47 -11.96
C GLY M 73 -64.88 37.25 -11.73
N ALA M 74 -65.00 38.53 -11.39
CA ALA M 74 -63.84 39.37 -11.15
C ALA M 74 -63.58 39.62 -9.68
N ASN M 75 -64.52 39.30 -8.80
CA ASN M 75 -64.40 39.62 -7.38
C ASN M 75 -64.18 38.40 -6.51
N LYS M 76 -63.94 37.23 -7.09
CA LYS M 76 -63.74 36.02 -6.31
C LYS M 76 -62.74 35.13 -7.03
N SER M 77 -61.82 34.55 -6.28
CA SER M 77 -60.87 33.62 -6.88
C SER M 77 -60.32 32.68 -5.82
N GLY M 78 -59.85 31.54 -6.28
CA GLY M 78 -59.30 30.52 -5.40
C GLY M 78 -57.98 30.00 -5.91
N LEU M 79 -57.09 29.70 -4.97
CA LEU M 79 -55.74 29.24 -5.24
C LEU M 79 -55.49 27.98 -4.43
N ALA M 80 -55.02 26.93 -5.10
CA ALA M 80 -54.63 25.72 -4.40
C ALA M 80 -53.13 25.74 -4.19
N TRP M 81 -52.72 25.44 -2.96
CA TRP M 81 -51.28 25.52 -2.65
C TRP M 81 -50.89 24.41 -1.69
N PRO M 82 -49.65 23.91 -1.77
CA PRO M 82 -49.24 22.77 -0.96
C PRO M 82 -48.84 23.17 0.45
N SER M 83 -49.59 22.69 1.43
CA SER M 83 -49.24 22.95 2.82
C SER M 83 -48.43 21.83 3.45
N ALA M 84 -48.38 20.65 2.84
CA ALA M 84 -47.59 19.56 3.39
C ALA M 84 -47.16 18.61 2.29
N PHE M 85 -45.95 18.09 2.42
CA PHE M 85 -45.45 16.98 1.62
C PHE M 85 -45.11 15.83 2.57
N LYS M 86 -45.49 14.62 2.21
CA LYS M 86 -45.28 13.48 3.10
C LYS M 86 -44.63 12.32 2.36
N VAL M 87 -43.81 11.57 3.09
CA VAL M 87 -43.22 10.33 2.59
C VAL M 87 -43.38 9.27 3.66
N GLN M 88 -43.92 8.12 3.29
CA GLN M 88 -44.14 7.03 4.23
C GLN M 88 -43.65 5.71 3.64
N LEU M 89 -42.98 4.92 4.47
CA LEU M 89 -42.60 3.56 4.15
C LEU M 89 -43.28 2.62 5.13
N GLN M 90 -43.85 1.54 4.62
CA GLN M 90 -44.60 0.63 5.45
C GLN M 90 -44.33 -0.82 5.04
N LEU M 91 -44.07 -1.67 6.02
CA LEU M 91 -43.96 -3.11 5.88
C LEU M 91 -45.24 -3.78 6.33
N PRO M 92 -45.70 -4.80 5.62
CA PRO M 92 -46.87 -5.55 6.08
C PRO M 92 -46.59 -6.27 7.39
N ASP M 93 -47.64 -6.44 8.18
CA ASP M 93 -47.48 -6.93 9.55
C ASP M 93 -47.04 -8.39 9.61
N ASN M 94 -47.21 -9.14 8.52
CA ASN M 94 -46.76 -10.53 8.49
C ASN M 94 -45.28 -10.67 8.17
N GLU M 95 -44.60 -9.59 7.80
CA GLU M 95 -43.19 -9.67 7.47
C GLU M 95 -42.36 -9.87 8.74
N VAL M 96 -41.17 -10.43 8.56
CA VAL M 96 -40.21 -10.56 9.66
C VAL M 96 -39.11 -9.53 9.59
N ALA M 97 -38.96 -8.84 8.46
CA ALA M 97 -38.04 -7.71 8.40
C ALA M 97 -38.57 -6.57 9.26
N GLN M 98 -37.64 -5.81 9.83
CA GLN M 98 -37.99 -4.73 10.75
C GLN M 98 -37.35 -3.44 10.30
N ILE M 99 -38.03 -2.34 10.56
CA ILE M 99 -37.44 -1.03 10.36
C ILE M 99 -36.47 -0.76 11.50
N SER M 100 -35.20 -0.64 11.18
CA SER M 100 -34.14 -0.53 12.16
C SER M 100 -33.74 0.91 12.44
N ASP M 101 -33.57 1.71 11.39
CA ASP M 101 -33.08 3.07 11.59
C ASP M 101 -33.68 4.00 10.57
N TYR M 102 -33.52 5.30 10.79
CA TYR M 102 -34.11 6.30 9.92
C TYR M 102 -33.33 7.60 10.06
N TYR M 103 -33.42 8.43 9.03
CA TYR M 103 -32.76 9.73 9.04
C TYR M 103 -33.44 10.61 8.01
N PRO M 104 -33.64 11.90 8.30
CA PRO M 104 -33.32 12.63 9.53
C PRO M 104 -34.31 12.41 10.66
N ARG M 105 -33.94 12.87 11.84
CA ARG M 105 -34.77 12.76 13.03
C ARG M 105 -35.11 14.17 13.54
N ASN M 106 -35.85 14.22 14.64
CA ASN M 106 -36.28 15.49 15.20
C ASN M 106 -35.19 16.09 16.07
N SER M 107 -34.88 17.36 15.84
CA SER M 107 -33.84 18.05 16.57
C SER M 107 -34.44 18.96 17.62
N ILE M 108 -33.66 19.22 18.67
CA ILE M 108 -34.05 20.19 19.70
C ILE M 108 -33.66 21.58 19.21
N ASP M 109 -34.64 22.47 19.15
CA ASP M 109 -34.40 23.82 18.68
C ASP M 109 -34.03 24.74 19.85
N THR M 110 -33.28 25.78 19.54
CA THR M 110 -32.77 26.69 20.53
C THR M 110 -33.22 28.11 20.24
N LYS M 111 -33.16 28.95 21.27
CA LYS M 111 -33.42 30.36 21.17
C LYS M 111 -32.35 31.10 21.95
N GLU M 112 -32.07 32.33 21.55
CA GLU M 112 -31.09 33.15 22.23
C GLU M 112 -31.81 34.22 23.04
N TYR M 113 -31.48 34.29 24.32
CA TYR M 113 -32.11 35.22 25.25
C TYR M 113 -31.13 36.30 25.62
N MET M 114 -31.61 37.53 25.73
CA MET M 114 -30.76 38.65 26.11
C MET M 114 -31.48 39.52 27.12
N SER M 115 -30.80 39.89 28.19
CA SER M 115 -31.32 40.78 29.20
C SER M 115 -30.50 42.06 29.22
N THR M 116 -31.15 43.17 29.52
CA THR M 116 -30.48 44.46 29.54
C THR M 116 -30.99 45.28 30.72
N LEU M 117 -30.07 45.95 31.41
CA LEU M 117 -30.43 46.86 32.49
C LEU M 117 -29.61 48.13 32.33
N THR M 118 -30.28 49.25 32.15
CA THR M 118 -29.62 50.54 32.00
C THR M 118 -30.11 51.49 33.06
N TYR M 119 -29.22 52.31 33.60
CA TYR M 119 -29.62 53.41 34.45
C TYR M 119 -28.73 54.60 34.15
N GLY M 120 -29.30 55.79 34.29
CA GLY M 120 -28.58 57.00 33.92
C GLY M 120 -29.07 58.20 34.69
N PHE M 121 -28.24 59.25 34.65
CA PHE M 121 -28.55 60.53 35.26
C PHE M 121 -28.27 61.63 34.25
N ASN M 122 -29.06 62.70 34.31
CA ASN M 122 -28.86 63.85 33.48
C ASN M 122 -29.14 65.10 34.29
N SER M 123 -28.61 66.23 33.81
CA SER M 123 -28.88 67.51 34.44
C SER M 123 -28.60 68.60 33.42
N ASN M 124 -29.32 69.71 33.55
CA ASN M 124 -29.08 70.85 32.69
C ASN M 124 -29.37 72.14 33.45
N VAL M 125 -28.80 73.22 32.95
CA VAL M 125 -29.06 74.58 33.43
C VAL M 125 -29.50 75.42 32.25
N THR M 126 -30.51 76.26 32.48
CA THR M 126 -31.09 77.10 31.45
C THR M 126 -31.03 78.56 31.89
N GLY M 127 -30.73 79.45 30.95
CA GLY M 127 -30.64 80.86 31.26
C GLY M 127 -31.12 81.78 30.16
N ASP M 128 -32.03 82.68 30.49
CA ASP M 128 -32.56 83.66 29.55
C ASP M 128 -31.83 84.99 29.68
N ASP M 129 -32.12 85.89 28.74
CA ASP M 129 -31.54 87.22 28.77
C ASP M 129 -32.12 88.10 29.86
N THR M 130 -33.24 87.71 30.46
CA THR M 130 -33.85 88.47 31.55
C THR M 130 -33.36 88.02 32.92
N GLY M 131 -32.22 87.33 32.98
CA GLY M 131 -31.68 86.85 34.24
C GLY M 131 -32.36 85.62 34.80
N LYS M 132 -33.33 85.06 34.09
CA LYS M 132 -34.00 83.85 34.55
C LYS M 132 -33.04 82.66 34.48
N ILE M 133 -32.85 81.98 35.61
CA ILE M 133 -31.96 80.84 35.70
C ILE M 133 -32.75 79.66 36.27
N GLY M 134 -32.68 78.53 35.59
CA GLY M 134 -33.35 77.33 36.05
C GLY M 134 -32.42 76.13 35.94
N GLY M 135 -32.77 75.09 36.70
CA GLY M 135 -31.99 73.87 36.70
C GLY M 135 -32.90 72.66 36.58
N LEU M 136 -32.28 71.53 36.25
CA LEU M 136 -33.01 70.28 36.17
C LEU M 136 -32.04 69.14 36.45
N ILE M 137 -32.47 68.20 37.30
CA ILE M 137 -31.73 66.98 37.59
C ILE M 137 -32.70 65.82 37.46
N GLY M 138 -32.31 64.78 36.72
CA GLY M 138 -33.17 63.65 36.48
C GLY M 138 -32.41 62.35 36.46
N ALA M 139 -33.13 61.26 36.69
CA ALA M 139 -32.58 59.92 36.67
C ALA M 139 -33.57 58.99 35.98
N ASN M 140 -33.05 57.91 35.40
CA ASN M 140 -33.90 56.95 34.72
C ASN M 140 -33.31 55.56 34.81
N VAL M 141 -34.18 54.56 34.70
CA VAL M 141 -33.79 53.16 34.70
C VAL M 141 -34.69 52.42 33.71
N SER M 142 -34.10 51.51 32.94
CA SER M 142 -34.82 50.74 31.94
C SER M 142 -34.37 49.29 31.96
N ILE M 143 -35.33 48.39 31.76
CA ILE M 143 -35.08 46.96 31.72
C ILE M 143 -35.60 46.41 30.40
N GLY M 144 -34.81 45.56 29.76
CA GLY M 144 -35.17 45.02 28.47
C GLY M 144 -34.91 43.53 28.37
N HIS M 145 -35.74 42.87 27.58
CA HIS M 145 -35.58 41.46 27.25
C HIS M 145 -35.69 41.29 25.74
N THR M 146 -34.89 40.39 25.18
CA THR M 146 -34.87 40.14 23.75
C THR M 146 -34.79 38.64 23.52
N LEU M 147 -35.55 38.17 22.54
CA LEU M 147 -35.57 36.76 22.16
C LEU M 147 -35.29 36.66 20.67
N ARG M 148 -34.35 35.79 20.29
CA ARG M 148 -33.98 35.64 18.89
C ARG M 148 -33.97 34.17 18.51
N TYR M 149 -34.59 33.83 17.39
CA TYR M 149 -34.58 32.46 16.91
C TYR M 149 -34.85 32.44 15.41
N VAL M 150 -34.56 31.29 14.80
CA VAL M 150 -34.68 31.10 13.36
C VAL M 150 -36.01 30.42 13.05
N GLN M 151 -36.69 30.90 12.02
CA GLN M 151 -37.95 30.31 11.56
C GLN M 151 -37.84 29.88 10.11
N PRO M 152 -37.75 28.58 9.82
CA PRO M 152 -37.75 28.14 8.43
C PRO M 152 -39.13 28.26 7.80
N ASP M 153 -39.15 28.32 6.46
CA ASP M 153 -40.41 28.36 5.73
C ASP M 153 -41.19 27.06 5.88
N PHE M 154 -40.49 25.94 5.81
CA PHE M 154 -41.08 24.62 5.99
C PHE M 154 -40.28 23.88 7.06
N LYS M 155 -40.97 23.06 7.83
CA LYS M 155 -40.36 22.22 8.85
C LYS M 155 -40.40 20.76 8.41
N THR M 156 -39.26 20.08 8.56
CA THR M 156 -39.15 18.64 8.32
C THR M 156 -39.30 17.91 9.65
N ILE M 157 -40.27 17.01 9.73
CA ILE M 157 -40.62 16.33 10.96
C ILE M 157 -40.62 14.84 10.71
N LEU M 158 -39.93 14.09 11.56
CA LEU M 158 -40.01 12.64 11.56
C LEU M 158 -41.19 12.22 12.43
N GLU M 159 -42.23 11.68 11.83
CA GLU M 159 -43.37 11.18 12.58
C GLU M 159 -42.99 9.89 13.30
N SER M 160 -43.61 9.68 14.46
CA SER M 160 -43.21 8.62 15.39
C SER M 160 -43.22 7.24 14.75
N PRO M 161 -42.06 6.64 14.53
CA PRO M 161 -42.01 5.37 13.81
C PRO M 161 -42.21 4.17 14.70
N THR M 162 -42.57 3.07 14.05
CA THR M 162 -42.66 1.75 14.65
C THR M 162 -41.64 0.86 13.95
N ASP M 163 -41.68 -0.44 14.25
CA ASP M 163 -40.82 -1.36 13.52
C ASP M 163 -41.38 -1.73 12.15
N LYS M 164 -42.60 -1.32 11.83
CA LYS M 164 -43.21 -1.63 10.54
C LYS M 164 -43.43 -0.42 9.64
N LYS M 165 -43.48 0.79 10.18
CA LYS M 165 -43.72 1.95 9.34
C LYS M 165 -42.94 3.15 9.86
N VAL M 166 -42.45 3.95 8.92
CA VAL M 166 -41.72 5.18 9.22
C VAL M 166 -42.23 6.24 8.25
N GLY M 167 -42.14 7.51 8.67
CA GLY M 167 -42.69 8.58 7.86
C GLY M 167 -42.05 9.91 8.19
N TRP M 168 -42.05 10.79 7.20
CA TRP M 168 -41.63 12.17 7.36
C TRP M 168 -42.70 13.08 6.75
N LYS M 169 -42.83 14.27 7.32
CA LYS M 169 -43.67 15.29 6.73
C LYS M 169 -42.95 16.62 6.74
N VAL M 170 -43.04 17.33 5.62
CA VAL M 170 -42.51 18.68 5.48
C VAL M 170 -43.72 19.59 5.41
N ILE M 171 -43.90 20.42 6.43
CA ILE M 171 -45.12 21.19 6.60
C ILE M 171 -44.80 22.67 6.53
N PHE M 172 -45.76 23.44 6.01
CA PHE M 172 -45.60 24.88 5.90
C PHE M 172 -45.61 25.53 7.27
N ASN M 173 -44.59 26.35 7.54
CA ASN M 173 -44.50 27.04 8.82
C ASN M 173 -45.04 28.46 8.77
N ASN M 174 -44.40 29.33 8.01
CA ASN M 174 -44.86 30.70 7.80
C ASN M 174 -44.01 31.31 6.68
N MET M 175 -44.53 32.39 6.09
CA MET M 175 -43.90 32.98 4.93
C MET M 175 -43.96 34.50 5.01
N VAL M 176 -42.93 35.13 4.46
CA VAL M 176 -42.89 36.58 4.33
C VAL M 176 -43.54 36.96 3.00
N ASN M 177 -44.45 37.91 3.05
CA ASN M 177 -45.18 38.36 1.87
C ASN M 177 -44.78 39.79 1.56
N GLN M 178 -43.87 39.96 0.60
CA GLN M 178 -43.40 41.27 0.17
C GLN M 178 -42.89 42.11 1.34
N ASN M 179 -42.00 41.49 2.12
CA ASN M 179 -41.35 42.05 3.31
C ASN M 179 -42.30 42.23 4.48
N TRP M 180 -43.56 41.82 4.38
CA TRP M 180 -44.50 41.86 5.48
C TRP M 180 -44.62 40.48 6.11
N GLY M 181 -45.05 40.44 7.36
CA GLY M 181 -45.36 39.20 8.01
C GLY M 181 -44.40 38.86 9.13
N PRO M 182 -44.10 37.56 9.28
CA PRO M 182 -44.56 36.45 8.45
C PRO M 182 -46.02 36.05 8.70
N TYR M 183 -46.65 35.47 7.68
CA TYR M 183 -48.01 34.99 7.77
C TYR M 183 -48.02 33.46 7.76
N ASP M 184 -49.01 32.89 8.42
CA ASP M 184 -49.17 31.44 8.38
C ASP M 184 -50.60 31.06 8.04
N ARG M 185 -50.93 29.79 8.15
CA ARG M 185 -52.26 29.30 7.78
C ARG M 185 -53.36 29.81 8.71
N ASP M 186 -53.00 30.41 9.84
CA ASP M 186 -53.97 30.86 10.81
C ASP M 186 -53.92 32.36 11.07
N SER M 187 -53.09 33.11 10.33
CA SER M 187 -53.07 34.55 10.48
C SER M 187 -54.44 35.13 10.13
N TRP M 188 -54.93 36.02 10.98
CA TRP M 188 -56.22 36.63 10.74
C TRP M 188 -56.17 38.11 11.08
N ASN M 189 -56.70 38.93 10.19
CA ASN M 189 -56.86 40.35 10.37
C ASN M 189 -58.33 40.69 10.18
N PRO M 190 -58.95 41.47 11.07
CA PRO M 190 -60.38 41.75 10.92
C PRO M 190 -60.73 42.44 9.61
N VAL M 191 -59.82 43.22 9.05
CA VAL M 191 -60.10 43.95 7.82
C VAL M 191 -59.77 43.12 6.60
N TYR M 192 -58.60 42.49 6.57
CA TYR M 192 -58.10 41.82 5.37
C TYR M 192 -58.15 40.30 5.46
N GLY M 193 -58.55 39.72 6.59
CA GLY M 193 -58.55 38.28 6.70
C GLY M 193 -57.14 37.74 6.73
N ASN M 194 -56.90 36.66 5.99
CA ASN M 194 -55.58 36.06 5.87
C ASN M 194 -54.89 36.64 4.65
N GLN M 195 -53.72 37.26 4.86
CA GLN M 195 -52.98 37.90 3.79
C GLN M 195 -51.77 37.08 3.35
N LEU M 196 -51.89 35.75 3.36
CA LEU M 196 -50.77 34.89 2.99
C LEU M 196 -50.29 35.16 1.58
N PHE M 197 -51.21 35.15 0.62
CA PHE M 197 -50.86 35.28 -0.79
C PHE M 197 -51.58 36.45 -1.46
N MET M 198 -51.97 37.45 -0.68
CA MET M 198 -52.51 38.68 -1.23
C MET M 198 -51.40 39.49 -1.87
N LYS M 199 -51.60 39.91 -3.11
CA LYS M 199 -50.61 40.77 -3.75
C LYS M 199 -50.81 42.23 -3.36
N THR M 200 -52.04 42.73 -3.49
CA THR M 200 -52.37 44.09 -3.12
C THR M 200 -53.56 44.09 -2.19
N ARG M 201 -53.57 45.05 -1.25
CA ARG M 201 -54.65 45.11 -0.28
C ARG M 201 -55.94 45.68 -0.88
N ASN M 202 -55.83 46.66 -1.78
CA ASN M 202 -57.02 47.25 -2.37
C ASN M 202 -56.86 47.54 -3.84
N GLY M 203 -55.99 46.79 -4.53
CA GLY M 203 -55.81 46.99 -5.95
C GLY M 203 -57.09 46.70 -6.72
N SER M 204 -57.28 47.44 -7.80
CA SER M 204 -58.48 47.33 -8.62
C SER M 204 -58.12 46.49 -9.84
N MET M 205 -58.37 45.19 -9.74
CA MET M 205 -58.07 44.25 -10.82
C MET M 205 -58.92 43.02 -10.61
N LYS M 206 -58.78 42.06 -11.52
CA LYS M 206 -59.47 40.79 -11.36
C LYS M 206 -58.90 40.05 -10.16
N ALA M 207 -59.76 39.28 -9.49
CA ALA M 207 -59.33 38.55 -8.30
C ALA M 207 -58.25 37.54 -8.64
N ALA M 208 -58.35 36.90 -9.81
CA ALA M 208 -57.37 35.90 -10.20
C ALA M 208 -55.98 36.50 -10.41
N ASP M 209 -55.89 37.81 -10.55
CA ASP M 209 -54.61 38.49 -10.76
C ASP M 209 -54.08 39.12 -9.49
N ASN M 210 -54.70 38.86 -8.34
CA ASN M 210 -54.30 39.48 -7.08
C ASN M 210 -53.57 38.51 -6.18
N PHE M 211 -53.14 37.37 -6.70
CA PHE M 211 -52.39 36.41 -5.90
C PHE M 211 -50.89 36.67 -6.05
N LEU M 212 -50.16 36.38 -4.99
CA LEU M 212 -48.72 36.58 -4.99
C LEU M 212 -48.06 35.78 -6.11
N ASP M 213 -47.09 36.40 -6.76
CA ASP M 213 -46.38 35.74 -7.85
C ASP M 213 -45.56 34.57 -7.30
N PRO M 214 -45.60 33.40 -7.92
CA PRO M 214 -44.86 32.25 -7.39
C PRO M 214 -43.36 32.47 -7.30
N ASN M 215 -42.79 33.34 -8.13
CA ASN M 215 -41.37 33.64 -8.01
C ASN M 215 -41.04 34.41 -6.74
N LYS M 216 -42.01 35.11 -6.16
CA LYS M 216 -41.79 35.88 -4.94
C LYS M 216 -42.08 35.08 -3.68
N ALA M 217 -42.47 33.83 -3.80
CA ALA M 217 -42.73 32.96 -2.66
C ALA M 217 -41.64 31.89 -2.59
N SER M 218 -41.80 30.99 -1.62
CA SER M 218 -40.91 29.85 -1.52
C SER M 218 -40.96 29.02 -2.80
N SER M 219 -39.79 28.56 -3.25
CA SER M 219 -39.75 27.73 -4.44
C SER M 219 -40.43 26.39 -4.21
N LEU M 220 -40.59 25.97 -2.96
CA LEU M 220 -41.31 24.74 -2.66
C LEU M 220 -42.78 24.83 -3.01
N LEU M 221 -43.36 26.02 -3.04
CA LEU M 221 -44.79 26.14 -3.29
C LEU M 221 -45.13 25.81 -4.73
N SER M 222 -44.31 26.23 -5.68
CA SER M 222 -44.58 25.99 -7.09
C SER M 222 -43.72 24.88 -7.69
N SER M 223 -42.41 24.98 -7.56
CA SER M 223 -41.53 24.00 -8.19
C SER M 223 -41.54 22.68 -7.42
N GLY M 224 -41.63 22.72 -6.11
CA GLY M 224 -41.87 21.52 -5.34
C GLY M 224 -40.68 21.15 -4.47
N PHE M 225 -40.87 20.04 -3.76
CA PHE M 225 -39.97 19.60 -2.70
C PHE M 225 -39.28 18.31 -3.12
N SER M 226 -38.00 18.20 -2.79
CA SER M 226 -37.22 17.00 -3.10
C SER M 226 -36.90 16.23 -1.83
N PRO M 227 -37.53 15.10 -1.58
CA PRO M 227 -37.23 14.31 -0.38
C PRO M 227 -35.81 13.76 -0.41
N ASP M 228 -35.22 13.63 0.76
CA ASP M 228 -33.89 13.03 0.90
C ASP M 228 -33.84 12.11 2.12
N PHE M 229 -34.80 11.19 2.24
CA PHE M 229 -34.93 10.45 3.49
C PHE M 229 -34.30 9.07 3.38
N ALA M 230 -33.86 8.53 4.52
CA ALA M 230 -33.17 7.25 4.55
C ALA M 230 -33.80 6.36 5.62
N THR M 231 -34.02 5.10 5.26
CA THR M 231 -34.52 4.08 6.17
C THR M 231 -33.58 2.88 6.10
N VAL M 232 -33.38 2.22 7.23
CA VAL M 232 -32.58 1.01 7.31
C VAL M 232 -33.48 -0.10 7.80
N ILE M 233 -33.56 -1.19 7.02
CA ILE M 233 -34.38 -2.36 7.30
C ILE M 233 -33.47 -3.54 7.55
N THR M 234 -33.72 -4.27 8.62
CA THR M 234 -32.91 -5.42 9.01
C THR M 234 -33.65 -6.72 8.74
N MET M 235 -32.89 -7.77 8.46
CA MET M 235 -33.44 -9.08 8.19
C MET M 235 -32.54 -10.15 8.80
N ASP M 236 -33.16 -11.17 9.39
CA ASP M 236 -32.41 -12.33 9.89
C ASP M 236 -31.83 -13.14 8.75
N ARG M 237 -30.63 -13.67 8.96
CA ARG M 237 -29.93 -14.37 7.89
C ARG M 237 -30.51 -15.76 7.62
N CYS M 238 -30.91 -16.48 8.65
CA CYS M 238 -31.46 -17.83 8.48
C CYS M 238 -32.98 -17.83 8.59
N ALA M 239 -33.62 -16.77 8.11
CA ALA M 239 -35.07 -16.76 8.00
C ALA M 239 -35.51 -17.65 6.85
N SER M 240 -36.68 -18.28 7.02
CA SER M 240 -37.16 -19.22 6.00
C SER M 240 -37.49 -18.50 4.70
N LYS M 241 -38.28 -17.43 4.77
CA LYS M 241 -38.66 -16.66 3.59
C LYS M 241 -37.73 -15.46 3.44
N GLN M 242 -37.12 -15.33 2.28
CA GLN M 242 -36.16 -14.26 2.02
C GLN M 242 -36.71 -13.26 1.01
N GLN M 243 -38.01 -13.01 1.05
CA GLN M 243 -38.67 -12.04 0.19
C GLN M 243 -39.53 -11.14 1.06
N THR M 244 -39.43 -9.83 0.83
CA THR M 244 -40.20 -8.84 1.59
C THR M 244 -40.97 -7.94 0.63
N ASN M 245 -42.10 -7.43 1.09
CA ASN M 245 -42.83 -6.40 0.39
C ASN M 245 -42.73 -5.10 1.19
N ILE M 246 -42.60 -3.98 0.48
CA ILE M 246 -42.62 -2.69 1.15
C ILE M 246 -43.41 -1.70 0.32
N ASP M 247 -44.23 -0.90 0.99
CA ASP M 247 -45.01 0.15 0.35
C ASP M 247 -44.35 1.50 0.61
N VAL M 248 -44.20 2.29 -0.45
CA VAL M 248 -43.70 3.65 -0.37
C VAL M 248 -44.78 4.58 -0.88
N ILE M 249 -45.15 5.57 -0.07
CA ILE M 249 -46.23 6.50 -0.39
C ILE M 249 -45.67 7.91 -0.37
N TYR M 250 -45.98 8.68 -1.41
CA TYR M 250 -45.73 10.10 -1.47
C TYR M 250 -47.06 10.84 -1.39
N GLU M 251 -47.11 11.92 -0.62
CA GLU M 251 -48.34 12.65 -0.44
C GLU M 251 -48.12 14.14 -0.61
N ARG M 252 -49.16 14.82 -1.07
CA ARG M 252 -49.21 16.27 -1.10
C ARG M 252 -50.56 16.71 -0.56
N VAL M 253 -50.57 17.49 0.51
CA VAL M 253 -51.78 18.07 1.06
C VAL M 253 -51.88 19.50 0.54
N ARG M 254 -53.05 19.87 0.03
CA ARG M 254 -53.25 21.17 -0.58
C ARG M 254 -54.35 21.93 0.15
N ASP M 255 -54.04 23.15 0.52
CA ASP M 255 -54.96 24.12 1.10
C ASP M 255 -55.58 24.97 0.01
N ASP M 256 -56.68 25.63 0.36
CA ASP M 256 -57.47 26.42 -0.55
C ASP M 256 -57.54 27.86 -0.03
N TYR M 257 -56.85 28.78 -0.70
CA TYR M 257 -56.80 30.18 -0.31
C TYR M 257 -57.67 30.99 -1.26
N GLN M 258 -58.68 31.67 -0.70
CA GLN M 258 -59.65 32.40 -1.50
C GLN M 258 -59.53 33.89 -1.26
N LEU M 259 -59.60 34.65 -2.34
CA LEU M 259 -59.64 36.11 -2.29
C LEU M 259 -61.01 36.57 -2.76
N HIS M 260 -61.60 37.51 -2.02
CA HIS M 260 -62.86 38.09 -2.47
C HIS M 260 -62.88 39.57 -2.14
N TRP M 261 -63.63 40.32 -2.95
CA TRP M 261 -63.72 41.77 -2.83
C TRP M 261 -64.84 42.12 -1.88
N THR M 262 -64.52 42.90 -0.85
CA THR M 262 -65.49 43.33 0.15
C THR M 262 -65.95 44.77 -0.05
N SER M 263 -65.95 45.24 -1.30
CA SER M 263 -66.44 46.55 -1.68
C SER M 263 -65.53 47.67 -1.23
N THR M 264 -64.51 47.35 -0.43
CA THR M 264 -63.56 48.36 0.01
C THR M 264 -62.13 47.86 -0.17
N ASN M 265 -61.92 46.56 -0.03
CA ASN M 265 -60.58 45.99 -0.11
C ASN M 265 -60.72 44.49 -0.33
N TRP M 266 -59.59 43.83 -0.54
CA TRP M 266 -59.55 42.38 -0.69
C TRP M 266 -59.51 41.70 0.67
N LYS M 267 -60.15 40.54 0.74
CA LYS M 267 -60.14 39.73 1.95
C LYS M 267 -59.78 38.31 1.57
N GLY M 268 -58.86 37.71 2.31
CA GLY M 268 -58.38 36.37 2.04
C GLY M 268 -58.74 35.42 3.17
N THR M 269 -59.15 34.20 2.80
CA THR M 269 -59.45 33.16 3.77
C THR M 269 -58.78 31.87 3.32
N ASN M 270 -58.14 31.17 4.25
CA ASN M 270 -57.47 29.92 3.97
C ASN M 270 -58.24 28.76 4.58
N THR M 271 -58.45 27.71 3.78
CA THR M 271 -59.09 26.48 4.23
C THR M 271 -58.05 25.37 4.22
N LYS M 272 -57.91 24.68 5.34
CA LYS M 272 -56.83 23.74 5.55
C LYS M 272 -57.17 22.36 5.00
N ASP M 273 -56.18 21.72 4.39
CA ASP M 273 -56.24 20.31 4.00
C ASP M 273 -57.47 20.02 3.13
N LYS M 274 -57.69 20.87 2.14
CA LYS M 274 -58.83 20.69 1.27
C LYS M 274 -58.66 19.49 0.35
N TRP M 275 -57.45 19.27 -0.18
CA TRP M 275 -57.20 18.16 -1.08
C TRP M 275 -56.00 17.36 -0.61
N THR M 276 -55.97 16.09 -0.98
CA THR M 276 -54.82 15.24 -0.72
C THR M 276 -54.54 14.36 -1.93
N ASP M 277 -53.30 14.39 -2.39
CA ASP M 277 -52.85 13.57 -3.51
C ASP M 277 -51.92 12.50 -2.97
N ARG M 278 -52.28 11.25 -3.19
CA ARG M 278 -51.53 10.10 -2.69
C ARG M 278 -51.01 9.28 -3.87
N SER M 279 -49.73 8.93 -3.82
CA SER M 279 -49.12 8.09 -4.84
C SER M 279 -48.41 6.95 -4.12
N SER M 280 -48.94 5.74 -4.25
CA SER M 280 -48.43 4.58 -3.55
C SER M 280 -47.76 3.62 -4.53
N GLU M 281 -46.73 2.93 -4.05
CA GLU M 281 -46.00 1.99 -4.88
C GLU M 281 -45.51 0.83 -4.04
N ARG M 282 -45.73 -0.39 -4.53
CA ARG M 282 -45.28 -1.59 -3.84
C ARG M 282 -43.99 -2.11 -4.47
N TYR M 283 -43.04 -2.47 -3.63
CA TYR M 283 -41.75 -2.98 -4.06
C TYR M 283 -41.51 -4.35 -3.46
N LYS M 284 -40.82 -5.19 -4.21
CA LYS M 284 -40.39 -6.51 -3.78
C LYS M 284 -38.89 -6.47 -3.50
N ILE M 285 -38.51 -6.95 -2.33
CA ILE M 285 -37.12 -7.06 -1.91
C ILE M 285 -36.76 -8.54 -1.92
N ASP M 286 -35.77 -8.89 -2.73
CA ASP M 286 -35.19 -10.23 -2.74
C ASP M 286 -33.85 -10.14 -2.03
N TRP M 287 -33.79 -10.73 -0.83
CA TRP M 287 -32.58 -10.65 -0.01
C TRP M 287 -31.47 -11.56 -0.52
N GLU M 288 -31.81 -12.72 -1.08
CA GLU M 288 -30.78 -13.60 -1.61
C GLU M 288 -30.16 -13.04 -2.87
N LYS M 289 -30.98 -12.63 -3.82
CA LYS M 289 -30.46 -11.99 -5.02
C LYS M 289 -29.97 -10.58 -4.76
N GLU M 290 -30.33 -9.99 -3.61
CA GLU M 290 -29.98 -8.62 -3.28
C GLU M 290 -30.47 -7.66 -4.34
N GLU M 291 -31.78 -7.73 -4.62
CA GLU M 291 -32.35 -6.84 -5.62
C GLU M 291 -33.70 -6.34 -5.15
N MET M 292 -34.15 -5.26 -5.77
CA MET M 292 -35.41 -4.61 -5.44
C MET M 292 -36.12 -4.30 -6.75
N THR M 293 -37.38 -4.69 -6.86
CA THR M 293 -38.12 -4.52 -8.10
C THR M 293 -39.51 -3.96 -7.80
N ASN M 294 -40.17 -3.47 -8.84
CA ASN M 294 -41.56 -3.05 -8.74
C ASN M 294 -42.49 -4.23 -8.96
N ALA N 2 -5.96 16.76 23.63
CA ALA N 2 -5.81 15.60 22.75
C ALA N 2 -4.38 15.10 22.78
N ASP N 3 -4.11 14.07 21.97
CA ASP N 3 -2.76 13.50 21.92
C ASP N 3 -1.75 14.52 21.42
N SER N 4 -2.11 15.29 20.39
CA SER N 4 -1.18 16.27 19.82
C SER N 4 -0.81 17.35 20.82
N ASP N 5 -1.63 17.56 21.85
CA ASP N 5 -1.29 18.53 22.88
C ASP N 5 -0.18 18.04 23.79
N ILE N 6 0.08 16.74 23.83
CA ILE N 6 1.14 16.20 24.68
C ILE N 6 2.18 15.51 23.80
N ASN N 7 2.32 15.97 22.56
CA ASN N 7 3.36 15.52 21.63
C ASN N 7 3.24 14.05 21.27
N ILE N 8 2.02 13.57 21.06
CA ILE N 8 1.78 12.16 20.74
C ILE N 8 0.98 12.10 19.45
N LYS N 9 1.34 11.13 18.60
CA LYS N 9 0.64 10.95 17.33
C LYS N 9 -0.86 10.77 17.56
N THR N 10 -1.64 11.35 16.66
CA THR N 10 -3.10 11.29 16.78
C THR N 10 -3.59 9.85 16.70
N GLY N 11 -4.46 9.47 17.63
CA GLY N 11 -5.02 8.13 17.65
C GLY N 11 -4.11 7.07 18.19
N THR N 12 -2.95 7.44 18.75
CA THR N 12 -2.01 6.44 19.26
C THR N 12 -2.61 5.68 20.43
N THR N 13 -3.31 6.36 21.32
CA THR N 13 -3.79 5.78 22.56
C THR N 13 -5.22 5.27 22.48
N ASP N 14 -5.80 5.21 21.29
CA ASP N 14 -7.18 4.77 21.13
C ASP N 14 -7.27 3.24 21.02
N ILE N 15 -8.45 2.72 21.28
CA ILE N 15 -8.71 1.29 21.28
C ILE N 15 -9.33 0.89 19.94
N GLY N 16 -9.00 -0.29 19.47
CA GLY N 16 -9.65 -0.89 18.33
C GLY N 16 -8.87 -0.96 17.04
N SER N 17 -7.55 -0.85 17.09
CA SER N 17 -6.73 -1.00 15.89
C SER N 17 -6.44 -2.47 15.63
N ASN N 18 -6.58 -2.88 14.37
CA ASN N 18 -6.31 -4.26 13.95
C ASN N 18 -7.17 -5.25 14.73
N THR N 19 -8.43 -4.89 14.95
CA THR N 19 -9.36 -5.71 15.71
C THR N 19 -10.58 -6.03 14.83
N THR N 20 -11.10 -7.22 14.99
CA THR N 20 -12.37 -7.59 14.38
C THR N 20 -13.49 -7.25 15.37
N VAL N 21 -14.39 -6.38 14.94
CA VAL N 21 -15.47 -5.89 15.81
C VAL N 21 -16.75 -6.62 15.41
N LYS N 22 -17.46 -7.12 16.40
CA LYS N 22 -18.70 -7.86 16.14
C LYS N 22 -19.89 -6.96 16.50
N THR N 23 -20.64 -6.53 15.49
CA THR N 23 -21.73 -5.60 15.70
C THR N 23 -23.08 -6.30 15.55
N GLY N 24 -24.10 -5.66 16.07
CA GLY N 24 -25.45 -6.20 15.96
C GLY N 24 -26.51 -5.18 16.29
N ASP N 25 -27.73 -5.48 15.84
CA ASP N 25 -28.90 -4.64 16.08
C ASP N 25 -30.01 -5.48 16.71
N LEU N 26 -30.66 -4.92 17.72
CA LEU N 26 -31.85 -5.52 18.31
C LEU N 26 -32.96 -4.49 18.33
N VAL N 27 -34.10 -4.81 17.74
CA VAL N 27 -35.19 -3.88 17.55
C VAL N 27 -36.44 -4.42 18.23
N THR N 28 -37.06 -3.59 19.07
CA THR N 28 -38.34 -3.91 19.67
C THR N 28 -39.28 -2.74 19.47
N TYR N 29 -40.57 -3.01 19.34
CA TYR N 29 -41.58 -1.96 19.36
C TYR N 29 -42.57 -2.26 20.46
N ASP N 30 -42.69 -1.35 21.41
CA ASP N 30 -43.68 -1.40 22.47
C ASP N 30 -44.89 -0.59 22.02
N LYS N 31 -45.97 -1.29 21.70
CA LYS N 31 -47.16 -0.63 21.17
C LYS N 31 -47.93 0.11 22.25
N GLU N 32 -48.03 -0.48 23.45
CA GLU N 32 -48.78 0.19 24.51
C GLU N 32 -48.13 1.50 24.93
N ASN N 33 -46.81 1.52 25.00
CA ASN N 33 -46.07 2.72 25.40
C ASN N 33 -45.62 3.55 24.22
N GLY N 34 -45.81 3.07 22.99
CA GLY N 34 -45.41 3.81 21.81
C GLY N 34 -43.92 4.06 21.73
N MET N 35 -43.10 3.04 21.98
CA MET N 35 -41.65 3.20 22.04
C MET N 35 -41.00 2.28 21.02
N HIS N 36 -40.20 2.84 20.12
CA HIS N 36 -39.41 2.06 19.19
C HIS N 36 -38.00 2.00 19.77
N LYS N 37 -37.65 0.87 20.37
CA LYS N 37 -36.38 0.72 21.06
C LYS N 37 -35.39 0.00 20.17
N LYS N 38 -34.18 0.54 20.04
CA LYS N 38 -33.17 -0.07 19.21
C LYS N 38 -31.85 -0.08 19.96
N VAL N 39 -31.21 -1.24 20.01
CA VAL N 39 -29.89 -1.38 20.61
C VAL N 39 -28.92 -1.73 19.50
N PHE N 40 -27.88 -0.92 19.36
CA PHE N 40 -26.80 -1.23 18.44
C PHE N 40 -25.56 -1.54 19.28
N TYR N 41 -25.11 -2.78 19.23
CA TYR N 41 -24.01 -3.20 20.08
C TYR N 41 -22.78 -3.51 19.23
N SER N 42 -21.61 -3.31 19.84
CA SER N 42 -20.34 -3.65 19.22
C SER N 42 -19.44 -4.30 20.27
N PHE N 43 -18.94 -5.49 19.94
CA PHE N 43 -17.97 -6.19 20.77
C PHE N 43 -16.58 -5.90 20.23
N ILE N 44 -15.71 -5.39 21.09
CA ILE N 44 -14.33 -5.09 20.76
C ILE N 44 -13.46 -5.87 21.73
N ASP N 45 -12.68 -6.81 21.19
CA ASP N 45 -11.71 -7.57 21.96
C ASP N 45 -10.34 -7.22 21.40
N ASP N 46 -9.76 -6.14 21.91
CA ASP N 46 -8.45 -5.68 21.51
C ASP N 46 -7.41 -6.40 22.36
N LYS N 47 -6.44 -7.04 21.70
CA LYS N 47 -5.44 -7.80 22.42
C LYS N 47 -4.55 -6.90 23.27
N ASN N 48 -4.38 -5.65 22.86
CA ASN N 48 -3.55 -4.71 23.59
C ASN N 48 -4.29 -4.01 24.72
N HIS N 49 -5.59 -4.23 24.85
CA HIS N 49 -6.39 -3.68 25.93
C HIS N 49 -6.57 -4.73 27.02
N ASN N 50 -6.64 -4.26 28.27
CA ASN N 50 -6.65 -5.17 29.39
C ASN N 50 -8.02 -5.79 29.66
N LYS N 51 -9.03 -5.50 28.82
CA LYS N 51 -10.38 -5.98 29.07
C LYS N 51 -11.12 -6.13 27.75
N LYS N 52 -12.22 -6.87 27.79
CA LYS N 52 -13.17 -6.94 26.70
C LYS N 52 -14.16 -5.79 26.81
N LEU N 53 -14.43 -5.13 25.69
CA LEU N 53 -15.34 -3.99 25.65
C LEU N 53 -16.61 -4.34 24.90
N LEU N 54 -17.74 -3.88 25.43
CA LEU N 54 -19.00 -3.87 24.72
C LEU N 54 -19.53 -2.45 24.69
N VAL N 55 -19.71 -1.90 23.50
CA VAL N 55 -20.30 -0.59 23.32
C VAL N 55 -21.76 -0.77 22.96
N ILE N 56 -22.65 -0.24 23.80
CA ILE N 56 -24.09 -0.30 23.58
C ILE N 56 -24.58 1.09 23.26
N ARG N 57 -25.18 1.26 22.09
CA ARG N 57 -25.83 2.51 21.72
C ARG N 57 -27.33 2.31 21.78
N THR N 58 -27.98 3.05 22.66
CA THR N 58 -29.43 3.07 22.75
C THR N 58 -29.96 4.14 21.82
N LYS N 59 -30.86 3.73 20.92
CA LYS N 59 -31.45 4.56 19.90
C LYS N 59 -32.91 4.18 19.77
N GLY N 60 -33.54 4.70 18.73
CA GLY N 60 -34.96 4.49 18.54
C GLY N 60 -35.69 5.80 18.69
N THR N 61 -36.95 5.74 19.08
CA THR N 61 -37.76 6.94 19.25
C THR N 61 -38.82 6.69 20.30
N ILE N 62 -38.91 7.60 21.26
CA ILE N 62 -40.02 7.65 22.20
C ILE N 62 -41.01 8.67 21.67
N ALA N 63 -42.23 8.23 21.38
CA ALA N 63 -43.25 9.15 20.87
C ALA N 63 -43.62 10.17 21.93
N GLY N 64 -43.87 11.40 21.48
CA GLY N 64 -44.26 12.45 22.41
C GLY N 64 -45.63 12.22 23.01
N GLN N 65 -46.61 11.92 22.17
CA GLN N 65 -48.00 11.66 22.58
C GLN N 65 -48.65 12.88 23.23
N TYR N 66 -48.38 14.05 22.65
CA TYR N 66 -49.06 15.30 23.02
C TYR N 66 -50.51 15.22 22.56
N ARG N 67 -51.46 15.13 23.48
CA ARG N 67 -52.82 14.93 23.01
C ARG N 67 -53.83 15.40 24.03
N VAL N 68 -54.96 15.89 23.53
CA VAL N 68 -56.10 16.25 24.36
C VAL N 68 -56.76 14.98 24.86
N TYR N 69 -56.85 14.82 26.17
CA TYR N 69 -57.34 13.58 26.74
C TYR N 69 -58.65 13.72 27.49
N SER N 70 -59.11 14.94 27.76
CA SER N 70 -60.29 15.13 28.59
C SER N 70 -61.07 16.34 28.09
N GLU N 71 -62.38 16.20 28.01
CA GLU N 71 -63.28 17.29 27.64
C GLU N 71 -64.46 17.26 28.58
N GLU N 72 -64.48 18.17 29.56
CA GLU N 72 -65.60 18.29 30.49
C GLU N 72 -66.47 19.45 30.02
N GLY N 73 -67.26 19.18 28.98
CA GLY N 73 -68.06 20.23 28.39
C GLY N 73 -67.22 21.17 27.55
N ALA N 74 -67.77 22.36 27.30
CA ALA N 74 -67.11 23.34 26.45
C ALA N 74 -66.17 24.25 27.21
N ASN N 75 -66.16 24.20 28.54
CA ASN N 75 -65.43 25.16 29.35
C ASN N 75 -64.24 24.56 30.08
N LYS N 76 -63.97 23.27 29.92
CA LYS N 76 -62.87 22.63 30.61
C LYS N 76 -62.24 21.58 29.70
N SER N 77 -60.92 21.54 29.67
CA SER N 77 -60.25 20.52 28.87
C SER N 77 -58.88 20.24 29.43
N GLY N 78 -58.35 19.07 29.08
CA GLY N 78 -57.05 18.66 29.57
C GLY N 78 -56.19 18.09 28.46
N LEU N 79 -54.90 18.36 28.53
CA LEU N 79 -53.93 17.95 27.54
C LEU N 79 -52.78 17.25 28.24
N ALA N 80 -52.43 16.06 27.76
CA ALA N 80 -51.28 15.35 28.28
C ALA N 80 -50.08 15.61 27.38
N TRP N 81 -48.94 15.96 27.98
CA TRP N 81 -47.79 16.31 27.16
C TRP N 81 -46.52 15.80 27.83
N PRO N 82 -45.49 15.47 27.04
CA PRO N 82 -44.27 14.87 27.60
C PRO N 82 -43.32 15.91 28.16
N SER N 83 -43.09 15.86 29.46
CA SER N 83 -42.14 16.77 30.08
C SER N 83 -40.75 16.16 30.23
N ALA N 84 -40.60 14.85 30.11
CA ALA N 84 -39.29 14.23 30.22
C ALA N 84 -39.27 12.89 29.47
N PHE N 85 -38.13 12.62 28.85
CA PHE N 85 -37.81 11.32 28.27
C PHE N 85 -36.57 10.78 28.98
N LYS N 86 -36.57 9.50 29.33
CA LYS N 86 -35.47 8.95 30.10
C LYS N 86 -34.98 7.64 29.48
N VAL N 87 -33.67 7.41 29.57
CA VAL N 87 -33.07 6.16 29.15
C VAL N 87 -32.11 5.69 30.23
N GLN N 88 -32.29 4.47 30.72
CA GLN N 88 -31.46 3.93 31.78
C GLN N 88 -30.96 2.54 31.43
N LEU N 89 -29.68 2.31 31.69
CA LEU N 89 -29.09 0.99 31.59
C LEU N 89 -28.64 0.54 32.97
N GLN N 90 -28.94 -0.71 33.32
CA GLN N 90 -28.61 -1.21 34.64
C GLN N 90 -28.09 -2.63 34.56
N LEU N 91 -27.01 -2.90 35.27
CA LEU N 91 -26.44 -4.21 35.49
C LEU N 91 -26.82 -4.72 36.87
N PRO N 92 -27.18 -6.00 37.00
CA PRO N 92 -27.46 -6.56 38.32
C PRO N 92 -26.21 -6.54 39.19
N ASP N 93 -26.42 -6.43 40.50
CA ASP N 93 -25.32 -6.20 41.42
C ASP N 93 -24.38 -7.39 41.55
N ASN N 94 -24.81 -8.59 41.15
CA ASN N 94 -23.95 -9.75 41.21
C ASN N 94 -23.06 -9.91 39.99
N GLU N 95 -23.23 -9.07 38.98
CA GLU N 95 -22.40 -9.16 37.78
C GLU N 95 -21.00 -8.66 38.07
N VAL N 96 -20.03 -9.16 37.31
CA VAL N 96 -18.66 -8.68 37.40
C VAL N 96 -18.33 -7.67 36.30
N ALA N 97 -19.16 -7.56 35.28
CA ALA N 97 -18.98 -6.52 34.29
C ALA N 97 -19.27 -5.16 34.91
N GLN N 98 -18.63 -4.13 34.38
CA GLN N 98 -18.74 -2.79 34.94
C GLN N 98 -19.03 -1.79 33.84
N ILE N 99 -19.79 -0.77 34.18
CA ILE N 99 -19.98 0.36 33.28
C ILE N 99 -18.72 1.20 33.32
N SER N 100 -18.06 1.32 32.19
CA SER N 100 -16.77 1.98 32.10
C SER N 100 -16.86 3.39 31.54
N ASP N 101 -17.68 3.61 30.53
CA ASP N 101 -17.75 4.94 29.94
C ASP N 101 -19.16 5.22 29.44
N TYR N 102 -19.43 6.48 29.13
CA TYR N 102 -20.75 6.90 28.71
C TYR N 102 -20.63 8.18 27.91
N TYR N 103 -21.64 8.43 27.07
CA TYR N 103 -21.66 9.63 26.26
C TYR N 103 -23.08 9.89 25.79
N PRO N 104 -23.54 11.15 25.77
CA PRO N 104 -22.86 12.37 26.17
C PRO N 104 -22.81 12.61 27.68
N ARG N 105 -22.01 13.57 28.09
CA ARG N 105 -21.87 13.96 29.48
C ARG N 105 -22.38 15.38 29.67
N ASN N 106 -22.25 15.88 30.90
CA ASN N 106 -22.70 17.23 31.23
C ASN N 106 -21.60 18.23 30.92
N SER N 107 -21.93 19.25 30.13
CA SER N 107 -20.98 20.28 29.77
C SER N 107 -21.27 21.56 30.53
N ILE N 108 -20.25 22.41 30.60
CA ILE N 108 -20.34 23.69 31.29
C ILE N 108 -20.92 24.72 30.32
N ASP N 109 -22.00 25.37 30.71
CA ASP N 109 -22.65 26.37 29.90
C ASP N 109 -22.05 27.74 30.16
N THR N 110 -22.08 28.58 29.14
CA THR N 110 -21.47 29.91 29.20
C THR N 110 -22.51 30.97 28.92
N LYS N 111 -22.18 32.20 29.32
CA LYS N 111 -22.99 33.37 29.00
C LYS N 111 -22.04 34.48 28.58
N GLU N 112 -22.56 35.41 27.80
CA GLU N 112 -21.81 36.56 27.33
C GLU N 112 -22.26 37.78 28.10
N TYR N 113 -21.31 38.50 28.68
CA TYR N 113 -21.57 39.67 29.48
C TYR N 113 -21.08 40.91 28.75
N MET N 114 -21.83 41.99 28.84
CA MET N 114 -21.46 43.23 28.18
C MET N 114 -21.71 44.40 29.12
N SER N 115 -20.72 45.27 29.28
CA SER N 115 -20.84 46.48 30.07
C SER N 115 -20.71 47.70 29.18
N THR N 116 -21.49 48.73 29.47
CA THR N 116 -21.48 49.95 28.68
C THR N 116 -21.46 51.16 29.61
N LEU N 117 -20.70 52.17 29.25
CA LEU N 117 -20.62 53.42 30.00
C LEU N 117 -20.54 54.55 28.99
N THR N 118 -21.58 55.37 28.93
CA THR N 118 -21.58 56.46 27.97
C THR N 118 -21.96 57.77 28.65
N TYR N 119 -21.26 58.84 28.30
CA TYR N 119 -21.55 60.16 28.82
C TYR N 119 -21.56 61.15 27.68
N GLY N 120 -22.30 62.24 27.86
CA GLY N 120 -22.43 63.21 26.79
C GLY N 120 -22.81 64.58 27.30
N PHE N 121 -22.65 65.56 26.40
CA PHE N 121 -22.99 66.94 26.65
C PHE N 121 -23.84 67.46 25.50
N ASN N 122 -24.78 68.34 25.83
CA ASN N 122 -25.61 68.98 24.82
C ASN N 122 -25.77 70.45 25.17
N SER N 123 -26.08 71.24 24.16
CA SER N 123 -26.28 72.68 24.35
C SER N 123 -27.20 73.16 23.23
N ASN N 124 -28.02 74.16 23.55
CA ASN N 124 -28.85 74.78 22.52
C ASN N 124 -29.12 76.22 22.88
N VAL N 125 -29.47 77.00 21.85
CA VAL N 125 -29.88 78.38 21.99
C VAL N 125 -31.21 78.56 21.28
N THR N 126 -32.14 79.25 21.93
CA THR N 126 -33.47 79.49 21.39
C THR N 126 -33.73 80.97 21.27
N GLY N 127 -34.45 81.36 20.23
CA GLY N 127 -34.75 82.76 19.99
C GLY N 127 -36.08 83.00 19.31
N ASP N 128 -36.89 83.89 19.88
CA ASP N 128 -38.19 84.25 19.32
C ASP N 128 -38.10 85.56 18.54
N ASP N 129 -39.20 85.89 17.88
CA ASP N 129 -39.28 87.13 17.12
C ASP N 129 -39.36 88.36 18.02
N THR N 130 -39.65 88.19 19.32
CA THR N 130 -39.73 89.30 20.25
C THR N 130 -38.41 89.58 20.95
N GLY N 131 -37.30 89.10 20.40
CA GLY N 131 -35.99 89.31 20.98
C GLY N 131 -35.67 88.44 22.17
N LYS N 132 -36.56 87.52 22.54
CA LYS N 132 -36.29 86.63 23.66
C LYS N 132 -35.21 85.62 23.29
N ILE N 133 -34.12 85.62 24.04
CA ILE N 133 -32.99 84.73 23.81
C ILE N 133 -32.79 83.87 25.05
N GLY N 134 -32.68 82.56 24.85
CA GLY N 134 -32.44 81.64 25.94
C GLY N 134 -31.38 80.62 25.55
N GLY N 135 -30.77 80.03 26.58
CA GLY N 135 -29.75 79.03 26.38
C GLY N 135 -29.99 77.82 27.26
N LEU N 136 -29.30 76.74 26.93
CA LEU N 136 -29.37 75.52 27.72
C LEU N 136 -28.09 74.74 27.54
N ILE N 137 -27.53 74.27 28.66
CA ILE N 137 -26.37 73.39 28.67
C ILE N 137 -26.69 72.22 29.58
N GLY N 138 -26.48 71.00 29.08
CA GLY N 138 -26.80 69.82 29.84
C GLY N 138 -25.74 68.74 29.66
N ALA N 139 -25.70 67.83 30.63
CA ALA N 139 -24.79 66.70 30.60
C ALA N 139 -25.53 65.46 31.10
N ASN N 140 -25.07 64.29 30.65
CA ASN N 140 -25.71 63.05 31.07
C ASN N 140 -24.70 61.92 31.07
N VAL N 141 -24.99 60.90 31.87
CA VAL N 141 -24.17 59.70 31.98
C VAL N 141 -25.11 58.51 32.17
N SER N 142 -24.75 57.38 31.57
CA SER N 142 -25.55 56.18 31.72
C SER N 142 -24.67 54.95 31.70
N ILE N 143 -25.10 53.94 32.45
CA ILE N 143 -24.39 52.68 32.63
C ILE N 143 -25.33 51.55 32.26
N GLY N 144 -24.84 50.59 31.51
CA GLY N 144 -25.67 49.49 31.05
C GLY N 144 -24.98 48.15 31.23
N HIS N 145 -25.79 47.13 31.46
CA HIS N 145 -25.33 45.76 31.57
C HIS N 145 -26.22 44.87 30.71
N THR N 146 -25.60 43.95 29.98
CA THR N 146 -26.31 43.05 29.09
C THR N 146 -25.81 41.63 29.31
N LEU N 147 -26.74 40.68 29.31
CA LEU N 147 -26.44 39.27 29.47
C LEU N 147 -27.07 38.50 28.33
N ARG N 148 -26.31 37.61 27.71
CA ARG N 148 -26.78 36.88 26.55
C ARG N 148 -26.44 35.40 26.67
N TYR N 149 -27.42 34.53 26.43
CA TYR N 149 -27.16 33.10 26.47
C TYR N 149 -28.22 32.36 25.68
N VAL N 150 -27.93 31.11 25.36
CA VAL N 150 -28.79 30.26 24.56
C VAL N 150 -29.66 29.41 25.48
N GLN N 151 -30.93 29.25 25.12
CA GLN N 151 -31.87 28.44 25.88
C GLN N 151 -32.50 27.39 24.96
N PRO N 152 -32.10 26.12 25.07
CA PRO N 152 -32.76 25.09 24.27
C PRO N 152 -34.14 24.75 24.82
N ASP N 153 -34.96 24.17 23.94
CA ASP N 153 -36.29 23.74 24.36
C ASP N 153 -36.23 22.58 25.35
N PHE N 154 -35.31 21.65 25.13
CA PHE N 154 -35.12 20.49 25.99
C PHE N 154 -33.64 20.40 26.35
N LYS N 155 -33.37 20.03 27.60
CA LYS N 155 -32.02 19.81 28.09
C LYS N 155 -31.76 18.32 28.21
N THR N 156 -30.63 17.86 27.67
CA THR N 156 -30.20 16.48 27.84
C THR N 156 -29.14 16.43 28.93
N ILE N 157 -29.40 15.63 29.96
CA ILE N 157 -28.60 15.60 31.18
C ILE N 157 -28.18 14.16 31.45
N LEU N 158 -26.90 13.94 31.69
CA LEU N 158 -26.42 12.65 32.14
C LEU N 158 -26.60 12.57 33.65
N GLU N 159 -27.45 11.65 34.11
CA GLU N 159 -27.63 11.45 35.53
C GLU N 159 -26.45 10.69 36.12
N SER N 160 -26.18 10.94 37.40
CA SER N 160 -24.98 10.49 38.10
C SER N 160 -24.76 8.98 37.95
N PRO N 161 -23.76 8.57 37.19
CA PRO N 161 -23.55 7.14 36.95
C PRO N 161 -22.80 6.47 38.08
N THR N 162 -23.03 5.17 38.19
CA THR N 162 -22.22 4.29 39.02
C THR N 162 -21.56 3.28 38.10
N ASP N 163 -20.92 2.27 38.68
CA ASP N 163 -20.37 1.20 37.86
C ASP N 163 -21.42 0.18 37.48
N LYS N 164 -22.64 0.29 37.98
CA LYS N 164 -23.70 -0.65 37.67
C LYS N 164 -24.89 -0.05 36.93
N LYS N 165 -25.10 1.26 37.01
CA LYS N 165 -26.21 1.86 36.27
C LYS N 165 -25.81 3.22 35.73
N VAL N 166 -26.33 3.54 34.55
CA VAL N 166 -26.12 4.83 33.92
C VAL N 166 -27.46 5.27 33.34
N GLY N 167 -27.64 6.58 33.17
CA GLY N 167 -28.90 7.10 32.71
C GLY N 167 -28.78 8.50 32.14
N TRP N 168 -29.70 8.81 31.23
CA TRP N 168 -29.85 10.14 30.68
C TRP N 168 -31.30 10.55 30.77
N LYS N 169 -31.54 11.85 30.90
CA LYS N 169 -32.89 12.39 30.84
C LYS N 169 -32.89 13.64 29.98
N VAL N 170 -33.88 13.74 29.10
CA VAL N 170 -34.13 14.91 28.28
C VAL N 170 -35.39 15.55 28.81
N ILE N 171 -35.26 16.75 29.37
CA ILE N 171 -36.33 17.38 30.13
C ILE N 171 -36.71 18.69 29.47
N PHE N 172 -37.99 19.03 29.56
CA PHE N 172 -38.50 20.27 28.99
C PHE N 172 -37.94 21.47 29.75
N ASN N 173 -37.42 22.45 29.01
CA ASN N 173 -36.85 23.63 29.62
C ASN N 173 -37.80 24.83 29.55
N ASN N 174 -38.13 25.29 28.35
CA ASN N 174 -39.09 26.36 28.14
C ASN N 174 -39.40 26.43 26.65
N MET N 175 -40.51 27.07 26.33
CA MET N 175 -40.98 27.12 24.95
C MET N 175 -41.56 28.48 24.64
N VAL N 176 -41.44 28.87 23.38
CA VAL N 176 -42.05 30.09 22.87
C VAL N 176 -43.44 29.74 22.35
N ASN N 177 -44.44 30.48 22.78
CA ASN N 177 -45.82 30.27 22.39
C ASN N 177 -46.24 31.44 21.51
N GLN N 178 -46.21 31.24 20.20
CA GLN N 178 -46.64 32.24 19.23
C GLN N 178 -45.91 33.57 19.41
N ASN N 179 -44.59 33.48 19.47
CA ASN N 179 -43.66 34.60 19.65
C ASN N 179 -43.71 35.21 21.04
N TRP N 180 -44.51 34.67 21.95
CA TRP N 180 -44.57 35.12 23.33
C TRP N 180 -43.75 34.19 24.20
N GLY N 181 -43.33 34.70 25.36
CA GLY N 181 -42.67 33.87 26.34
C GLY N 181 -41.19 34.18 26.48
N PRO N 182 -40.37 33.15 26.70
CA PRO N 182 -40.76 31.74 26.79
C PRO N 182 -41.46 31.36 28.08
N TYR N 183 -42.30 30.32 28.01
CA TYR N 183 -43.01 29.81 29.17
C TYR N 183 -42.42 28.46 29.57
N ASP N 184 -42.49 28.18 30.87
CA ASP N 184 -42.07 26.87 31.35
C ASP N 184 -43.15 26.25 32.23
N ARG N 185 -42.83 25.13 32.88
CA ARG N 185 -43.82 24.42 33.68
C ARG N 185 -44.26 25.20 34.90
N ASP N 186 -43.52 26.24 35.28
CA ASP N 186 -43.83 27.01 36.48
C ASP N 186 -44.23 28.45 36.19
N SER N 187 -44.41 28.81 34.93
CA SER N 187 -44.88 30.15 34.59
C SER N 187 -46.25 30.39 35.19
N TRP N 188 -46.42 31.54 35.84
CA TRP N 188 -47.71 31.88 36.42
C TRP N 188 -48.02 33.33 36.17
N ASN N 189 -49.30 33.61 35.96
CA ASN N 189 -49.82 34.92 35.69
C ASN N 189 -51.13 34.96 36.45
N PRO N 190 -51.38 35.99 37.26
CA PRO N 190 -52.61 36.00 38.06
C PRO N 190 -53.88 35.96 37.24
N VAL N 191 -53.86 36.49 36.02
CA VAL N 191 -55.05 36.54 35.18
C VAL N 191 -55.22 35.25 34.38
N TYR N 192 -54.16 34.81 33.71
CA TYR N 192 -54.24 33.70 32.77
C TYR N 192 -53.63 32.41 33.28
N GLY N 193 -53.04 32.41 34.46
CA GLY N 193 -52.39 31.19 34.94
C GLY N 193 -51.15 30.89 34.12
N ASN N 194 -51.03 29.63 33.70
CA ASN N 194 -49.92 29.18 32.88
C ASN N 194 -50.37 29.16 31.43
N GLN N 195 -49.68 29.93 30.59
CA GLN N 195 -50.04 30.09 29.18
C GLN N 195 -49.16 29.27 28.26
N LEU N 196 -48.69 28.11 28.72
CA LEU N 196 -47.73 27.32 27.96
C LEU N 196 -48.31 26.88 26.62
N PHE N 197 -49.50 26.28 26.64
CA PHE N 197 -50.11 25.73 25.45
C PHE N 197 -51.48 26.34 25.17
N MET N 198 -51.68 27.58 25.61
CA MET N 198 -52.94 28.28 25.39
C MET N 198 -52.91 28.96 24.03
N LYS N 199 -53.91 28.67 23.20
CA LYS N 199 -53.92 29.24 21.85
C LYS N 199 -54.40 30.68 21.86
N THR N 200 -55.56 30.95 22.44
CA THR N 200 -56.09 32.29 22.54
C THR N 200 -56.40 32.61 23.99
N ARG N 201 -56.23 33.89 24.35
CA ARG N 201 -56.46 34.30 25.73
C ARG N 201 -57.94 34.42 26.06
N ASN N 202 -58.77 34.85 25.12
CA ASN N 202 -60.20 34.97 25.39
C ASN N 202 -61.07 34.53 24.22
N GLY N 203 -60.56 33.66 23.33
CA GLY N 203 -61.36 33.21 22.21
C GLY N 203 -62.59 32.45 22.68
N SER N 204 -63.66 32.59 21.91
CA SER N 204 -64.94 31.97 22.22
C SER N 204 -65.06 30.69 21.41
N MET N 205 -64.68 29.58 22.01
CA MET N 205 -64.74 28.28 21.37
C MET N 205 -64.74 27.22 22.46
N LYS N 206 -64.78 25.96 22.04
CA LYS N 206 -64.66 24.86 22.99
C LYS N 206 -63.26 24.85 23.59
N ALA N 207 -63.17 24.41 24.84
CA ALA N 207 -61.88 24.36 25.51
C ALA N 207 -60.92 23.41 24.82
N ALA N 208 -61.45 22.31 24.28
CA ALA N 208 -60.59 21.33 23.60
C ALA N 208 -59.95 21.90 22.35
N ASP N 209 -60.49 22.99 21.81
CA ASP N 209 -59.96 23.60 20.60
C ASP N 209 -59.08 24.81 20.89
N ASN N 210 -58.76 25.06 22.16
CA ASN N 210 -57.97 26.22 22.53
C ASN N 210 -56.53 25.86 22.89
N PHE N 211 -56.09 24.67 22.54
CA PHE N 211 -54.72 24.26 22.80
C PHE N 211 -53.84 24.56 21.60
N LEU N 212 -52.58 24.90 21.87
CA LEU N 212 -51.65 25.21 20.81
C LEU N 212 -51.52 24.04 19.84
N ASP N 213 -51.49 24.35 18.56
CA ASP N 213 -51.40 23.32 17.54
C ASP N 213 -50.03 22.65 17.61
N PRO N 214 -49.96 21.32 17.57
CA PRO N 214 -48.67 20.64 17.73
C PRO N 214 -47.63 21.03 16.68
N ASN N 215 -48.04 21.44 15.48
CA ASN N 215 -47.07 21.89 14.49
C ASN N 215 -46.41 23.19 14.88
N LYS N 216 -47.04 24.01 15.71
CA LYS N 216 -46.48 25.27 16.16
C LYS N 216 -45.62 25.13 17.40
N ALA N 217 -45.52 23.94 17.97
CA ALA N 217 -44.71 23.67 19.14
C ALA N 217 -43.47 22.88 18.72
N SER N 218 -42.67 22.51 19.72
CA SER N 218 -41.51 21.66 19.47
C SER N 218 -41.96 20.32 18.90
N SER N 219 -41.23 19.81 17.92
CA SER N 219 -41.57 18.53 17.33
C SER N 219 -41.39 17.38 18.31
N LEU N 220 -40.59 17.58 19.36
CA LEU N 220 -40.45 16.57 20.40
C LEU N 220 -41.74 16.34 21.17
N LEU N 221 -42.63 17.32 21.22
CA LEU N 221 -43.84 17.17 22.01
C LEU N 221 -44.80 16.16 21.39
N SER N 222 -44.92 16.16 20.07
CA SER N 222 -45.84 15.26 19.40
C SER N 222 -45.16 14.08 18.73
N SER N 223 -44.19 14.34 17.86
CA SER N 223 -43.56 13.25 17.14
C SER N 223 -42.56 12.47 18.00
N GLY N 224 -41.89 13.13 18.92
CA GLY N 224 -41.12 12.45 19.93
C GLY N 224 -39.63 12.62 19.77
N PHE N 225 -38.91 11.97 20.67
CA PHE N 225 -37.48 12.16 20.85
C PHE N 225 -36.74 10.88 20.47
N SER N 226 -35.63 11.05 19.75
CA SER N 226 -34.80 9.92 19.36
C SER N 226 -33.54 9.88 20.19
N PRO N 227 -33.40 8.92 21.12
CA PRO N 227 -32.17 8.82 21.90
C PRO N 227 -30.98 8.46 21.04
N ASP N 228 -29.80 8.96 21.44
CA ASP N 228 -28.56 8.60 20.77
C ASP N 228 -27.44 8.39 21.78
N PHE N 229 -27.68 7.55 22.79
CA PHE N 229 -26.76 7.48 23.90
C PHE N 229 -25.84 6.27 23.79
N ALA N 230 -24.63 6.38 24.33
CA ALA N 230 -23.62 5.34 24.23
C ALA N 230 -23.09 4.99 25.62
N THR N 231 -22.96 3.69 25.88
CA THR N 231 -22.39 3.16 27.11
C THR N 231 -21.30 2.17 26.75
N VAL N 232 -20.24 2.13 27.54
CA VAL N 232 -19.16 1.18 27.35
C VAL N 232 -19.04 0.35 28.61
N ILE N 233 -19.15 -0.97 28.45
CA ILE N 233 -19.09 -1.96 29.52
C ILE N 233 -17.82 -2.77 29.36
N THR N 234 -17.06 -2.93 30.45
CA THR N 234 -15.82 -3.68 30.45
C THR N 234 -16.01 -5.01 31.17
N MET N 235 -15.24 -6.00 30.72
CA MET N 235 -15.30 -7.32 31.34
C MET N 235 -13.90 -7.93 31.34
N ASP N 236 -13.54 -8.60 32.42
CA ASP N 236 -12.25 -9.28 32.51
C ASP N 236 -12.22 -10.51 31.61
N ARG N 237 -11.05 -10.79 31.04
CA ARG N 237 -10.94 -11.85 30.05
C ARG N 237 -10.97 -13.24 30.66
N CYS N 238 -10.38 -13.42 31.83
CA CYS N 238 -10.30 -14.72 32.46
C CYS N 238 -11.32 -14.88 33.60
N ALA N 239 -12.48 -14.23 33.45
CA ALA N 239 -13.57 -14.42 34.39
C ALA N 239 -14.22 -15.77 34.17
N SER N 240 -14.72 -16.37 35.26
CA SER N 240 -15.30 -17.71 35.18
C SER N 240 -16.57 -17.71 34.34
N LYS N 241 -17.50 -16.80 34.65
CA LYS N 241 -18.76 -16.71 33.93
C LYS N 241 -18.68 -15.62 32.88
N GLN N 242 -18.96 -15.98 31.63
CA GLN N 242 -18.86 -15.05 30.51
C GLN N 242 -20.24 -14.69 29.96
N GLN N 243 -21.22 -14.59 30.84
CA GLN N 243 -22.58 -14.20 30.49
C GLN N 243 -23.02 -13.08 31.41
N THR N 244 -23.57 -12.01 30.84
CA THR N 244 -24.04 -10.87 31.60
C THR N 244 -25.50 -10.60 31.28
N ASN N 245 -26.23 -10.06 32.24
CA ASN N 245 -27.58 -9.56 32.00
C ASN N 245 -27.56 -8.03 32.11
N ILE N 246 -28.35 -7.38 31.27
CA ILE N 246 -28.47 -5.92 31.37
C ILE N 246 -29.90 -5.52 31.08
N ASP N 247 -30.41 -4.58 31.86
CA ASP N 247 -31.74 -4.02 31.65
C ASP N 247 -31.63 -2.66 30.99
N VAL N 248 -32.46 -2.44 29.98
CA VAL N 248 -32.58 -1.14 29.32
C VAL N 248 -34.02 -0.67 29.50
N ILE N 249 -34.18 0.54 30.02
CA ILE N 249 -35.49 1.11 30.31
C ILE N 249 -35.65 2.42 29.56
N TYR N 250 -36.77 2.56 28.88
CA TYR N 250 -37.19 3.82 28.28
C TYR N 250 -38.35 4.36 29.08
N GLU N 251 -38.37 5.67 29.31
CA GLU N 251 -39.42 6.29 30.11
C GLU N 251 -39.93 7.56 29.45
N ARG N 252 -41.20 7.84 29.68
CA ARG N 252 -41.81 9.10 29.30
C ARG N 252 -42.63 9.61 30.46
N VAL N 253 -42.27 10.77 30.99
CA VAL N 253 -43.05 11.44 32.03
C VAL N 253 -43.97 12.43 31.36
N ARG N 254 -45.24 12.41 31.74
CA ARG N 254 -46.26 13.25 31.11
C ARG N 254 -46.90 14.15 32.15
N ASP N 255 -46.93 15.44 31.85
CA ASP N 255 -47.61 16.48 32.60
C ASP N 255 -49.02 16.66 32.07
N ASP N 256 -49.86 17.27 32.90
CA ASP N 256 -51.28 17.46 32.62
C ASP N 256 -51.59 18.95 32.63
N TYR N 257 -51.89 19.51 31.47
CA TYR N 257 -52.16 20.93 31.30
C TYR N 257 -53.65 21.13 31.07
N GLN N 258 -54.30 21.87 31.95
CA GLN N 258 -55.74 22.05 31.92
C GLN N 258 -56.09 23.49 31.58
N LEU N 259 -57.08 23.65 30.72
CA LEU N 259 -57.63 24.96 30.37
C LEU N 259 -59.07 25.03 30.89
N HIS N 260 -59.40 26.13 31.55
CA HIS N 260 -60.77 26.33 31.98
C HIS N 260 -61.17 27.80 31.80
N TRP N 261 -62.46 28.01 31.56
CA TRP N 261 -63.00 29.33 31.29
C TRP N 261 -63.40 29.99 32.61
N THR N 262 -62.86 31.17 32.85
CA THR N 262 -63.14 31.92 34.07
C THR N 262 -64.16 33.04 33.84
N SER N 263 -65.08 32.84 32.90
CA SER N 263 -66.17 33.77 32.61
C SER N 263 -65.69 35.08 32.00
N THR N 264 -64.37 35.26 31.90
CA THR N 264 -63.83 36.45 31.26
C THR N 264 -62.73 36.08 30.28
N ASN N 265 -61.99 35.02 30.57
CA ASN N 265 -60.86 34.62 29.76
C ASN N 265 -60.51 33.17 30.10
N TRP N 266 -59.55 32.63 29.37
CA TRP N 266 -59.06 31.28 29.63
C TRP N 266 -57.96 31.31 30.68
N LYS N 267 -57.91 30.25 31.49
CA LYS N 267 -56.88 30.10 32.49
C LYS N 267 -56.28 28.71 32.39
N GLY N 268 -54.95 28.64 32.44
CA GLY N 268 -54.23 27.39 32.29
C GLY N 268 -53.53 26.99 33.57
N THR N 269 -53.47 25.68 33.80
CA THR N 269 -52.84 25.12 34.98
C THR N 269 -52.06 23.87 34.59
N ASN N 270 -50.80 23.79 34.98
CA ASN N 270 -49.97 22.63 34.69
C ASN N 270 -49.74 21.82 35.95
N THR N 271 -49.93 20.51 35.84
CA THR N 271 -49.64 19.57 36.92
C THR N 271 -48.48 18.69 36.49
N LYS N 272 -47.44 18.63 37.32
CA LYS N 272 -46.19 18.01 36.96
C LYS N 272 -46.23 16.50 37.22
N ASP N 273 -45.61 15.75 36.31
CA ASP N 273 -45.33 14.33 36.48
C ASP N 273 -46.58 13.55 36.87
N LYS N 274 -47.66 13.81 36.14
CA LYS N 274 -48.91 13.12 36.44
C LYS N 274 -48.88 11.66 35.99
N TRP N 275 -48.25 11.37 34.86
CA TRP N 275 -48.18 10.01 34.36
C TRP N 275 -46.75 9.63 34.04
N THR N 276 -46.46 8.33 34.09
CA THR N 276 -45.14 7.82 33.73
C THR N 276 -45.30 6.52 32.98
N ASP N 277 -44.84 6.50 31.73
CA ASP N 277 -44.83 5.31 30.91
C ASP N 277 -43.44 4.70 30.93
N ARG N 278 -43.35 3.44 31.31
CA ARG N 278 -42.08 2.77 31.51
C ARG N 278 -42.03 1.49 30.69
N SER N 279 -40.99 1.34 29.88
CA SER N 279 -40.83 0.16 29.04
C SER N 279 -39.46 -0.42 29.30
N SER N 280 -39.42 -1.61 29.89
CA SER N 280 -38.18 -2.26 30.31
C SER N 280 -37.91 -3.49 29.46
N GLU N 281 -36.64 -3.80 29.27
CA GLU N 281 -36.25 -4.94 28.46
C GLU N 281 -34.94 -5.51 28.99
N ARG N 282 -34.90 -6.83 29.17
CA ARG N 282 -33.70 -7.52 29.62
C ARG N 282 -32.98 -8.17 28.46
N TYR N 283 -31.66 -7.99 28.41
CA TYR N 283 -30.82 -8.55 27.38
C TYR N 283 -29.75 -9.43 28.00
N LYS N 284 -29.38 -10.47 27.27
CA LYS N 284 -28.31 -11.37 27.64
C LYS N 284 -27.11 -11.10 26.74
N ILE N 285 -25.94 -10.91 27.36
CA ILE N 285 -24.69 -10.66 26.67
C ILE N 285 -23.85 -11.93 26.80
N ASP N 286 -23.48 -12.51 25.67
CA ASP N 286 -22.55 -13.62 25.63
C ASP N 286 -21.21 -13.09 25.15
N TRP N 287 -20.25 -13.04 26.07
CA TRP N 287 -18.96 -12.43 25.79
C TRP N 287 -18.09 -13.30 24.90
N GLU N 288 -18.09 -14.61 25.12
CA GLU N 288 -17.29 -15.50 24.29
C GLU N 288 -17.88 -15.64 22.90
N LYS N 289 -19.20 -15.81 22.80
CA LYS N 289 -19.84 -15.83 21.50
C LYS N 289 -19.92 -14.45 20.87
N GLU N 290 -19.74 -13.39 21.67
CA GLU N 290 -19.81 -12.01 21.23
C GLU N 290 -21.16 -11.71 20.58
N GLU N 291 -22.23 -11.95 21.34
CA GLU N 291 -23.55 -11.68 20.83
C GLU N 291 -24.45 -11.17 21.94
N MET N 292 -25.54 -10.53 21.54
CA MET N 292 -26.52 -9.95 22.45
C MET N 292 -27.90 -10.40 22.02
N THR N 293 -28.70 -10.89 22.96
CA THR N 293 -30.02 -11.40 22.63
C THR N 293 -31.03 -10.91 23.64
N ASN N 294 -32.31 -11.03 23.29
CA ASN N 294 -33.39 -10.73 24.22
C ASN N 294 -33.78 -11.95 25.03
#